data_2RSY
#
_entry.id   2RSY
#
loop_
_entity.id
_entity.type
_entity.pdbx_description
1 polymer 'Tyrosine-protein kinase CSK'
2 polymer 'Phosphoprotein associated with glycosphingolipid-enriched microdomains 1'
#
loop_
_entity_poly.entity_id
_entity_poly.type
_entity_poly.pdbx_seq_one_letter_code
_entity_poly.pdbx_strand_id
1 'polypeptide(L)'
;GPLGSMPWFHGKITREQAERLLYPPETGLFLVRESTNYPGDYTLCVSCEGKVEHYRIMYHASKLSIDEEVYFENLMQLVE
HYTTDADGLCTRLIKPKVM
;
A
2 'polypeptide(L)' GPLGSKRFSSLSYKSREEDPTLTEEEISAM(PTR)SSVNKPG B
#
# COMPACT_ATOMS: atom_id res chain seq x y z
N GLY A 1 10.61 -19.56 -6.14
CA GLY A 1 9.84 -18.71 -5.25
C GLY A 1 9.07 -19.49 -4.21
N PRO A 2 8.25 -18.78 -3.41
CA PRO A 2 7.45 -19.41 -2.36
C PRO A 2 6.32 -20.25 -2.92
N LEU A 3 5.61 -19.71 -3.91
CA LEU A 3 4.50 -20.42 -4.54
C LEU A 3 4.26 -19.90 -5.95
N GLY A 4 5.33 -19.62 -6.68
CA GLY A 4 5.21 -19.12 -8.03
C GLY A 4 6.23 -18.04 -8.35
N SER A 5 5.78 -16.78 -8.31
CA SER A 5 6.65 -15.65 -8.59
C SER A 5 6.03 -14.35 -8.11
N MET A 6 5.85 -14.23 -6.80
CA MET A 6 5.27 -13.03 -6.21
C MET A 6 6.17 -12.46 -5.12
N PRO A 7 7.34 -11.94 -5.54
CA PRO A 7 8.31 -11.35 -4.61
C PRO A 7 7.83 -10.04 -4.01
N TRP A 8 7.05 -9.29 -4.79
CA TRP A 8 6.51 -8.01 -4.33
C TRP A 8 5.75 -8.18 -3.02
N PHE A 9 5.22 -9.38 -2.80
CA PHE A 9 4.47 -9.68 -1.58
C PHE A 9 5.38 -10.18 -0.48
N HIS A 10 5.73 -9.29 0.45
CA HIS A 10 6.60 -9.64 1.57
C HIS A 10 5.86 -10.46 2.61
N GLY A 11 4.58 -10.13 2.82
CA GLY A 11 3.78 -10.85 3.79
C GLY A 11 4.40 -10.84 5.17
N LYS A 12 5.29 -9.90 5.41
CA LYS A 12 5.96 -9.78 6.70
C LYS A 12 6.95 -8.61 6.71
N ILE A 13 6.43 -7.41 6.88
CA ILE A 13 7.26 -6.21 6.90
C ILE A 13 6.73 -5.19 7.90
N THR A 14 7.64 -4.47 8.55
CA THR A 14 7.26 -3.46 9.53
C THR A 14 7.24 -2.06 8.90
N ARG A 15 6.84 -1.07 9.69
CA ARG A 15 6.78 0.30 9.21
C ARG A 15 8.18 0.83 8.88
N GLU A 16 9.15 0.48 9.71
CA GLU A 16 10.52 0.92 9.51
C GLU A 16 11.13 0.25 8.28
N GLN A 17 10.75 -1.01 8.04
CA GLN A 17 11.26 -1.75 6.90
C GLN A 17 10.61 -1.29 5.60
N ALA A 18 9.33 -0.94 5.68
CA ALA A 18 8.59 -0.48 4.51
C ALA A 18 8.98 0.96 4.16
N GLU A 19 9.28 1.76 5.18
CA GLU A 19 9.65 3.15 4.97
C GLU A 19 10.99 3.24 4.25
N ARG A 20 12.00 2.57 4.79
CA ARG A 20 13.34 2.57 4.19
C ARG A 20 13.31 1.96 2.80
N LEU A 21 12.53 0.89 2.64
CA LEU A 21 12.42 0.21 1.36
C LEU A 21 11.95 1.16 0.27
N LEU A 22 11.03 2.06 0.63
CA LEU A 22 10.50 3.03 -0.32
C LEU A 22 11.14 4.40 -0.11
N TYR A 23 12.45 4.41 0.09
CA TYR A 23 13.18 5.66 0.30
C TYR A 23 13.21 6.50 -0.97
N PRO A 24 13.80 5.94 -2.03
CA PRO A 24 13.90 6.62 -3.34
C PRO A 24 12.55 6.76 -4.03
N PRO A 25 12.18 8.01 -4.34
CA PRO A 25 10.90 8.31 -5.01
C PRO A 25 10.88 7.82 -6.46
N GLU A 26 9.97 6.91 -6.76
CA GLU A 26 9.84 6.37 -8.11
C GLU A 26 8.43 5.86 -8.36
N THR A 27 7.66 6.62 -9.12
CA THR A 27 6.28 6.25 -9.44
C THR A 27 6.23 4.88 -10.10
N GLY A 28 5.67 3.91 -9.40
CA GLY A 28 5.56 2.56 -9.94
C GLY A 28 6.07 1.51 -8.98
N LEU A 29 6.69 1.95 -7.89
CA LEU A 29 7.23 1.04 -6.89
C LEU A 29 6.19 0.73 -5.83
N PHE A 30 5.73 -0.52 -5.81
CA PHE A 30 4.73 -0.95 -4.83
C PHE A 30 5.23 -2.15 -4.03
N LEU A 31 4.57 -2.42 -2.91
CA LEU A 31 4.94 -3.54 -2.05
C LEU A 31 3.79 -3.95 -1.16
N VAL A 32 3.58 -5.26 -1.02
CA VAL A 32 2.50 -5.78 -0.19
C VAL A 32 3.05 -6.47 1.06
N ARG A 33 2.42 -6.21 2.19
CA ARG A 33 2.85 -6.81 3.45
C ARG A 33 1.66 -6.99 4.40
N GLU A 34 1.71 -8.06 5.19
CA GLU A 34 0.63 -8.34 6.14
C GLU A 34 0.34 -7.12 7.01
N SER A 35 -0.92 -6.70 7.01
CA SER A 35 -1.33 -5.54 7.78
C SER A 35 -1.09 -5.77 9.27
N THR A 36 -0.18 -5.00 9.85
CA THR A 36 0.14 -5.11 11.27
C THR A 36 -1.01 -4.66 12.14
N ASN A 37 -1.50 -3.45 11.89
CA ASN A 37 -2.62 -2.90 12.66
C ASN A 37 -3.87 -3.73 12.46
N TYR A 38 -3.99 -4.35 11.28
CA TYR A 38 -5.15 -5.18 10.97
C TYR A 38 -4.73 -6.57 10.53
N PRO A 39 -4.74 -7.51 11.49
CA PRO A 39 -4.36 -8.91 11.23
C PRO A 39 -5.37 -9.64 10.37
N GLY A 40 -4.89 -10.24 9.28
CA GLY A 40 -5.78 -10.96 8.38
C GLY A 40 -5.88 -10.31 7.02
N ASP A 41 -5.46 -9.05 6.94
CA ASP A 41 -5.50 -8.31 5.68
C ASP A 41 -4.10 -7.93 5.21
N TYR A 42 -4.02 -7.26 4.07
CA TYR A 42 -2.74 -6.84 3.52
C TYR A 42 -2.73 -5.34 3.27
N THR A 43 -1.53 -4.78 3.10
CA THR A 43 -1.38 -3.36 2.86
C THR A 43 -0.37 -3.09 1.73
N LEU A 44 -0.81 -2.34 0.74
CA LEU A 44 0.04 -2.01 -0.40
C LEU A 44 0.68 -0.63 -0.24
N CYS A 45 2.00 -0.59 -0.21
CA CYS A 45 2.73 0.67 -0.05
C CYS A 45 3.37 1.09 -1.38
N VAL A 46 3.01 2.28 -1.84
CA VAL A 46 3.55 2.81 -3.09
C VAL A 46 4.25 4.15 -2.86
N SER A 47 5.24 4.43 -3.69
CA SER A 47 6.00 5.68 -3.59
C SER A 47 5.56 6.66 -4.67
N CYS A 48 4.91 7.74 -4.25
CA CYS A 48 4.44 8.76 -5.18
C CYS A 48 5.11 10.11 -4.90
N GLU A 49 6.19 10.38 -5.61
CA GLU A 49 6.92 11.63 -5.43
C GLU A 49 7.56 11.70 -4.05
N GLY A 50 7.91 10.53 -3.51
CA GLY A 50 8.52 10.48 -2.20
C GLY A 50 7.53 10.16 -1.10
N LYS A 51 6.24 10.25 -1.43
CA LYS A 51 5.18 9.97 -0.46
C LYS A 51 4.83 8.49 -0.46
N VAL A 52 4.59 7.94 0.72
CA VAL A 52 4.23 6.53 0.86
C VAL A 52 2.73 6.36 1.07
N GLU A 53 2.05 5.85 0.04
CA GLU A 53 0.62 5.64 0.10
C GLU A 53 0.30 4.19 0.46
N HIS A 54 -0.45 4.00 1.55
CA HIS A 54 -0.83 2.68 2.00
C HIS A 54 -2.27 2.36 1.62
N TYR A 55 -2.46 1.24 0.93
CA TYR A 55 -3.79 0.83 0.50
C TYR A 55 -4.22 -0.45 1.21
N ARG A 56 -5.23 -0.34 2.06
CA ARG A 56 -5.74 -1.47 2.81
C ARG A 56 -6.40 -2.49 1.87
N ILE A 57 -6.06 -3.75 2.04
CA ILE A 57 -6.63 -4.82 1.21
C ILE A 57 -7.51 -5.74 2.04
N MET A 58 -8.82 -5.68 1.80
CA MET A 58 -9.77 -6.51 2.52
C MET A 58 -9.84 -7.90 1.90
N TYR A 59 -9.70 -8.93 2.73
CA TYR A 59 -9.75 -10.31 2.26
C TYR A 59 -10.95 -11.04 2.86
N HIS A 60 -12.01 -11.19 2.06
CA HIS A 60 -13.21 -11.87 2.51
C HIS A 60 -13.74 -12.81 1.42
N ALA A 61 -14.25 -13.97 1.84
CA ALA A 61 -14.78 -14.94 0.91
C ALA A 61 -13.72 -15.38 -0.10
N SER A 62 -12.48 -15.47 0.36
CA SER A 62 -11.37 -15.88 -0.50
C SER A 62 -11.21 -14.90 -1.66
N LYS A 63 -11.57 -13.65 -1.43
CA LYS A 63 -11.47 -12.62 -2.46
C LYS A 63 -10.90 -11.33 -1.88
N LEU A 64 -10.07 -10.65 -2.66
CA LEU A 64 -9.45 -9.40 -2.23
C LEU A 64 -10.13 -8.21 -2.89
N SER A 65 -10.13 -7.07 -2.18
CA SER A 65 -10.74 -5.85 -2.71
C SER A 65 -10.35 -4.65 -1.87
N ILE A 66 -10.10 -3.53 -2.53
CA ILE A 66 -9.71 -2.29 -1.85
C ILE A 66 -10.76 -1.22 -2.03
N ASP A 67 -11.48 -1.27 -3.15
CA ASP A 67 -12.52 -0.29 -3.45
C ASP A 67 -13.89 -0.81 -3.02
N GLU A 68 -13.92 -2.03 -2.50
CA GLU A 68 -15.16 -2.64 -2.06
C GLU A 68 -16.14 -2.78 -3.22
N GLU A 69 -15.62 -2.69 -4.44
CA GLU A 69 -16.45 -2.81 -5.64
C GLU A 69 -15.87 -3.86 -6.59
N VAL A 70 -14.56 -3.96 -6.62
CA VAL A 70 -13.89 -4.92 -7.49
C VAL A 70 -13.20 -6.00 -6.68
N TYR A 71 -13.80 -7.19 -6.66
CA TYR A 71 -13.25 -8.32 -5.92
C TYR A 71 -12.45 -9.24 -6.84
N PHE A 72 -11.36 -9.79 -6.31
CA PHE A 72 -10.52 -10.70 -7.08
C PHE A 72 -10.48 -12.09 -6.45
N GLU A 73 -9.77 -13.00 -7.09
CA GLU A 73 -9.66 -14.37 -6.60
C GLU A 73 -8.32 -14.58 -5.88
N ASN A 74 -7.40 -13.66 -6.10
CA ASN A 74 -6.08 -13.73 -5.47
C ASN A 74 -5.34 -12.41 -5.58
N LEU A 75 -4.20 -12.31 -4.91
CA LEU A 75 -3.40 -11.09 -4.93
C LEU A 75 -2.67 -10.95 -6.26
N MET A 76 -2.43 -12.06 -6.93
CA MET A 76 -1.75 -12.06 -8.21
C MET A 76 -2.54 -11.26 -9.25
N GLN A 77 -3.80 -11.65 -9.47
CA GLN A 77 -4.65 -10.96 -10.43
C GLN A 77 -4.95 -9.55 -9.98
N LEU A 78 -5.09 -9.36 -8.67
CA LEU A 78 -5.38 -8.05 -8.11
C LEU A 78 -4.33 -7.03 -8.53
N VAL A 79 -3.06 -7.40 -8.40
CA VAL A 79 -1.96 -6.52 -8.77
C VAL A 79 -1.94 -6.27 -10.27
N GLU A 80 -2.28 -7.29 -11.04
CA GLU A 80 -2.31 -7.17 -12.50
C GLU A 80 -3.23 -6.03 -12.93
N HIS A 81 -4.34 -5.88 -12.23
CA HIS A 81 -5.32 -4.83 -12.54
C HIS A 81 -4.77 -3.46 -12.15
N TYR A 82 -4.18 -3.38 -10.95
CA TYR A 82 -3.62 -2.13 -10.47
C TYR A 82 -2.36 -1.75 -11.23
N THR A 83 -1.80 -2.72 -11.95
CA THR A 83 -0.59 -2.49 -12.74
C THR A 83 -0.93 -1.96 -14.12
N THR A 84 -2.06 -2.41 -14.66
CA THR A 84 -2.50 -1.99 -15.99
C THR A 84 -3.17 -0.62 -15.93
N ASP A 85 -3.70 -0.28 -14.76
CA ASP A 85 -4.37 1.00 -14.57
C ASP A 85 -4.40 1.40 -13.11
N ALA A 86 -4.48 2.70 -12.84
CA ALA A 86 -4.52 3.21 -11.48
C ALA A 86 -5.57 2.48 -10.65
N ASP A 87 -6.81 2.53 -11.11
CA ASP A 87 -7.91 1.89 -10.41
C ASP A 87 -8.07 2.45 -8.99
N GLY A 88 -7.53 3.64 -8.78
CA GLY A 88 -7.62 4.28 -7.47
C GLY A 88 -6.27 4.42 -6.81
N LEU A 89 -5.20 4.31 -7.60
CA LEU A 89 -3.85 4.44 -7.08
C LEU A 89 -3.18 5.71 -7.60
N CYS A 90 -2.45 6.38 -6.71
CA CYS A 90 -1.76 7.61 -7.07
C CYS A 90 -0.93 7.43 -8.33
N THR A 91 -0.41 6.22 -8.52
CA THR A 91 0.41 5.90 -9.68
C THR A 91 0.38 4.40 -9.99
N ARG A 92 0.00 4.07 -11.22
CA ARG A 92 -0.07 2.67 -11.63
C ARG A 92 1.24 1.95 -11.33
N LEU A 93 1.13 0.67 -11.00
CA LEU A 93 2.31 -0.14 -10.69
C LEU A 93 3.21 -0.30 -11.91
N ILE A 94 4.51 -0.20 -11.69
CA ILE A 94 5.48 -0.33 -12.77
C ILE A 94 6.54 -1.37 -12.44
N LYS A 95 7.15 -1.23 -11.26
CA LYS A 95 8.18 -2.17 -10.82
C LYS A 95 7.88 -2.67 -9.41
N PRO A 96 7.77 -4.00 -9.27
CA PRO A 96 7.49 -4.64 -7.99
C PRO A 96 8.67 -4.55 -7.02
N LYS A 97 8.36 -4.27 -5.76
CA LYS A 97 9.40 -4.16 -4.73
C LYS A 97 10.00 -5.51 -4.41
N VAL A 98 10.97 -5.93 -5.23
CA VAL A 98 11.64 -7.21 -5.04
C VAL A 98 12.41 -7.24 -3.72
N MET A 99 12.28 -8.33 -2.98
CA MET A 99 12.96 -8.47 -1.70
C MET A 99 14.03 -9.57 -1.78
N GLY B 1 8.30 31.58 7.75
CA GLY B 1 6.90 31.54 7.37
C GLY B 1 6.70 31.86 5.89
N PRO B 2 7.08 30.91 5.03
CA PRO B 2 6.95 31.06 3.57
C PRO B 2 5.49 31.05 3.12
N LEU B 3 5.27 31.43 1.87
CA LEU B 3 3.93 31.47 1.30
C LEU B 3 3.23 30.13 1.49
N GLY B 4 3.96 29.05 1.25
CA GLY B 4 3.40 27.72 1.40
C GLY B 4 2.72 27.23 0.14
N SER B 5 3.20 27.69 -1.01
CA SER B 5 2.63 27.30 -2.30
C SER B 5 3.30 26.03 -2.82
N LYS B 6 3.23 24.97 -2.02
CA LYS B 6 3.83 23.69 -2.40
C LYS B 6 2.84 22.55 -2.18
N ARG B 7 2.76 21.65 -3.16
CA ARG B 7 1.86 20.51 -3.07
C ARG B 7 2.61 19.25 -2.66
N PHE B 8 2.42 18.84 -1.42
CA PHE B 8 3.09 17.65 -0.90
C PHE B 8 2.53 17.27 0.48
N SER B 9 2.20 16.00 0.64
CA SER B 9 1.66 15.50 1.91
C SER B 9 2.35 14.22 2.33
N SER B 10 3.22 14.33 3.34
CA SER B 10 3.95 13.17 3.84
C SER B 10 2.99 12.10 4.34
N LEU B 11 3.55 11.00 4.84
CA LEU B 11 2.75 9.89 5.37
C LEU B 11 3.56 9.05 6.34
N SER B 12 3.35 9.28 7.64
CA SER B 12 4.06 8.53 8.66
C SER B 12 3.21 7.37 9.17
N TYR B 13 3.35 6.22 8.52
CA TYR B 13 2.61 5.03 8.89
C TYR B 13 3.13 4.45 10.21
N LYS B 14 2.21 3.87 10.99
CA LYS B 14 2.57 3.29 12.27
C LYS B 14 1.80 2.00 12.52
N SER B 15 2.50 0.94 12.88
CA SER B 15 1.88 -0.36 13.13
C SER B 15 1.58 -0.52 14.62
N ARG B 16 0.68 -1.46 14.94
CA ARG B 16 0.31 -1.71 16.32
C ARG B 16 1.51 -2.17 17.14
N GLU B 17 2.56 -2.60 16.44
CA GLU B 17 3.77 -3.07 17.10
C GLU B 17 4.46 -1.92 17.84
N GLU B 18 4.43 -0.74 17.23
CA GLU B 18 5.06 0.43 17.82
C GLU B 18 4.02 1.32 18.51
N ASP B 19 2.76 1.15 18.13
CA ASP B 19 1.68 1.93 18.71
C ASP B 19 0.39 1.12 18.75
N PRO B 20 0.28 0.23 19.75
CA PRO B 20 -0.90 -0.63 19.93
C PRO B 20 -2.12 0.16 20.36
N THR B 21 -1.92 1.44 20.66
CA THR B 21 -3.02 2.30 21.09
C THR B 21 -3.63 3.06 19.91
N LEU B 22 -3.54 2.46 18.72
CA LEU B 22 -4.09 3.07 17.52
C LEU B 22 -5.43 2.45 17.16
N THR B 23 -6.38 3.29 16.79
CA THR B 23 -7.71 2.83 16.40
C THR B 23 -7.95 2.97 14.91
N GLU B 24 -9.07 2.43 14.43
CA GLU B 24 -9.40 2.50 13.02
C GLU B 24 -9.25 3.92 12.49
N GLU B 25 -9.56 4.90 13.34
CA GLU B 25 -9.46 6.30 12.96
C GLU B 25 -8.01 6.69 12.66
N GLU B 26 -7.10 6.26 13.52
CA GLU B 26 -5.69 6.56 13.35
C GLU B 26 -5.08 5.72 12.23
N ILE B 27 -5.31 4.41 12.29
CA ILE B 27 -4.81 3.50 11.28
C ILE B 27 -5.24 3.91 9.88
N SER B 28 -6.54 4.10 9.70
CA SER B 28 -7.09 4.49 8.42
C SER B 28 -6.57 5.87 8.00
N ALA B 29 -6.33 6.72 8.99
CA ALA B 29 -5.83 8.07 8.73
C ALA B 29 -4.46 8.02 8.08
N MET B 30 -3.80 6.87 8.16
CA MET B 30 -2.48 6.69 7.58
C MET B 30 -2.58 6.02 6.21
N PTR B 31 -3.77 5.98 5.66
CA PTR B 31 -3.99 5.35 4.34
C PTR B 31 -4.61 6.35 3.38
O PTR B 31 -5.23 7.35 3.76
CB PTR B 31 -4.83 4.07 4.56
CG PTR B 31 -4.04 2.84 5.08
CD1 PTR B 31 -3.99 1.66 4.32
CD2 PTR B 31 -3.39 2.89 6.32
CE1 PTR B 31 -3.30 0.55 4.80
CE2 PTR B 31 -2.71 1.77 6.80
CZ PTR B 31 -2.67 0.60 6.04
OH PTR B 31 -1.96 -0.49 6.50
P PTR B 31 -2.59 -1.26 7.79
O1P PTR B 31 -1.70 -2.44 8.19
O2P PTR B 31 -4.01 -1.77 7.46
O3P PTR B 31 -2.68 -0.28 8.96
H PTR B 31 -4.66 6.33 6.03
HA PTR B 31 -3.00 5.08 3.92
HB2 PTR B 31 -5.36 3.80 3.63
HB3 PTR B 31 -5.64 4.27 5.28
HD1 PTR B 31 -4.50 1.59 3.37
HD2 PTR B 31 -3.44 3.77 6.93
HE1 PTR B 31 -3.28 -0.37 4.24
HE2 PTR B 31 -2.23 1.79 7.76
N SER B 32 -4.43 6.05 2.10
CA SER B 32 -4.97 6.91 1.04
C SER B 32 -6.26 6.33 0.47
N SER B 33 -6.35 5.00 0.44
CA SER B 33 -7.53 4.33 -0.08
C SER B 33 -7.71 4.61 -1.56
N VAL B 34 -8.44 3.74 -2.24
CA VAL B 34 -8.69 3.90 -3.67
C VAL B 34 -9.23 5.29 -3.98
N ASN B 35 -8.53 6.00 -4.87
CA ASN B 35 -8.94 7.35 -5.25
C ASN B 35 -8.78 7.56 -6.75
N LYS B 36 -9.73 7.02 -7.51
CA LYS B 36 -9.71 7.15 -8.96
C LYS B 36 -9.55 8.60 -9.39
N PRO B 37 -9.05 8.81 -10.61
CA PRO B 37 -8.84 10.16 -11.15
C PRO B 37 -10.16 10.87 -11.47
N GLY B 38 -10.45 11.93 -10.72
CA GLY B 38 -11.68 12.68 -10.92
C GLY B 38 -12.79 12.24 -10.00
N GLY A 1 11.05 -18.07 -5.04
CA GLY A 1 10.64 -17.07 -4.07
C GLY A 1 10.24 -17.68 -2.74
N PRO A 2 9.63 -16.86 -1.88
CA PRO A 2 9.20 -17.31 -0.53
C PRO A 2 8.03 -18.28 -0.60
N LEU A 3 7.08 -17.99 -1.48
CA LEU A 3 5.90 -18.84 -1.64
C LEU A 3 5.87 -19.46 -3.03
N GLY A 4 6.40 -18.74 -4.02
CA GLY A 4 6.42 -19.24 -5.38
C GLY A 4 6.97 -18.22 -6.36
N SER A 5 6.20 -17.16 -6.59
CA SER A 5 6.61 -16.11 -7.52
C SER A 5 5.98 -14.78 -7.13
N MET A 6 6.30 -14.30 -5.93
CA MET A 6 5.77 -13.04 -5.44
C MET A 6 6.88 -12.20 -4.80
N PRO A 7 7.75 -11.63 -5.65
CA PRO A 7 8.87 -10.80 -5.20
C PRO A 7 8.40 -9.46 -4.63
N TRP A 8 7.11 -9.19 -4.76
CA TRP A 8 6.53 -7.94 -4.27
C TRP A 8 5.77 -8.18 -2.97
N PHE A 9 5.21 -9.37 -2.83
CA PHE A 9 4.46 -9.73 -1.63
C PHE A 9 5.38 -10.28 -0.55
N HIS A 10 5.77 -9.43 0.39
CA HIS A 10 6.65 -9.83 1.47
C HIS A 10 5.87 -10.64 2.52
N GLY A 11 4.63 -10.25 2.76
CA GLY A 11 3.81 -10.93 3.74
C GLY A 11 4.45 -10.96 5.12
N LYS A 12 5.30 -9.98 5.39
CA LYS A 12 5.98 -9.89 6.69
C LYS A 12 6.93 -8.69 6.72
N ILE A 13 6.36 -7.49 6.70
CA ILE A 13 7.15 -6.28 6.74
C ILE A 13 6.67 -5.34 7.84
N THR A 14 7.60 -4.64 8.47
CA THR A 14 7.28 -3.70 9.54
C THR A 14 7.13 -2.28 9.01
N ARG A 15 6.66 -1.38 9.86
CA ARG A 15 6.47 0.01 9.46
C ARG A 15 7.81 0.66 9.09
N GLU A 16 8.86 0.31 9.83
CA GLU A 16 10.18 0.85 9.56
C GLU A 16 10.81 0.20 8.34
N GLN A 17 10.49 -1.07 8.13
CA GLN A 17 11.02 -1.81 6.99
C GLN A 17 10.41 -1.30 5.68
N ALA A 18 9.12 -1.04 5.70
CA ALA A 18 8.42 -0.54 4.52
C ALA A 18 8.77 0.92 4.25
N GLU A 19 8.93 1.70 5.32
CA GLU A 19 9.26 3.11 5.19
C GLU A 19 10.55 3.30 4.41
N ARG A 20 11.60 2.62 4.84
CA ARG A 20 12.91 2.72 4.18
C ARG A 20 12.84 2.09 2.79
N LEU A 21 12.05 1.04 2.64
CA LEU A 21 11.92 0.35 1.37
C LEU A 21 11.51 1.33 0.27
N LEU A 22 10.64 2.28 0.61
CA LEU A 22 10.18 3.27 -0.35
C LEU A 22 10.92 4.59 -0.16
N TYR A 23 12.24 4.50 0.02
CA TYR A 23 13.06 5.69 0.21
C TYR A 23 13.14 6.49 -1.08
N PRO A 24 13.67 5.86 -2.15
CA PRO A 24 13.83 6.50 -3.45
C PRO A 24 12.48 6.75 -4.14
N PRO A 25 12.23 8.02 -4.49
CA PRO A 25 10.98 8.43 -5.16
C PRO A 25 10.89 7.90 -6.59
N GLU A 26 9.93 7.03 -6.84
CA GLU A 26 9.74 6.46 -8.17
C GLU A 26 8.29 6.02 -8.36
N THR A 27 7.64 6.57 -9.38
CA THR A 27 6.26 6.23 -9.68
C THR A 27 6.15 4.84 -10.28
N GLY A 28 5.55 3.91 -9.53
CA GLY A 28 5.41 2.55 -10.01
C GLY A 28 5.92 1.53 -9.03
N LEU A 29 6.51 2.00 -7.93
CA LEU A 29 7.05 1.12 -6.91
C LEU A 29 5.99 0.80 -5.85
N PHE A 30 5.70 -0.48 -5.69
CA PHE A 30 4.71 -0.93 -4.71
C PHE A 30 5.23 -2.10 -3.90
N LEU A 31 4.45 -2.53 -2.91
CA LEU A 31 4.84 -3.65 -2.06
C LEU A 31 3.67 -4.10 -1.20
N VAL A 32 3.45 -5.41 -1.13
CA VAL A 32 2.38 -5.98 -0.34
C VAL A 32 2.91 -6.73 0.87
N ARG A 33 2.35 -6.45 2.04
CA ARG A 33 2.77 -7.10 3.28
C ARG A 33 1.60 -7.28 4.22
N GLU A 34 1.66 -8.32 5.05
CA GLU A 34 0.59 -8.61 6.01
C GLU A 34 0.36 -7.42 6.93
N SER A 35 -0.88 -6.94 6.97
CA SER A 35 -1.24 -5.80 7.81
C SER A 35 -0.92 -6.09 9.28
N THR A 36 -0.01 -5.31 9.84
CA THR A 36 0.38 -5.48 11.23
C THR A 36 -0.75 -5.09 12.17
N ASN A 37 -1.23 -3.86 12.04
CA ASN A 37 -2.32 -3.37 12.88
C ASN A 37 -3.64 -4.03 12.50
N TYR A 38 -3.75 -4.46 11.25
CA TYR A 38 -4.96 -5.11 10.76
C TYR A 38 -4.73 -6.60 10.54
N PRO A 39 -4.99 -7.40 11.58
CA PRO A 39 -4.81 -8.86 11.53
C PRO A 39 -5.84 -9.52 10.63
N GLY A 40 -5.38 -10.10 9.53
CA GLY A 40 -6.28 -10.76 8.60
C GLY A 40 -6.38 -10.05 7.26
N ASP A 41 -5.60 -8.98 7.11
CA ASP A 41 -5.60 -8.21 5.87
C ASP A 41 -4.18 -7.97 5.38
N TYR A 42 -4.05 -7.15 4.35
CA TYR A 42 -2.74 -6.85 3.78
C TYR A 42 -2.65 -5.36 3.39
N THR A 43 -1.46 -4.80 3.55
CA THR A 43 -1.24 -3.40 3.21
C THR A 43 -0.38 -3.26 1.97
N LEU A 44 -0.86 -2.47 1.01
CA LEU A 44 -0.12 -2.26 -0.25
C LEU A 44 0.40 -0.83 -0.33
N CYS A 45 1.69 -0.66 -0.11
CA CYS A 45 2.32 0.65 -0.16
C CYS A 45 2.74 1.00 -1.59
N VAL A 46 2.81 2.29 -1.88
CA VAL A 46 3.20 2.76 -3.21
C VAL A 46 3.97 4.07 -3.13
N SER A 47 4.97 4.21 -3.99
CA SER A 47 5.80 5.42 -4.02
C SER A 47 5.23 6.43 -5.01
N CYS A 48 4.72 7.54 -4.49
CA CYS A 48 4.15 8.59 -5.32
C CYS A 48 4.84 9.93 -5.05
N GLU A 49 5.86 10.23 -5.84
CA GLU A 49 6.60 11.48 -5.70
C GLU A 49 7.38 11.49 -4.38
N GLY A 50 7.78 10.31 -3.92
CA GLY A 50 8.52 10.21 -2.68
C GLY A 50 7.64 9.85 -1.50
N LYS A 51 6.34 10.08 -1.65
CA LYS A 51 5.39 9.78 -0.59
C LYS A 51 4.91 8.33 -0.67
N VAL A 52 4.84 7.67 0.49
CA VAL A 52 4.40 6.28 0.54
C VAL A 52 2.92 6.20 0.91
N GLU A 53 2.10 5.85 -0.07
CA GLU A 53 0.66 5.73 0.14
C GLU A 53 0.29 4.30 0.51
N HIS A 54 -0.30 4.13 1.69
CA HIS A 54 -0.71 2.81 2.16
C HIS A 54 -2.11 2.47 1.67
N TYR A 55 -2.25 1.34 1.00
CA TYR A 55 -3.53 0.91 0.48
C TYR A 55 -4.00 -0.38 1.17
N ARG A 56 -5.00 -0.24 2.04
CA ARG A 56 -5.53 -1.38 2.76
C ARG A 56 -6.17 -2.39 1.82
N ILE A 57 -5.98 -3.67 2.09
CA ILE A 57 -6.54 -4.72 1.27
C ILE A 57 -7.43 -5.66 2.08
N MET A 58 -8.73 -5.61 1.83
CA MET A 58 -9.68 -6.46 2.54
C MET A 58 -9.75 -7.85 1.91
N TYR A 59 -9.53 -8.88 2.72
CA TYR A 59 -9.56 -10.25 2.25
C TYR A 59 -10.76 -10.99 2.83
N HIS A 60 -11.83 -11.10 2.04
CA HIS A 60 -13.04 -11.78 2.48
C HIS A 60 -13.52 -12.76 1.41
N ALA A 61 -14.02 -13.91 1.86
CA ALA A 61 -14.52 -14.93 0.94
C ALA A 61 -13.44 -15.33 -0.06
N SER A 62 -12.20 -15.35 0.39
CA SER A 62 -11.07 -15.71 -0.48
C SER A 62 -10.95 -14.73 -1.64
N LYS A 63 -11.37 -13.49 -1.41
CA LYS A 63 -11.31 -12.46 -2.43
C LYS A 63 -10.74 -11.16 -1.86
N LEU A 64 -9.91 -10.49 -2.65
CA LEU A 64 -9.30 -9.23 -2.23
C LEU A 64 -10.00 -8.05 -2.87
N SER A 65 -10.01 -6.92 -2.16
CA SER A 65 -10.65 -5.71 -2.67
C SER A 65 -10.24 -4.50 -1.85
N ILE A 66 -10.02 -3.38 -2.53
CA ILE A 66 -9.62 -2.14 -1.87
C ILE A 66 -10.69 -1.06 -2.01
N ASP A 67 -11.38 -1.09 -3.13
CA ASP A 67 -12.44 -0.11 -3.40
C ASP A 67 -13.78 -0.61 -2.88
N GLU A 68 -13.78 -1.79 -2.28
CA GLU A 68 -14.99 -2.38 -1.74
C GLU A 68 -16.03 -2.60 -2.84
N GLU A 69 -15.56 -2.59 -4.09
CA GLU A 69 -16.45 -2.79 -5.23
C GLU A 69 -15.85 -3.81 -6.20
N VAL A 70 -14.54 -3.76 -6.38
CA VAL A 70 -13.86 -4.69 -7.28
C VAL A 70 -13.16 -5.79 -6.50
N TYR A 71 -13.74 -6.98 -6.52
CA TYR A 71 -13.18 -8.13 -5.82
C TYR A 71 -12.42 -9.04 -6.78
N PHE A 72 -11.33 -9.62 -6.28
CA PHE A 72 -10.51 -10.51 -7.10
C PHE A 72 -10.49 -11.92 -6.51
N GLU A 73 -9.81 -12.83 -7.19
CA GLU A 73 -9.71 -14.21 -6.73
C GLU A 73 -8.36 -14.47 -6.05
N ASN A 74 -7.42 -13.55 -6.26
CA ASN A 74 -6.10 -13.68 -5.67
C ASN A 74 -5.33 -12.36 -5.77
N LEU A 75 -4.17 -12.31 -5.12
CA LEU A 75 -3.34 -11.10 -5.13
C LEU A 75 -2.64 -10.95 -6.48
N MET A 76 -2.45 -12.07 -7.18
CA MET A 76 -1.80 -12.05 -8.47
C MET A 76 -2.59 -11.22 -9.48
N GLN A 77 -3.85 -11.58 -9.67
CA GLN A 77 -4.71 -10.85 -10.60
C GLN A 77 -4.97 -9.44 -10.11
N LEU A 78 -5.08 -9.27 -8.80
CA LEU A 78 -5.32 -7.97 -8.20
C LEU A 78 -4.27 -6.95 -8.65
N VAL A 79 -2.99 -7.31 -8.48
CA VAL A 79 -1.89 -6.44 -8.87
C VAL A 79 -1.90 -6.19 -10.37
N GLU A 80 -2.26 -7.22 -11.13
CA GLU A 80 -2.31 -7.09 -12.59
C GLU A 80 -3.20 -5.93 -13.02
N HIS A 81 -4.32 -5.76 -12.31
CA HIS A 81 -5.25 -4.69 -12.62
C HIS A 81 -4.67 -3.33 -12.22
N TYR A 82 -4.08 -3.28 -11.02
CA TYR A 82 -3.49 -2.04 -10.52
C TYR A 82 -2.27 -1.64 -11.34
N THR A 83 -1.68 -2.62 -12.02
CA THR A 83 -0.50 -2.38 -12.85
C THR A 83 -0.90 -1.89 -14.23
N THR A 84 -2.06 -2.32 -14.70
CA THR A 84 -2.55 -1.93 -16.02
C THR A 84 -3.17 -0.54 -15.98
N ASP A 85 -3.62 -0.13 -14.80
CA ASP A 85 -4.24 1.18 -14.63
C ASP A 85 -4.28 1.57 -13.16
N ALA A 86 -4.41 2.87 -12.90
CA ALA A 86 -4.48 3.37 -11.54
C ALA A 86 -5.52 2.62 -10.72
N ASP A 87 -6.75 2.64 -11.18
CA ASP A 87 -7.85 1.96 -10.49
C ASP A 87 -7.98 2.45 -9.05
N GLY A 88 -7.50 3.67 -8.81
CA GLY A 88 -7.57 4.24 -7.47
C GLY A 88 -6.20 4.41 -6.84
N LEU A 89 -5.17 4.05 -7.59
CA LEU A 89 -3.80 4.16 -7.09
C LEU A 89 -3.15 5.45 -7.56
N CYS A 90 -2.45 6.13 -6.65
CA CYS A 90 -1.79 7.39 -6.97
C CYS A 90 -0.91 7.24 -8.21
N THR A 91 -0.41 6.03 -8.43
CA THR A 91 0.44 5.76 -9.58
C THR A 91 0.42 4.28 -9.94
N ARG A 92 0.06 3.97 -11.18
CA ARG A 92 0.01 2.59 -11.64
C ARG A 92 1.31 1.86 -11.34
N LEU A 93 1.20 0.61 -10.93
CA LEU A 93 2.37 -0.19 -10.61
C LEU A 93 3.26 -0.39 -11.84
N ILE A 94 4.56 -0.24 -11.65
CA ILE A 94 5.51 -0.41 -12.74
C ILE A 94 6.61 -1.40 -12.37
N LYS A 95 7.23 -1.19 -11.22
CA LYS A 95 8.29 -2.06 -10.75
C LYS A 95 8.01 -2.57 -9.34
N PRO A 96 7.86 -3.89 -9.19
CA PRO A 96 7.59 -4.52 -7.90
C PRO A 96 8.78 -4.44 -6.94
N LYS A 97 8.50 -4.15 -5.68
CA LYS A 97 9.55 -4.05 -4.67
C LYS A 97 10.17 -5.41 -4.39
N VAL A 98 11.15 -5.79 -5.21
CA VAL A 98 11.82 -7.07 -5.05
C VAL A 98 12.58 -7.14 -3.73
N MET A 99 12.51 -8.28 -3.06
CA MET A 99 13.20 -8.47 -1.79
C MET A 99 14.35 -9.45 -1.93
N GLY B 1 16.65 33.75 5.78
CA GLY B 1 16.28 32.44 5.30
C GLY B 1 15.26 32.51 4.17
N PRO B 2 15.02 31.36 3.51
CA PRO B 2 14.07 31.26 2.41
C PRO B 2 12.62 31.41 2.87
N LEU B 3 11.72 31.64 1.92
CA LEU B 3 10.31 31.79 2.24
C LEU B 3 9.80 30.61 3.06
N GLY B 4 10.24 29.41 2.70
CA GLY B 4 9.82 28.22 3.43
C GLY B 4 8.59 27.58 2.83
N SER B 5 8.35 27.84 1.55
CA SER B 5 7.20 27.29 0.85
C SER B 5 7.60 26.11 -0.02
N LYS B 6 6.92 24.99 0.16
CA LYS B 6 7.20 23.78 -0.62
C LYS B 6 5.96 22.89 -0.72
N ARG B 7 6.05 21.84 -1.51
CA ARG B 7 4.95 20.91 -1.69
C ARG B 7 5.39 19.47 -1.42
N PHE B 8 4.81 18.87 -0.39
CA PHE B 8 5.15 17.50 -0.01
C PHE B 8 4.26 17.01 1.14
N SER B 9 3.61 15.88 0.93
CA SER B 9 2.73 15.30 1.94
C SER B 9 3.29 13.98 2.46
N SER B 10 4.11 14.05 3.51
CA SER B 10 4.70 12.86 4.09
C SER B 10 3.63 11.90 4.59
N LEU B 11 4.06 10.85 5.29
CA LEU B 11 3.14 9.86 5.83
C LEU B 11 3.82 9.00 6.89
N SER B 12 3.51 9.28 8.15
CA SER B 12 4.09 8.53 9.26
C SER B 12 3.20 7.35 9.65
N TYR B 13 3.42 6.22 9.01
CA TYR B 13 2.63 5.02 9.29
C TYR B 13 3.00 4.43 10.65
N LYS B 14 2.01 3.82 11.31
CA LYS B 14 2.23 3.22 12.62
C LYS B 14 1.23 2.10 12.87
N SER B 15 1.73 0.94 13.27
CA SER B 15 0.89 -0.22 13.54
C SER B 15 0.68 -0.39 15.05
N ARG B 16 -0.16 -1.36 15.41
CA ARG B 16 -0.45 -1.64 16.81
C ARG B 16 0.81 -2.10 17.55
N GLU B 17 1.82 -2.49 16.78
CA GLU B 17 3.08 -2.96 17.35
C GLU B 17 3.74 -1.86 18.17
N GLU B 18 3.73 -0.64 17.64
CA GLU B 18 4.33 0.50 18.32
C GLU B 18 3.26 1.38 18.96
N ASP B 19 2.02 1.18 18.55
CA ASP B 19 0.91 1.96 19.08
C ASP B 19 -0.39 1.15 19.05
N PRO B 20 -0.54 0.23 20.00
CA PRO B 20 -1.73 -0.63 20.10
C PRO B 20 -2.97 0.15 20.52
N THR B 21 -2.78 1.43 20.85
CA THR B 21 -3.89 2.27 21.27
C THR B 21 -4.46 3.05 20.09
N LEU B 22 -4.32 2.48 18.89
CA LEU B 22 -4.83 3.13 17.68
C LEU B 22 -6.12 2.46 17.21
N THR B 23 -7.08 3.27 16.80
CA THR B 23 -8.36 2.77 16.32
C THR B 23 -8.45 2.82 14.80
N GLU B 24 -9.52 2.25 14.25
CA GLU B 24 -9.72 2.24 12.81
C GLU B 24 -9.53 3.63 12.22
N GLU B 25 -9.94 4.65 12.97
CA GLU B 25 -9.82 6.03 12.53
C GLU B 25 -8.36 6.41 12.35
N GLU B 26 -7.54 6.11 13.34
CA GLU B 26 -6.11 6.42 13.30
C GLU B 26 -5.42 5.61 12.21
N ILE B 27 -5.61 4.30 12.25
CA ILE B 27 -4.99 3.41 11.27
C ILE B 27 -5.39 3.81 9.85
N SER B 28 -6.67 4.06 9.64
CA SER B 28 -7.18 4.46 8.33
C SER B 28 -6.74 5.88 7.99
N ALA B 29 -6.31 6.62 9.00
CA ALA B 29 -5.87 8.00 8.80
C ALA B 29 -4.42 8.05 8.31
N MET B 30 -3.83 6.87 8.09
CA MET B 30 -2.46 6.79 7.62
C MET B 30 -2.41 6.15 6.23
N PTR B 31 -3.56 6.07 5.58
CA PTR B 31 -3.63 5.47 4.23
C PTR B 31 -4.08 6.51 3.22
O PTR B 31 -4.31 7.69 3.52
CB PTR B 31 -4.54 4.22 4.32
CG PTR B 31 -3.94 3.00 5.05
CD1 PTR B 31 -3.84 1.77 4.40
CD2 PTR B 31 -3.51 3.12 6.37
CE1 PTR B 31 -3.31 0.66 5.05
CE2 PTR B 31 -2.98 2.01 7.03
CZ PTR B 31 -2.89 0.78 6.38
OH PTR B 31 -2.34 -0.30 7.03
P PTR B 31 -3.38 -1.49 7.44
O1P PTR B 31 -2.63 -2.63 8.15
O2P PTR B 31 -4.08 -2.03 6.20
O3P PTR B 31 -4.42 -0.92 8.39
H PTR B 31 -4.49 6.37 5.88
HA PTR B 31 -2.61 5.16 3.92
HB2 PTR B 31 -4.89 3.92 3.31
HB3 PTR B 31 -5.48 4.48 4.84
HD1 PTR B 31 -4.19 1.65 3.38
HD2 PTR B 31 -3.58 4.05 6.90
HE1 PTR B 31 -3.25 -0.30 4.57
HE2 PTR B 31 -2.66 2.07 8.06
N SER B 32 -4.22 6.04 1.99
CA SER B 32 -4.65 6.90 0.88
C SER B 32 -6.00 6.46 0.34
N SER B 33 -6.24 5.15 0.34
CA SER B 33 -7.49 4.59 -0.16
C SER B 33 -7.64 4.85 -1.66
N VAL B 34 -8.35 3.95 -2.33
CA VAL B 34 -8.57 4.08 -3.77
C VAL B 34 -9.12 5.47 -4.12
N ASN B 35 -8.41 6.16 -5.00
CA ASN B 35 -8.82 7.50 -5.42
C ASN B 35 -8.71 7.65 -6.93
N LYS B 36 -9.66 7.05 -7.64
CA LYS B 36 -9.68 7.11 -9.11
C LYS B 36 -9.68 8.56 -9.58
N PRO B 37 -9.29 8.77 -10.85
CA PRO B 37 -9.24 10.10 -11.46
C PRO B 37 -10.63 10.69 -11.68
N GLY B 38 -10.97 11.72 -10.92
CA GLY B 38 -12.27 12.36 -11.05
C GLY B 38 -13.41 11.36 -10.96
N GLY A 1 10.78 -16.28 -5.03
CA GLY A 1 9.75 -17.22 -5.41
C GLY A 1 9.46 -18.23 -4.31
N PRO A 2 8.79 -17.76 -3.24
CA PRO A 2 8.44 -18.62 -2.11
C PRO A 2 7.37 -19.64 -2.45
N LEU A 3 6.36 -19.21 -3.21
CA LEU A 3 5.27 -20.09 -3.61
C LEU A 3 4.93 -19.89 -5.08
N GLY A 4 5.92 -19.47 -5.86
CA GLY A 4 5.71 -19.26 -7.29
C GLY A 4 6.54 -18.11 -7.83
N SER A 5 5.89 -16.99 -8.09
CA SER A 5 6.57 -15.81 -8.62
C SER A 5 5.90 -14.53 -8.14
N MET A 6 5.92 -14.30 -6.83
CA MET A 6 5.32 -13.12 -6.25
C MET A 6 6.21 -12.54 -5.16
N PRO A 7 7.36 -12.00 -5.56
CA PRO A 7 8.33 -11.40 -4.63
C PRO A 7 7.82 -10.09 -4.03
N TRP A 8 7.04 -9.35 -4.81
CA TRP A 8 6.49 -8.08 -4.35
C TRP A 8 5.71 -8.26 -3.06
N PHE A 9 5.21 -9.46 -2.84
CA PHE A 9 4.45 -9.77 -1.63
C PHE A 9 5.36 -10.26 -0.52
N HIS A 10 5.71 -9.36 0.40
CA HIS A 10 6.58 -9.71 1.52
C HIS A 10 5.82 -10.50 2.58
N GLY A 11 4.58 -10.10 2.83
CA GLY A 11 3.77 -10.78 3.83
C GLY A 11 4.42 -10.81 5.19
N LYS A 12 5.30 -9.84 5.44
CA LYS A 12 5.99 -9.75 6.72
C LYS A 12 6.95 -8.56 6.73
N ILE A 13 6.39 -7.36 6.67
CA ILE A 13 7.20 -6.15 6.69
C ILE A 13 6.70 -5.15 7.72
N THR A 14 7.62 -4.44 8.35
CA THR A 14 7.28 -3.45 9.36
C THR A 14 7.29 -2.04 8.79
N ARG A 15 6.92 -1.07 9.61
CA ARG A 15 6.88 0.33 9.18
C ARG A 15 8.29 0.82 8.84
N GLU A 16 9.26 0.43 9.65
CA GLU A 16 10.65 0.83 9.44
C GLU A 16 11.23 0.13 8.22
N GLN A 17 10.82 -1.12 8.01
CA GLN A 17 11.31 -1.91 6.89
C GLN A 17 10.71 -1.43 5.58
N ALA A 18 9.41 -1.13 5.61
CA ALA A 18 8.71 -0.65 4.42
C ALA A 18 9.09 0.80 4.11
N GLU A 19 9.32 1.57 5.16
CA GLU A 19 9.69 2.98 5.00
C GLU A 19 11.00 3.12 4.24
N ARG A 20 12.03 2.44 4.72
CA ARG A 20 13.35 2.48 4.08
C ARG A 20 13.30 1.86 2.69
N LEU A 21 12.48 0.82 2.54
CA LEU A 21 12.35 0.13 1.26
C LEU A 21 11.88 1.10 0.18
N LEU A 22 11.01 2.03 0.55
CA LEU A 22 10.48 3.01 -0.39
C LEU A 22 11.14 4.38 -0.18
N TYR A 23 12.45 4.37 0.01
CA TYR A 23 13.19 5.61 0.22
C TYR A 23 13.22 6.45 -1.04
N PRO A 24 13.79 5.88 -2.12
CA PRO A 24 13.88 6.57 -3.42
C PRO A 24 12.52 6.74 -4.09
N PRO A 25 12.17 7.99 -4.41
CA PRO A 25 10.89 8.31 -5.06
C PRO A 25 10.85 7.83 -6.51
N GLU A 26 9.92 6.92 -6.79
CA GLU A 26 9.77 6.38 -8.13
C GLU A 26 8.35 5.88 -8.37
N THR A 27 7.64 6.52 -9.28
CA THR A 27 6.27 6.15 -9.59
C THR A 27 6.21 4.76 -10.24
N GLY A 28 5.65 3.80 -9.51
CA GLY A 28 5.53 2.45 -10.04
C GLY A 28 6.05 1.41 -9.06
N LEU A 29 6.64 1.87 -7.96
CA LEU A 29 7.18 0.98 -6.95
C LEU A 29 6.13 0.65 -5.89
N PHE A 30 5.69 -0.60 -5.87
CA PHE A 30 4.68 -1.04 -4.92
C PHE A 30 5.19 -2.24 -4.10
N LEU A 31 4.52 -2.52 -2.99
CA LEU A 31 4.90 -3.63 -2.13
C LEU A 31 3.74 -4.05 -1.24
N VAL A 32 3.54 -5.36 -1.11
CA VAL A 32 2.47 -5.89 -0.28
C VAL A 32 3.02 -6.57 0.97
N ARG A 33 2.37 -6.33 2.11
CA ARG A 33 2.79 -6.91 3.37
C ARG A 33 1.60 -7.11 4.31
N GLU A 34 1.65 -8.17 5.10
CA GLU A 34 0.58 -8.48 6.04
C GLU A 34 0.26 -7.26 6.91
N SER A 35 -1.01 -6.85 6.89
CA SER A 35 -1.45 -5.70 7.67
C SER A 35 -1.16 -5.91 9.16
N THR A 36 -0.22 -5.14 9.69
CA THR A 36 0.16 -5.25 11.10
C THR A 36 -0.97 -4.76 12.00
N ASN A 37 -1.41 -3.52 11.76
CA ASN A 37 -2.48 -2.93 12.55
C ASN A 37 -3.79 -3.70 12.38
N TYR A 38 -3.94 -4.34 11.22
CA TYR A 38 -5.13 -5.11 10.93
C TYR A 38 -4.78 -6.56 10.58
N PRO A 39 -4.84 -7.43 11.58
CA PRO A 39 -4.54 -8.86 11.42
C PRO A 39 -5.59 -9.59 10.58
N GLY A 40 -5.15 -10.20 9.50
CA GLY A 40 -6.07 -10.92 8.64
C GLY A 40 -6.21 -10.28 7.27
N ASP A 41 -5.53 -9.15 7.08
CA ASP A 41 -5.59 -8.44 5.81
C ASP A 41 -4.19 -8.08 5.32
N TYR A 42 -4.12 -7.36 4.21
CA TYR A 42 -2.84 -6.95 3.64
C TYR A 42 -2.83 -5.47 3.31
N THR A 43 -1.64 -4.92 3.09
CA THR A 43 -1.50 -3.51 2.77
C THR A 43 -0.51 -3.30 1.62
N LEU A 44 -0.84 -2.39 0.72
CA LEU A 44 0.01 -2.09 -0.43
C LEU A 44 0.65 -0.71 -0.29
N CYS A 45 1.98 -0.69 -0.21
CA CYS A 45 2.71 0.56 -0.08
C CYS A 45 3.31 0.98 -1.42
N VAL A 46 2.98 2.19 -1.86
CA VAL A 46 3.49 2.71 -3.12
C VAL A 46 4.22 4.03 -2.92
N SER A 47 5.19 4.31 -3.79
CA SER A 47 5.97 5.54 -3.71
C SER A 47 5.48 6.57 -4.71
N CYS A 48 4.88 7.64 -4.21
CA CYS A 48 4.36 8.70 -5.06
C CYS A 48 5.07 10.02 -4.77
N GLU A 49 6.15 10.29 -5.50
CA GLU A 49 6.91 11.51 -5.33
C GLU A 49 7.60 11.54 -3.97
N GLY A 50 7.95 10.36 -3.47
CA GLY A 50 8.61 10.27 -2.18
C GLY A 50 7.64 9.93 -1.06
N LYS A 51 6.34 10.07 -1.33
CA LYS A 51 5.32 9.78 -0.34
C LYS A 51 4.92 8.32 -0.39
N VAL A 52 4.70 7.73 0.78
CA VAL A 52 4.31 6.32 0.88
C VAL A 52 2.81 6.18 1.10
N GLU A 53 2.10 5.72 0.07
CA GLU A 53 0.66 5.54 0.16
C GLU A 53 0.31 4.11 0.52
N HIS A 54 -0.41 3.93 1.62
CA HIS A 54 -0.81 2.61 2.08
C HIS A 54 -2.26 2.32 1.68
N TYR A 55 -2.46 1.21 0.98
CA TYR A 55 -3.80 0.81 0.54
C TYR A 55 -4.26 -0.44 1.28
N ARG A 56 -5.35 -0.30 2.03
CA ARG A 56 -5.90 -1.42 2.79
C ARG A 56 -6.47 -2.47 1.86
N ILE A 57 -6.12 -3.72 2.11
CA ILE A 57 -6.61 -4.83 1.29
C ILE A 57 -7.53 -5.75 2.09
N MET A 58 -8.82 -5.68 1.79
CA MET A 58 -9.80 -6.51 2.48
C MET A 58 -9.90 -7.89 1.84
N TYR A 59 -9.66 -8.92 2.66
CA TYR A 59 -9.71 -10.30 2.17
C TYR A 59 -10.91 -11.04 2.76
N HIS A 60 -11.98 -11.14 1.98
CA HIS A 60 -13.18 -11.83 2.42
C HIS A 60 -13.69 -12.78 1.34
N ALA A 61 -14.21 -13.93 1.77
CA ALA A 61 -14.74 -14.92 0.85
C ALA A 61 -13.67 -15.34 -0.16
N SER A 62 -12.42 -15.41 0.29
CA SER A 62 -11.31 -15.80 -0.58
C SER A 62 -11.16 -14.82 -1.74
N LYS A 63 -11.57 -13.58 -1.50
CA LYS A 63 -11.48 -12.54 -2.53
C LYS A 63 -10.93 -11.24 -1.94
N LEU A 64 -10.07 -10.57 -2.71
CA LEU A 64 -9.48 -9.31 -2.27
C LEU A 64 -10.17 -8.12 -2.92
N SER A 65 -10.23 -7.01 -2.19
CA SER A 65 -10.87 -5.80 -2.70
C SER A 65 -10.46 -4.59 -1.86
N ILE A 66 -10.19 -3.48 -2.55
CA ILE A 66 -9.79 -2.24 -1.87
C ILE A 66 -10.85 -1.17 -2.04
N ASP A 67 -11.53 -1.19 -3.17
CA ASP A 67 -12.57 -0.20 -3.46
C ASP A 67 -13.93 -0.69 -2.99
N GLU A 68 -13.94 -1.89 -2.38
CA GLU A 68 -15.18 -2.47 -1.88
C GLU A 68 -16.19 -2.69 -3.01
N GLU A 69 -15.69 -2.67 -4.24
CA GLU A 69 -16.54 -2.86 -5.41
C GLU A 69 -15.93 -3.88 -6.37
N VAL A 70 -14.61 -3.84 -6.51
CA VAL A 70 -13.91 -4.77 -7.40
C VAL A 70 -13.23 -5.87 -6.60
N TYR A 71 -13.82 -7.07 -6.64
CA TYR A 71 -13.28 -8.21 -5.92
C TYR A 71 -12.50 -9.12 -6.86
N PHE A 72 -11.41 -9.70 -6.35
CA PHE A 72 -10.58 -10.59 -7.15
C PHE A 72 -10.55 -11.98 -6.54
N GLU A 73 -9.90 -12.91 -7.24
CA GLU A 73 -9.80 -14.29 -6.77
C GLU A 73 -8.44 -14.55 -6.13
N ASN A 74 -7.58 -13.53 -6.13
CA ASN A 74 -6.26 -13.65 -5.55
C ASN A 74 -5.49 -12.34 -5.67
N LEU A 75 -4.33 -12.28 -5.02
CA LEU A 75 -3.50 -11.08 -5.06
C LEU A 75 -2.79 -10.94 -6.41
N MET A 76 -2.54 -12.07 -7.05
CA MET A 76 -1.88 -12.09 -8.35
C MET A 76 -2.66 -11.26 -9.37
N GLN A 77 -3.92 -11.62 -9.57
CA GLN A 77 -4.77 -10.91 -10.52
C GLN A 77 -5.02 -9.48 -10.06
N LEU A 78 -5.18 -9.30 -8.75
CA LEU A 78 -5.43 -7.99 -8.17
C LEU A 78 -4.35 -7.00 -8.59
N VAL A 79 -3.08 -7.42 -8.47
CA VAL A 79 -1.96 -6.58 -8.85
C VAL A 79 -1.96 -6.27 -10.34
N GLU A 80 -2.31 -7.27 -11.14
CA GLU A 80 -2.35 -7.11 -12.58
C GLU A 80 -3.24 -5.94 -12.98
N HIS A 81 -4.36 -5.79 -12.26
CA HIS A 81 -5.29 -4.71 -12.54
C HIS A 81 -4.72 -3.36 -12.12
N TYR A 82 -4.13 -3.32 -10.93
CA TYR A 82 -3.54 -2.10 -10.41
C TYR A 82 -2.31 -1.69 -11.22
N THR A 83 -1.73 -2.66 -11.92
CA THR A 83 -0.55 -2.41 -12.73
C THR A 83 -0.94 -1.89 -14.12
N THR A 84 -2.11 -2.31 -14.59
CA THR A 84 -2.61 -1.88 -15.89
C THR A 84 -3.18 -0.47 -15.84
N ASP A 85 -3.65 -0.07 -14.66
CA ASP A 85 -4.22 1.26 -14.47
C ASP A 85 -4.34 1.59 -12.98
N ALA A 86 -4.35 2.89 -12.67
CA ALA A 86 -4.47 3.33 -11.29
C ALA A 86 -5.64 2.67 -10.59
N ASP A 87 -6.84 2.85 -11.14
CA ASP A 87 -8.05 2.27 -10.57
C ASP A 87 -8.17 2.62 -9.09
N GLY A 88 -7.61 3.77 -8.71
CA GLY A 88 -7.68 4.20 -7.33
C GLY A 88 -6.31 4.43 -6.73
N LEU A 89 -5.27 4.16 -7.52
CA LEU A 89 -3.89 4.33 -7.06
C LEU A 89 -3.30 5.62 -7.61
N CYS A 90 -2.60 6.36 -6.75
CA CYS A 90 -1.98 7.61 -7.16
C CYS A 90 -1.07 7.41 -8.37
N THR A 91 -0.55 6.19 -8.52
CA THR A 91 0.33 5.86 -9.64
C THR A 91 0.32 4.36 -9.91
N ARG A 92 0.02 3.99 -11.16
CA ARG A 92 -0.02 2.59 -11.55
C ARG A 92 1.28 1.88 -11.16
N LEU A 93 1.26 0.55 -11.18
CA LEU A 93 2.43 -0.24 -10.83
C LEU A 93 3.35 -0.40 -12.03
N ILE A 94 4.65 -0.30 -11.80
CA ILE A 94 5.64 -0.45 -12.85
C ILE A 94 6.70 -1.48 -12.49
N LYS A 95 7.28 -1.33 -11.30
CA LYS A 95 8.30 -2.25 -10.83
C LYS A 95 7.97 -2.76 -9.43
N PRO A 96 7.84 -4.08 -9.30
CA PRO A 96 7.53 -4.73 -8.02
C PRO A 96 8.68 -4.65 -7.02
N LYS A 97 8.36 -4.34 -5.77
CA LYS A 97 9.37 -4.22 -4.73
C LYS A 97 9.94 -5.60 -4.38
N VAL A 98 10.91 -6.04 -5.16
CA VAL A 98 11.55 -7.34 -4.92
C VAL A 98 12.30 -7.35 -3.59
N MET A 99 12.09 -8.41 -2.82
CA MET A 99 12.74 -8.55 -1.52
C MET A 99 14.25 -8.68 -1.69
N GLY B 1 1.23 35.95 -4.04
CA GLY B 1 1.37 35.81 -5.49
C GLY B 1 0.62 34.61 -6.02
N PRO B 2 1.14 33.41 -5.73
CA PRO B 2 0.53 32.15 -6.19
C PRO B 2 -0.78 31.86 -5.47
N LEU B 3 -1.51 30.86 -5.97
CA LEU B 3 -2.79 30.48 -5.38
C LEU B 3 -2.62 30.13 -3.89
N GLY B 4 -1.52 29.46 -3.58
CA GLY B 4 -1.26 29.08 -2.20
C GLY B 4 -1.56 27.62 -1.92
N SER B 5 -2.51 27.06 -2.67
CA SER B 5 -2.89 25.67 -2.51
C SER B 5 -1.97 24.75 -3.30
N LYS B 6 -1.57 23.65 -2.69
CA LYS B 6 -0.68 22.69 -3.33
C LYS B 6 -1.09 21.26 -2.99
N ARG B 7 -0.36 20.29 -3.54
CA ARG B 7 -0.64 18.88 -3.29
C ARG B 7 0.64 18.12 -2.95
N PHE B 8 0.91 18.00 -1.66
CA PHE B 8 2.10 17.30 -1.19
C PHE B 8 2.08 17.14 0.33
N SER B 9 1.73 15.93 0.78
CA SER B 9 1.66 15.64 2.21
C SER B 9 2.47 14.39 2.55
N SER B 10 3.21 14.45 3.65
CA SER B 10 4.03 13.31 4.07
C SER B 10 3.15 12.12 4.44
N LEU B 11 3.78 11.09 5.01
CA LEU B 11 3.05 9.90 5.40
C LEU B 11 3.88 9.05 6.38
N SER B 12 3.49 9.07 7.65
CA SER B 12 4.19 8.33 8.67
C SER B 12 3.34 7.16 9.17
N TYR B 13 3.48 6.01 8.51
CA TYR B 13 2.73 4.83 8.88
C TYR B 13 3.26 4.22 10.18
N LYS B 14 2.36 3.64 10.96
CA LYS B 14 2.74 3.02 12.23
C LYS B 14 1.97 1.72 12.45
N SER B 15 2.70 0.65 12.77
CA SER B 15 2.09 -0.65 13.01
C SER B 15 1.78 -0.84 14.50
N ARG B 16 0.82 -1.70 14.78
CA ARG B 16 0.42 -1.98 16.16
C ARG B 16 1.60 -2.50 16.97
N GLU B 17 2.62 -2.99 16.27
CA GLU B 17 3.80 -3.52 16.93
C GLU B 17 4.58 -2.42 17.64
N GLU B 18 4.65 -1.25 17.01
CA GLU B 18 5.36 -0.12 17.57
C GLU B 18 4.40 0.81 18.30
N ASP B 19 3.11 0.71 17.96
CA ASP B 19 2.09 1.55 18.58
C ASP B 19 0.77 0.79 18.69
N PRO B 20 0.68 -0.10 19.68
CA PRO B 20 -0.53 -0.92 19.91
C PRO B 20 -1.69 -0.07 20.44
N THR B 21 -1.42 1.19 20.72
CA THR B 21 -2.45 2.10 21.23
C THR B 21 -3.10 2.88 20.08
N LEU B 22 -3.10 2.29 18.90
CA LEU B 22 -3.69 2.92 17.73
C LEU B 22 -5.09 2.37 17.44
N THR B 23 -6.02 3.25 17.13
CA THR B 23 -7.40 2.84 16.83
C THR B 23 -7.69 2.95 15.35
N GLU B 24 -8.87 2.49 14.95
CA GLU B 24 -9.27 2.52 13.55
C GLU B 24 -9.07 3.92 12.96
N GLU B 25 -9.34 4.94 13.77
CA GLU B 25 -9.18 6.32 13.34
C GLU B 25 -7.74 6.61 12.94
N GLU B 26 -6.81 6.26 13.83
CA GLU B 26 -5.38 6.49 13.58
C GLU B 26 -4.89 5.62 12.42
N ILE B 27 -5.17 4.32 12.50
CA ILE B 27 -4.75 3.39 11.46
C ILE B 27 -5.30 3.81 10.09
N SER B 28 -6.60 4.01 10.02
CA SER B 28 -7.25 4.42 8.77
C SER B 28 -6.75 5.80 8.34
N ALA B 29 -6.19 6.54 9.28
CA ALA B 29 -5.67 7.88 8.99
C ALA B 29 -4.28 7.81 8.38
N MET B 30 -3.79 6.60 8.14
CA MET B 30 -2.48 6.39 7.55
C MET B 30 -2.59 5.76 6.17
N PTR B 31 -3.79 5.78 5.61
CA PTR B 31 -4.01 5.20 4.28
C PTR B 31 -4.62 6.24 3.35
O PTR B 31 -5.24 7.22 3.76
CB PTR B 31 -4.87 3.92 4.46
CG PTR B 31 -4.16 2.73 5.13
CD1 PTR B 31 -3.70 2.85 6.45
CD2 PTR B 31 -3.96 1.54 4.44
CE1 PTR B 31 -3.04 1.79 7.06
CE2 PTR B 31 -3.30 0.48 5.05
CZ PTR B 31 -2.82 0.60 6.36
OH PTR B 31 -2.20 -0.47 6.97
P PTR B 31 -3.20 -1.59 7.60
O1P PTR B 31 -2.38 -2.71 8.24
O2P PTR B 31 -4.10 -2.17 6.50
O3P PTR B 31 -4.07 -0.94 8.66
H PTR B 31 -4.67 6.16 5.98
HA PTR B 31 -3.03 4.92 3.84
HB2 PTR B 31 -5.29 3.61 3.48
HB3 PTR B 31 -5.77 4.16 5.05
HD1 PTR B 31 -3.82 3.78 7.00
HD2 PTR B 31 -4.30 1.43 3.42
HE1 PTR B 31 -2.64 1.87 8.06
HE2 PTR B 31 -3.11 -0.44 4.51
N SER B 32 -4.43 6.00 2.06
CA SER B 32 -4.94 6.89 1.03
C SER B 32 -6.25 6.37 0.45
N SER B 33 -6.38 5.05 0.42
CA SER B 33 -7.59 4.42 -0.10
C SER B 33 -7.76 4.72 -1.59
N VAL B 34 -8.48 3.84 -2.28
CA VAL B 34 -8.71 4.00 -3.71
C VAL B 34 -9.24 5.40 -4.04
N ASN B 35 -8.50 6.14 -4.86
CA ASN B 35 -8.90 7.48 -5.24
C ASN B 35 -8.72 7.69 -6.74
N LYS B 36 -9.63 7.12 -7.53
CA LYS B 36 -9.56 7.25 -8.98
C LYS B 36 -9.62 8.72 -9.39
N PRO B 37 -9.18 9.00 -10.63
CA PRO B 37 -9.17 10.36 -11.17
C PRO B 37 -10.57 10.88 -11.45
N GLY B 38 -10.98 11.89 -10.71
CA GLY B 38 -12.30 12.47 -10.89
C GLY B 38 -13.41 11.47 -10.64
N GLY A 1 10.34 -18.08 -6.07
CA GLY A 1 9.35 -17.60 -5.12
C GLY A 1 8.89 -18.69 -4.17
N PRO A 2 8.16 -18.29 -3.12
CA PRO A 2 7.65 -19.22 -2.11
C PRO A 2 6.54 -20.12 -2.66
N LEU A 3 5.59 -19.51 -3.36
CA LEU A 3 4.48 -20.25 -3.94
C LEU A 3 4.22 -19.81 -5.38
N GLY A 4 5.27 -19.36 -6.05
CA GLY A 4 5.13 -18.92 -7.43
C GLY A 4 6.21 -17.92 -7.83
N SER A 5 5.78 -16.79 -8.38
CA SER A 5 6.72 -15.76 -8.82
C SER A 5 6.20 -14.37 -8.43
N MET A 6 5.91 -14.18 -7.15
CA MET A 6 5.41 -12.90 -6.66
C MET A 6 6.23 -12.43 -5.45
N PRO A 7 7.45 -11.96 -5.71
CA PRO A 7 8.36 -11.47 -4.66
C PRO A 7 7.87 -10.16 -4.04
N TRP A 8 7.10 -9.40 -4.82
CA TRP A 8 6.57 -8.13 -4.35
C TRP A 8 5.80 -8.30 -3.04
N PHE A 9 5.27 -9.49 -2.83
CA PHE A 9 4.52 -9.79 -1.61
C PHE A 9 5.45 -10.25 -0.49
N HIS A 10 5.75 -9.34 0.42
CA HIS A 10 6.63 -9.66 1.54
C HIS A 10 5.90 -10.48 2.60
N GLY A 11 4.63 -10.14 2.83
CA GLY A 11 3.85 -10.86 3.81
C GLY A 11 4.48 -10.85 5.19
N LYS A 12 5.34 -9.86 5.44
CA LYS A 12 6.01 -9.74 6.72
C LYS A 12 6.96 -8.55 6.73
N ILE A 13 6.38 -7.35 6.69
CA ILE A 13 7.17 -6.12 6.70
C ILE A 13 6.61 -5.11 7.69
N THR A 14 7.50 -4.37 8.33
CA THR A 14 7.10 -3.36 9.31
C THR A 14 7.14 -1.96 8.71
N ARG A 15 6.73 -0.97 9.49
CA ARG A 15 6.71 0.42 9.04
C ARG A 15 8.13 0.91 8.74
N GLU A 16 9.06 0.57 9.63
CA GLU A 16 10.45 0.98 9.46
C GLU A 16 11.09 0.25 8.27
N GLN A 17 10.65 -0.98 8.04
CA GLN A 17 11.19 -1.78 6.93
C GLN A 17 10.62 -1.31 5.60
N ALA A 18 9.32 -1.03 5.58
CA ALA A 18 8.66 -0.58 4.37
C ALA A 18 9.02 0.87 4.06
N GLU A 19 9.22 1.67 5.11
CA GLU A 19 9.57 3.07 4.95
C GLU A 19 10.92 3.22 4.25
N ARG A 20 11.93 2.56 4.79
CA ARG A 20 13.27 2.62 4.22
C ARG A 20 13.30 1.98 2.83
N LEU A 21 12.50 0.95 2.64
CA LEU A 21 12.43 0.25 1.36
C LEU A 21 11.98 1.19 0.26
N LEU A 22 11.08 2.11 0.60
CA LEU A 22 10.55 3.07 -0.37
C LEU A 22 11.21 4.43 -0.17
N TYR A 23 12.52 4.44 0.02
CA TYR A 23 13.26 5.68 0.23
C TYR A 23 13.28 6.51 -1.05
N PRO A 24 13.85 5.93 -2.13
CA PRO A 24 13.96 6.59 -3.43
C PRO A 24 12.60 6.74 -4.11
N PRO A 25 12.24 8.00 -4.43
CA PRO A 25 10.97 8.30 -5.09
C PRO A 25 10.92 7.82 -6.54
N GLU A 26 10.00 6.90 -6.82
CA GLU A 26 9.85 6.35 -8.16
C GLU A 26 8.43 5.84 -8.39
N THR A 27 7.66 6.61 -9.16
CA THR A 27 6.28 6.24 -9.45
C THR A 27 6.20 4.88 -10.13
N GLY A 28 5.64 3.90 -9.42
CA GLY A 28 5.52 2.56 -9.96
C GLY A 28 6.04 1.50 -9.01
N LEU A 29 6.64 1.94 -7.91
CA LEU A 29 7.18 1.02 -6.92
C LEU A 29 6.14 0.68 -5.86
N PHE A 30 5.70 -0.57 -5.83
CA PHE A 30 4.71 -1.01 -4.87
C PHE A 30 5.22 -2.21 -4.07
N LEU A 31 4.53 -2.52 -2.97
CA LEU A 31 4.92 -3.63 -2.11
C LEU A 31 3.76 -4.04 -1.21
N VAL A 32 3.56 -5.36 -1.07
CA VAL A 32 2.50 -5.88 -0.23
C VAL A 32 3.06 -6.56 1.01
N ARG A 33 2.37 -6.40 2.13
CA ARG A 33 2.79 -6.99 3.39
C ARG A 33 1.61 -7.21 4.33
N GLU A 34 1.69 -8.25 5.16
CA GLU A 34 0.63 -8.56 6.10
C GLU A 34 0.26 -7.33 6.93
N SER A 35 -1.01 -6.96 6.90
CA SER A 35 -1.49 -5.81 7.65
C SER A 35 -1.24 -5.98 9.14
N THR A 36 -0.42 -5.09 9.70
CA THR A 36 -0.10 -5.16 11.13
C THR A 36 -1.31 -4.79 11.98
N ASN A 37 -1.87 -3.61 11.74
CA ASN A 37 -3.02 -3.15 12.49
C ASN A 37 -4.28 -3.94 12.10
N TYR A 38 -4.26 -4.51 10.90
CA TYR A 38 -5.39 -5.29 10.41
C TYR A 38 -5.01 -6.76 10.26
N PRO A 39 -5.29 -7.55 11.31
CA PRO A 39 -4.98 -8.98 11.32
C PRO A 39 -5.87 -9.77 10.37
N GLY A 40 -5.28 -10.29 9.30
CA GLY A 40 -6.05 -11.05 8.33
C GLY A 40 -6.13 -10.37 6.99
N ASP A 41 -5.52 -9.19 6.89
CA ASP A 41 -5.53 -8.43 5.64
C ASP A 41 -4.11 -8.10 5.19
N TYR A 42 -4.01 -7.33 4.12
CA TYR A 42 -2.70 -6.94 3.58
C TYR A 42 -2.70 -5.47 3.18
N THR A 43 -1.54 -4.83 3.31
CA THR A 43 -1.41 -3.42 2.96
C THR A 43 -0.44 -3.24 1.80
N LEU A 44 -0.76 -2.30 0.91
CA LEU A 44 0.08 -2.03 -0.25
C LEU A 44 0.73 -0.65 -0.15
N CYS A 45 2.05 -0.64 -0.07
CA CYS A 45 2.79 0.61 0.03
C CYS A 45 3.37 1.02 -1.33
N VAL A 46 3.12 2.26 -1.72
CA VAL A 46 3.62 2.77 -2.99
C VAL A 46 4.32 4.12 -2.80
N SER A 47 5.31 4.38 -3.65
CA SER A 47 6.08 5.62 -3.58
C SER A 47 5.61 6.61 -4.65
N CYS A 48 4.97 7.68 -4.21
CA CYS A 48 4.46 8.70 -5.12
C CYS A 48 5.15 10.05 -4.86
N GLU A 49 6.22 10.30 -5.60
CA GLU A 49 6.97 11.55 -5.46
C GLU A 49 7.64 11.63 -4.09
N GLY A 50 8.00 10.47 -3.55
CA GLY A 50 8.66 10.42 -2.25
C GLY A 50 7.68 10.12 -1.13
N LYS A 51 6.39 10.22 -1.43
CA LYS A 51 5.35 9.96 -0.43
C LYS A 51 4.97 8.48 -0.42
N VAL A 52 4.62 7.96 0.74
CA VAL A 52 4.22 6.57 0.89
C VAL A 52 2.72 6.43 1.05
N GLU A 53 2.06 5.90 0.03
CA GLU A 53 0.61 5.73 0.06
C GLU A 53 0.26 4.29 0.45
N HIS A 54 -0.36 4.15 1.63
CA HIS A 54 -0.75 2.82 2.12
C HIS A 54 -2.17 2.49 1.69
N TYR A 55 -2.32 1.34 1.03
CA TYR A 55 -3.62 0.90 0.54
C TYR A 55 -4.07 -0.37 1.26
N ARG A 56 -5.16 -0.26 2.01
CA ARG A 56 -5.69 -1.40 2.76
C ARG A 56 -6.33 -2.41 1.82
N ILE A 57 -6.06 -3.70 2.05
CA ILE A 57 -6.61 -4.76 1.23
C ILE A 57 -7.47 -5.71 2.05
N MET A 58 -8.79 -5.66 1.83
CA MET A 58 -9.72 -6.51 2.55
C MET A 58 -9.77 -7.90 1.93
N TYR A 59 -9.52 -8.92 2.75
CA TYR A 59 -9.54 -10.30 2.28
C TYR A 59 -10.71 -11.07 2.87
N HIS A 60 -11.79 -11.18 2.10
CA HIS A 60 -12.98 -11.89 2.55
C HIS A 60 -13.47 -12.87 1.49
N ALA A 61 -13.95 -14.03 1.93
CA ALA A 61 -14.45 -15.05 1.01
C ALA A 61 -13.38 -15.44 0.00
N SER A 62 -12.14 -15.46 0.43
CA SER A 62 -11.02 -15.81 -0.45
C SER A 62 -10.91 -14.83 -1.60
N LYS A 63 -11.38 -13.61 -1.37
CA LYS A 63 -11.33 -12.57 -2.41
C LYS A 63 -10.78 -11.26 -1.84
N LEU A 64 -9.94 -10.60 -2.61
CA LEU A 64 -9.35 -9.33 -2.19
C LEU A 64 -10.04 -8.15 -2.85
N SER A 65 -10.06 -7.02 -2.15
CA SER A 65 -10.69 -5.81 -2.68
C SER A 65 -10.29 -4.59 -1.85
N ILE A 66 -10.08 -3.47 -2.54
CA ILE A 66 -9.69 -2.24 -1.88
C ILE A 66 -10.76 -1.16 -2.04
N ASP A 67 -11.45 -1.19 -3.17
CA ASP A 67 -12.51 -0.22 -3.45
C ASP A 67 -13.85 -0.73 -2.93
N GLU A 68 -13.84 -1.91 -2.32
CA GLU A 68 -15.07 -2.50 -1.79
C GLU A 68 -16.09 -2.73 -2.90
N GLU A 69 -15.62 -2.72 -4.14
CA GLU A 69 -16.49 -2.93 -5.29
C GLU A 69 -15.90 -3.96 -6.24
N VAL A 70 -14.59 -3.92 -6.42
CA VAL A 70 -13.90 -4.85 -7.30
C VAL A 70 -13.20 -5.95 -6.51
N TYR A 71 -13.78 -7.13 -6.51
CA TYR A 71 -13.21 -8.27 -5.80
C TYR A 71 -12.44 -9.19 -6.75
N PHE A 72 -11.36 -9.76 -6.25
CA PHE A 72 -10.54 -10.66 -7.05
C PHE A 72 -10.49 -12.06 -6.44
N GLU A 73 -9.80 -12.98 -7.10
CA GLU A 73 -9.69 -14.35 -6.62
C GLU A 73 -8.35 -14.56 -5.92
N ASN A 74 -7.41 -13.65 -6.15
CA ASN A 74 -6.09 -13.75 -5.53
C ASN A 74 -5.35 -12.41 -5.64
N LEU A 75 -4.21 -12.33 -4.97
CA LEU A 75 -3.40 -11.12 -4.98
C LEU A 75 -2.67 -10.97 -6.32
N MET A 76 -2.49 -12.09 -7.02
CA MET A 76 -1.80 -12.08 -8.31
C MET A 76 -2.59 -11.26 -9.33
N GLN A 77 -3.85 -11.64 -9.55
CA GLN A 77 -4.70 -10.95 -10.50
C GLN A 77 -4.99 -9.52 -10.04
N LEU A 78 -5.13 -9.35 -8.72
CA LEU A 78 -5.41 -8.03 -8.16
C LEU A 78 -4.34 -7.02 -8.58
N VAL A 79 -3.08 -7.41 -8.44
CA VAL A 79 -1.96 -6.55 -8.81
C VAL A 79 -1.96 -6.26 -10.31
N GLU A 80 -2.30 -7.28 -11.09
CA GLU A 80 -2.34 -7.14 -12.56
C GLU A 80 -3.24 -5.99 -12.96
N HIS A 81 -4.36 -5.83 -12.26
CA HIS A 81 -5.30 -4.75 -12.55
C HIS A 81 -4.74 -3.39 -12.14
N TYR A 82 -4.17 -3.34 -10.95
CA TYR A 82 -3.59 -2.11 -10.42
C TYR A 82 -2.36 -1.71 -11.23
N THR A 83 -1.75 -2.68 -11.90
CA THR A 83 -0.56 -2.43 -12.71
C THR A 83 -0.94 -1.92 -14.10
N THR A 84 -2.10 -2.35 -14.58
CA THR A 84 -2.58 -1.95 -15.90
C THR A 84 -3.16 -0.54 -15.87
N ASP A 85 -3.65 -0.14 -14.71
CA ASP A 85 -4.23 1.20 -14.55
C ASP A 85 -4.29 1.59 -13.07
N ALA A 86 -4.41 2.89 -12.82
CA ALA A 86 -4.48 3.38 -11.45
C ALA A 86 -5.53 2.64 -10.64
N ASP A 87 -6.77 2.67 -11.11
CA ASP A 87 -7.87 1.99 -10.43
C ASP A 87 -8.01 2.48 -9.00
N GLY A 88 -7.52 3.70 -8.74
CA GLY A 88 -7.59 4.26 -7.41
C GLY A 88 -6.23 4.43 -6.77
N LEU A 89 -5.19 4.03 -7.49
CA LEU A 89 -3.83 4.13 -6.99
C LEU A 89 -3.17 5.44 -7.44
N CYS A 90 -2.42 6.06 -6.53
CA CYS A 90 -1.75 7.31 -6.83
C CYS A 90 -0.94 7.21 -8.12
N THR A 91 -0.46 6.01 -8.42
CA THR A 91 0.32 5.78 -9.63
C THR A 91 0.32 4.30 -10.00
N ARG A 92 -0.04 4.01 -11.25
CA ARG A 92 -0.08 2.64 -11.73
C ARG A 92 1.23 1.91 -11.44
N LEU A 93 1.13 0.65 -11.06
CA LEU A 93 2.30 -0.16 -10.74
C LEU A 93 3.20 -0.31 -11.98
N ILE A 94 4.50 -0.23 -11.76
CA ILE A 94 5.47 -0.36 -12.85
C ILE A 94 6.52 -1.43 -12.53
N LYS A 95 7.13 -1.31 -11.35
CA LYS A 95 8.14 -2.26 -10.93
C LYS A 95 7.86 -2.76 -9.52
N PRO A 96 7.75 -4.09 -9.36
CA PRO A 96 7.47 -4.71 -8.06
C PRO A 96 8.67 -4.62 -7.12
N LYS A 97 8.39 -4.27 -5.86
CA LYS A 97 9.44 -4.15 -4.86
C LYS A 97 10.02 -5.50 -4.49
N VAL A 98 10.97 -5.97 -5.29
CA VAL A 98 11.61 -7.26 -5.05
C VAL A 98 12.37 -7.26 -3.74
N MET A 99 12.25 -8.34 -2.97
CA MET A 99 12.94 -8.45 -1.69
C MET A 99 14.01 -9.53 -1.76
N GLY B 1 9.86 30.67 11.06
CA GLY B 1 9.92 31.39 9.80
C GLY B 1 10.72 30.63 8.76
N PRO B 2 10.13 29.54 8.22
CA PRO B 2 10.78 28.71 7.20
C PRO B 2 10.90 29.43 5.86
N LEU B 3 11.68 28.85 4.95
CA LEU B 3 11.88 29.44 3.64
C LEU B 3 10.55 29.75 2.96
N GLY B 4 9.61 28.81 3.07
CA GLY B 4 8.30 29.00 2.47
C GLY B 4 8.06 28.07 1.30
N SER B 5 9.09 27.87 0.48
CA SER B 5 8.98 27.00 -0.68
C SER B 5 8.87 25.54 -0.26
N LYS B 6 7.64 25.03 -0.20
CA LYS B 6 7.40 23.66 0.18
C LYS B 6 6.24 23.06 -0.61
N ARG B 7 6.24 21.74 -0.74
CA ARG B 7 5.18 21.06 -1.47
C ARG B 7 5.41 19.54 -1.47
N PHE B 8 4.82 18.85 -0.50
CA PHE B 8 4.97 17.41 -0.38
C PHE B 8 4.21 16.88 0.83
N SER B 9 3.12 16.18 0.58
CA SER B 9 2.29 15.62 1.65
C SER B 9 2.92 14.33 2.19
N SER B 10 3.43 14.40 3.42
CA SER B 10 4.05 13.23 4.04
C SER B 10 2.99 12.28 4.57
N LEU B 11 3.45 11.19 5.19
CA LEU B 11 2.54 10.19 5.75
C LEU B 11 3.25 9.34 6.79
N SER B 12 3.04 9.67 8.06
CA SER B 12 3.67 8.94 9.16
C SER B 12 2.83 7.72 9.53
N TYR B 13 3.10 6.60 8.87
CA TYR B 13 2.37 5.36 9.14
C TYR B 13 2.84 4.71 10.44
N LYS B 14 1.94 4.01 11.10
CA LYS B 14 2.25 3.34 12.36
C LYS B 14 1.48 2.03 12.49
N SER B 15 2.20 0.95 12.79
CA SER B 15 1.58 -0.36 12.94
C SER B 15 1.24 -0.64 14.41
N ARG B 16 0.38 -1.61 14.63
CA ARG B 16 -0.04 -1.98 15.98
C ARG B 16 1.15 -2.50 16.78
N GLU B 17 2.23 -2.83 16.09
CA GLU B 17 3.43 -3.34 16.74
C GLU B 17 4.09 -2.26 17.59
N GLU B 18 4.07 -1.03 17.09
CA GLU B 18 4.67 0.09 17.81
C GLU B 18 3.60 0.86 18.59
N ASP B 19 2.34 0.61 18.27
CA ASP B 19 1.24 1.28 18.95
C ASP B 19 -0.04 0.45 18.84
N PRO B 20 -0.16 -0.56 19.71
CA PRO B 20 -1.33 -1.45 19.75
C PRO B 20 -2.59 -0.74 20.24
N THR B 21 -2.42 0.50 20.69
CA THR B 21 -3.54 1.29 21.19
C THR B 21 -4.14 2.15 20.09
N LEU B 22 -4.01 1.70 18.85
CA LEU B 22 -4.54 2.44 17.71
C LEU B 22 -5.82 1.79 17.20
N THR B 23 -6.81 2.61 16.88
CA THR B 23 -8.09 2.12 16.38
C THR B 23 -8.19 2.31 14.87
N GLU B 24 -9.22 1.71 14.27
CA GLU B 24 -9.43 1.80 12.83
C GLU B 24 -9.35 3.26 12.37
N GLU B 25 -9.81 4.16 13.23
CA GLU B 25 -9.80 5.59 12.90
C GLU B 25 -8.38 6.09 12.71
N GLU B 26 -7.50 5.76 13.65
CA GLU B 26 -6.10 6.17 13.57
C GLU B 26 -5.41 5.54 12.37
N ILE B 27 -5.52 4.22 12.26
CA ILE B 27 -4.90 3.49 11.17
C ILE B 27 -5.41 4.00 9.82
N SER B 28 -6.73 4.02 9.66
CA SER B 28 -7.34 4.47 8.41
C SER B 28 -6.92 5.90 8.10
N ALA B 29 -6.55 6.65 9.14
CA ALA B 29 -6.12 8.02 8.97
C ALA B 29 -4.73 8.11 8.37
N MET B 30 -4.09 6.95 8.20
CA MET B 30 -2.75 6.90 7.63
C MET B 30 -2.78 6.21 6.27
N PTR B 31 -3.96 6.06 5.70
CA PTR B 31 -4.10 5.41 4.38
C PTR B 31 -4.59 6.41 3.36
O PTR B 31 -5.07 7.50 3.67
CB PTR B 31 -5.03 4.18 4.56
CG PTR B 31 -4.36 2.94 5.19
CD1 PTR B 31 -4.44 1.69 4.55
CD2 PTR B 31 -3.70 3.03 6.42
CE1 PTR B 31 -3.87 0.57 5.13
CE2 PTR B 31 -3.13 1.91 7.00
CZ PTR B 31 -3.22 0.67 6.38
OH PTR B 31 -2.61 -0.44 6.93
P PTR B 31 -3.61 -1.62 7.41
O1P PTR B 31 -2.81 -2.78 8.01
O2P PTR B 31 -4.45 -2.12 6.23
O3P PTR B 31 -4.54 -1.06 8.49
H PTR B 31 -4.88 6.33 6.06
HA PTR B 31 -3.10 5.06 4.05
HB2 PTR B 31 -5.49 3.90 3.60
HB3 PTR B 31 -5.89 4.45 5.20
HD1 PTR B 31 -4.98 1.59 3.62
HD2 PTR B 31 -3.64 3.98 6.94
HE1 PTR B 31 -3.94 -0.40 4.67
HE2 PTR B 31 -2.63 1.97 7.96
N SER B 32 -4.45 6.01 2.10
CA SER B 32 -4.86 6.87 0.98
C SER B 32 -6.19 6.37 0.40
N SER B 33 -6.38 5.06 0.38
CA SER B 33 -7.60 4.48 -0.15
C SER B 33 -7.73 4.75 -1.65
N VAL B 34 -8.43 3.86 -2.35
CA VAL B 34 -8.62 4.00 -3.79
C VAL B 34 -9.20 5.36 -4.13
N ASN B 35 -8.50 6.12 -4.97
CA ASN B 35 -8.96 7.44 -5.37
C ASN B 35 -8.84 7.61 -6.88
N LYS B 36 -9.75 6.99 -7.62
CA LYS B 36 -9.76 7.08 -9.07
C LYS B 36 -9.77 8.53 -9.53
N PRO B 37 -9.36 8.75 -10.80
CA PRO B 37 -9.32 10.09 -11.38
C PRO B 37 -10.71 10.68 -11.61
N GLY B 38 -11.05 11.72 -10.86
CA GLY B 38 -12.35 12.34 -11.01
C GLY B 38 -13.48 11.42 -10.62
N GLY A 1 10.15 -15.55 -2.81
CA GLY A 1 8.74 -15.58 -2.48
C GLY A 1 8.28 -16.93 -1.98
N PRO A 2 7.08 -16.98 -1.39
CA PRO A 2 6.51 -18.22 -0.85
C PRO A 2 6.11 -19.19 -1.96
N LEU A 3 5.41 -18.68 -2.97
CA LEU A 3 4.97 -19.51 -4.09
C LEU A 3 6.07 -19.65 -5.13
N GLY A 4 6.74 -18.54 -5.43
CA GLY A 4 7.82 -18.57 -6.41
C GLY A 4 7.46 -17.83 -7.68
N SER A 5 6.53 -16.88 -7.58
CA SER A 5 6.09 -16.12 -8.74
C SER A 5 5.47 -14.79 -8.30
N MET A 6 5.91 -14.29 -7.15
CA MET A 6 5.40 -13.04 -6.63
C MET A 6 6.25 -12.54 -5.45
N PRO A 7 7.47 -12.07 -5.76
CA PRO A 7 8.40 -11.57 -4.75
C PRO A 7 7.94 -10.26 -4.13
N TRP A 8 7.17 -9.48 -4.89
CA TRP A 8 6.66 -8.20 -4.43
C TRP A 8 5.90 -8.38 -3.11
N PHE A 9 5.35 -9.57 -2.91
CA PHE A 9 4.59 -9.86 -1.69
C PHE A 9 5.52 -10.27 -0.55
N HIS A 10 5.77 -9.35 0.36
CA HIS A 10 6.65 -9.61 1.50
C HIS A 10 5.93 -10.46 2.55
N GLY A 11 4.66 -10.16 2.78
CA GLY A 11 3.88 -10.90 3.75
C GLY A 11 4.48 -10.84 5.14
N LYS A 12 5.35 -9.86 5.36
CA LYS A 12 6.02 -9.70 6.65
C LYS A 12 6.96 -8.50 6.64
N ILE A 13 6.40 -7.30 6.76
CA ILE A 13 7.19 -6.08 6.75
C ILE A 13 6.61 -5.05 7.74
N THR A 14 7.50 -4.30 8.38
CA THR A 14 7.09 -3.28 9.33
C THR A 14 7.14 -1.89 8.71
N ARG A 15 6.69 -0.90 9.47
CA ARG A 15 6.68 0.48 9.00
C ARG A 15 8.09 0.96 8.71
N GLU A 16 9.02 0.64 9.61
CA GLU A 16 10.41 1.04 9.46
C GLU A 16 11.06 0.32 8.28
N GLN A 17 10.65 -0.93 8.05
CA GLN A 17 11.19 -1.72 6.96
C GLN A 17 10.62 -1.27 5.62
N ALA A 18 9.32 -0.99 5.60
CA ALA A 18 8.66 -0.55 4.38
C ALA A 18 9.01 0.90 4.06
N GLU A 19 9.21 1.71 5.10
CA GLU A 19 9.56 3.11 4.92
C GLU A 19 10.91 3.26 4.22
N ARG A 20 11.92 2.61 4.76
CA ARG A 20 13.26 2.66 4.19
C ARG A 20 13.28 2.04 2.81
N LEU A 21 12.50 0.99 2.62
CA LEU A 21 12.43 0.30 1.33
C LEU A 21 11.94 1.24 0.24
N LEU A 22 11.02 2.13 0.60
CA LEU A 22 10.47 3.08 -0.36
C LEU A 22 11.09 4.47 -0.15
N TYR A 23 12.40 4.50 0.05
CA TYR A 23 13.11 5.76 0.25
C TYR A 23 13.14 6.59 -1.03
N PRO A 24 13.73 6.02 -2.09
CA PRO A 24 13.85 6.68 -3.39
C PRO A 24 12.49 6.80 -4.09
N PRO A 25 12.11 8.04 -4.42
CA PRO A 25 10.84 8.33 -5.10
C PRO A 25 10.84 7.83 -6.55
N GLU A 26 9.92 6.90 -6.84
CA GLU A 26 9.81 6.34 -8.19
C GLU A 26 8.40 5.81 -8.44
N THR A 27 7.61 6.61 -9.15
CA THR A 27 6.24 6.23 -9.46
C THR A 27 6.18 4.86 -10.13
N GLY A 28 5.62 3.89 -9.42
CA GLY A 28 5.52 2.54 -9.95
C GLY A 28 6.04 1.48 -8.99
N LEU A 29 6.63 1.94 -7.88
CA LEU A 29 7.17 1.03 -6.88
C LEU A 29 6.11 0.68 -5.83
N PHE A 30 5.67 -0.57 -5.82
CA PHE A 30 4.67 -1.03 -4.87
C PHE A 30 5.17 -2.23 -4.08
N LEU A 31 4.53 -2.51 -2.96
CA LEU A 31 4.91 -3.63 -2.11
C LEU A 31 3.75 -4.06 -1.22
N VAL A 32 3.58 -5.37 -1.07
CA VAL A 32 2.50 -5.91 -0.25
C VAL A 32 3.06 -6.57 1.02
N ARG A 33 2.41 -6.32 2.14
CA ARG A 33 2.84 -6.89 3.42
C ARG A 33 1.65 -7.10 4.34
N GLU A 34 1.69 -8.19 5.11
CA GLU A 34 0.62 -8.52 6.03
C GLU A 34 0.26 -7.32 6.90
N SER A 35 -1.01 -6.93 6.88
CA SER A 35 -1.47 -5.79 7.65
C SER A 35 -1.19 -6.00 9.15
N THR A 36 -0.34 -5.15 9.70
CA THR A 36 0.02 -5.24 11.11
C THR A 36 -1.17 -4.88 12.01
N ASN A 37 -1.72 -3.69 11.80
CA ASN A 37 -2.86 -3.23 12.58
C ASN A 37 -4.11 -4.03 12.24
N TYR A 38 -4.16 -4.54 11.02
CA TYR A 38 -5.30 -5.33 10.57
C TYR A 38 -4.92 -6.79 10.37
N PRO A 39 -5.15 -7.61 11.41
CA PRO A 39 -4.83 -9.04 11.37
C PRO A 39 -5.76 -9.82 10.44
N GLY A 40 -5.18 -10.32 9.34
CA GLY A 40 -5.97 -11.08 8.39
C GLY A 40 -6.07 -10.37 7.04
N ASP A 41 -5.40 -9.23 6.92
CA ASP A 41 -5.43 -8.46 5.69
C ASP A 41 -4.02 -8.08 5.25
N TYR A 42 -3.93 -7.30 4.18
CA TYR A 42 -2.64 -6.87 3.67
C TYR A 42 -2.63 -5.36 3.40
N THR A 43 -1.44 -4.81 3.21
CA THR A 43 -1.30 -3.38 2.95
C THR A 43 -0.48 -3.13 1.68
N LEU A 44 -0.88 -2.12 0.91
CA LEU A 44 -0.19 -1.78 -0.32
C LEU A 44 0.56 -0.46 -0.18
N CYS A 45 1.88 -0.56 -0.08
CA CYS A 45 2.73 0.62 0.05
C CYS A 45 3.33 1.03 -1.29
N VAL A 46 3.00 2.24 -1.74
CA VAL A 46 3.51 2.73 -3.01
C VAL A 46 4.22 4.07 -2.82
N SER A 47 5.20 4.33 -3.68
CA SER A 47 5.96 5.57 -3.61
C SER A 47 5.53 6.54 -4.71
N CYS A 48 4.91 7.64 -4.31
CA CYS A 48 4.44 8.65 -5.26
C CYS A 48 5.08 10.00 -4.96
N GLU A 49 6.14 10.33 -5.69
CA GLU A 49 6.84 11.60 -5.51
C GLU A 49 7.49 11.66 -4.13
N GLY A 50 7.85 10.50 -3.59
CA GLY A 50 8.47 10.45 -2.29
C GLY A 50 7.48 10.15 -1.17
N LYS A 51 6.19 10.25 -1.49
CA LYS A 51 5.14 9.99 -0.51
C LYS A 51 4.76 8.51 -0.50
N VAL A 52 4.54 7.97 0.69
CA VAL A 52 4.16 6.57 0.84
C VAL A 52 2.66 6.41 1.03
N GLU A 53 1.98 5.85 0.04
CA GLU A 53 0.54 5.64 0.11
C GLU A 53 0.21 4.21 0.50
N HIS A 54 -0.57 4.06 1.56
CA HIS A 54 -0.96 2.73 2.03
C HIS A 54 -2.40 2.41 1.63
N TYR A 55 -2.58 1.30 0.93
CA TYR A 55 -3.91 0.89 0.49
C TYR A 55 -4.33 -0.42 1.17
N ARG A 56 -5.16 -0.30 2.19
CA ARG A 56 -5.63 -1.46 2.93
C ARG A 56 -6.30 -2.46 1.99
N ILE A 57 -5.92 -3.73 2.12
CA ILE A 57 -6.48 -4.78 1.28
C ILE A 57 -7.37 -5.72 2.09
N MET A 58 -8.68 -5.65 1.86
CA MET A 58 -9.63 -6.48 2.56
C MET A 58 -9.71 -7.87 1.93
N TYR A 59 -9.58 -8.90 2.76
CA TYR A 59 -9.63 -10.28 2.28
C TYR A 59 -10.85 -11.00 2.85
N HIS A 60 -11.89 -11.12 2.03
CA HIS A 60 -13.11 -11.80 2.44
C HIS A 60 -13.61 -12.75 1.36
N ALA A 61 -14.14 -13.90 1.78
CA ALA A 61 -14.64 -14.89 0.84
C ALA A 61 -13.56 -15.33 -0.15
N SER A 62 -12.33 -15.40 0.33
CA SER A 62 -11.20 -15.80 -0.50
C SER A 62 -11.02 -14.82 -1.65
N LYS A 63 -11.42 -13.57 -1.44
CA LYS A 63 -11.30 -12.54 -2.46
C LYS A 63 -10.72 -11.26 -1.86
N LEU A 64 -9.92 -10.55 -2.66
CA LEU A 64 -9.31 -9.31 -2.22
C LEU A 64 -9.98 -8.11 -2.87
N SER A 65 -9.97 -6.98 -2.16
CA SER A 65 -10.58 -5.75 -2.67
C SER A 65 -10.21 -4.56 -1.79
N ILE A 66 -9.96 -3.42 -2.44
CA ILE A 66 -9.60 -2.21 -1.72
C ILE A 66 -10.66 -1.13 -1.89
N ASP A 67 -11.39 -1.19 -3.00
CA ASP A 67 -12.44 -0.23 -3.28
C ASP A 67 -13.81 -0.76 -2.86
N GLU A 68 -13.82 -1.99 -2.36
CA GLU A 68 -15.06 -2.62 -1.91
C GLU A 68 -16.04 -2.75 -3.07
N GLU A 69 -15.53 -2.63 -4.29
CA GLU A 69 -16.37 -2.75 -5.48
C GLU A 69 -15.79 -3.77 -6.46
N VAL A 70 -14.47 -3.85 -6.50
CA VAL A 70 -13.80 -4.80 -7.39
C VAL A 70 -13.10 -5.90 -6.60
N TYR A 71 -13.69 -7.08 -6.60
CA TYR A 71 -13.12 -8.22 -5.88
C TYR A 71 -12.33 -9.12 -6.82
N PHE A 72 -11.23 -9.68 -6.33
CA PHE A 72 -10.39 -10.56 -7.12
C PHE A 72 -10.35 -11.96 -6.52
N GLU A 73 -9.75 -12.90 -7.24
CA GLU A 73 -9.65 -14.28 -6.79
C GLU A 73 -8.35 -14.49 -6.00
N ASN A 74 -7.39 -13.59 -6.19
CA ASN A 74 -6.12 -13.68 -5.50
C ASN A 74 -5.29 -12.42 -5.73
N LEU A 75 -4.33 -12.18 -4.85
CA LEU A 75 -3.47 -11.01 -4.95
C LEU A 75 -2.86 -10.90 -6.34
N MET A 76 -2.53 -12.04 -6.93
CA MET A 76 -1.93 -12.08 -8.26
C MET A 76 -2.78 -11.29 -9.25
N GLN A 77 -4.09 -11.54 -9.24
CA GLN A 77 -5.01 -10.86 -10.14
C GLN A 77 -5.15 -9.38 -9.76
N LEU A 78 -5.24 -9.12 -8.46
CA LEU A 78 -5.37 -7.76 -7.95
C LEU A 78 -4.23 -6.88 -8.46
N VAL A 79 -3.00 -7.36 -8.28
CA VAL A 79 -1.83 -6.62 -8.71
C VAL A 79 -1.86 -6.36 -10.22
N GLU A 80 -2.24 -7.37 -10.98
CA GLU A 80 -2.32 -7.24 -12.44
C GLU A 80 -3.23 -6.10 -12.83
N HIS A 81 -4.33 -5.94 -12.10
CA HIS A 81 -5.29 -4.87 -12.37
C HIS A 81 -4.70 -3.50 -12.04
N TYR A 82 -4.15 -3.39 -10.84
CA TYR A 82 -3.55 -2.14 -10.40
C TYR A 82 -2.32 -1.80 -11.24
N THR A 83 -1.76 -2.81 -11.90
CA THR A 83 -0.58 -2.62 -12.73
C THR A 83 -0.97 -2.14 -14.13
N THR A 84 -2.17 -2.51 -14.57
CA THR A 84 -2.65 -2.12 -15.88
C THR A 84 -3.23 -0.70 -15.85
N ASP A 85 -3.67 -0.28 -14.67
CA ASP A 85 -4.25 1.05 -14.51
C ASP A 85 -4.25 1.47 -13.05
N ALA A 86 -4.41 2.76 -12.80
CA ALA A 86 -4.42 3.29 -11.45
C ALA A 86 -5.43 2.53 -10.58
N ASP A 87 -6.69 2.53 -11.00
CA ASP A 87 -7.74 1.84 -10.27
C ASP A 87 -7.89 2.42 -8.87
N GLY A 88 -7.41 3.65 -8.68
CA GLY A 88 -7.50 4.29 -7.38
C GLY A 88 -6.14 4.47 -6.73
N LEU A 89 -5.08 4.29 -7.51
CA LEU A 89 -3.72 4.43 -7.00
C LEU A 89 -3.06 5.69 -7.55
N CYS A 90 -2.34 6.40 -6.69
CA CYS A 90 -1.67 7.63 -7.08
C CYS A 90 -0.81 7.40 -8.32
N THR A 91 -0.30 6.18 -8.47
CA THR A 91 0.54 5.83 -9.61
C THR A 91 0.48 4.34 -9.90
N ARG A 92 0.11 3.99 -11.13
CA ARG A 92 0.02 2.59 -11.53
C ARG A 92 1.30 1.84 -11.20
N LEU A 93 1.19 0.52 -11.05
CA LEU A 93 2.35 -0.31 -10.73
C LEU A 93 3.27 -0.44 -11.94
N ILE A 94 4.57 -0.30 -11.71
CA ILE A 94 5.55 -0.41 -12.77
C ILE A 94 6.65 -1.41 -12.42
N LYS A 95 7.22 -1.25 -11.24
CA LYS A 95 8.28 -2.14 -10.77
C LYS A 95 7.95 -2.69 -9.38
N PRO A 96 7.87 -4.03 -9.27
CA PRO A 96 7.57 -4.71 -8.02
C PRO A 96 8.72 -4.60 -7.01
N LYS A 97 8.37 -4.29 -5.76
CA LYS A 97 9.37 -4.17 -4.71
C LYS A 97 9.97 -5.52 -4.36
N VAL A 98 10.98 -5.94 -5.12
CA VAL A 98 11.64 -7.22 -4.90
C VAL A 98 12.35 -7.23 -3.55
N MET A 99 12.13 -8.29 -2.78
CA MET A 99 12.75 -8.42 -1.46
C MET A 99 14.27 -8.56 -1.60
N GLY B 1 4.85 34.62 -8.49
CA GLY B 1 3.50 34.36 -8.00
C GLY B 1 3.49 33.60 -6.70
N PRO B 2 3.83 32.30 -6.75
CA PRO B 2 3.86 31.43 -5.57
C PRO B 2 5.00 31.79 -4.62
N LEU B 3 4.96 31.23 -3.42
CA LEU B 3 5.99 31.49 -2.42
C LEU B 3 7.35 30.97 -2.89
N GLY B 4 7.32 29.94 -3.73
CA GLY B 4 8.56 29.37 -4.24
C GLY B 4 8.96 28.12 -3.50
N SER B 5 7.98 27.40 -2.96
CA SER B 5 8.24 26.18 -2.22
C SER B 5 7.90 24.95 -3.06
N LYS B 6 8.39 23.80 -2.63
CA LYS B 6 8.14 22.54 -3.34
C LYS B 6 8.16 21.35 -2.39
N ARG B 7 6.99 20.77 -2.14
CA ARG B 7 6.87 19.63 -1.24
C ARG B 7 5.63 18.80 -1.57
N PHE B 8 5.71 17.50 -1.32
CA PHE B 8 4.59 16.60 -1.59
C PHE B 8 4.85 15.23 -0.98
N SER B 9 4.54 15.09 0.31
CA SER B 9 4.74 13.83 1.01
C SER B 9 4.23 13.93 2.45
N SER B 10 3.03 13.41 2.68
CA SER B 10 2.43 13.44 4.01
C SER B 10 1.72 12.12 4.31
N LEU B 11 2.46 11.18 4.90
CA LEU B 11 1.90 9.88 5.24
C LEU B 11 2.79 9.15 6.24
N SER B 12 2.36 9.11 7.51
CA SER B 12 3.13 8.45 8.55
C SER B 12 2.38 7.23 9.07
N TYR B 13 2.60 6.08 8.45
CA TYR B 13 1.96 4.84 8.85
C TYR B 13 2.52 4.33 10.17
N LYS B 14 1.68 3.66 10.95
CA LYS B 14 2.09 3.13 12.24
C LYS B 14 1.42 1.79 12.51
N SER B 15 2.22 0.78 12.86
CA SER B 15 1.69 -0.55 13.14
C SER B 15 1.38 -0.71 14.62
N ARG B 16 0.52 -1.67 14.94
CA ARG B 16 0.14 -1.92 16.33
C ARG B 16 1.36 -2.29 17.17
N GLU B 17 2.43 -2.69 16.50
CA GLU B 17 3.67 -3.07 17.19
C GLU B 17 4.27 -1.88 17.93
N GLU B 18 4.16 -0.70 17.32
CA GLU B 18 4.69 0.52 17.93
C GLU B 18 3.59 1.28 18.66
N ASP B 19 2.35 0.96 18.36
CA ASP B 19 1.21 1.61 19.00
C ASP B 19 -0.02 0.71 18.97
N PRO B 20 -0.07 -0.25 19.90
CA PRO B 20 -1.19 -1.20 20.01
C PRO B 20 -2.46 -0.53 20.49
N THR B 21 -2.37 0.74 20.85
CA THR B 21 -3.52 1.49 21.32
C THR B 21 -4.21 2.24 20.19
N LEU B 22 -4.09 1.69 18.97
CA LEU B 22 -4.70 2.31 17.80
C LEU B 22 -5.97 1.57 17.41
N THR B 23 -7.01 2.33 17.08
CA THR B 23 -8.28 1.75 16.67
C THR B 23 -8.51 1.88 15.17
N GLU B 24 -9.59 1.28 14.68
CA GLU B 24 -9.91 1.33 13.27
C GLU B 24 -9.84 2.76 12.74
N GLU B 25 -10.28 3.72 13.56
CA GLU B 25 -10.27 5.12 13.17
C GLU B 25 -8.84 5.60 12.91
N GLU B 26 -7.95 5.35 13.87
CA GLU B 26 -6.56 5.76 13.75
C GLU B 26 -5.88 5.04 12.59
N ILE B 27 -6.00 3.72 12.57
CA ILE B 27 -5.40 2.91 11.51
C ILE B 27 -5.90 3.35 10.14
N SER B 28 -7.22 3.37 9.99
CA SER B 28 -7.83 3.77 8.71
C SER B 28 -7.40 5.18 8.32
N ALA B 29 -6.98 5.96 9.32
CA ALA B 29 -6.54 7.33 9.08
C ALA B 29 -5.09 7.37 8.61
N MET B 30 -4.51 6.19 8.42
CA MET B 30 -3.12 6.09 7.97
C MET B 30 -3.05 5.58 6.53
N PTR B 31 -4.18 5.60 5.85
CA PTR B 31 -4.24 5.13 4.45
C PTR B 31 -4.86 6.20 3.56
O PTR B 31 -5.50 7.15 4.00
CB PTR B 31 -4.99 3.77 4.44
CG PTR B 31 -4.29 2.62 5.16
CD1 PTR B 31 -4.09 2.66 6.55
CD2 PTR B 31 -3.82 1.51 4.43
CE1 PTR B 31 -3.42 1.62 7.19
CE2 PTR B 31 -3.16 0.47 5.09
CZ PTR B 31 -2.95 0.54 6.47
OH PTR B 31 -2.33 -0.52 7.11
P PTR B 31 -3.30 -1.76 7.52
O1P PTR B 31 -2.49 -2.85 8.24
O2P PTR B 31 -3.97 -2.34 6.28
O3P PTR B 31 -4.38 -1.24 8.48
H PTR B 31 -5.12 5.91 6.14
HA PTR B 31 -3.21 4.97 4.08
HB2 PTR B 31 -5.23 3.49 3.39
HB3 PTR B 31 -5.99 3.91 4.90
HD1 PTR B 31 -4.42 3.52 7.12
HD2 PTR B 31 -3.95 1.46 3.36
HE1 PTR B 31 -3.24 1.67 8.25
HE2 PTR B 31 -2.77 -0.37 4.54
N SER B 32 -4.63 6.03 2.26
CA SER B 32 -5.13 6.96 1.27
C SER B 32 -6.42 6.44 0.63
N SER B 33 -6.55 5.11 0.60
CA SER B 33 -7.72 4.47 0.01
C SER B 33 -7.80 4.75 -1.48
N VAL B 34 -8.46 3.84 -2.21
CA VAL B 34 -8.60 3.98 -3.66
C VAL B 34 -9.19 5.35 -4.02
N ASN B 35 -8.49 6.07 -4.89
CA ASN B 35 -8.94 7.39 -5.32
C ASN B 35 -8.79 7.55 -6.83
N LYS B 36 -9.70 6.96 -7.58
CA LYS B 36 -9.67 7.04 -9.03
C LYS B 36 -9.58 8.49 -9.50
N PRO B 37 -9.15 8.69 -10.75
CA PRO B 37 -9.00 10.02 -11.34
C PRO B 37 -10.36 10.68 -11.60
N GLY B 38 -10.63 11.77 -10.88
CA GLY B 38 -11.89 12.47 -11.04
C GLY B 38 -13.08 11.65 -10.60
N GLY A 1 6.60 -21.13 1.33
CA GLY A 1 5.54 -20.48 2.07
C GLY A 1 4.44 -19.94 1.18
N PRO A 2 4.75 -18.83 0.48
CA PRO A 2 3.80 -18.19 -0.42
C PRO A 2 3.53 -19.01 -1.68
N LEU A 3 2.81 -18.43 -2.63
CA LEU A 3 2.49 -19.11 -3.87
C LEU A 3 3.75 -19.63 -4.56
N GLY A 4 4.85 -18.92 -4.36
CA GLY A 4 6.11 -19.33 -4.96
C GLY A 4 6.51 -18.44 -6.12
N SER A 5 5.94 -17.23 -6.16
CA SER A 5 6.24 -16.29 -7.23
C SER A 5 5.66 -14.91 -6.92
N MET A 6 6.07 -14.34 -5.78
CA MET A 6 5.58 -13.04 -5.36
C MET A 6 6.71 -12.20 -4.76
N PRO A 7 7.61 -11.71 -5.63
CA PRO A 7 8.75 -10.89 -5.20
C PRO A 7 8.32 -9.52 -4.70
N TRP A 8 7.04 -9.20 -4.86
CA TRP A 8 6.51 -7.91 -4.43
C TRP A 8 5.77 -8.06 -3.10
N PHE A 9 5.19 -9.23 -2.88
CA PHE A 9 4.45 -9.50 -1.64
C PHE A 9 5.38 -10.06 -0.56
N HIS A 10 5.69 -9.24 0.42
CA HIS A 10 6.55 -9.65 1.53
C HIS A 10 5.76 -10.39 2.59
N GLY A 11 4.57 -9.89 2.90
CA GLY A 11 3.73 -10.52 3.90
C GLY A 11 4.47 -10.75 5.21
N LYS A 12 5.37 -9.82 5.55
CA LYS A 12 6.14 -9.93 6.78
C LYS A 12 7.11 -8.76 6.92
N ILE A 13 6.69 -7.60 6.44
CA ILE A 13 7.52 -6.41 6.51
C ILE A 13 7.06 -5.48 7.62
N THR A 14 8.02 -4.82 8.27
CA THR A 14 7.70 -3.90 9.37
C THR A 14 7.51 -2.48 8.85
N ARG A 15 6.80 -1.67 9.61
CA ARG A 15 6.53 -0.28 9.24
C ARG A 15 7.84 0.44 8.91
N GLU A 16 8.89 0.13 9.66
CA GLU A 16 10.19 0.75 9.45
C GLU A 16 10.89 0.15 8.25
N GLN A 17 10.65 -1.13 8.00
CA GLN A 17 11.26 -1.83 6.87
C GLN A 17 10.64 -1.39 5.55
N ALA A 18 9.34 -1.11 5.59
CA ALA A 18 8.63 -0.66 4.39
C ALA A 18 8.93 0.79 4.07
N GLU A 19 9.12 1.59 5.12
CA GLU A 19 9.43 3.02 4.94
C GLU A 19 10.76 3.20 4.23
N ARG A 20 11.80 2.56 4.75
CA ARG A 20 13.13 2.67 4.16
C ARG A 20 13.15 2.07 2.75
N LEU A 21 12.45 0.96 2.58
CA LEU A 21 12.37 0.29 1.28
C LEU A 21 11.92 1.26 0.20
N LEU A 22 10.95 2.10 0.54
CA LEU A 22 10.41 3.08 -0.41
C LEU A 22 11.05 4.45 -0.19
N TYR A 23 12.37 4.47 0.01
CA TYR A 23 13.09 5.71 0.23
C TYR A 23 13.11 6.56 -1.03
N PRO A 24 13.68 6.00 -2.12
CA PRO A 24 13.78 6.69 -3.41
C PRO A 24 12.42 6.84 -4.09
N PRO A 25 12.05 8.09 -4.40
CA PRO A 25 10.78 8.40 -5.06
C PRO A 25 10.74 7.92 -6.50
N GLU A 26 9.83 7.00 -6.79
CA GLU A 26 9.69 6.46 -8.13
C GLU A 26 8.27 5.95 -8.38
N THR A 27 7.54 6.62 -9.26
CA THR A 27 6.18 6.23 -9.58
C THR A 27 6.13 4.86 -10.23
N GLY A 28 5.57 3.88 -9.51
CA GLY A 28 5.47 2.54 -10.03
C GLY A 28 5.99 1.50 -9.06
N LEU A 29 6.56 1.95 -7.95
CA LEU A 29 7.10 1.06 -6.93
C LEU A 29 6.05 0.73 -5.89
N PHE A 30 5.64 -0.53 -5.84
CA PHE A 30 4.63 -0.99 -4.88
C PHE A 30 5.15 -2.16 -4.06
N LEU A 31 4.45 -2.47 -2.97
CA LEU A 31 4.84 -3.58 -2.10
C LEU A 31 3.69 -3.97 -1.18
N VAL A 32 3.50 -5.27 -1.00
CA VAL A 32 2.43 -5.78 -0.14
C VAL A 32 3.01 -6.41 1.12
N ARG A 33 2.50 -5.98 2.27
CA ARG A 33 2.96 -6.51 3.55
C ARG A 33 1.78 -6.76 4.49
N GLU A 34 1.89 -7.81 5.30
CA GLU A 34 0.84 -8.16 6.25
C GLU A 34 0.44 -6.96 7.09
N SER A 35 -0.85 -6.65 7.12
CA SER A 35 -1.36 -5.52 7.89
C SER A 35 -1.07 -5.70 9.38
N THR A 36 -0.21 -4.84 9.91
CA THR A 36 0.15 -4.91 11.33
C THR A 36 -1.02 -4.50 12.21
N ASN A 37 -1.56 -3.30 11.97
CA ASN A 37 -2.69 -2.81 12.75
C ASN A 37 -3.91 -3.68 12.55
N TYR A 38 -4.00 -4.29 11.37
CA TYR A 38 -5.15 -5.15 11.05
C TYR A 38 -4.68 -6.57 10.75
N PRO A 39 -4.75 -7.45 11.77
CA PRO A 39 -4.35 -8.85 11.65
C PRO A 39 -5.30 -9.65 10.76
N GLY A 40 -4.76 -10.19 9.67
CA GLY A 40 -5.58 -10.97 8.76
C GLY A 40 -5.74 -10.31 7.40
N ASP A 41 -5.35 -9.04 7.32
CA ASP A 41 -5.45 -8.29 6.06
C ASP A 41 -4.06 -7.92 5.54
N TYR A 42 -4.02 -7.21 4.43
CA TYR A 42 -2.77 -6.80 3.82
C TYR A 42 -2.79 -5.31 3.49
N THR A 43 -1.60 -4.74 3.32
CA THR A 43 -1.48 -3.32 2.98
C THR A 43 -0.49 -3.10 1.85
N LEU A 44 -0.91 -2.31 0.86
CA LEU A 44 -0.05 -2.02 -0.29
C LEU A 44 0.60 -0.65 -0.15
N CYS A 45 1.92 -0.62 -0.16
CA CYS A 45 2.66 0.64 -0.04
C CYS A 45 3.25 1.05 -1.38
N VAL A 46 2.95 2.27 -1.80
CA VAL A 46 3.45 2.79 -3.07
C VAL A 46 4.18 4.12 -2.87
N SER A 47 5.14 4.40 -3.75
CA SER A 47 5.90 5.63 -3.68
C SER A 47 5.42 6.65 -4.71
N CYS A 48 4.82 7.73 -4.22
CA CYS A 48 4.31 8.77 -5.10
C CYS A 48 4.98 10.11 -4.81
N GLU A 49 6.05 10.39 -5.54
CA GLU A 49 6.79 11.64 -5.36
C GLU A 49 7.46 11.68 -4.00
N GLY A 50 7.82 10.51 -3.48
CA GLY A 50 8.46 10.43 -2.18
C GLY A 50 7.50 10.10 -1.07
N LYS A 51 6.20 10.20 -1.36
CA LYS A 51 5.16 9.91 -0.38
C LYS A 51 4.79 8.42 -0.41
N VAL A 52 4.60 7.85 0.78
CA VAL A 52 4.24 6.44 0.90
C VAL A 52 2.74 6.27 1.12
N GLU A 53 2.03 5.86 0.08
CA GLU A 53 0.59 5.65 0.16
C GLU A 53 0.27 4.21 0.52
N HIS A 54 -0.46 4.03 1.62
CA HIS A 54 -0.84 2.70 2.07
C HIS A 54 -2.28 2.39 1.70
N TYR A 55 -2.48 1.28 0.99
CA TYR A 55 -3.82 0.87 0.56
C TYR A 55 -4.25 -0.40 1.29
N ARG A 56 -5.34 -0.29 2.04
CA ARG A 56 -5.87 -1.42 2.80
C ARG A 56 -6.42 -2.49 1.86
N ILE A 57 -6.09 -3.74 2.12
CA ILE A 57 -6.55 -4.86 1.29
C ILE A 57 -7.43 -5.80 2.10
N MET A 58 -8.72 -5.81 1.81
CA MET A 58 -9.67 -6.69 2.50
C MET A 58 -9.73 -8.05 1.83
N TYR A 59 -9.58 -9.10 2.63
CA TYR A 59 -9.62 -10.47 2.12
C TYR A 59 -10.84 -11.22 2.67
N HIS A 60 -11.89 -11.29 1.86
CA HIS A 60 -13.11 -11.98 2.27
C HIS A 60 -13.57 -12.95 1.18
N ALA A 61 -14.09 -14.10 1.60
CA ALA A 61 -14.57 -15.10 0.66
C ALA A 61 -13.48 -15.49 -0.34
N SER A 62 -12.24 -15.54 0.13
CA SER A 62 -11.11 -15.88 -0.72
C SER A 62 -10.96 -14.88 -1.86
N LYS A 63 -11.47 -13.67 -1.64
CA LYS A 63 -11.40 -12.61 -2.65
C LYS A 63 -10.84 -11.32 -2.04
N LEU A 64 -10.00 -10.64 -2.81
CA LEU A 64 -9.40 -9.39 -2.35
C LEU A 64 -10.11 -8.19 -2.97
N SER A 65 -10.08 -7.07 -2.26
CA SER A 65 -10.73 -5.85 -2.72
C SER A 65 -10.31 -4.65 -1.87
N ILE A 66 -10.12 -3.51 -2.52
CA ILE A 66 -9.73 -2.29 -1.82
C ILE A 66 -10.83 -1.23 -1.91
N ASP A 67 -11.43 -1.11 -3.09
CA ASP A 67 -12.50 -0.13 -3.31
C ASP A 67 -13.85 -0.72 -2.93
N GLU A 68 -13.85 -1.97 -2.51
CA GLU A 68 -15.09 -2.65 -2.12
C GLU A 68 -16.08 -2.69 -3.29
N GLU A 69 -15.55 -2.53 -4.50
CA GLU A 69 -16.38 -2.54 -5.70
C GLU A 69 -15.90 -3.61 -6.68
N VAL A 70 -14.58 -3.79 -6.75
CA VAL A 70 -13.99 -4.78 -7.64
C VAL A 70 -13.21 -5.83 -6.87
N TYR A 71 -13.80 -7.03 -6.75
CA TYR A 71 -13.17 -8.12 -6.04
C TYR A 71 -12.36 -8.99 -6.98
N PHE A 72 -11.34 -9.66 -6.44
CA PHE A 72 -10.48 -10.53 -7.22
C PHE A 72 -10.45 -11.94 -6.65
N GLU A 73 -9.79 -12.85 -7.35
CA GLU A 73 -9.69 -14.24 -6.91
C GLU A 73 -8.40 -14.46 -6.14
N ASN A 74 -7.45 -13.55 -6.31
CA ASN A 74 -6.15 -13.65 -5.63
C ASN A 74 -5.33 -12.39 -5.83
N LEU A 75 -4.37 -12.16 -4.94
CA LEU A 75 -3.51 -10.98 -5.03
C LEU A 75 -2.90 -10.86 -6.42
N MET A 76 -2.57 -11.99 -7.03
CA MET A 76 -1.99 -12.00 -8.36
C MET A 76 -2.84 -11.20 -9.34
N GLN A 77 -4.13 -11.48 -9.35
CA GLN A 77 -5.06 -10.79 -10.23
C GLN A 77 -5.20 -9.32 -9.84
N LEU A 78 -5.25 -9.06 -8.54
CA LEU A 78 -5.38 -7.71 -8.02
C LEU A 78 -4.27 -6.82 -8.56
N VAL A 79 -3.02 -7.27 -8.41
CA VAL A 79 -1.88 -6.51 -8.88
C VAL A 79 -1.96 -6.27 -10.39
N GLU A 80 -2.34 -7.30 -11.13
CA GLU A 80 -2.45 -7.21 -12.58
C GLU A 80 -3.37 -6.04 -12.98
N HIS A 81 -4.42 -5.83 -12.20
CA HIS A 81 -5.36 -4.76 -12.47
C HIS A 81 -4.75 -3.40 -12.14
N TYR A 82 -4.19 -3.28 -10.95
CA TYR A 82 -3.56 -2.04 -10.51
C TYR A 82 -2.32 -1.72 -11.34
N THR A 83 -1.85 -2.73 -12.08
CA THR A 83 -0.66 -2.57 -12.92
C THR A 83 -1.05 -2.08 -14.31
N THR A 84 -2.22 -2.48 -14.77
CA THR A 84 -2.71 -2.08 -16.09
C THR A 84 -3.30 -0.68 -16.06
N ASP A 85 -3.72 -0.25 -14.87
CA ASP A 85 -4.31 1.07 -14.70
C ASP A 85 -4.29 1.50 -13.23
N ALA A 86 -4.44 2.80 -12.99
CA ALA A 86 -4.44 3.32 -11.63
C ALA A 86 -5.42 2.56 -10.74
N ASP A 87 -6.68 2.53 -11.14
CA ASP A 87 -7.71 1.84 -10.38
C ASP A 87 -7.87 2.45 -9.00
N GLY A 88 -7.39 3.68 -8.84
CA GLY A 88 -7.49 4.35 -7.55
C GLY A 88 -6.14 4.54 -6.89
N LEU A 89 -5.08 4.13 -7.58
CA LEU A 89 -3.73 4.25 -7.04
C LEU A 89 -3.06 5.53 -7.54
N CYS A 90 -2.34 6.20 -6.65
CA CYS A 90 -1.65 7.43 -7.00
C CYS A 90 -0.78 7.24 -8.23
N THR A 91 -0.29 6.02 -8.43
CA THR A 91 0.55 5.70 -9.58
C THR A 91 0.49 4.22 -9.90
N ARG A 92 0.11 3.90 -11.13
CA ARG A 92 0.00 2.51 -11.58
C ARG A 92 1.31 1.76 -11.28
N LEU A 93 1.17 0.47 -10.99
CA LEU A 93 2.34 -0.36 -10.69
C LEU A 93 3.24 -0.51 -11.91
N ILE A 94 4.54 -0.34 -11.70
CA ILE A 94 5.50 -0.46 -12.79
C ILE A 94 6.61 -1.44 -12.43
N LYS A 95 7.22 -1.24 -11.26
CA LYS A 95 8.30 -2.11 -10.80
C LYS A 95 8.00 -2.65 -9.40
N PRO A 96 7.88 -3.98 -9.29
CA PRO A 96 7.61 -4.65 -8.02
C PRO A 96 8.78 -4.57 -7.05
N LYS A 97 8.48 -4.35 -5.78
CA LYS A 97 9.51 -4.26 -4.75
C LYS A 97 10.16 -5.62 -4.50
N VAL A 98 11.13 -5.97 -5.34
CA VAL A 98 11.82 -7.24 -5.20
C VAL A 98 12.62 -7.30 -3.90
N MET A 99 12.36 -8.34 -3.10
CA MET A 99 13.06 -8.52 -1.83
C MET A 99 14.56 -8.73 -2.05
N GLY B 1 6.69 37.05 -2.18
CA GLY B 1 5.54 36.17 -2.15
C GLY B 1 5.88 34.74 -2.54
N PRO B 2 4.96 33.81 -2.25
CA PRO B 2 5.15 32.40 -2.56
C PRO B 2 5.12 32.12 -4.06
N LEU B 3 5.59 30.94 -4.45
CA LEU B 3 5.61 30.56 -5.86
C LEU B 3 4.21 30.67 -6.48
N GLY B 4 3.20 30.29 -5.72
CA GLY B 4 1.83 30.36 -6.21
C GLY B 4 1.24 28.98 -6.46
N SER B 5 1.83 27.97 -5.84
CA SER B 5 1.35 26.60 -6.02
C SER B 5 1.88 25.70 -4.89
N LYS B 6 1.13 24.65 -4.58
CA LYS B 6 1.52 23.71 -3.53
C LYS B 6 0.82 22.36 -3.71
N ARG B 7 1.57 21.28 -3.53
CA ARG B 7 1.02 19.94 -3.69
C ARG B 7 2.01 18.90 -3.17
N PHE B 8 1.86 18.53 -1.91
CA PHE B 8 2.74 17.53 -1.30
C PHE B 8 2.25 17.16 0.10
N SER B 9 1.66 15.97 0.21
CA SER B 9 1.14 15.49 1.49
C SER B 9 2.00 14.35 2.03
N SER B 10 2.67 14.59 3.15
CA SER B 10 3.53 13.60 3.76
C SER B 10 2.74 12.35 4.13
N LEU B 11 3.39 11.42 4.81
CA LEU B 11 2.74 10.17 5.23
C LEU B 11 3.56 9.47 6.29
N SER B 12 3.02 9.38 7.50
CA SER B 12 3.70 8.73 8.61
C SER B 12 2.87 7.57 9.14
N TYR B 13 3.07 6.39 8.56
CA TYR B 13 2.35 5.20 8.98
C TYR B 13 2.88 4.67 10.31
N LYS B 14 2.01 4.05 11.09
CA LYS B 14 2.40 3.49 12.37
C LYS B 14 1.66 2.18 12.65
N SER B 15 2.41 1.14 13.01
CA SER B 15 1.83 -0.16 13.29
C SER B 15 1.49 -0.30 14.77
N ARG B 16 0.66 -1.28 15.09
CA ARG B 16 0.27 -1.52 16.47
C ARG B 16 1.47 -1.91 17.33
N GLU B 17 2.56 -2.28 16.67
CA GLU B 17 3.78 -2.68 17.37
C GLU B 17 4.41 -1.50 18.09
N GLU B 18 4.35 -0.33 17.46
CA GLU B 18 4.91 0.89 18.04
C GLU B 18 3.84 1.72 18.72
N ASP B 19 2.59 1.45 18.39
CA ASP B 19 1.45 2.17 18.97
C ASP B 19 0.21 1.30 18.99
N PRO B 20 0.15 0.37 19.98
CA PRO B 20 -0.98 -0.54 20.14
C PRO B 20 -2.24 0.18 20.61
N THR B 21 -2.11 1.47 20.92
CA THR B 21 -3.23 2.26 21.39
C THR B 21 -3.91 2.99 20.22
N LEU B 22 -3.81 2.40 19.03
CA LEU B 22 -4.41 3.00 17.84
C LEU B 22 -5.72 2.28 17.48
N THR B 23 -6.73 3.07 17.14
CA THR B 23 -8.04 2.52 16.77
C THR B 23 -8.27 2.61 15.27
N GLU B 24 -9.36 2.01 14.81
CA GLU B 24 -9.71 2.02 13.39
C GLU B 24 -9.62 3.43 12.83
N GLU B 25 -10.03 4.41 13.62
CA GLU B 25 -10.00 5.80 13.19
C GLU B 25 -8.58 6.24 12.87
N GLU B 26 -7.67 6.04 13.82
CA GLU B 26 -6.28 6.42 13.66
C GLU B 26 -5.64 5.64 12.51
N ILE B 27 -5.77 4.31 12.56
CA ILE B 27 -5.20 3.45 11.53
C ILE B 27 -5.72 3.84 10.15
N SER B 28 -7.04 3.89 10.01
CA SER B 28 -7.66 4.24 8.74
C SER B 28 -7.20 5.63 8.28
N ALA B 29 -6.74 6.43 9.23
CA ALA B 29 -6.28 7.78 8.92
C ALA B 29 -4.84 7.76 8.41
N MET B 30 -4.30 6.57 8.25
CA MET B 30 -2.93 6.41 7.75
C MET B 30 -2.91 5.72 6.39
N PTR B 31 -4.07 5.64 5.76
CA PTR B 31 -4.18 5.00 4.44
C PTR B 31 -4.36 6.05 3.35
O PTR B 31 -4.42 7.26 3.60
CB PTR B 31 -5.32 3.96 4.51
CG PTR B 31 -4.94 2.60 5.12
CD1 PTR B 31 -4.99 2.41 6.52
CD2 PTR B 31 -4.51 1.55 4.31
CE1 PTR B 31 -4.63 1.19 7.07
CE2 PTR B 31 -4.14 0.33 4.87
CZ PTR B 31 -4.19 0.15 6.25
OH PTR B 31 -3.86 -1.07 6.80
P PTR B 31 -2.60 -1.08 7.83
O1P PTR B 31 -2.35 -2.49 8.36
O2P PTR B 31 -2.86 -0.13 9.01
O3P PTR B 31 -1.35 -0.60 7.07
H PTR B 31 -4.99 5.99 6.05
HA PTR B 31 -3.22 4.48 4.21
HB2 PTR B 31 -5.76 3.81 3.51
HB3 PTR B 31 -6.16 4.36 5.11
HD1 PTR B 31 -5.29 3.21 7.17
HD2 PTR B 31 -4.44 1.67 3.24
HE1 PTR B 31 -4.64 1.04 8.14
HE2 PTR B 31 -3.79 -0.48 4.25
N SER B 32 -4.43 5.55 2.12
CA SER B 32 -4.61 6.42 0.96
C SER B 32 -6.00 6.27 0.37
N SER B 33 -6.50 5.03 0.36
CA SER B 33 -7.83 4.76 -0.18
C SER B 33 -7.86 4.99 -1.69
N VAL B 34 -8.41 4.03 -2.42
CA VAL B 34 -8.52 4.13 -3.87
C VAL B 34 -9.16 5.44 -4.29
N ASN B 35 -8.47 6.19 -5.14
CA ASN B 35 -8.98 7.48 -5.62
C ASN B 35 -8.89 7.56 -7.15
N LYS B 36 -9.81 6.88 -7.82
CA LYS B 36 -9.84 6.88 -9.28
C LYS B 36 -9.97 8.30 -9.82
N PRO B 37 -9.61 8.48 -11.10
CA PRO B 37 -9.68 9.79 -11.76
C PRO B 37 -11.12 10.25 -12.00
N GLY B 38 -11.53 11.29 -11.30
CA GLY B 38 -12.87 11.80 -11.45
C GLY B 38 -12.90 13.32 -11.60
N GLY A 1 4.42 -21.30 -4.67
CA GLY A 1 3.79 -20.86 -3.43
C GLY A 1 3.40 -19.40 -3.47
N PRO A 2 3.03 -18.86 -2.30
CA PRO A 2 2.62 -17.46 -2.17
C PRO A 2 3.79 -16.50 -2.34
N LEU A 3 5.00 -17.01 -2.16
CA LEU A 3 6.20 -16.21 -2.30
C LEU A 3 7.06 -16.70 -3.47
N GLY A 4 6.89 -17.96 -3.83
CA GLY A 4 7.65 -18.52 -4.93
C GLY A 4 7.58 -17.67 -6.19
N SER A 5 6.40 -17.09 -6.43
CA SER A 5 6.20 -16.26 -7.61
C SER A 5 5.58 -14.91 -7.23
N MET A 6 6.11 -14.30 -6.17
CA MET A 6 5.61 -13.02 -5.70
C MET A 6 6.72 -12.22 -5.00
N PRO A 7 7.65 -11.69 -5.80
CA PRO A 7 8.77 -10.90 -5.27
C PRO A 7 8.32 -9.56 -4.70
N TRP A 8 7.05 -9.23 -4.91
CA TRP A 8 6.50 -7.97 -4.42
C TRP A 8 5.73 -8.18 -3.12
N PHE A 9 5.14 -9.36 -2.98
CA PHE A 9 4.37 -9.69 -1.78
C PHE A 9 5.28 -10.21 -0.67
N HIS A 10 5.62 -9.33 0.26
CA HIS A 10 6.48 -9.70 1.38
C HIS A 10 5.72 -10.52 2.41
N GLY A 11 4.45 -10.18 2.62
CA GLY A 11 3.64 -10.89 3.57
C GLY A 11 4.23 -10.88 4.97
N LYS A 12 5.13 -9.93 5.22
CA LYS A 12 5.77 -9.81 6.52
C LYS A 12 6.77 -8.66 6.53
N ILE A 13 6.25 -7.44 6.71
CA ILE A 13 7.10 -6.25 6.73
C ILE A 13 6.55 -5.21 7.71
N THR A 14 7.45 -4.50 8.37
CA THR A 14 7.07 -3.47 9.33
C THR A 14 7.15 -2.08 8.72
N ARG A 15 6.76 -1.08 9.50
CA ARG A 15 6.80 0.31 9.03
C ARG A 15 8.22 0.75 8.75
N GLU A 16 9.14 0.36 9.62
CA GLU A 16 10.55 0.72 9.45
C GLU A 16 11.14 0.06 8.22
N GLN A 17 10.72 -1.18 7.97
CA GLN A 17 11.22 -1.93 6.81
C GLN A 17 10.59 -1.42 5.52
N ALA A 18 9.30 -1.10 5.57
CA ALA A 18 8.59 -0.59 4.40
C ALA A 18 8.99 0.84 4.10
N GLU A 19 9.29 1.61 5.14
CA GLU A 19 9.68 3.01 4.98
C GLU A 19 11.01 3.10 4.24
N ARG A 20 12.02 2.40 4.75
CA ARG A 20 13.35 2.41 4.14
C ARG A 20 13.31 1.81 2.74
N LEU A 21 12.47 0.80 2.56
CA LEU A 21 12.33 0.13 1.27
C LEU A 21 11.85 1.11 0.20
N LEU A 22 10.99 2.04 0.60
CA LEU A 22 10.45 3.04 -0.32
C LEU A 22 11.08 4.40 -0.07
N TYR A 23 12.40 4.41 0.12
CA TYR A 23 13.13 5.65 0.35
C TYR A 23 13.15 6.52 -0.89
N PRO A 24 13.74 5.97 -1.97
CA PRO A 24 13.84 6.69 -3.25
C PRO A 24 12.49 6.85 -3.93
N PRO A 25 12.12 8.10 -4.24
CA PRO A 25 10.86 8.42 -4.90
C PRO A 25 10.82 7.97 -6.35
N GLU A 26 9.91 7.05 -6.66
CA GLU A 26 9.78 6.53 -8.01
C GLU A 26 8.36 6.02 -8.27
N THR A 27 7.63 6.74 -9.12
CA THR A 27 6.25 6.36 -9.44
C THR A 27 6.20 4.99 -10.11
N GLY A 28 5.64 4.01 -9.42
CA GLY A 28 5.55 2.67 -9.96
C GLY A 28 6.05 1.62 -9.00
N LEU A 29 6.64 2.06 -7.89
CA LEU A 29 7.18 1.14 -6.89
C LEU A 29 6.11 0.80 -5.85
N PHE A 30 5.67 -0.44 -5.84
CA PHE A 30 4.67 -0.90 -4.89
C PHE A 30 5.18 -2.09 -4.08
N LEU A 31 4.46 -2.43 -3.01
CA LEU A 31 4.84 -3.54 -2.15
C LEU A 31 3.67 -3.97 -1.28
N VAL A 32 3.48 -5.28 -1.15
CA VAL A 32 2.40 -5.83 -0.33
C VAL A 32 2.95 -6.51 0.92
N ARG A 33 2.32 -6.23 2.05
CA ARG A 33 2.75 -6.82 3.32
C ARG A 33 1.56 -7.01 4.26
N GLU A 34 1.54 -8.13 4.97
CA GLU A 34 0.46 -8.43 5.90
C GLU A 34 0.22 -7.25 6.85
N SER A 35 -1.02 -6.77 6.87
CA SER A 35 -1.38 -5.65 7.72
C SER A 35 -1.03 -5.93 9.18
N THR A 36 -0.17 -5.11 9.75
CA THR A 36 0.25 -5.28 11.14
C THR A 36 -0.89 -4.94 12.10
N ASN A 37 -1.42 -3.73 11.97
CA ASN A 37 -2.52 -3.29 12.83
C ASN A 37 -3.76 -4.15 12.61
N TYR A 38 -4.05 -4.44 11.35
CA TYR A 38 -5.22 -5.25 11.00
C TYR A 38 -4.79 -6.66 10.58
N PRO A 39 -4.84 -7.60 11.54
CA PRO A 39 -4.47 -8.99 11.28
C PRO A 39 -5.48 -9.71 10.39
N GLY A 40 -5.00 -10.23 9.26
CA GLY A 40 -5.87 -10.94 8.34
C GLY A 40 -6.02 -10.21 7.02
N ASP A 41 -5.52 -8.98 6.95
CA ASP A 41 -5.60 -8.18 5.73
C ASP A 41 -4.21 -7.84 5.22
N TYR A 42 -4.16 -7.16 4.08
CA TYR A 42 -2.89 -6.77 3.48
C TYR A 42 -2.84 -5.27 3.24
N THR A 43 -1.62 -4.73 3.12
CA THR A 43 -1.43 -3.31 2.90
C THR A 43 -0.45 -3.06 1.76
N LEU A 44 -0.91 -2.34 0.73
CA LEU A 44 -0.07 -2.03 -0.41
C LEU A 44 0.59 -0.66 -0.26
N CYS A 45 1.91 -0.65 -0.19
CA CYS A 45 2.65 0.60 -0.04
C CYS A 45 3.26 1.03 -1.37
N VAL A 46 2.97 2.26 -1.78
CA VAL A 46 3.48 2.79 -3.03
C VAL A 46 4.22 4.12 -2.81
N SER A 47 5.19 4.40 -3.67
CA SER A 47 5.96 5.64 -3.57
C SER A 47 5.49 6.66 -4.60
N CYS A 48 4.88 7.74 -4.11
CA CYS A 48 4.38 8.79 -4.99
C CYS A 48 5.04 10.13 -4.66
N GLU A 49 6.12 10.44 -5.38
CA GLU A 49 6.84 11.68 -5.17
C GLU A 49 7.51 11.70 -3.80
N GLY A 50 7.87 10.51 -3.31
CA GLY A 50 8.51 10.41 -2.01
C GLY A 50 7.54 10.06 -0.91
N LYS A 51 6.24 10.18 -1.20
CA LYS A 51 5.21 9.86 -0.22
C LYS A 51 4.83 8.39 -0.28
N VAL A 52 4.62 7.78 0.89
CA VAL A 52 4.25 6.37 0.97
C VAL A 52 2.76 6.21 1.15
N GLU A 53 2.06 5.92 0.06
CA GLU A 53 0.61 5.73 0.10
C GLU A 53 0.25 4.29 0.45
N HIS A 54 -0.53 4.13 1.52
CA HIS A 54 -0.94 2.80 1.95
C HIS A 54 -2.37 2.50 1.51
N TYR A 55 -2.55 1.37 0.85
CA TYR A 55 -3.87 0.96 0.37
C TYR A 55 -4.36 -0.29 1.09
N ARG A 56 -5.32 -0.10 2.00
CA ARG A 56 -5.87 -1.21 2.76
C ARG A 56 -6.45 -2.27 1.83
N ILE A 57 -6.19 -3.54 2.14
CA ILE A 57 -6.68 -4.65 1.33
C ILE A 57 -7.61 -5.54 2.15
N MET A 58 -8.92 -5.46 1.85
CA MET A 58 -9.91 -6.26 2.56
C MET A 58 -9.87 -7.71 2.07
N TYR A 59 -9.75 -8.64 3.01
CA TYR A 59 -9.69 -10.07 2.67
C TYR A 59 -10.92 -10.79 3.22
N HIS A 60 -11.75 -11.29 2.32
CA HIS A 60 -12.95 -12.02 2.71
C HIS A 60 -13.31 -13.08 1.67
N ALA A 61 -13.72 -14.26 2.16
CA ALA A 61 -14.08 -15.36 1.28
C ALA A 61 -12.97 -15.66 0.28
N SER A 62 -11.72 -15.52 0.73
CA SER A 62 -10.57 -15.78 -0.12
C SER A 62 -10.54 -14.80 -1.30
N LYS A 63 -11.10 -13.62 -1.10
CA LYS A 63 -11.13 -12.60 -2.13
C LYS A 63 -10.61 -11.27 -1.61
N LEU A 64 -9.83 -10.57 -2.44
CA LEU A 64 -9.28 -9.28 -2.06
C LEU A 64 -10.01 -8.14 -2.75
N SER A 65 -10.10 -6.99 -2.07
CA SER A 65 -10.79 -5.83 -2.62
C SER A 65 -10.43 -4.57 -1.83
N ILE A 66 -10.22 -3.47 -2.55
CA ILE A 66 -9.87 -2.21 -1.91
C ILE A 66 -10.97 -1.17 -2.14
N ASP A 67 -11.51 -1.13 -3.35
CA ASP A 67 -12.56 -0.19 -3.70
C ASP A 67 -13.93 -0.72 -3.26
N GLU A 68 -13.95 -1.97 -2.81
CA GLU A 68 -15.21 -2.59 -2.37
C GLU A 68 -16.20 -2.68 -3.51
N GLU A 69 -15.70 -2.52 -4.74
CA GLU A 69 -16.55 -2.59 -5.92
C GLU A 69 -16.05 -3.64 -6.90
N VAL A 70 -14.85 -4.16 -6.64
CA VAL A 70 -14.26 -5.18 -7.49
C VAL A 70 -13.47 -6.19 -6.66
N TYR A 71 -14.05 -7.37 -6.48
CA TYR A 71 -13.40 -8.42 -5.71
C TYR A 71 -12.59 -9.34 -6.62
N PHE A 72 -11.45 -9.82 -6.11
CA PHE A 72 -10.58 -10.71 -6.87
C PHE A 72 -10.52 -12.09 -6.22
N GLU A 73 -9.84 -13.02 -6.89
CA GLU A 73 -9.69 -14.37 -6.37
C GLU A 73 -8.33 -14.56 -5.70
N ASN A 74 -7.43 -13.63 -5.94
CA ASN A 74 -6.09 -13.69 -5.36
C ASN A 74 -5.35 -12.38 -5.56
N LEU A 75 -4.18 -12.25 -4.93
CA LEU A 75 -3.38 -11.05 -5.03
C LEU A 75 -2.70 -10.96 -6.39
N MET A 76 -2.52 -12.10 -7.04
CA MET A 76 -1.90 -12.15 -8.35
C MET A 76 -2.68 -11.33 -9.36
N GLN A 77 -3.96 -11.66 -9.52
CA GLN A 77 -4.83 -10.95 -10.45
C GLN A 77 -5.08 -9.52 -9.99
N LEU A 78 -5.20 -9.34 -8.67
CA LEU A 78 -5.44 -8.03 -8.10
C LEU A 78 -4.37 -7.04 -8.54
N VAL A 79 -3.11 -7.40 -8.34
CA VAL A 79 -1.99 -6.54 -8.72
C VAL A 79 -1.97 -6.32 -10.23
N GLU A 80 -2.33 -7.35 -10.98
CA GLU A 80 -2.35 -7.25 -12.44
C GLU A 80 -3.22 -6.09 -12.90
N HIS A 81 -4.34 -5.88 -12.22
CA HIS A 81 -5.26 -4.79 -12.55
C HIS A 81 -4.66 -3.45 -12.16
N TYR A 82 -4.21 -3.35 -10.91
CA TYR A 82 -3.63 -2.11 -10.42
C TYR A 82 -2.37 -1.74 -11.20
N THR A 83 -1.75 -2.74 -11.83
CA THR A 83 -0.55 -2.53 -12.62
C THR A 83 -0.89 -2.11 -14.04
N THR A 84 -2.06 -2.53 -14.51
CA THR A 84 -2.49 -2.19 -15.87
C THR A 84 -3.04 -0.78 -15.93
N ASP A 85 -3.50 -0.27 -14.79
CA ASP A 85 -4.05 1.08 -14.72
C ASP A 85 -4.12 1.56 -13.28
N ALA A 86 -4.32 2.87 -13.10
CA ALA A 86 -4.41 3.45 -11.77
C ALA A 86 -5.41 2.71 -10.90
N ASP A 87 -6.66 2.63 -11.37
CA ASP A 87 -7.72 1.95 -10.63
C ASP A 87 -7.89 2.56 -9.25
N GLY A 88 -7.44 3.80 -9.08
CA GLY A 88 -7.56 4.46 -7.79
C GLY A 88 -6.22 4.58 -7.08
N LEU A 89 -5.13 4.38 -7.81
CA LEU A 89 -3.80 4.47 -7.24
C LEU A 89 -3.09 5.74 -7.69
N CYS A 90 -2.36 6.36 -6.76
CA CYS A 90 -1.63 7.58 -7.06
C CYS A 90 -0.76 7.41 -8.30
N THR A 91 -0.31 6.19 -8.53
CA THR A 91 0.53 5.89 -9.69
C THR A 91 0.51 4.40 -10.02
N ARG A 92 0.14 4.08 -11.26
CA ARG A 92 0.06 2.70 -11.70
C ARG A 92 1.36 1.96 -11.39
N LEU A 93 1.25 0.68 -11.07
CA LEU A 93 2.42 -0.14 -10.75
C LEU A 93 3.34 -0.28 -11.97
N ILE A 94 4.64 -0.15 -11.74
CA ILE A 94 5.61 -0.27 -12.80
C ILE A 94 6.70 -1.29 -12.46
N LYS A 95 7.28 -1.14 -11.28
CA LYS A 95 8.32 -2.05 -10.82
C LYS A 95 8.01 -2.57 -9.42
N PRO A 96 7.88 -3.90 -9.30
CA PRO A 96 7.59 -4.56 -8.02
C PRO A 96 8.76 -4.50 -7.05
N LYS A 97 8.47 -4.27 -5.78
CA LYS A 97 9.50 -4.20 -4.75
C LYS A 97 10.12 -5.57 -4.49
N VAL A 98 11.08 -5.95 -5.33
CA VAL A 98 11.74 -7.23 -5.20
C VAL A 98 12.54 -7.30 -3.90
N MET A 99 12.32 -8.37 -3.13
CA MET A 99 13.03 -8.55 -1.86
C MET A 99 14.03 -9.70 -1.96
N GLY B 1 8.01 33.12 -8.91
CA GLY B 1 6.93 33.02 -7.94
C GLY B 1 7.38 33.37 -6.54
N PRO B 2 6.40 33.56 -5.63
CA PRO B 2 6.68 33.91 -4.23
C PRO B 2 7.32 32.75 -3.47
N LEU B 3 8.42 33.04 -2.78
CA LEU B 3 9.12 32.03 -2.00
C LEU B 3 9.81 31.02 -2.92
N GLY B 4 9.01 30.18 -3.57
CA GLY B 4 9.56 29.19 -4.47
C GLY B 4 9.78 27.85 -3.79
N SER B 5 9.11 27.65 -2.66
CA SER B 5 9.25 26.41 -1.90
C SER B 5 8.07 25.49 -2.15
N LYS B 6 8.33 24.19 -2.22
CA LYS B 6 7.29 23.20 -2.44
C LYS B 6 7.64 21.87 -1.80
N ARG B 7 6.64 21.02 -1.58
CA ARG B 7 6.84 19.72 -0.97
C ARG B 7 5.65 18.81 -1.21
N PHE B 8 5.92 17.52 -1.35
CA PHE B 8 4.86 16.54 -1.58
C PHE B 8 5.22 15.20 -0.95
N SER B 9 4.89 15.04 0.33
CA SER B 9 5.18 13.81 1.05
C SER B 9 4.69 13.91 2.50
N SER B 10 3.38 13.90 2.68
CA SER B 10 2.79 13.99 4.01
C SER B 10 2.03 12.70 4.35
N LEU B 11 2.77 11.68 4.75
CA LEU B 11 2.17 10.39 5.11
C LEU B 11 2.91 9.76 6.28
N SER B 12 2.20 9.56 7.39
CA SER B 12 2.78 8.97 8.58
C SER B 12 2.01 7.73 9.00
N TYR B 13 2.39 6.58 8.45
CA TYR B 13 1.72 5.32 8.77
C TYR B 13 2.15 4.81 10.14
N LYS B 14 1.25 4.11 10.81
CA LYS B 14 1.54 3.57 12.14
C LYS B 14 0.61 2.40 12.45
N SER B 15 1.20 1.28 12.89
CA SER B 15 0.42 0.09 13.22
C SER B 15 0.29 -0.06 14.73
N ARG B 16 -0.48 -1.07 15.16
CA ARG B 16 -0.69 -1.32 16.57
C ARG B 16 0.62 -1.71 17.25
N GLU B 17 1.62 -2.08 16.44
CA GLU B 17 2.92 -2.47 16.96
C GLU B 17 3.59 -1.32 17.70
N GLU B 18 3.49 -0.13 17.13
CA GLU B 18 4.08 1.06 17.74
C GLU B 18 3.02 1.93 18.40
N ASP B 19 1.76 1.60 18.14
CA ASP B 19 0.65 2.36 18.70
C ASP B 19 -0.63 1.52 18.71
N PRO B 20 -0.73 0.61 19.70
CA PRO B 20 -1.89 -0.28 19.85
C PRO B 20 -3.14 0.48 20.28
N THR B 21 -2.98 1.76 20.58
CA THR B 21 -4.09 2.59 21.01
C THR B 21 -4.72 3.32 19.84
N LEU B 22 -4.61 2.74 18.65
CA LEU B 22 -5.17 3.32 17.44
C LEU B 22 -6.44 2.58 17.02
N THR B 23 -7.45 3.35 16.61
CA THR B 23 -8.71 2.76 16.16
C THR B 23 -8.83 2.79 14.64
N GLU B 24 -9.89 2.16 14.13
CA GLU B 24 -10.12 2.12 12.69
C GLU B 24 -10.03 3.51 12.08
N GLU B 25 -10.44 4.52 12.86
CA GLU B 25 -10.40 5.90 12.38
C GLU B 25 -8.97 6.36 12.17
N GLU B 26 -8.11 6.10 13.16
CA GLU B 26 -6.71 6.50 13.07
C GLU B 26 -5.99 5.71 11.99
N ILE B 27 -6.10 4.39 12.05
CA ILE B 27 -5.46 3.52 11.07
C ILE B 27 -5.87 3.88 9.66
N SER B 28 -7.18 4.07 9.45
CA SER B 28 -7.72 4.41 8.15
C SER B 28 -7.37 5.85 7.78
N ALA B 29 -6.99 6.64 8.79
CA ALA B 29 -6.63 8.03 8.58
C ALA B 29 -5.19 8.17 8.11
N MET B 30 -4.53 7.03 7.91
CA MET B 30 -3.15 7.02 7.45
C MET B 30 -3.03 6.38 6.08
N PTR B 31 -4.17 6.22 5.40
CA PTR B 31 -4.18 5.61 4.05
C PTR B 31 -4.70 6.61 3.04
O PTR B 31 -5.26 7.66 3.35
CB PTR B 31 -4.99 4.30 4.14
CG PTR B 31 -4.30 3.13 4.88
CD1 PTR B 31 -3.89 3.29 6.20
CD2 PTR B 31 -4.06 1.92 4.21
CE1 PTR B 31 -3.24 2.24 6.86
CE2 PTR B 31 -3.41 0.89 4.88
CZ PTR B 31 -2.99 1.04 6.19
OH PTR B 31 -2.39 -0.01 6.86
P PTR B 31 -3.37 -1.24 7.27
O1P PTR B 31 -2.57 -2.33 7.99
O2P PTR B 31 -4.03 -1.83 6.01
O3P PTR B 31 -4.45 -0.71 8.21
H PTR B 31 -5.12 6.47 5.69
HA PTR B 31 -3.13 5.38 3.76
HB2 PTR B 31 -5.31 3.98 3.13
HB3 PTR B 31 -5.95 4.50 4.66
HD1 PTR B 31 -4.04 4.22 6.73
HD2 PTR B 31 -4.35 1.80 3.18
HE1 PTR B 31 -2.89 2.35 7.89
HE2 PTR B 31 -3.19 -0.04 4.37
N SER B 32 -4.50 6.26 1.78
CA SER B 32 -4.93 7.09 0.66
C SER B 32 -6.27 6.62 0.11
N SER B 33 -6.47 5.31 0.13
CA SER B 33 -7.71 4.72 -0.38
C SER B 33 -7.85 4.95 -1.88
N VAL B 34 -8.54 4.03 -2.55
CA VAL B 34 -8.74 4.13 -3.99
C VAL B 34 -9.30 5.49 -4.37
N ASN B 35 -8.58 6.20 -5.24
CA ASN B 35 -9.01 7.51 -5.69
C ASN B 35 -8.85 7.65 -7.21
N LYS B 36 -9.78 7.05 -7.95
CA LYS B 36 -9.75 7.10 -9.40
C LYS B 36 -9.71 8.55 -9.89
N PRO B 37 -9.28 8.73 -11.14
CA PRO B 37 -9.19 10.06 -11.76
C PRO B 37 -10.57 10.67 -12.04
N GLY B 38 -10.89 11.75 -11.32
CA GLY B 38 -12.16 12.41 -11.50
C GLY B 38 -12.25 13.16 -12.81
N GLY A 1 9.58 -18.04 -3.41
CA GLY A 1 10.08 -18.78 -2.26
C GLY A 1 8.96 -19.21 -1.33
N PRO A 2 8.42 -18.25 -0.57
CA PRO A 2 7.33 -18.51 0.38
C PRO A 2 6.02 -18.83 -0.32
N LEU A 3 5.68 -18.04 -1.34
CA LEU A 3 4.45 -18.24 -2.09
C LEU A 3 4.74 -18.83 -3.46
N GLY A 4 5.94 -18.58 -3.97
CA GLY A 4 6.32 -19.11 -5.27
C GLY A 4 7.05 -18.08 -6.11
N SER A 5 6.32 -17.09 -6.60
CA SER A 5 6.90 -16.04 -7.44
C SER A 5 6.32 -14.68 -7.09
N MET A 6 6.52 -14.25 -5.84
CA MET A 6 6.02 -12.97 -5.38
C MET A 6 7.12 -12.17 -4.68
N PRO A 7 8.05 -11.63 -5.48
CA PRO A 7 9.17 -10.84 -4.96
C PRO A 7 8.72 -9.49 -4.41
N TRP A 8 7.46 -9.17 -4.61
CA TRP A 8 6.90 -7.91 -4.13
C TRP A 8 6.07 -8.12 -2.87
N PHE A 9 5.49 -9.31 -2.74
CA PHE A 9 4.67 -9.63 -1.57
C PHE A 9 5.54 -10.16 -0.44
N HIS A 10 5.85 -9.28 0.52
CA HIS A 10 6.67 -9.64 1.66
C HIS A 10 5.87 -10.47 2.66
N GLY A 11 4.60 -10.11 2.85
CA GLY A 11 3.75 -10.83 3.78
C GLY A 11 4.31 -10.83 5.18
N LYS A 12 5.20 -9.89 5.47
CA LYS A 12 5.81 -9.79 6.80
C LYS A 12 6.79 -8.63 6.86
N ILE A 13 6.28 -7.41 6.75
CA ILE A 13 7.12 -6.22 6.78
C ILE A 13 6.58 -5.20 7.80
N THR A 14 7.49 -4.50 8.46
CA THR A 14 7.11 -3.50 9.44
C THR A 14 7.07 -2.10 8.82
N ARG A 15 6.66 -1.12 9.62
CA ARG A 15 6.58 0.27 9.15
C ARG A 15 7.97 0.81 8.83
N GLU A 16 8.95 0.45 9.65
CA GLU A 16 10.32 0.91 9.46
C GLU A 16 10.98 0.17 8.29
N GLN A 17 10.61 -1.09 8.12
CA GLN A 17 11.17 -1.90 7.04
C GLN A 17 10.60 -1.48 5.69
N ALA A 18 9.30 -1.21 5.66
CA ALA A 18 8.63 -0.80 4.43
C ALA A 18 8.97 0.65 4.09
N GLU A 19 9.13 1.48 5.12
CA GLU A 19 9.45 2.88 4.93
C GLU A 19 10.78 3.04 4.20
N ARG A 20 11.82 2.41 4.75
CA ARG A 20 13.15 2.49 4.16
C ARG A 20 13.17 1.85 2.77
N LEU A 21 12.45 0.75 2.62
CA LEU A 21 12.38 0.05 1.35
C LEU A 21 11.94 0.99 0.23
N LEU A 22 11.00 1.87 0.54
CA LEU A 22 10.49 2.83 -0.44
C LEU A 22 11.11 4.21 -0.23
N TYR A 23 12.43 4.23 0.01
CA TYR A 23 13.14 5.48 0.22
C TYR A 23 13.16 6.32 -1.05
N PRO A 24 13.73 5.76 -2.13
CA PRO A 24 13.82 6.44 -3.42
C PRO A 24 12.47 6.59 -4.10
N PRO A 25 12.09 7.84 -4.40
CA PRO A 25 10.81 8.15 -5.07
C PRO A 25 10.78 7.67 -6.51
N GLU A 26 9.84 6.77 -6.81
CA GLU A 26 9.70 6.24 -8.16
C GLU A 26 8.28 5.74 -8.41
N THR A 27 7.55 6.47 -9.24
CA THR A 27 6.17 6.11 -9.55
C THR A 27 6.10 4.74 -10.22
N GLY A 28 5.43 3.81 -9.56
CA GLY A 28 5.30 2.46 -10.09
C GLY A 28 5.81 1.40 -9.14
N LEU A 29 6.41 1.84 -8.04
CA LEU A 29 6.95 0.92 -7.04
C LEU A 29 5.90 0.60 -5.98
N PHE A 30 5.49 -0.67 -5.91
CA PHE A 30 4.50 -1.10 -4.93
C PHE A 30 5.01 -2.30 -4.14
N LEU A 31 4.36 -2.57 -3.01
CA LEU A 31 4.73 -3.70 -2.17
C LEU A 31 3.60 -4.07 -1.22
N VAL A 32 3.33 -5.36 -1.11
CA VAL A 32 2.27 -5.86 -0.24
C VAL A 32 2.86 -6.59 0.97
N ARG A 33 2.30 -6.32 2.14
CA ARG A 33 2.76 -6.95 3.37
C ARG A 33 1.62 -7.14 4.36
N GLU A 34 1.65 -8.25 5.09
CA GLU A 34 0.60 -8.54 6.06
C GLU A 34 0.37 -7.37 7.00
N SER A 35 -0.87 -6.90 7.07
CA SER A 35 -1.23 -5.77 7.92
C SER A 35 -0.86 -6.05 9.37
N THR A 36 0.06 -5.27 9.90
CA THR A 36 0.51 -5.43 11.29
C THR A 36 -0.59 -5.04 12.27
N ASN A 37 -1.08 -3.81 12.14
CA ASN A 37 -2.13 -3.31 13.02
C ASN A 37 -3.46 -3.96 12.69
N TYR A 38 -3.61 -4.40 11.45
CA TYR A 38 -4.84 -5.05 11.00
C TYR A 38 -4.63 -6.53 10.77
N PRO A 39 -4.83 -7.33 11.83
CA PRO A 39 -4.67 -8.80 11.77
C PRO A 39 -5.74 -9.47 10.92
N GLY A 40 -5.33 -10.02 9.79
CA GLY A 40 -6.27 -10.69 8.90
C GLY A 40 -6.44 -9.96 7.58
N ASP A 41 -5.63 -8.93 7.37
CA ASP A 41 -5.70 -8.15 6.14
C ASP A 41 -4.29 -7.85 5.61
N TYR A 42 -4.23 -7.17 4.47
CA TYR A 42 -2.96 -6.83 3.86
C TYR A 42 -2.89 -5.34 3.55
N THR A 43 -1.67 -4.83 3.36
CA THR A 43 -1.46 -3.42 3.05
C THR A 43 -0.52 -3.25 1.87
N LEU A 44 -0.83 -2.30 1.00
CA LEU A 44 0.00 -2.03 -0.17
C LEU A 44 0.68 -0.66 -0.05
N CYS A 45 2.01 -0.68 -0.08
CA CYS A 45 2.79 0.56 0.02
C CYS A 45 3.33 0.97 -1.35
N VAL A 46 3.04 2.21 -1.74
CA VAL A 46 3.49 2.73 -3.02
C VAL A 46 4.22 4.06 -2.85
N SER A 47 5.22 4.30 -3.69
CA SER A 47 5.99 5.53 -3.63
C SER A 47 5.51 6.53 -4.68
N CYS A 48 4.88 7.60 -4.23
CA CYS A 48 4.37 8.63 -5.13
C CYS A 48 5.03 9.98 -4.84
N GLU A 49 6.09 10.28 -5.57
CA GLU A 49 6.81 11.54 -5.39
C GLU A 49 7.49 11.59 -4.03
N GLY A 50 7.85 10.42 -3.51
CA GLY A 50 8.51 10.36 -2.21
C GLY A 50 7.54 10.03 -1.09
N LYS A 51 6.24 10.19 -1.36
CA LYS A 51 5.21 9.91 -0.37
C LYS A 51 4.80 8.44 -0.41
N VAL A 52 4.58 7.87 0.77
CA VAL A 52 4.18 6.47 0.86
C VAL A 52 2.67 6.35 1.05
N GLU A 53 1.99 5.84 0.01
CA GLU A 53 0.54 5.68 0.07
C GLU A 53 0.17 4.25 0.45
N HIS A 54 -0.43 4.09 1.62
CA HIS A 54 -0.83 2.77 2.10
C HIS A 54 -2.27 2.46 1.67
N TYR A 55 -2.43 1.32 0.99
CA TYR A 55 -3.75 0.91 0.52
C TYR A 55 -4.19 -0.39 1.20
N ARG A 56 -5.17 -0.29 2.09
CA ARG A 56 -5.68 -1.44 2.81
C ARG A 56 -6.31 -2.44 1.84
N ILE A 57 -6.13 -3.73 2.13
CA ILE A 57 -6.68 -4.78 1.29
C ILE A 57 -7.58 -5.71 2.10
N MET A 58 -8.88 -5.66 1.81
CA MET A 58 -9.84 -6.51 2.52
C MET A 58 -9.92 -7.89 1.88
N TYR A 59 -9.81 -8.93 2.71
CA TYR A 59 -9.87 -10.30 2.23
C TYR A 59 -11.11 -11.01 2.74
N HIS A 60 -12.14 -11.11 1.90
CA HIS A 60 -13.38 -11.78 2.28
C HIS A 60 -13.85 -12.72 1.18
N ALA A 61 -14.40 -13.85 1.58
CA ALA A 61 -14.89 -14.84 0.62
C ALA A 61 -13.79 -15.28 -0.33
N SER A 62 -12.57 -15.41 0.20
CA SER A 62 -11.43 -15.82 -0.60
C SER A 62 -11.20 -14.85 -1.76
N LYS A 63 -11.54 -13.59 -1.54
CA LYS A 63 -11.38 -12.56 -2.56
C LYS A 63 -10.83 -11.27 -1.96
N LEU A 64 -9.97 -10.59 -2.71
CA LEU A 64 -9.37 -9.34 -2.24
C LEU A 64 -10.02 -8.14 -2.93
N SER A 65 -10.03 -7.00 -2.25
CA SER A 65 -10.62 -5.78 -2.80
C SER A 65 -10.27 -4.58 -1.93
N ILE A 66 -10.07 -3.43 -2.56
CA ILE A 66 -9.74 -2.20 -1.86
C ILE A 66 -10.84 -1.16 -2.00
N ASP A 67 -11.44 -1.10 -3.19
CA ASP A 67 -12.51 -0.15 -3.46
C ASP A 67 -13.87 -0.75 -3.09
N GLU A 68 -13.86 -1.98 -2.61
CA GLU A 68 -15.09 -2.67 -2.23
C GLU A 68 -16.02 -2.81 -3.42
N GLU A 69 -15.48 -2.66 -4.62
CA GLU A 69 -16.27 -2.76 -5.84
C GLU A 69 -15.66 -3.79 -6.79
N VAL A 70 -14.33 -3.90 -6.77
CA VAL A 70 -13.63 -4.85 -7.63
C VAL A 70 -12.96 -5.94 -6.81
N TYR A 71 -13.56 -7.13 -6.82
CA TYR A 71 -13.02 -8.26 -6.08
C TYR A 71 -12.19 -9.16 -6.99
N PHE A 72 -11.12 -9.72 -6.43
CA PHE A 72 -10.23 -10.61 -7.19
C PHE A 72 -10.20 -12.00 -6.57
N GLU A 73 -9.50 -12.92 -7.23
CA GLU A 73 -9.39 -14.28 -6.74
C GLU A 73 -8.08 -14.48 -5.97
N ASN A 74 -7.15 -13.55 -6.15
CA ASN A 74 -5.85 -13.62 -5.49
C ASN A 74 -5.05 -12.34 -5.73
N LEU A 75 -4.07 -12.10 -4.86
CA LEU A 75 -3.23 -10.93 -4.97
C LEU A 75 -2.64 -10.80 -6.38
N MET A 76 -2.25 -11.95 -6.95
CA MET A 76 -1.68 -11.98 -8.29
C MET A 76 -2.56 -11.21 -9.27
N GLN A 77 -3.85 -11.54 -9.27
CA GLN A 77 -4.81 -10.89 -10.17
C GLN A 77 -4.97 -9.42 -9.81
N LEU A 78 -5.00 -9.12 -8.52
CA LEU A 78 -5.15 -7.75 -8.04
C LEU A 78 -4.05 -6.85 -8.60
N VAL A 79 -2.81 -7.30 -8.46
CA VAL A 79 -1.66 -6.54 -8.95
C VAL A 79 -1.77 -6.29 -10.44
N GLU A 80 -2.15 -7.33 -11.19
CA GLU A 80 -2.29 -7.22 -12.63
C GLU A 80 -3.20 -6.06 -13.00
N HIS A 81 -4.28 -5.89 -12.24
CA HIS A 81 -5.24 -4.82 -12.49
C HIS A 81 -4.63 -3.46 -12.14
N TYR A 82 -4.11 -3.34 -10.92
CA TYR A 82 -3.50 -2.10 -10.48
C TYR A 82 -2.29 -1.74 -11.33
N THR A 83 -1.78 -2.72 -12.06
CA THR A 83 -0.62 -2.51 -12.92
C THR A 83 -1.04 -1.99 -14.28
N THR A 84 -2.21 -2.41 -14.74
CA THR A 84 -2.72 -1.99 -16.04
C THR A 84 -3.41 -0.63 -15.95
N ASP A 85 -3.72 -0.21 -14.72
CA ASP A 85 -4.36 1.07 -14.49
C ASP A 85 -4.56 1.33 -13.00
N ALA A 86 -4.18 2.52 -12.56
CA ALA A 86 -4.30 2.90 -11.15
C ALA A 86 -5.70 2.61 -10.64
N ASP A 87 -6.70 3.22 -11.27
CA ASP A 87 -8.09 3.03 -10.88
C ASP A 87 -8.26 3.26 -9.37
N GLY A 88 -7.54 4.25 -8.84
CA GLY A 88 -7.63 4.55 -7.43
C GLY A 88 -6.27 4.63 -6.77
N LEU A 89 -5.22 4.44 -7.56
CA LEU A 89 -3.85 4.49 -7.05
C LEU A 89 -3.15 5.76 -7.49
N CYS A 90 -2.38 6.36 -6.59
CA CYS A 90 -1.65 7.59 -6.89
C CYS A 90 -0.73 7.39 -8.09
N THR A 91 -0.40 6.13 -8.37
CA THR A 91 0.48 5.80 -9.50
C THR A 91 0.37 4.33 -9.86
N ARG A 92 -0.11 4.06 -11.07
CA ARG A 92 -0.27 2.70 -11.54
C ARG A 92 1.01 1.89 -11.32
N LEU A 93 0.85 0.65 -10.87
CA LEU A 93 1.99 -0.22 -10.61
C LEU A 93 2.79 -0.47 -11.89
N ILE A 94 4.09 -0.21 -11.83
CA ILE A 94 4.96 -0.41 -12.98
C ILE A 94 5.90 -1.59 -12.76
N LYS A 95 6.59 -1.60 -11.62
CA LYS A 95 7.52 -2.67 -11.29
C LYS A 95 7.36 -3.09 -9.83
N PRO A 96 7.43 -4.41 -9.59
CA PRO A 96 7.30 -4.96 -8.23
C PRO A 96 8.51 -4.64 -7.36
N LYS A 97 8.24 -4.32 -6.10
CA LYS A 97 9.31 -3.99 -5.15
C LYS A 97 10.13 -5.23 -4.81
N VAL A 98 11.11 -5.53 -5.66
CA VAL A 98 11.98 -6.69 -5.44
C VAL A 98 12.79 -6.53 -4.16
N MET A 99 12.79 -7.57 -3.33
CA MET A 99 13.53 -7.55 -2.08
C MET A 99 14.69 -8.54 -2.12
N GLY B 1 16.20 34.30 1.99
CA GLY B 1 17.29 33.58 1.36
C GLY B 1 16.82 32.63 0.27
N PRO B 2 16.15 31.55 0.69
CA PRO B 2 15.63 30.53 -0.25
C PRO B 2 14.47 31.06 -1.08
N LEU B 3 14.07 30.29 -2.08
CA LEU B 3 12.97 30.67 -2.95
C LEU B 3 11.71 30.96 -2.14
N GLY B 4 11.41 30.07 -1.20
CA GLY B 4 10.23 30.25 -0.37
C GLY B 4 9.10 29.32 -0.76
N SER B 5 9.44 28.25 -1.46
CA SER B 5 8.43 27.29 -1.91
C SER B 5 8.82 25.86 -1.50
N LYS B 6 7.84 25.10 -1.06
CA LYS B 6 8.07 23.72 -0.64
C LYS B 6 6.78 22.91 -0.69
N ARG B 7 6.83 21.76 -1.34
CA ARG B 7 5.67 20.89 -1.47
C ARG B 7 6.04 19.43 -1.16
N PHE B 8 5.37 18.86 -0.17
CA PHE B 8 5.63 17.47 0.21
C PHE B 8 4.71 17.04 1.36
N SER B 9 4.12 15.86 1.22
CA SER B 9 3.21 15.34 2.23
C SER B 9 3.64 13.95 2.67
N SER B 10 4.55 13.89 3.63
CA SER B 10 5.05 12.61 4.14
C SER B 10 3.92 11.79 4.74
N LEU B 11 4.27 10.69 5.39
CA LEU B 11 3.29 9.81 6.01
C LEU B 11 3.93 8.93 7.06
N SER B 12 3.51 9.11 8.31
CA SER B 12 4.05 8.33 9.42
C SER B 12 3.09 7.21 9.82
N TYR B 13 3.23 6.06 9.17
CA TYR B 13 2.37 4.92 9.46
C TYR B 13 2.89 4.13 10.65
N LYS B 14 2.07 4.03 11.69
CA LYS B 14 2.44 3.31 12.89
C LYS B 14 1.47 2.17 13.18
N SER B 15 2.00 0.97 13.38
CA SER B 15 1.17 -0.20 13.66
C SER B 15 0.97 -0.37 15.16
N ARG B 16 0.10 -1.32 15.52
CA ARG B 16 -0.18 -1.60 16.92
C ARG B 16 1.08 -2.07 17.65
N GLU B 17 2.09 -2.48 16.88
CA GLU B 17 3.32 -2.96 17.45
C GLU B 17 4.01 -1.88 18.27
N GLU B 18 3.92 -0.64 17.78
CA GLU B 18 4.54 0.49 18.47
C GLU B 18 3.48 1.32 19.19
N ASP B 19 2.24 1.23 18.72
CA ASP B 19 1.14 1.98 19.32
C ASP B 19 -0.14 1.15 19.30
N PRO B 20 -0.26 0.22 20.26
CA PRO B 20 -1.43 -0.66 20.38
C PRO B 20 -2.67 0.09 20.85
N THR B 21 -2.49 1.36 21.19
CA THR B 21 -3.59 2.19 21.65
C THR B 21 -4.21 2.98 20.50
N LEU B 22 -4.10 2.43 19.30
CA LEU B 22 -4.66 3.07 18.12
C LEU B 22 -5.99 2.45 17.72
N THR B 23 -6.88 3.27 17.16
CA THR B 23 -8.19 2.79 16.74
C THR B 23 -8.34 2.85 15.23
N GLU B 24 -9.45 2.32 14.73
CA GLU B 24 -9.71 2.30 13.29
C GLU B 24 -9.48 3.69 12.68
N GLU B 25 -9.84 4.73 13.44
CA GLU B 25 -9.68 6.10 12.98
C GLU B 25 -8.20 6.42 12.75
N GLU B 26 -7.38 6.12 13.74
CA GLU B 26 -5.94 6.38 13.65
C GLU B 26 -5.31 5.55 12.54
N ILE B 27 -5.61 4.26 12.53
CA ILE B 27 -5.07 3.35 11.52
C ILE B 27 -5.53 3.76 10.12
N SER B 28 -6.76 4.25 10.03
CA SER B 28 -7.31 4.68 8.75
C SER B 28 -6.76 6.03 8.34
N ALA B 29 -6.16 6.73 9.29
CA ALA B 29 -5.59 8.05 9.03
C ALA B 29 -4.20 7.94 8.43
N MET B 30 -3.77 6.71 8.17
CA MET B 30 -2.45 6.45 7.60
C MET B 30 -2.58 5.84 6.21
N PTR B 31 -3.78 5.89 5.64
CA PTR B 31 -4.02 5.33 4.30
C PTR B 31 -4.61 6.39 3.38
O PTR B 31 -5.20 7.39 3.80
CB PTR B 31 -4.90 4.07 4.48
CG PTR B 31 -4.23 2.88 5.20
CD1 PTR B 31 -4.06 1.65 4.53
CD2 PTR B 31 -3.81 3.01 6.52
CE1 PTR B 31 -3.47 0.58 5.20
CE2 PTR B 31 -3.23 1.93 7.18
CZ PTR B 31 -3.07 0.71 6.52
OH PTR B 31 -2.45 -0.34 7.17
P PTR B 31 -3.44 -1.54 7.67
O1P PTR B 31 -2.63 -2.64 8.36
O2P PTR B 31 -4.20 -2.14 6.47
O3P PTR B 31 -4.44 -0.97 8.66
H PTR B 31 -4.65 6.30 6.01
HA PTR B 31 -3.05 5.03 3.86
HB2 PTR B 31 -5.30 3.73 3.50
HB3 PTR B 31 -5.82 4.32 5.05
HD1 PTR B 31 -4.39 1.53 3.52
HD2 PTR B 31 -3.95 3.94 7.06
HE1 PTR B 31 -3.36 -0.37 4.71
HE2 PTR B 31 -2.92 2.00 8.22
N SER B 32 -4.45 6.15 2.08
CA SER B 32 -4.94 7.05 1.07
C SER B 32 -6.26 6.54 0.48
N SER B 33 -6.41 5.22 0.46
CA SER B 33 -7.63 4.60 -0.08
C SER B 33 -7.76 4.89 -1.57
N VAL B 34 -8.50 4.04 -2.26
CA VAL B 34 -8.72 4.19 -3.70
C VAL B 34 -9.18 5.60 -4.04
N ASN B 35 -8.38 6.31 -4.82
CA ASN B 35 -8.71 7.67 -5.22
C ASN B 35 -8.44 7.89 -6.71
N LYS B 36 -9.42 7.54 -7.54
CA LYS B 36 -9.28 7.70 -8.99
C LYS B 36 -9.32 9.17 -9.38
N PRO B 37 -8.70 9.50 -10.51
CA PRO B 37 -8.66 10.87 -11.03
C PRO B 37 -10.01 11.36 -11.52
N GLY B 38 -10.57 12.35 -10.84
CA GLY B 38 -11.85 12.89 -11.23
C GLY B 38 -13.01 12.11 -10.62
N GLY A 1 6.46 -20.56 -0.79
CA GLY A 1 5.69 -21.79 -0.85
C GLY A 1 4.44 -21.64 -1.69
N PRO A 2 3.44 -20.91 -1.15
CA PRO A 2 2.17 -20.68 -1.84
C PRO A 2 2.31 -19.77 -3.05
N LEU A 3 2.98 -18.63 -2.84
CA LEU A 3 3.19 -17.67 -3.92
C LEU A 3 4.65 -17.64 -4.35
N GLY A 4 5.13 -18.77 -4.87
CA GLY A 4 6.51 -18.86 -5.31
C GLY A 4 6.73 -18.19 -6.65
N SER A 5 6.38 -16.91 -6.73
CA SER A 5 6.54 -16.15 -7.97
C SER A 5 6.03 -14.72 -7.80
N MET A 6 6.21 -14.18 -6.60
CA MET A 6 5.78 -12.82 -6.31
C MET A 6 6.66 -12.18 -5.23
N PRO A 7 7.82 -11.67 -5.65
CA PRO A 7 8.78 -11.04 -4.75
C PRO A 7 8.28 -9.69 -4.22
N TRP A 8 7.16 -9.23 -4.77
CA TRP A 8 6.56 -7.97 -4.36
C TRP A 8 5.73 -8.14 -3.09
N PHE A 9 5.36 -9.38 -2.80
CA PHE A 9 4.57 -9.69 -1.61
C PHE A 9 5.46 -10.16 -0.47
N HIS A 10 5.77 -9.26 0.45
CA HIS A 10 6.61 -9.59 1.59
C HIS A 10 5.82 -10.39 2.63
N GLY A 11 4.56 -10.01 2.84
CA GLY A 11 3.72 -10.70 3.80
C GLY A 11 4.33 -10.71 5.20
N LYS A 12 5.23 -9.76 5.45
CA LYS A 12 5.88 -9.66 6.75
C LYS A 12 6.87 -8.50 6.77
N ILE A 13 6.34 -7.27 6.74
CA ILE A 13 7.18 -6.08 6.76
C ILE A 13 6.66 -5.07 7.77
N THR A 14 7.59 -4.36 8.42
CA THR A 14 7.22 -3.35 9.41
C THR A 14 7.24 -1.96 8.81
N ARG A 15 6.71 -0.99 9.54
CA ARG A 15 6.66 0.39 9.09
C ARG A 15 8.06 0.92 8.79
N GLU A 16 9.02 0.55 9.64
CA GLU A 16 10.40 0.98 9.48
C GLU A 16 11.05 0.29 8.29
N GLN A 17 10.68 -0.97 8.07
CA GLN A 17 11.24 -1.76 6.97
C GLN A 17 10.66 -1.29 5.64
N ALA A 18 9.37 -1.00 5.63
CA ALA A 18 8.69 -0.54 4.42
C ALA A 18 9.04 0.92 4.12
N GLU A 19 9.22 1.71 5.17
CA GLU A 19 9.55 3.12 5.01
C GLU A 19 10.88 3.29 4.28
N ARG A 20 11.92 2.63 4.78
CA ARG A 20 13.24 2.70 4.17
C ARG A 20 13.24 2.10 2.77
N LEU A 21 12.49 1.01 2.61
CA LEU A 21 12.40 0.33 1.32
C LEU A 21 11.94 1.29 0.23
N LEU A 22 11.01 2.18 0.59
CA LEU A 22 10.50 3.16 -0.36
C LEU A 22 11.17 4.52 -0.17
N TYR A 23 12.48 4.50 0.01
CA TYR A 23 13.24 5.72 0.22
C TYR A 23 13.27 6.56 -1.06
N PRO A 24 13.82 5.98 -2.14
CA PRO A 24 13.93 6.64 -3.45
C PRO A 24 12.57 6.81 -4.11
N PRO A 25 12.23 8.07 -4.44
CA PRO A 25 10.96 8.40 -5.09
C PRO A 25 10.89 7.90 -6.54
N GLU A 26 9.97 7.00 -6.80
CA GLU A 26 9.80 6.43 -8.14
C GLU A 26 8.38 5.93 -8.34
N THR A 27 7.62 6.64 -9.18
CA THR A 27 6.25 6.27 -9.47
C THR A 27 6.17 4.90 -10.13
N GLY A 28 5.62 3.92 -9.40
CA GLY A 28 5.50 2.58 -9.92
C GLY A 28 6.01 1.53 -8.95
N LEU A 29 6.65 1.98 -7.88
CA LEU A 29 7.18 1.07 -6.88
C LEU A 29 6.13 0.74 -5.82
N PHE A 30 5.68 -0.51 -5.82
CA PHE A 30 4.67 -0.96 -4.86
C PHE A 30 5.18 -2.15 -4.05
N LEU A 31 4.51 -2.43 -2.94
CA LEU A 31 4.89 -3.55 -2.08
C LEU A 31 3.73 -3.96 -1.18
N VAL A 32 3.51 -5.25 -1.06
CA VAL A 32 2.43 -5.78 -0.23
C VAL A 32 2.99 -6.48 1.01
N ARG A 33 2.37 -6.23 2.16
CA ARG A 33 2.81 -6.84 3.41
C ARG A 33 1.62 -7.02 4.36
N GLU A 34 1.65 -8.11 5.12
CA GLU A 34 0.59 -8.39 6.08
C GLU A 34 0.38 -7.23 7.03
N SER A 35 -0.86 -6.74 7.11
CA SER A 35 -1.19 -5.62 7.98
C SER A 35 -0.71 -5.88 9.40
N THR A 36 0.22 -5.05 9.86
CA THR A 36 0.77 -5.18 11.21
C THR A 36 -0.26 -4.82 12.27
N ASN A 37 -1.17 -3.92 11.91
CA ASN A 37 -2.23 -3.48 12.83
C ASN A 37 -3.55 -4.15 12.49
N TYR A 38 -3.55 -4.98 11.46
CA TYR A 38 -4.75 -5.69 11.04
C TYR A 38 -4.44 -7.13 10.66
N PRO A 39 -4.61 -8.05 11.61
CA PRO A 39 -4.35 -9.48 11.39
C PRO A 39 -5.37 -10.12 10.46
N GLY A 40 -4.92 -10.53 9.29
CA GLY A 40 -5.80 -11.15 8.32
C GLY A 40 -5.98 -10.31 7.07
N ASP A 41 -5.47 -9.08 7.11
CA ASP A 41 -5.58 -8.18 5.97
C ASP A 41 -4.20 -7.80 5.44
N TYR A 42 -4.16 -7.26 4.23
CA TYR A 42 -2.90 -6.86 3.60
C TYR A 42 -2.89 -5.36 3.33
N THR A 43 -1.69 -4.81 3.16
CA THR A 43 -1.53 -3.40 2.89
C THR A 43 -0.49 -3.15 1.79
N LEU A 44 -0.89 -2.38 0.78
CA LEU A 44 0.01 -2.07 -0.32
C LEU A 44 0.61 -0.68 -0.17
N CYS A 45 1.94 -0.61 -0.20
CA CYS A 45 2.64 0.65 -0.06
C CYS A 45 3.28 1.08 -1.39
N VAL A 46 2.94 2.28 -1.84
CA VAL A 46 3.47 2.79 -3.10
C VAL A 46 4.17 4.13 -2.89
N SER A 47 5.13 4.44 -3.76
CA SER A 47 5.87 5.69 -3.67
C SER A 47 5.42 6.67 -4.74
N CYS A 48 4.79 7.75 -4.31
CA CYS A 48 4.31 8.78 -5.23
C CYS A 48 4.99 10.11 -4.97
N GLU A 49 6.06 10.38 -5.72
CA GLU A 49 6.81 11.62 -5.57
C GLU A 49 7.51 11.68 -4.22
N GLY A 50 7.87 10.51 -3.69
CA GLY A 50 8.54 10.45 -2.40
C GLY A 50 7.59 10.14 -1.27
N LYS A 51 6.29 10.26 -1.53
CA LYS A 51 5.27 10.01 -0.53
C LYS A 51 4.88 8.52 -0.51
N VAL A 52 4.66 7.99 0.68
CA VAL A 52 4.29 6.58 0.83
C VAL A 52 2.79 6.45 1.07
N GLU A 53 2.09 5.90 0.08
CA GLU A 53 0.65 5.70 0.19
C GLU A 53 0.31 4.25 0.51
N HIS A 54 -0.43 4.04 1.60
CA HIS A 54 -0.82 2.70 2.01
C HIS A 54 -2.26 2.41 1.62
N TYR A 55 -2.47 1.24 1.01
CA TYR A 55 -3.81 0.84 0.58
C TYR A 55 -4.27 -0.40 1.34
N ARG A 56 -5.42 -0.28 2.01
CA ARG A 56 -5.97 -1.39 2.78
C ARG A 56 -6.53 -2.47 1.85
N ILE A 57 -6.24 -3.72 2.16
CA ILE A 57 -6.71 -4.84 1.35
C ILE A 57 -7.63 -5.75 2.16
N MET A 58 -8.92 -5.69 1.86
CA MET A 58 -9.90 -6.51 2.56
C MET A 58 -9.97 -7.91 1.96
N TYR A 59 -9.86 -8.93 2.81
CA TYR A 59 -9.91 -10.31 2.35
C TYR A 59 -11.15 -11.02 2.88
N HIS A 60 -12.15 -11.18 2.01
CA HIS A 60 -13.39 -11.84 2.38
C HIS A 60 -13.89 -12.73 1.24
N ALA A 61 -14.46 -13.88 1.61
CA ALA A 61 -14.98 -14.82 0.63
C ALA A 61 -13.89 -15.27 -0.33
N SER A 62 -12.69 -15.49 0.20
CA SER A 62 -11.56 -15.92 -0.62
C SER A 62 -11.30 -14.93 -1.74
N LYS A 63 -11.70 -13.68 -1.53
CA LYS A 63 -11.51 -12.64 -2.52
C LYS A 63 -10.92 -11.38 -1.90
N LEU A 64 -10.20 -10.60 -2.69
CA LEU A 64 -9.58 -9.37 -2.21
C LEU A 64 -10.17 -8.15 -2.91
N SER A 65 -10.19 -7.02 -2.21
CA SER A 65 -10.72 -5.79 -2.76
C SER A 65 -10.37 -4.59 -1.88
N ILE A 66 -10.14 -3.45 -2.51
CA ILE A 66 -9.79 -2.23 -1.79
C ILE A 66 -10.87 -1.17 -1.95
N ASP A 67 -11.51 -1.16 -3.11
CA ASP A 67 -12.57 -0.19 -3.40
C ASP A 67 -13.93 -0.72 -2.95
N GLU A 68 -13.93 -1.91 -2.36
CA GLU A 68 -15.16 -2.53 -1.89
C GLU A 68 -16.14 -2.75 -3.03
N GLU A 69 -15.62 -2.71 -4.25
CA GLU A 69 -16.46 -2.90 -5.43
C GLU A 69 -15.82 -3.90 -6.39
N VAL A 70 -14.50 -3.84 -6.52
CA VAL A 70 -13.78 -4.75 -7.39
C VAL A 70 -13.13 -5.88 -6.61
N TYR A 71 -13.72 -7.07 -6.69
CA TYR A 71 -13.20 -8.23 -5.99
C TYR A 71 -12.41 -9.13 -6.93
N PHE A 72 -11.31 -9.69 -6.43
CA PHE A 72 -10.47 -10.57 -7.21
C PHE A 72 -10.44 -11.98 -6.63
N GLU A 73 -9.80 -12.90 -7.34
CA GLU A 73 -9.71 -14.28 -6.89
C GLU A 73 -8.42 -14.52 -6.12
N ASN A 74 -7.46 -13.61 -6.29
CA ASN A 74 -6.18 -13.71 -5.61
C ASN A 74 -5.35 -12.44 -5.78
N LEU A 75 -4.40 -12.23 -4.89
CA LEU A 75 -3.54 -11.05 -4.95
C LEU A 75 -2.90 -10.91 -6.32
N MET A 76 -2.50 -12.04 -6.90
CA MET A 76 -1.88 -12.04 -8.22
C MET A 76 -2.73 -11.26 -9.23
N GLN A 77 -4.03 -11.55 -9.24
CA GLN A 77 -4.95 -10.90 -10.16
C GLN A 77 -5.12 -9.43 -9.78
N LEU A 78 -5.23 -9.16 -8.48
CA LEU A 78 -5.39 -7.79 -8.00
C LEU A 78 -4.27 -6.90 -8.50
N VAL A 79 -3.03 -7.36 -8.34
CA VAL A 79 -1.87 -6.59 -8.78
C VAL A 79 -1.90 -6.36 -10.29
N GLU A 80 -2.31 -7.39 -11.03
CA GLU A 80 -2.38 -7.29 -12.49
C GLU A 80 -3.27 -6.13 -12.91
N HIS A 81 -4.36 -5.93 -12.18
CA HIS A 81 -5.29 -4.85 -12.48
C HIS A 81 -4.69 -3.49 -12.13
N TYR A 82 -4.17 -3.37 -10.91
CA TYR A 82 -3.57 -2.12 -10.47
C TYR A 82 -2.32 -1.80 -11.29
N THR A 83 -1.75 -2.81 -11.92
CA THR A 83 -0.56 -2.64 -12.73
C THR A 83 -0.91 -2.18 -14.15
N THR A 84 -2.09 -2.58 -14.61
CA THR A 84 -2.57 -2.21 -15.94
C THR A 84 -3.11 -0.79 -15.96
N ASP A 85 -3.56 -0.32 -14.80
CA ASP A 85 -4.10 1.03 -14.68
C ASP A 85 -4.13 1.47 -13.22
N ALA A 86 -4.33 2.77 -13.01
CA ALA A 86 -4.37 3.33 -11.66
C ALA A 86 -5.34 2.55 -10.77
N ASP A 87 -6.58 2.43 -11.22
CA ASP A 87 -7.60 1.70 -10.48
C ASP A 87 -7.80 2.31 -9.09
N GLY A 88 -7.40 3.57 -8.94
CA GLY A 88 -7.54 4.25 -7.67
C GLY A 88 -6.20 4.46 -6.97
N LEU A 89 -5.11 4.26 -7.71
CA LEU A 89 -3.78 4.42 -7.17
C LEU A 89 -3.12 5.68 -7.71
N CYS A 90 -2.46 6.44 -6.83
CA CYS A 90 -1.79 7.67 -7.22
C CYS A 90 -0.86 7.42 -8.41
N THR A 91 -0.31 6.21 -8.48
CA THR A 91 0.59 5.84 -9.57
C THR A 91 0.52 4.35 -9.87
N ARG A 92 0.13 4.01 -11.10
CA ARG A 92 0.03 2.62 -11.51
C ARG A 92 1.30 1.86 -11.20
N LEU A 93 1.18 0.55 -10.99
CA LEU A 93 2.33 -0.29 -10.69
C LEU A 93 3.25 -0.42 -11.90
N ILE A 94 4.55 -0.26 -11.67
CA ILE A 94 5.53 -0.36 -12.75
C ILE A 94 6.63 -1.34 -12.38
N LYS A 95 7.22 -1.16 -11.20
CA LYS A 95 8.29 -2.03 -10.74
C LYS A 95 7.96 -2.60 -9.36
N PRO A 96 7.87 -3.93 -9.27
CA PRO A 96 7.57 -4.62 -8.01
C PRO A 96 8.72 -4.54 -7.02
N LYS A 97 8.40 -4.19 -5.78
CA LYS A 97 9.40 -4.08 -4.72
C LYS A 97 9.94 -5.45 -4.33
N VAL A 98 10.90 -5.95 -5.10
CA VAL A 98 11.50 -7.26 -4.82
C VAL A 98 12.22 -7.26 -3.48
N MET A 99 12.17 -8.39 -2.79
CA MET A 99 12.84 -8.52 -1.49
C MET A 99 14.02 -9.48 -1.58
N GLY B 1 8.98 37.90 -6.27
CA GLY B 1 8.78 36.57 -6.81
C GLY B 1 7.50 35.92 -6.33
N PRO B 2 7.20 34.72 -6.83
CA PRO B 2 5.99 33.98 -6.46
C PRO B 2 6.05 33.47 -5.03
N LEU B 3 4.92 32.98 -4.53
CA LEU B 3 4.83 32.46 -3.17
C LEU B 3 5.88 31.38 -2.94
N GLY B 4 6.06 30.50 -3.92
CA GLY B 4 7.04 29.44 -3.80
C GLY B 4 6.54 28.29 -2.94
N SER B 5 5.22 28.19 -2.79
CA SER B 5 4.62 27.13 -1.98
C SER B 5 4.46 25.86 -2.80
N LYS B 6 5.26 24.85 -2.49
CA LYS B 6 5.20 23.57 -3.18
C LYS B 6 5.69 22.44 -2.30
N ARG B 7 4.94 21.34 -2.28
CA ARG B 7 5.31 20.18 -1.47
C ARG B 7 4.31 19.04 -1.66
N PHE B 8 4.80 17.82 -1.62
CA PHE B 8 3.95 16.64 -1.79
C PHE B 8 4.65 15.38 -1.25
N SER B 9 4.62 15.24 0.07
CA SER B 9 5.25 14.08 0.71
C SER B 9 5.05 14.13 2.23
N SER B 10 3.87 13.73 2.67
CA SER B 10 3.55 13.73 4.10
C SER B 10 2.68 12.53 4.46
N LEU B 11 3.24 11.60 5.23
CA LEU B 11 2.52 10.42 5.65
C LEU B 11 3.23 9.73 6.82
N SER B 12 2.63 9.82 8.00
CA SER B 12 3.20 9.21 9.20
C SER B 12 2.43 7.94 9.58
N TYR B 13 2.86 6.81 9.02
CA TYR B 13 2.21 5.53 9.30
C TYR B 13 2.72 4.94 10.61
N LYS B 14 1.87 4.16 11.27
CA LYS B 14 2.23 3.53 12.53
C LYS B 14 1.53 2.19 12.69
N SER B 15 2.30 1.15 13.01
CA SER B 15 1.76 -0.18 13.18
C SER B 15 1.46 -0.46 14.66
N ARG B 16 0.59 -1.43 14.91
CA ARG B 16 0.22 -1.79 16.27
C ARG B 16 1.44 -2.24 17.06
N GLU B 17 2.50 -2.60 16.36
CA GLU B 17 3.74 -3.05 17.00
C GLU B 17 4.38 -1.92 17.79
N GLU B 18 4.41 -0.73 17.19
CA GLU B 18 5.01 0.43 17.84
C GLU B 18 3.94 1.25 18.56
N ASP B 19 2.70 1.11 18.13
CA ASP B 19 1.60 1.84 18.74
C ASP B 19 0.32 0.98 18.76
N PRO B 20 0.27 0.03 19.70
CA PRO B 20 -0.88 -0.87 19.85
C PRO B 20 -2.12 -0.15 20.36
N THR B 21 -1.96 1.13 20.71
CA THR B 21 -3.07 1.93 21.22
C THR B 21 -3.76 2.68 20.08
N LEU B 22 -3.69 2.12 18.88
CA LEU B 22 -4.32 2.74 17.70
C LEU B 22 -5.61 2.02 17.34
N THR B 23 -6.64 2.78 17.02
CA THR B 23 -7.92 2.22 16.64
C THR B 23 -8.16 2.32 15.14
N GLU B 24 -9.22 1.69 14.66
CA GLU B 24 -9.55 1.71 13.24
C GLU B 24 -9.52 3.14 12.70
N GLU B 25 -9.96 4.09 13.51
CA GLU B 25 -9.98 5.48 13.12
C GLU B 25 -8.58 5.99 12.80
N GLU B 26 -7.66 5.78 13.73
CA GLU B 26 -6.28 6.21 13.55
C GLU B 26 -5.62 5.47 12.39
N ILE B 27 -5.69 4.14 12.42
CA ILE B 27 -5.11 3.31 11.37
C ILE B 27 -5.65 3.71 10.00
N SER B 28 -6.97 3.70 9.87
CA SER B 28 -7.62 4.05 8.61
C SER B 28 -7.25 5.47 8.19
N ALA B 29 -6.82 6.28 9.16
CA ALA B 29 -6.43 7.66 8.88
C ALA B 29 -5.01 7.73 8.35
N MET B 30 -4.38 6.56 8.16
CA MET B 30 -3.01 6.49 7.65
C MET B 30 -2.98 5.83 6.28
N PTR B 31 -4.13 5.70 5.66
CA PTR B 31 -4.22 5.07 4.32
C PTR B 31 -4.46 6.13 3.25
O PTR B 31 -4.62 7.32 3.52
CB PTR B 31 -5.30 3.96 4.39
CG PTR B 31 -4.85 2.62 4.99
CD1 PTR B 31 -4.39 1.60 4.15
CD2 PTR B 31 -4.89 2.41 6.37
CE1 PTR B 31 -4.00 0.37 4.69
CE2 PTR B 31 -4.50 1.18 6.90
CZ PTR B 31 -4.07 0.15 6.06
OH PTR B 31 -3.65 -1.04 6.61
P PTR B 31 -2.35 -0.95 7.60
O1P PTR B 31 -1.98 -2.34 8.12
O2P PTR B 31 -2.65 -0.01 8.77
O3P PTR B 31 -1.16 -0.39 6.81
H PTR B 31 -5.07 5.99 5.96
HA PTR B 31 -3.24 4.60 4.09
HB2 PTR B 31 -5.74 3.80 3.39
HB3 PTR B 31 -6.16 4.33 4.99
HD1 PTR B 31 -4.36 1.72 3.08
HD2 PTR B 31 -5.25 3.18 7.04
HE1 PTR B 31 -3.68 -0.44 4.05
HE2 PTR B 31 -4.56 1.00 7.97
N SER B 32 -4.49 5.65 2.01
CA SER B 32 -4.71 6.53 0.86
C SER B 32 -6.11 6.32 0.28
N SER B 33 -6.57 5.07 0.32
CA SER B 33 -7.89 4.74 -0.21
C SER B 33 -7.93 4.93 -1.73
N VAL B 34 -8.55 3.97 -2.43
CA VAL B 34 -8.65 4.04 -3.87
C VAL B 34 -9.23 5.39 -4.32
N ASN B 35 -8.47 6.10 -5.15
CA ASN B 35 -8.91 7.40 -5.65
C ASN B 35 -8.81 7.47 -7.17
N LYS B 36 -9.78 6.86 -7.84
CA LYS B 36 -9.80 6.86 -9.31
C LYS B 36 -9.86 8.27 -9.85
N PRO B 37 -9.48 8.42 -11.13
CA PRO B 37 -9.48 9.72 -11.81
C PRO B 37 -10.89 10.25 -12.07
N GLY B 38 -11.25 11.33 -11.37
CA GLY B 38 -12.57 11.91 -11.54
C GLY B 38 -12.66 13.31 -10.99
N GLY A 1 11.91 -17.55 -4.50
CA GLY A 1 11.15 -16.57 -3.74
C GLY A 1 10.67 -17.13 -2.42
N PRO A 2 9.94 -16.30 -1.66
CA PRO A 2 9.40 -16.68 -0.36
C PRO A 2 8.27 -17.70 -0.48
N LEU A 3 7.42 -17.51 -1.48
CA LEU A 3 6.30 -18.42 -1.72
C LEU A 3 6.41 -19.09 -3.08
N GLY A 4 7.04 -18.40 -4.02
CA GLY A 4 7.21 -18.95 -5.36
C GLY A 4 7.45 -17.88 -6.40
N SER A 5 6.40 -17.15 -6.74
CA SER A 5 6.50 -16.08 -7.74
C SER A 5 5.84 -14.81 -7.24
N MET A 6 6.32 -14.28 -6.13
CA MET A 6 5.77 -13.07 -5.55
C MET A 6 6.87 -12.25 -4.87
N PRO A 7 7.78 -11.70 -5.69
CA PRO A 7 8.90 -10.88 -5.19
C PRO A 7 8.43 -9.54 -4.64
N TRP A 8 7.15 -9.23 -4.84
CA TRP A 8 6.58 -7.97 -4.38
C TRP A 8 5.78 -8.19 -3.10
N PHE A 9 5.20 -9.37 -2.96
CA PHE A 9 4.41 -9.70 -1.77
C PHE A 9 5.29 -10.23 -0.66
N HIS A 10 5.63 -9.36 0.29
CA HIS A 10 6.48 -9.74 1.42
C HIS A 10 5.68 -10.54 2.45
N GLY A 11 4.44 -10.12 2.69
CA GLY A 11 3.60 -10.80 3.65
C GLY A 11 4.22 -10.86 5.03
N LYS A 12 5.11 -9.91 5.32
CA LYS A 12 5.78 -9.85 6.61
C LYS A 12 6.75 -8.68 6.67
N ILE A 13 6.22 -7.46 6.63
CA ILE A 13 7.05 -6.27 6.68
C ILE A 13 6.54 -5.30 7.73
N THR A 14 7.47 -4.60 8.38
CA THR A 14 7.11 -3.64 9.42
C THR A 14 7.05 -2.23 8.85
N ARG A 15 6.55 -1.29 9.65
CA ARG A 15 6.43 0.09 9.23
C ARG A 15 7.80 0.68 8.90
N GLU A 16 8.79 0.33 9.70
CA GLU A 16 10.15 0.82 9.50
C GLU A 16 10.80 0.14 8.29
N GLN A 17 10.46 -1.13 8.09
CA GLN A 17 11.01 -1.91 6.98
C GLN A 17 10.45 -1.41 5.65
N ALA A 18 9.15 -1.12 5.63
CA ALA A 18 8.50 -0.65 4.43
C ALA A 18 8.86 0.80 4.14
N GLU A 19 9.04 1.59 5.20
CA GLU A 19 9.38 2.99 5.06
C GLU A 19 10.70 3.16 4.31
N ARG A 20 11.75 2.48 4.78
CA ARG A 20 13.06 2.55 4.16
C ARG A 20 13.04 1.92 2.76
N LEU A 21 12.25 0.86 2.62
CA LEU A 21 12.15 0.16 1.34
C LEU A 21 11.73 1.13 0.23
N LEU A 22 10.84 2.06 0.57
CA LEU A 22 10.36 3.05 -0.40
C LEU A 22 11.05 4.39 -0.19
N TYR A 23 12.36 4.36 0.04
CA TYR A 23 13.13 5.58 0.26
C TYR A 23 13.18 6.42 -1.01
N PRO A 24 13.74 5.84 -2.09
CA PRO A 24 13.86 6.53 -3.38
C PRO A 24 12.51 6.73 -4.05
N PRO A 25 12.19 7.99 -4.37
CA PRO A 25 10.93 8.35 -5.03
C PRO A 25 10.87 7.88 -6.47
N GLU A 26 9.93 6.98 -6.76
CA GLU A 26 9.76 6.45 -8.10
C GLU A 26 8.33 5.96 -8.33
N THR A 27 7.64 6.63 -9.25
CA THR A 27 6.26 6.27 -9.57
C THR A 27 6.18 4.89 -10.22
N GLY A 28 5.60 3.93 -9.50
CA GLY A 28 5.48 2.59 -10.03
C GLY A 28 5.99 1.54 -9.05
N LEU A 29 6.56 1.99 -7.95
CA LEU A 29 7.10 1.08 -6.94
C LEU A 29 6.04 0.74 -5.90
N PHE A 30 5.62 -0.52 -5.87
CA PHE A 30 4.61 -0.98 -4.92
C PHE A 30 5.14 -2.16 -4.11
N LEU A 31 4.40 -2.50 -3.05
CA LEU A 31 4.79 -3.61 -2.18
C LEU A 31 3.61 -4.05 -1.31
N VAL A 32 3.44 -5.36 -1.17
CA VAL A 32 2.36 -5.90 -0.37
C VAL A 32 2.90 -6.58 0.88
N ARG A 33 2.26 -6.32 2.02
CA ARG A 33 2.67 -6.90 3.29
C ARG A 33 1.48 -7.10 4.21
N GLU A 34 1.50 -8.19 4.98
CA GLU A 34 0.42 -8.50 5.90
C GLU A 34 0.18 -7.33 6.86
N SER A 35 -1.05 -6.85 6.89
CA SER A 35 -1.41 -5.74 7.76
C SER A 35 -1.10 -6.05 9.22
N THR A 36 -0.17 -5.29 9.78
CA THR A 36 0.23 -5.49 11.18
C THR A 36 -0.89 -5.12 12.14
N ASN A 37 -1.37 -3.89 12.03
CA ASN A 37 -2.45 -3.41 12.88
C ASN A 37 -3.75 -4.12 12.57
N TYR A 38 -3.82 -4.71 11.37
CA TYR A 38 -5.03 -5.43 10.95
C TYR A 38 -4.69 -6.86 10.55
N PRO A 39 -4.82 -7.79 11.51
CA PRO A 39 -4.53 -9.21 11.28
C PRO A 39 -5.56 -9.86 10.37
N GLY A 40 -5.11 -10.39 9.24
CA GLY A 40 -6.00 -11.04 8.31
C GLY A 40 -6.13 -10.28 6.99
N ASP A 41 -5.59 -9.07 6.96
CA ASP A 41 -5.64 -8.25 5.76
C ASP A 41 -4.23 -7.92 5.27
N TYR A 42 -4.15 -7.14 4.19
CA TYR A 42 -2.87 -6.77 3.62
C TYR A 42 -2.80 -5.26 3.38
N THR A 43 -1.59 -4.74 3.22
CA THR A 43 -1.39 -3.31 2.98
C THR A 43 -0.48 -3.08 1.78
N LEU A 44 -0.96 -2.30 0.82
CA LEU A 44 -0.19 -1.99 -0.38
C LEU A 44 0.48 -0.63 -0.25
N CYS A 45 1.81 -0.63 -0.18
CA CYS A 45 2.58 0.59 -0.07
C CYS A 45 3.18 1.00 -1.41
N VAL A 46 2.91 2.23 -1.83
CA VAL A 46 3.42 2.73 -3.10
C VAL A 46 4.15 4.05 -2.91
N SER A 47 5.12 4.32 -3.78
CA SER A 47 5.90 5.55 -3.70
C SER A 47 5.40 6.57 -4.72
N CYS A 48 4.82 7.65 -4.23
CA CYS A 48 4.29 8.71 -5.10
C CYS A 48 5.00 10.04 -4.84
N GLU A 49 6.05 10.30 -5.62
CA GLU A 49 6.81 11.54 -5.48
C GLU A 49 7.54 11.57 -4.14
N GLY A 50 7.81 10.39 -3.59
CA GLY A 50 8.51 10.30 -2.32
C GLY A 50 7.55 10.10 -1.15
N LYS A 51 6.29 9.84 -1.47
CA LYS A 51 5.28 9.63 -0.44
C LYS A 51 4.82 8.16 -0.43
N VAL A 52 4.63 7.61 0.76
CA VAL A 52 4.20 6.24 0.91
C VAL A 52 2.69 6.15 1.08
N GLU A 53 1.99 5.80 0.00
CA GLU A 53 0.53 5.69 0.04
C GLU A 53 0.11 4.28 0.41
N HIS A 54 -0.45 4.12 1.61
CA HIS A 54 -0.91 2.82 2.09
C HIS A 54 -2.35 2.57 1.68
N TYR A 55 -2.57 1.45 0.99
CA TYR A 55 -3.91 1.09 0.53
C TYR A 55 -4.40 -0.17 1.24
N ARG A 56 -5.30 0.01 2.20
CA ARG A 56 -5.86 -1.11 2.94
C ARG A 56 -6.43 -2.17 2.00
N ILE A 57 -6.10 -3.43 2.26
CA ILE A 57 -6.58 -4.52 1.44
C ILE A 57 -7.54 -5.42 2.22
N MET A 58 -8.82 -5.33 1.89
CA MET A 58 -9.84 -6.13 2.56
C MET A 58 -9.82 -7.57 2.04
N TYR A 59 -9.77 -8.53 2.97
CA TYR A 59 -9.74 -9.93 2.62
C TYR A 59 -11.00 -10.65 3.09
N HIS A 60 -11.80 -11.14 2.15
CA HIS A 60 -13.03 -11.84 2.47
C HIS A 60 -13.35 -12.90 1.43
N ALA A 61 -13.77 -14.07 1.89
CA ALA A 61 -14.11 -15.17 0.98
C ALA A 61 -12.95 -15.48 0.04
N SER A 62 -11.73 -15.37 0.55
CA SER A 62 -10.54 -15.63 -0.25
C SER A 62 -10.44 -14.64 -1.41
N LYS A 63 -11.03 -13.47 -1.24
CA LYS A 63 -11.01 -12.43 -2.27
C LYS A 63 -10.49 -11.12 -1.69
N LEU A 64 -9.74 -10.38 -2.51
CA LEU A 64 -9.19 -9.09 -2.10
C LEU A 64 -9.93 -7.94 -2.76
N SER A 65 -9.97 -6.80 -2.08
CA SER A 65 -10.65 -5.62 -2.60
C SER A 65 -10.31 -4.39 -1.77
N ILE A 66 -10.02 -3.28 -2.45
CA ILE A 66 -9.67 -2.04 -1.78
C ILE A 66 -10.76 -0.99 -1.97
N ASP A 67 -11.41 -1.03 -3.13
CA ASP A 67 -12.48 -0.09 -3.44
C ASP A 67 -13.84 -0.69 -3.12
N GLU A 68 -13.83 -1.83 -2.45
CA GLU A 68 -15.07 -2.51 -2.09
C GLU A 68 -16.04 -2.56 -3.26
N GLU A 69 -15.48 -2.61 -4.48
CA GLU A 69 -16.30 -2.65 -5.68
C GLU A 69 -15.82 -3.75 -6.62
N VAL A 70 -14.50 -3.93 -6.71
CA VAL A 70 -13.92 -4.95 -7.58
C VAL A 70 -13.12 -5.95 -6.77
N TYR A 71 -13.68 -7.14 -6.57
CA TYR A 71 -13.02 -8.19 -5.80
C TYR A 71 -12.21 -9.10 -6.73
N PHE A 72 -11.12 -9.65 -6.19
CA PHE A 72 -10.26 -10.53 -6.95
C PHE A 72 -10.18 -11.92 -6.31
N GLU A 73 -9.52 -12.85 -7.00
CA GLU A 73 -9.38 -14.20 -6.49
C GLU A 73 -8.07 -14.37 -5.72
N ASN A 74 -7.15 -13.44 -5.94
CA ASN A 74 -5.85 -13.49 -5.26
C ASN A 74 -5.05 -12.22 -5.53
N LEU A 75 -4.09 -11.93 -4.67
CA LEU A 75 -3.26 -10.74 -4.82
C LEU A 75 -2.67 -10.66 -6.23
N MET A 76 -2.34 -11.82 -6.79
CA MET A 76 -1.77 -11.88 -8.13
C MET A 76 -2.64 -11.13 -9.12
N GLN A 77 -3.93 -11.44 -9.12
CA GLN A 77 -4.87 -10.80 -10.03
C GLN A 77 -5.02 -9.31 -9.70
N LEU A 78 -5.05 -9.01 -8.41
CA LEU A 78 -5.19 -7.62 -7.95
C LEU A 78 -4.09 -6.75 -8.55
N VAL A 79 -2.85 -7.20 -8.43
CA VAL A 79 -1.71 -6.45 -8.96
C VAL A 79 -1.85 -6.24 -10.45
N GLU A 80 -2.23 -7.29 -11.17
CA GLU A 80 -2.40 -7.21 -12.62
C GLU A 80 -3.32 -6.05 -13.00
N HIS A 81 -4.35 -5.84 -12.21
CA HIS A 81 -5.31 -4.77 -12.46
C HIS A 81 -4.68 -3.41 -12.18
N TYR A 82 -4.12 -3.25 -10.99
CA TYR A 82 -3.49 -2.00 -10.59
C TYR A 82 -2.29 -1.69 -11.49
N THR A 83 -1.81 -2.71 -12.19
CA THR A 83 -0.67 -2.56 -13.09
C THR A 83 -1.11 -2.08 -14.47
N THR A 84 -2.30 -2.50 -14.88
CA THR A 84 -2.84 -2.10 -16.18
C THR A 84 -3.43 -0.69 -16.13
N ASP A 85 -3.79 -0.24 -14.93
CA ASP A 85 -4.36 1.09 -14.75
C ASP A 85 -4.36 1.48 -13.28
N ALA A 86 -4.50 2.77 -13.02
CA ALA A 86 -4.51 3.28 -11.65
C ALA A 86 -5.52 2.53 -10.80
N ASP A 87 -6.78 2.55 -11.21
CA ASP A 87 -7.84 1.86 -10.49
C ASP A 87 -8.01 2.46 -9.10
N GLY A 88 -7.47 3.65 -8.90
CA GLY A 88 -7.58 4.31 -7.61
C GLY A 88 -6.23 4.49 -6.93
N LEU A 89 -5.17 4.05 -7.61
CA LEU A 89 -3.82 4.16 -7.07
C LEU A 89 -3.15 5.45 -7.54
N CYS A 90 -2.40 6.08 -6.64
CA CYS A 90 -1.71 7.32 -6.95
C CYS A 90 -0.88 7.17 -8.22
N THR A 91 -0.40 5.94 -8.48
CA THR A 91 0.40 5.66 -9.65
C THR A 91 0.38 4.18 -9.99
N ARG A 92 0.01 3.85 -11.22
CA ARG A 92 -0.06 2.47 -11.67
C ARG A 92 1.25 1.75 -11.36
N LEU A 93 1.15 0.45 -11.05
CA LEU A 93 2.32 -0.35 -10.74
C LEU A 93 3.23 -0.48 -11.95
N ILE A 94 4.53 -0.30 -11.73
CA ILE A 94 5.51 -0.42 -12.80
C ILE A 94 6.62 -1.39 -12.44
N LYS A 95 7.21 -1.20 -11.26
CA LYS A 95 8.29 -2.07 -10.80
C LYS A 95 7.99 -2.59 -9.40
N PRO A 96 7.89 -3.93 -9.28
CA PRO A 96 7.61 -4.59 -8.01
C PRO A 96 8.79 -4.49 -7.04
N LYS A 97 8.47 -4.31 -5.76
CA LYS A 97 9.50 -4.20 -4.73
C LYS A 97 10.18 -5.55 -4.50
N VAL A 98 11.14 -5.88 -5.33
CA VAL A 98 11.88 -7.14 -5.22
C VAL A 98 12.68 -7.19 -3.92
N MET A 99 12.45 -8.23 -3.13
CA MET A 99 13.15 -8.40 -1.86
C MET A 99 14.14 -9.56 -1.95
N GLY B 1 -0.40 37.14 -4.33
CA GLY B 1 -0.04 35.88 -3.73
C GLY B 1 0.15 34.78 -4.76
N PRO B 2 0.60 33.60 -4.30
CA PRO B 2 0.84 32.45 -5.17
C PRO B 2 -0.46 31.85 -5.71
N LEU B 3 -0.33 30.95 -6.67
CA LEU B 3 -1.50 30.30 -7.28
C LEU B 3 -2.41 29.71 -6.20
N GLY B 4 -1.81 29.03 -5.24
CA GLY B 4 -2.58 28.43 -4.17
C GLY B 4 -2.73 26.93 -4.33
N SER B 5 -2.57 26.45 -5.56
CA SER B 5 -2.69 25.04 -5.86
C SER B 5 -1.44 24.28 -5.43
N LYS B 6 -1.59 23.38 -4.47
CA LYS B 6 -0.48 22.58 -3.97
C LYS B 6 -0.94 21.21 -3.52
N ARG B 7 -0.08 20.21 -3.70
CA ARG B 7 -0.40 18.84 -3.32
C ARG B 7 0.85 18.07 -2.93
N PHE B 8 1.08 17.92 -1.63
CA PHE B 8 2.25 17.20 -1.13
C PHE B 8 2.20 17.08 0.39
N SER B 9 2.54 15.90 0.89
CA SER B 9 2.53 15.63 2.32
C SER B 9 3.10 14.25 2.63
N SER B 10 3.86 14.17 3.71
CA SER B 10 4.48 12.91 4.12
C SER B 10 3.42 11.91 4.60
N LEU B 11 3.87 10.79 5.15
CA LEU B 11 2.97 9.76 5.64
C LEU B 11 3.62 8.96 6.77
N SER B 12 3.19 9.24 8.00
CA SER B 12 3.73 8.55 9.16
C SER B 12 2.83 7.39 9.58
N TYR B 13 3.08 6.22 9.00
CA TYR B 13 2.30 5.04 9.30
C TYR B 13 2.72 4.43 10.64
N LYS B 14 1.76 3.83 11.33
CA LYS B 14 2.01 3.21 12.62
C LYS B 14 1.06 2.05 12.87
N SER B 15 1.60 0.90 13.25
CA SER B 15 0.80 -0.28 13.52
C SER B 15 0.59 -0.46 15.02
N ARG B 16 -0.22 -1.46 15.38
CA ARG B 16 -0.51 -1.73 16.78
C ARG B 16 0.76 -2.18 17.52
N GLU B 17 1.78 -2.54 16.76
CA GLU B 17 3.05 -2.97 17.33
C GLU B 17 3.69 -1.85 18.14
N GLU B 18 3.67 -0.64 17.59
CA GLU B 18 4.25 0.51 18.25
C GLU B 18 3.18 1.38 18.88
N ASP B 19 1.92 1.08 18.56
CA ASP B 19 0.80 1.84 19.11
C ASP B 19 -0.48 1.01 19.06
N PRO B 20 -0.61 0.08 20.02
CA PRO B 20 -1.78 -0.80 20.10
C PRO B 20 -3.03 -0.05 20.55
N THR B 21 -2.87 1.22 20.89
CA THR B 21 -3.98 2.04 21.33
C THR B 21 -4.58 2.82 20.17
N LEU B 22 -4.44 2.27 18.96
CA LEU B 22 -4.97 2.92 17.76
C LEU B 22 -6.25 2.22 17.30
N THR B 23 -7.24 3.02 16.91
CA THR B 23 -8.52 2.49 16.44
C THR B 23 -8.62 2.58 14.93
N GLU B 24 -9.69 2.01 14.37
CA GLU B 24 -9.91 2.02 12.93
C GLU B 24 -9.76 3.44 12.38
N GLU B 25 -10.15 4.43 13.17
CA GLU B 25 -10.06 5.82 12.76
C GLU B 25 -8.60 6.24 12.59
N GLU B 26 -7.79 5.94 13.59
CA GLU B 26 -6.37 6.29 13.55
C GLU B 26 -5.66 5.53 12.43
N ILE B 27 -5.82 4.21 12.41
CA ILE B 27 -5.19 3.39 11.39
C ILE B 27 -5.60 3.82 9.99
N SER B 28 -6.90 3.92 9.76
CA SER B 28 -7.43 4.33 8.47
C SER B 28 -7.02 5.76 8.14
N ALA B 29 -6.62 6.50 9.17
CA ALA B 29 -6.20 7.88 8.99
C ALA B 29 -4.74 7.96 8.54
N MET B 30 -4.13 6.80 8.32
CA MET B 30 -2.74 6.73 7.89
C MET B 30 -2.64 6.16 6.48
N PTR B 31 -3.76 6.10 5.79
CA PTR B 31 -3.79 5.56 4.42
C PTR B 31 -4.27 6.63 3.43
O PTR B 31 -4.57 7.77 3.79
CB PTR B 31 -4.66 4.28 4.43
CG PTR B 31 -4.03 3.06 5.14
CD1 PTR B 31 -3.83 1.86 4.45
CD2 PTR B 31 -3.69 3.15 6.50
CE1 PTR B 31 -3.30 0.76 5.12
CE2 PTR B 31 -3.15 2.04 7.15
CZ PTR B 31 -2.97 0.85 6.47
OH PTR B 31 -2.39 -0.24 7.11
P PTR B 31 -3.41 -1.45 7.50
O1P PTR B 31 -2.65 -2.58 8.20
O2P PTR B 31 -4.10 -1.99 6.24
O3P PTR B 31 -4.48 -0.91 8.45
H PTR B 31 -4.71 6.39 6.06
HA PTR B 31 -2.76 5.30 4.11
HB2 PTR B 31 -4.95 4.00 3.40
HB3 PTR B 31 -5.63 4.49 4.92
HD1 PTR B 31 -4.12 1.77 3.42
HD2 PTR B 31 -3.86 4.05 7.06
HE1 PTR B 31 -3.16 -0.19 4.60
HE2 PTR B 31 -2.89 2.08 8.21
N SER B 32 -4.33 6.22 2.18
CA SER B 32 -4.76 7.12 1.11
C SER B 32 -6.05 6.61 0.46
N SER B 33 -6.26 5.30 0.53
CA SER B 33 -7.45 4.69 -0.05
C SER B 33 -7.48 4.89 -1.56
N VAL B 34 -8.28 4.08 -2.24
CA VAL B 34 -8.40 4.17 -3.69
C VAL B 34 -9.10 5.46 -4.12
N ASN B 35 -8.55 6.13 -5.11
CA ASN B 35 -9.11 7.38 -5.61
C ASN B 35 -9.22 7.36 -7.13
N LYS B 36 -10.18 6.62 -7.65
CA LYS B 36 -10.38 6.51 -9.08
C LYS B 36 -10.87 7.84 -9.66
N PRO B 37 -10.58 8.08 -10.95
CA PRO B 37 -10.98 9.30 -11.64
C PRO B 37 -12.49 9.39 -11.85
N GLY B 38 -13.12 10.35 -11.20
CA GLY B 38 -14.56 10.52 -11.33
C GLY B 38 -15.26 10.61 -9.99
N GLY A 1 10.79 -17.63 -5.00
CA GLY A 1 10.06 -16.79 -4.06
C GLY A 1 9.86 -17.47 -2.71
N PRO A 2 9.07 -16.83 -1.84
CA PRO A 2 8.79 -17.35 -0.50
C PRO A 2 7.90 -18.59 -0.54
N LEU A 3 6.92 -18.59 -1.44
CA LEU A 3 6.01 -19.73 -1.58
C LEU A 3 5.50 -19.82 -3.01
N GLY A 4 6.28 -19.34 -3.96
CA GLY A 4 5.89 -19.39 -5.36
C GLY A 4 6.64 -18.38 -6.20
N SER A 5 5.98 -17.27 -6.50
CA SER A 5 6.59 -16.22 -7.32
C SER A 5 6.00 -14.85 -6.99
N MET A 6 6.22 -14.39 -5.76
CA MET A 6 5.72 -13.10 -5.32
C MET A 6 6.83 -12.25 -4.73
N PRO A 7 7.69 -11.71 -5.61
CA PRO A 7 8.82 -10.87 -5.20
C PRO A 7 8.36 -9.51 -4.67
N TRP A 8 7.07 -9.23 -4.81
CA TRP A 8 6.51 -7.97 -4.35
C TRP A 8 5.77 -8.15 -3.03
N PHE A 9 5.19 -9.33 -2.84
CA PHE A 9 4.45 -9.64 -1.62
C PHE A 9 5.38 -10.15 -0.53
N HIS A 10 5.71 -9.28 0.42
CA HIS A 10 6.59 -9.64 1.52
C HIS A 10 5.85 -10.49 2.56
N GLY A 11 4.58 -10.17 2.77
CA GLY A 11 3.78 -10.91 3.73
C GLY A 11 4.38 -10.87 5.13
N LYS A 12 5.27 -9.91 5.37
CA LYS A 12 5.91 -9.77 6.67
C LYS A 12 6.89 -8.60 6.66
N ILE A 13 6.35 -7.39 6.79
CA ILE A 13 7.18 -6.19 6.81
C ILE A 13 6.68 -5.20 7.85
N THR A 14 7.61 -4.49 8.48
CA THR A 14 7.26 -3.51 9.50
C THR A 14 7.20 -2.10 8.91
N ARG A 15 6.82 -1.14 9.74
CA ARG A 15 6.72 0.25 9.29
C ARG A 15 8.09 0.80 8.93
N GLU A 16 9.09 0.45 9.71
CA GLU A 16 10.46 0.91 9.48
C GLU A 16 11.07 0.19 8.29
N GLN A 17 10.70 -1.07 8.11
CA GLN A 17 11.22 -1.87 7.01
C GLN A 17 10.65 -1.40 5.67
N ALA A 18 9.34 -1.13 5.66
CA ALA A 18 8.67 -0.68 4.44
C ALA A 18 9.01 0.77 4.15
N GLU A 19 9.19 1.56 5.21
CA GLU A 19 9.51 2.98 5.05
C GLU A 19 10.83 3.17 4.30
N ARG A 20 11.87 2.50 4.77
CA ARG A 20 13.19 2.59 4.14
C ARG A 20 13.16 1.95 2.75
N LEU A 21 12.41 0.87 2.61
CA LEU A 21 12.30 0.17 1.34
C LEU A 21 11.87 1.12 0.22
N LEU A 22 10.96 2.04 0.56
CA LEU A 22 10.46 3.01 -0.40
C LEU A 22 11.12 4.37 -0.19
N TYR A 23 12.43 4.36 0.01
CA TYR A 23 13.18 5.59 0.22
C TYR A 23 13.22 6.43 -1.05
N PRO A 24 13.78 5.85 -2.12
CA PRO A 24 13.88 6.53 -3.43
C PRO A 24 12.53 6.70 -4.10
N PRO A 25 12.18 7.96 -4.42
CA PRO A 25 10.91 8.29 -5.07
C PRO A 25 10.86 7.81 -6.51
N GLU A 26 9.93 6.90 -6.80
CA GLU A 26 9.78 6.36 -8.14
C GLU A 26 8.35 5.87 -8.38
N THR A 27 7.60 6.61 -9.20
CA THR A 27 6.22 6.25 -9.50
C THR A 27 6.14 4.88 -10.17
N GLY A 28 5.55 3.91 -9.47
CA GLY A 28 5.42 2.58 -10.01
C GLY A 28 5.94 1.51 -9.06
N LEU A 29 6.53 1.94 -7.95
CA LEU A 29 7.07 1.03 -6.96
C LEU A 29 6.02 0.69 -5.90
N PHE A 30 5.61 -0.57 -5.85
CA PHE A 30 4.61 -1.02 -4.89
C PHE A 30 5.13 -2.21 -4.09
N LEU A 31 4.45 -2.50 -2.98
CA LEU A 31 4.84 -3.61 -2.12
C LEU A 31 3.68 -4.03 -1.21
N VAL A 32 3.49 -5.33 -1.06
CA VAL A 32 2.42 -5.85 -0.21
C VAL A 32 2.99 -6.51 1.04
N ARG A 33 2.32 -6.29 2.17
CA ARG A 33 2.76 -6.87 3.44
C ARG A 33 1.59 -7.06 4.39
N GLU A 34 1.64 -8.11 5.19
CA GLU A 34 0.57 -8.40 6.15
C GLU A 34 0.26 -7.18 7.00
N SER A 35 -1.01 -6.77 7.00
CA SER A 35 -1.44 -5.61 7.77
C SER A 35 -1.12 -5.80 9.26
N THR A 36 -0.20 -4.98 9.77
CA THR A 36 0.20 -5.06 11.17
C THR A 36 -0.93 -4.61 12.09
N ASN A 37 -1.41 -3.38 11.86
CA ASN A 37 -2.49 -2.83 12.66
C ASN A 37 -3.78 -3.61 12.46
N TYR A 38 -3.92 -4.21 11.28
CA TYR A 38 -5.11 -5.00 10.96
C TYR A 38 -4.75 -6.46 10.72
N PRO A 39 -4.86 -7.28 11.77
CA PRO A 39 -4.55 -8.72 11.68
C PRO A 39 -5.57 -9.48 10.85
N GLY A 40 -5.11 -10.08 9.75
CA GLY A 40 -6.00 -10.83 8.89
C GLY A 40 -6.16 -10.20 7.53
N ASP A 41 -5.51 -9.05 7.33
CA ASP A 41 -5.58 -8.35 6.06
C ASP A 41 -4.19 -8.01 5.54
N TYR A 42 -4.13 -7.24 4.45
CA TYR A 42 -2.87 -6.84 3.86
C TYR A 42 -2.85 -5.36 3.52
N THR A 43 -1.67 -4.83 3.24
CA THR A 43 -1.52 -3.42 2.90
C THR A 43 -0.54 -3.23 1.74
N LEU A 44 -0.87 -2.30 0.85
CA LEU A 44 -0.02 -2.01 -0.30
C LEU A 44 0.65 -0.65 -0.17
N CYS A 45 1.98 -0.64 -0.13
CA CYS A 45 2.72 0.60 0.00
C CYS A 45 3.31 1.03 -1.35
N VAL A 46 3.01 2.26 -1.75
CA VAL A 46 3.50 2.78 -3.03
C VAL A 46 4.23 4.10 -2.82
N SER A 47 5.20 4.38 -3.70
CA SER A 47 5.98 5.60 -3.62
C SER A 47 5.51 6.61 -4.66
N CYS A 48 4.91 7.70 -4.20
CA CYS A 48 4.41 8.75 -5.09
C CYS A 48 5.11 10.07 -4.81
N GLU A 49 6.19 10.33 -5.54
CA GLU A 49 6.95 11.57 -5.38
C GLU A 49 7.64 11.61 -4.01
N GLY A 50 7.98 10.43 -3.50
CA GLY A 50 8.63 10.35 -2.20
C GLY A 50 7.66 10.04 -1.08
N LYS A 51 6.37 10.17 -1.36
CA LYS A 51 5.33 9.90 -0.37
C LYS A 51 4.94 8.43 -0.38
N VAL A 52 4.74 7.86 0.80
CA VAL A 52 4.34 6.46 0.93
C VAL A 52 2.84 6.33 1.17
N GLU A 53 2.14 5.79 0.18
CA GLU A 53 0.69 5.62 0.29
C GLU A 53 0.35 4.17 0.62
N HIS A 54 -0.39 3.97 1.70
CA HIS A 54 -0.78 2.64 2.13
C HIS A 54 -2.23 2.35 1.74
N TYR A 55 -2.44 1.26 1.01
CA TYR A 55 -3.78 0.87 0.58
C TYR A 55 -4.22 -0.41 1.26
N ARG A 56 -5.24 -0.29 2.12
CA ARG A 56 -5.76 -1.44 2.85
C ARG A 56 -6.33 -2.48 1.88
N ILE A 57 -6.07 -3.76 2.17
CA ILE A 57 -6.56 -4.84 1.32
C ILE A 57 -7.48 -5.77 2.10
N MET A 58 -8.77 -5.73 1.79
CA MET A 58 -9.74 -6.58 2.46
C MET A 58 -9.80 -7.96 1.82
N TYR A 59 -9.57 -8.99 2.63
CA TYR A 59 -9.60 -10.37 2.14
C TYR A 59 -10.78 -11.13 2.71
N HIS A 60 -11.85 -11.23 1.94
CA HIS A 60 -13.05 -11.94 2.38
C HIS A 60 -13.53 -12.90 1.30
N ALA A 61 -14.02 -14.07 1.72
CA ALA A 61 -14.50 -15.08 0.79
C ALA A 61 -13.44 -15.45 -0.22
N SER A 62 -12.19 -15.48 0.23
CA SER A 62 -11.07 -15.83 -0.65
C SER A 62 -10.95 -14.82 -1.80
N LYS A 63 -11.43 -13.60 -1.57
CA LYS A 63 -11.37 -12.55 -2.57
C LYS A 63 -10.81 -11.27 -1.99
N LEU A 64 -9.97 -10.59 -2.76
CA LEU A 64 -9.37 -9.34 -2.32
C LEU A 64 -10.06 -8.14 -2.95
N SER A 65 -10.06 -7.02 -2.25
CA SER A 65 -10.70 -5.80 -2.74
C SER A 65 -10.30 -4.59 -1.89
N ILE A 66 -10.03 -3.47 -2.56
CA ILE A 66 -9.64 -2.25 -1.86
C ILE A 66 -10.71 -1.17 -2.00
N ASP A 67 -11.36 -1.15 -3.16
CA ASP A 67 -12.42 -0.17 -3.42
C ASP A 67 -13.77 -0.70 -2.96
N GLU A 68 -13.79 -1.93 -2.46
CA GLU A 68 -15.02 -2.54 -2.00
C GLU A 68 -16.03 -2.67 -3.14
N GLU A 69 -15.54 -2.57 -4.36
CA GLU A 69 -16.40 -2.67 -5.54
C GLU A 69 -15.86 -3.71 -6.51
N VAL A 70 -14.53 -3.83 -6.58
CA VAL A 70 -13.90 -4.79 -7.47
C VAL A 70 -13.19 -5.89 -6.69
N TYR A 71 -13.79 -7.07 -6.66
CA TYR A 71 -13.22 -8.20 -5.94
C TYR A 71 -12.44 -9.10 -6.88
N PHE A 72 -11.36 -9.70 -6.37
CA PHE A 72 -10.53 -10.58 -7.18
C PHE A 72 -10.50 -11.99 -6.57
N GLU A 73 -9.81 -12.91 -7.25
CA GLU A 73 -9.71 -14.28 -6.78
C GLU A 73 -8.37 -14.52 -6.07
N ASN A 74 -7.43 -13.61 -6.27
CA ASN A 74 -6.11 -13.72 -5.66
C ASN A 74 -5.36 -12.40 -5.74
N LEU A 75 -4.21 -12.34 -5.07
CA LEU A 75 -3.39 -11.13 -5.07
C LEU A 75 -2.66 -10.97 -6.40
N MET A 76 -2.47 -12.09 -7.11
CA MET A 76 -1.79 -12.08 -8.39
C MET A 76 -2.57 -11.25 -9.41
N GLN A 77 -3.82 -11.62 -9.63
CA GLN A 77 -4.68 -10.91 -10.58
C GLN A 77 -4.95 -9.49 -10.12
N LEU A 78 -5.07 -9.32 -8.80
CA LEU A 78 -5.33 -8.00 -8.22
C LEU A 78 -4.27 -6.99 -8.66
N VAL A 79 -3.00 -7.38 -8.56
CA VAL A 79 -1.90 -6.52 -8.96
C VAL A 79 -1.93 -6.24 -10.45
N GLU A 80 -2.26 -7.26 -11.24
CA GLU A 80 -2.33 -7.12 -12.68
C GLU A 80 -3.24 -5.96 -13.09
N HIS A 81 -4.34 -5.81 -12.35
CA HIS A 81 -5.30 -4.74 -12.61
C HIS A 81 -4.73 -3.38 -12.22
N TYR A 82 -4.11 -3.33 -11.04
CA TYR A 82 -3.53 -2.08 -10.55
C TYR A 82 -2.32 -1.67 -11.40
N THR A 83 -1.73 -2.64 -12.08
CA THR A 83 -0.58 -2.39 -12.93
C THR A 83 -1.00 -1.90 -14.31
N THR A 84 -2.17 -2.34 -14.76
CA THR A 84 -2.68 -1.94 -16.06
C THR A 84 -3.29 -0.55 -16.01
N ASP A 85 -3.74 -0.15 -14.82
CA ASP A 85 -4.35 1.17 -14.65
C ASP A 85 -4.37 1.56 -13.17
N ALA A 86 -4.53 2.85 -12.91
CA ALA A 86 -4.58 3.35 -11.53
C ALA A 86 -5.57 2.56 -10.69
N ASP A 87 -6.82 2.55 -11.12
CA ASP A 87 -7.87 1.84 -10.40
C ASP A 87 -8.03 2.38 -8.98
N GLY A 88 -7.53 3.59 -8.75
CA GLY A 88 -7.62 4.20 -7.44
C GLY A 88 -6.26 4.40 -6.81
N LEU A 89 -5.21 4.01 -7.52
CA LEU A 89 -3.85 4.15 -7.01
C LEU A 89 -3.22 5.46 -7.48
N CYS A 90 -2.50 6.12 -6.58
CA CYS A 90 -1.84 7.38 -6.90
C CYS A 90 -1.02 7.26 -8.18
N THR A 91 -0.51 6.07 -8.44
CA THR A 91 0.30 5.82 -9.63
C THR A 91 0.29 4.35 -10.01
N ARG A 92 -0.09 4.06 -11.25
CA ARG A 92 -0.15 2.69 -11.74
C ARG A 92 1.15 1.95 -11.44
N LEU A 93 1.04 0.67 -11.08
CA LEU A 93 2.21 -0.15 -10.77
C LEU A 93 3.10 -0.32 -12.00
N ILE A 94 4.40 -0.14 -11.80
CA ILE A 94 5.36 -0.29 -12.90
C ILE A 94 6.39 -1.36 -12.58
N LYS A 95 7.00 -1.26 -11.41
CA LYS A 95 8.02 -2.23 -10.99
C LYS A 95 7.75 -2.71 -9.56
N PRO A 96 7.67 -4.04 -9.38
CA PRO A 96 7.42 -4.65 -8.08
C PRO A 96 8.61 -4.49 -7.13
N LYS A 97 8.32 -4.24 -5.86
CA LYS A 97 9.36 -4.07 -4.86
C LYS A 97 10.05 -5.40 -4.56
N VAL A 98 11.02 -5.76 -5.39
CA VAL A 98 11.76 -7.00 -5.21
C VAL A 98 12.55 -6.99 -3.90
N MET A 99 12.40 -8.05 -3.12
CA MET A 99 13.11 -8.16 -1.85
C MET A 99 14.17 -9.26 -1.91
N GLY B 1 1.81 38.81 -3.02
CA GLY B 1 1.66 37.47 -3.54
C GLY B 1 1.39 36.45 -2.46
N PRO B 2 1.06 35.21 -2.87
CA PRO B 2 0.77 34.12 -1.93
C PRO B 2 2.01 33.66 -1.18
N LEU B 3 1.80 32.82 -0.16
CA LEU B 3 2.91 32.30 0.64
C LEU B 3 3.98 31.67 -0.25
N GLY B 4 3.54 30.83 -1.18
CA GLY B 4 4.47 30.17 -2.07
C GLY B 4 4.86 28.79 -1.60
N SER B 5 4.70 28.54 -0.30
CA SER B 5 5.04 27.26 0.28
C SER B 5 4.36 26.12 -0.47
N LYS B 6 5.15 25.11 -0.83
CA LYS B 6 4.62 23.95 -1.55
C LYS B 6 5.32 22.68 -1.10
N ARG B 7 4.61 21.55 -1.22
CA ARG B 7 5.17 20.26 -0.83
C ARG B 7 4.27 19.12 -1.29
N PHE B 8 4.74 17.89 -1.13
CA PHE B 8 3.98 16.72 -1.54
C PHE B 8 4.66 15.43 -1.05
N SER B 9 4.69 15.27 0.27
CA SER B 9 5.31 14.09 0.87
C SER B 9 5.09 14.08 2.38
N SER B 10 3.88 13.75 2.80
CA SER B 10 3.54 13.72 4.22
C SER B 10 2.76 12.45 4.56
N LEU B 11 3.43 11.48 5.16
CA LEU B 11 2.81 10.22 5.55
C LEU B 11 3.66 9.47 6.56
N SER B 12 3.15 9.35 7.78
CA SER B 12 3.87 8.64 8.84
C SER B 12 3.07 7.45 9.33
N TYR B 13 3.28 6.30 8.69
CA TYR B 13 2.57 5.08 9.06
C TYR B 13 3.14 4.50 10.35
N LYS B 14 2.29 3.83 11.11
CA LYS B 14 2.70 3.22 12.38
C LYS B 14 1.96 1.91 12.62
N SER B 15 2.71 0.86 12.91
CA SER B 15 2.13 -0.46 13.17
C SER B 15 1.84 -0.65 14.65
N ARG B 16 0.91 -1.54 14.96
CA ARG B 16 0.54 -1.82 16.34
C ARG B 16 1.74 -2.31 17.14
N GLU B 17 2.77 -2.77 16.43
CA GLU B 17 3.98 -3.26 17.07
C GLU B 17 4.71 -2.13 17.81
N GLU B 18 4.67 -0.94 17.23
CA GLU B 18 5.31 0.22 17.84
C GLU B 18 4.31 1.07 18.61
N ASP B 19 3.05 0.97 18.23
CA ASP B 19 1.99 1.72 18.89
C ASP B 19 0.70 0.90 18.95
N PRO B 20 0.64 -0.03 19.92
CA PRO B 20 -0.54 -0.89 20.11
C PRO B 20 -1.74 -0.12 20.63
N THR B 21 -1.53 1.16 20.95
CA THR B 21 -2.60 2.00 21.47
C THR B 21 -3.29 2.77 20.33
N LEU B 22 -3.26 2.20 19.13
CA LEU B 22 -3.88 2.83 17.98
C LEU B 22 -5.23 2.19 17.66
N THR B 23 -6.22 3.02 17.36
CA THR B 23 -7.55 2.54 17.04
C THR B 23 -7.84 2.65 15.55
N GLU B 24 -8.97 2.10 15.12
CA GLU B 24 -9.36 2.13 13.71
C GLU B 24 -9.24 3.55 13.15
N GLU B 25 -9.58 4.53 13.97
CA GLU B 25 -9.52 5.93 13.55
C GLU B 25 -8.09 6.33 13.19
N GLU B 26 -7.15 6.05 14.09
CA GLU B 26 -5.75 6.38 13.86
C GLU B 26 -5.20 5.58 12.68
N ILE B 27 -5.38 4.27 12.73
CA ILE B 27 -4.89 3.40 11.67
C ILE B 27 -5.45 3.82 10.31
N SER B 28 -6.77 3.93 10.23
CA SER B 28 -7.43 4.32 8.99
C SER B 28 -6.94 5.70 8.52
N ALA B 29 -6.42 6.48 9.47
CA ALA B 29 -5.90 7.81 9.15
C ALA B 29 -4.48 7.73 8.61
N MET B 30 -3.98 6.52 8.42
CA MET B 30 -2.63 6.31 7.90
C MET B 30 -2.67 5.65 6.53
N PTR B 31 -3.87 5.55 5.97
CA PTR B 31 -4.02 4.93 4.63
C PTR B 31 -4.26 6.00 3.58
O PTR B 31 -4.37 7.20 3.85
CB PTR B 31 -5.16 3.87 4.74
CG PTR B 31 -4.74 2.51 5.31
CD1 PTR B 31 -4.35 1.47 4.44
CD2 PTR B 31 -4.77 2.27 6.69
CE1 PTR B 31 -3.99 0.24 4.95
CE2 PTR B 31 -4.42 1.02 7.19
CZ PTR B 31 -4.03 0.00 6.33
OH PTR B 31 -3.65 -1.22 6.85
P PTR B 31 -2.33 -1.19 7.80
O1P PTR B 31 -2.01 -2.60 8.30
O2P PTR B 31 -2.56 -0.26 9.00
O3P PTR B 31 -1.14 -0.67 6.99
H PTR B 31 -4.78 5.85 6.32
HA PTR B 31 -3.08 4.42 4.36
HB2 PTR B 31 -5.65 3.74 3.75
HB3 PTR B 31 -5.98 4.27 5.38
HD1 PTR B 31 -4.33 1.62 3.38
HD2 PTR B 31 -5.10 3.04 7.36
HE1 PTR B 31 -3.71 -0.58 4.30
HE2 PTR B 31 -4.47 0.83 8.25
N SER B 32 -4.34 5.54 2.34
CA SER B 32 -4.56 6.43 1.20
C SER B 32 -5.96 6.24 0.64
N SER B 33 -6.43 5.00 0.63
CA SER B 33 -7.76 4.69 0.11
C SER B 33 -7.82 4.92 -1.40
N VAL B 34 -8.32 3.94 -2.13
CA VAL B 34 -8.43 4.05 -3.58
C VAL B 34 -9.12 5.34 -3.98
N ASN B 35 -8.55 6.03 -4.97
CA ASN B 35 -9.11 7.29 -5.45
C ASN B 35 -9.24 7.28 -6.97
N LYS B 36 -10.24 6.54 -7.46
CA LYS B 36 -10.47 6.46 -8.89
C LYS B 36 -10.97 7.79 -9.45
N PRO B 37 -10.71 8.02 -10.75
CA PRO B 37 -11.12 9.25 -11.43
C PRO B 37 -12.63 9.34 -11.61
N GLY B 38 -13.25 10.30 -10.94
CA GLY B 38 -14.69 10.47 -11.04
C GLY B 38 -15.44 9.61 -10.04
N GLY A 1 8.78 -19.17 0.88
CA GLY A 1 8.50 -17.76 0.69
C GLY A 1 7.02 -17.49 0.48
N PRO A 2 6.69 -16.26 0.07
CA PRO A 2 5.31 -15.84 -0.19
C PRO A 2 4.71 -16.53 -1.41
N LEU A 3 3.94 -17.57 -1.18
CA LEU A 3 3.30 -18.31 -2.27
C LEU A 3 4.35 -19.07 -3.09
N GLY A 4 5.10 -18.34 -3.91
CA GLY A 4 6.12 -18.97 -4.73
C GLY A 4 6.74 -17.99 -5.71
N SER A 5 5.91 -17.16 -6.33
CA SER A 5 6.39 -16.18 -7.30
C SER A 5 5.82 -14.79 -6.99
N MET A 6 6.07 -14.32 -5.78
CA MET A 6 5.59 -13.00 -5.36
C MET A 6 6.72 -12.18 -4.76
N PRO A 7 7.63 -11.68 -5.61
CA PRO A 7 8.77 -10.88 -5.19
C PRO A 7 8.35 -9.50 -4.68
N TRP A 8 7.06 -9.19 -4.84
CA TRP A 8 6.53 -7.90 -4.39
C TRP A 8 5.80 -8.04 -3.07
N PHE A 9 5.20 -9.21 -2.85
CA PHE A 9 4.46 -9.47 -1.62
C PHE A 9 5.38 -10.06 -0.55
N HIS A 10 5.68 -9.25 0.46
CA HIS A 10 6.55 -9.70 1.55
C HIS A 10 5.75 -10.47 2.60
N GLY A 11 4.61 -9.92 3.00
CA GLY A 11 3.77 -10.57 3.99
C GLY A 11 4.49 -10.79 5.29
N LYS A 12 5.39 -9.88 5.63
CA LYS A 12 6.16 -9.97 6.87
C LYS A 12 7.12 -8.79 7.02
N ILE A 13 6.69 -7.63 6.52
CA ILE A 13 7.51 -6.43 6.60
C ILE A 13 7.02 -5.49 7.69
N THR A 14 7.96 -4.82 8.35
CA THR A 14 7.61 -3.90 9.42
C THR A 14 7.41 -2.48 8.88
N ARG A 15 6.70 -1.66 9.65
CA ARG A 15 6.42 -0.28 9.24
C ARG A 15 7.73 0.45 8.92
N GLU A 16 8.78 0.17 9.69
CA GLU A 16 10.08 0.81 9.48
C GLU A 16 10.80 0.18 8.29
N GLN A 17 10.57 -1.11 8.08
CA GLN A 17 11.20 -1.83 6.99
C GLN A 17 10.63 -1.38 5.64
N ALA A 18 9.33 -1.16 5.60
CA ALA A 18 8.67 -0.73 4.37
C ALA A 18 8.95 0.75 4.09
N GLU A 19 9.05 1.54 5.15
CA GLU A 19 9.32 2.97 5.00
C GLU A 19 10.64 3.21 4.29
N ARG A 20 11.69 2.58 4.80
CA ARG A 20 13.02 2.72 4.21
C ARG A 20 13.07 2.09 2.83
N LEU A 21 12.35 0.99 2.66
CA LEU A 21 12.32 0.29 1.38
C LEU A 21 11.90 1.23 0.25
N LEU A 22 10.95 2.12 0.55
CA LEU A 22 10.47 3.08 -0.44
C LEU A 22 11.15 4.43 -0.26
N TYR A 23 12.46 4.41 -0.05
CA TYR A 23 13.24 5.63 0.14
C TYR A 23 13.28 6.45 -1.15
N PRO A 24 13.83 5.84 -2.22
CA PRO A 24 13.95 6.48 -3.52
C PRO A 24 12.61 6.66 -4.20
N PRO A 25 12.28 7.92 -4.56
CA PRO A 25 11.02 8.25 -5.22
C PRO A 25 10.96 7.73 -6.65
N GLU A 26 10.01 6.85 -6.92
CA GLU A 26 9.86 6.28 -8.25
C GLU A 26 8.42 5.80 -8.48
N THR A 27 7.67 6.57 -9.27
CA THR A 27 6.28 6.23 -9.57
C THR A 27 6.18 4.85 -10.22
N GLY A 28 5.60 3.90 -9.49
CA GLY A 28 5.45 2.56 -10.02
C GLY A 28 5.96 1.50 -9.07
N LEU A 29 6.55 1.93 -7.96
CA LEU A 29 7.08 1.02 -6.96
C LEU A 29 6.03 0.70 -5.89
N PHE A 30 5.65 -0.57 -5.81
CA PHE A 30 4.65 -1.00 -4.84
C PHE A 30 5.16 -2.19 -4.03
N LEU A 31 4.47 -2.49 -2.94
CA LEU A 31 4.85 -3.60 -2.07
C LEU A 31 3.71 -3.99 -1.14
N VAL A 32 3.52 -5.29 -0.95
CA VAL A 32 2.46 -5.79 -0.08
C VAL A 32 3.04 -6.42 1.18
N ARG A 33 2.50 -6.03 2.33
CA ARG A 33 2.97 -6.56 3.60
C ARG A 33 1.79 -6.85 4.54
N GLU A 34 1.92 -7.89 5.34
CA GLU A 34 0.87 -8.28 6.28
C GLU A 34 0.39 -7.08 7.08
N SER A 35 -0.91 -6.81 7.03
CA SER A 35 -1.49 -5.69 7.75
C SER A 35 -1.31 -5.87 9.26
N THR A 36 -0.45 -5.04 9.84
CA THR A 36 -0.18 -5.10 11.27
C THR A 36 -1.38 -4.64 12.08
N ASN A 37 -1.85 -3.43 11.80
CA ASN A 37 -3.00 -2.87 12.50
C ASN A 37 -4.25 -3.69 12.21
N TYR A 38 -4.29 -4.33 11.05
CA TYR A 38 -5.43 -5.14 10.64
C TYR A 38 -5.02 -6.59 10.45
N PRO A 39 -5.23 -7.41 11.50
CA PRO A 39 -4.89 -8.83 11.47
C PRO A 39 -5.81 -9.62 10.55
N GLY A 40 -5.24 -10.17 9.48
CA GLY A 40 -6.02 -10.94 8.54
C GLY A 40 -6.13 -10.28 7.18
N ASP A 41 -5.53 -9.10 7.05
CA ASP A 41 -5.56 -8.35 5.81
C ASP A 41 -4.15 -8.05 5.32
N TYR A 42 -4.05 -7.24 4.26
CA TYR A 42 -2.76 -6.88 3.69
C TYR A 42 -2.74 -5.41 3.28
N THR A 43 -1.59 -4.77 3.44
CA THR A 43 -1.44 -3.36 3.08
C THR A 43 -0.47 -3.20 1.91
N LEU A 44 -0.80 -2.27 1.02
CA LEU A 44 0.04 -2.00 -0.15
C LEU A 44 0.67 -0.62 -0.06
N CYS A 45 1.99 -0.58 -0.04
CA CYS A 45 2.73 0.68 0.04
C CYS A 45 3.29 1.07 -1.33
N VAL A 46 3.03 2.31 -1.73
CA VAL A 46 3.51 2.81 -3.02
C VAL A 46 4.25 4.13 -2.85
N SER A 47 5.22 4.38 -3.74
CA SER A 47 6.01 5.59 -3.70
C SER A 47 5.53 6.58 -4.75
N CYS A 48 4.97 7.70 -4.30
CA CYS A 48 4.46 8.72 -5.22
C CYS A 48 5.19 10.04 -4.99
N GLU A 49 6.28 10.25 -5.74
CA GLU A 49 7.07 11.46 -5.62
C GLU A 49 7.75 11.55 -4.26
N GLY A 50 8.09 10.39 -3.71
CA GLY A 50 8.75 10.35 -2.41
C GLY A 50 7.77 10.08 -1.29
N LYS A 51 6.48 10.20 -1.58
CA LYS A 51 5.44 9.96 -0.58
C LYS A 51 5.05 8.49 -0.54
N VAL A 52 4.72 8.00 0.65
CA VAL A 52 4.32 6.61 0.82
C VAL A 52 2.82 6.50 1.05
N GLU A 53 2.14 5.83 0.13
CA GLU A 53 0.69 5.65 0.23
C GLU A 53 0.35 4.21 0.58
N HIS A 54 -0.38 4.02 1.68
CA HIS A 54 -0.76 2.69 2.13
C HIS A 54 -2.21 2.39 1.72
N TYR A 55 -2.39 1.29 1.00
CA TYR A 55 -3.73 0.90 0.55
C TYR A 55 -4.19 -0.36 1.28
N ARG A 56 -5.27 -0.24 2.04
CA ARG A 56 -5.82 -1.36 2.79
C ARG A 56 -6.45 -2.39 1.85
N ILE A 57 -6.06 -3.65 2.02
CA ILE A 57 -6.59 -4.73 1.18
C ILE A 57 -7.45 -5.68 2.00
N MET A 58 -8.76 -5.66 1.77
CA MET A 58 -9.68 -6.52 2.47
C MET A 58 -9.72 -7.92 1.85
N TYR A 59 -9.47 -8.93 2.67
CA TYR A 59 -9.47 -10.31 2.19
C TYR A 59 -10.60 -11.11 2.83
N HIS A 60 -11.68 -11.30 2.08
CA HIS A 60 -12.83 -12.05 2.57
C HIS A 60 -13.36 -12.99 1.49
N ALA A 61 -13.80 -14.17 1.91
CA ALA A 61 -14.33 -15.16 0.98
C ALA A 61 -13.30 -15.54 -0.08
N SER A 62 -12.04 -15.58 0.32
CA SER A 62 -10.96 -15.91 -0.60
C SER A 62 -10.89 -14.92 -1.75
N LYS A 63 -11.26 -13.67 -1.46
CA LYS A 63 -11.24 -12.62 -2.48
C LYS A 63 -10.68 -11.32 -1.89
N LEU A 64 -9.92 -10.60 -2.71
CA LEU A 64 -9.32 -9.34 -2.28
C LEU A 64 -10.05 -8.16 -2.91
N SER A 65 -10.03 -7.02 -2.22
CA SER A 65 -10.68 -5.82 -2.71
C SER A 65 -10.29 -4.60 -1.87
N ILE A 66 -10.07 -3.47 -2.53
CA ILE A 66 -9.70 -2.24 -1.85
C ILE A 66 -10.78 -1.17 -2.00
N ASP A 67 -11.39 -1.13 -3.19
CA ASP A 67 -12.44 -0.16 -3.46
C ASP A 67 -13.81 -0.71 -3.06
N GLU A 68 -13.84 -1.98 -2.66
CA GLU A 68 -15.08 -2.62 -2.26
C GLU A 68 -16.07 -2.67 -3.42
N GLU A 69 -15.56 -2.45 -4.63
CA GLU A 69 -16.40 -2.47 -5.82
C GLU A 69 -15.87 -3.48 -6.84
N VAL A 70 -14.68 -4.01 -6.57
CA VAL A 70 -14.06 -4.99 -7.46
C VAL A 70 -13.29 -6.04 -6.68
N TYR A 71 -13.88 -7.23 -6.58
CA TYR A 71 -13.26 -8.33 -5.85
C TYR A 71 -12.47 -9.23 -6.79
N PHE A 72 -11.36 -9.77 -6.30
CA PHE A 72 -10.51 -10.65 -7.09
C PHE A 72 -10.46 -12.05 -6.49
N GLU A 73 -9.74 -12.95 -7.16
CA GLU A 73 -9.61 -14.32 -6.68
C GLU A 73 -8.27 -14.54 -5.98
N ASN A 74 -7.35 -13.60 -6.19
CA ASN A 74 -6.03 -13.68 -5.58
C ASN A 74 -5.30 -12.34 -5.68
N LEU A 75 -4.15 -12.25 -5.02
CA LEU A 75 -3.35 -11.03 -5.04
C LEU A 75 -2.64 -10.86 -6.38
N MET A 76 -2.43 -11.98 -7.07
CA MET A 76 -1.77 -11.97 -8.37
C MET A 76 -2.56 -11.14 -9.38
N GLN A 77 -3.81 -11.53 -9.59
CA GLN A 77 -4.69 -10.83 -10.53
C GLN A 77 -4.97 -9.41 -10.06
N LEU A 78 -5.09 -9.25 -8.74
CA LEU A 78 -5.37 -7.94 -8.16
C LEU A 78 -4.33 -6.91 -8.59
N VAL A 79 -3.06 -7.28 -8.47
CA VAL A 79 -1.96 -6.40 -8.85
C VAL A 79 -1.98 -6.13 -10.35
N GLU A 80 -2.31 -7.15 -11.13
CA GLU A 80 -2.36 -7.01 -12.59
C GLU A 80 -3.29 -5.86 -12.99
N HIS A 81 -4.39 -5.72 -12.27
CA HIS A 81 -5.37 -4.67 -12.56
C HIS A 81 -4.82 -3.30 -12.14
N TYR A 82 -4.23 -3.24 -10.95
CA TYR A 82 -3.66 -1.99 -10.44
C TYR A 82 -2.42 -1.60 -11.23
N THR A 83 -1.87 -2.55 -11.97
CA THR A 83 -0.68 -2.31 -12.77
C THR A 83 -1.04 -1.74 -14.14
N THR A 84 -2.17 -2.19 -14.68
CA THR A 84 -2.62 -1.74 -15.98
C THR A 84 -3.30 -0.38 -15.89
N ASP A 85 -3.80 -0.05 -14.70
CA ASP A 85 -4.47 1.22 -14.48
C ASP A 85 -4.49 1.57 -12.99
N ALA A 86 -4.56 2.86 -12.68
CA ALA A 86 -4.59 3.32 -11.31
C ALA A 86 -5.67 2.60 -10.50
N ASP A 87 -6.91 2.72 -10.96
CA ASP A 87 -8.03 2.08 -10.30
C ASP A 87 -8.11 2.52 -8.83
N GLY A 88 -7.57 3.70 -8.54
CA GLY A 88 -7.60 4.21 -7.19
C GLY A 88 -6.21 4.43 -6.64
N LEU A 89 -5.20 3.93 -7.33
CA LEU A 89 -3.81 4.08 -6.91
C LEU A 89 -3.23 5.39 -7.42
N CYS A 90 -2.47 6.07 -6.56
CA CYS A 90 -1.85 7.34 -6.92
C CYS A 90 -1.08 7.21 -8.24
N THR A 91 -0.57 6.01 -8.51
CA THR A 91 0.18 5.75 -9.73
C THR A 91 0.20 4.26 -10.06
N ARG A 92 -0.17 3.93 -11.29
CA ARG A 92 -0.20 2.55 -11.74
C ARG A 92 1.14 1.87 -11.45
N LEU A 93 1.06 0.61 -11.01
CA LEU A 93 2.26 -0.16 -10.69
C LEU A 93 3.14 -0.32 -11.93
N ILE A 94 4.45 -0.20 -11.73
CA ILE A 94 5.41 -0.35 -12.83
C ILE A 94 6.48 -1.37 -12.50
N LYS A 95 7.11 -1.21 -11.33
CA LYS A 95 8.15 -2.13 -10.90
C LYS A 95 7.87 -2.65 -9.49
N PRO A 96 7.78 -3.98 -9.35
CA PRO A 96 7.51 -4.62 -8.06
C PRO A 96 8.69 -4.51 -7.11
N LYS A 97 8.40 -4.24 -5.85
CA LYS A 97 9.43 -4.11 -4.83
C LYS A 97 10.08 -5.46 -4.54
N VAL A 98 11.06 -5.82 -5.35
CA VAL A 98 11.76 -7.09 -5.18
C VAL A 98 12.53 -7.12 -3.86
N MET A 99 12.49 -8.25 -3.18
CA MET A 99 13.18 -8.42 -1.91
C MET A 99 14.34 -9.39 -2.03
N GLY B 1 22.73 28.32 2.02
CA GLY B 1 22.00 27.86 0.86
C GLY B 1 20.63 28.51 0.75
N PRO B 2 19.88 28.12 -0.29
CA PRO B 2 18.53 28.66 -0.53
C PRO B 2 17.52 28.17 0.51
N LEU B 3 16.34 28.77 0.50
CA LEU B 3 15.28 28.41 1.44
C LEU B 3 14.97 26.92 1.35
N GLY B 4 14.91 26.41 0.13
CA GLY B 4 14.61 25.00 -0.07
C GLY B 4 13.15 24.67 0.19
N SER B 5 12.28 25.64 -0.08
CA SER B 5 10.85 25.45 0.14
C SER B 5 10.24 24.63 -1.00
N LYS B 6 10.52 23.34 -1.02
CA LYS B 6 9.99 22.45 -2.05
C LYS B 6 10.00 21.01 -1.58
N ARG B 7 8.86 20.33 -1.71
CA ARG B 7 8.73 18.94 -1.30
C ARG B 7 7.39 18.37 -1.72
N PHE B 8 7.19 17.08 -1.46
CA PHE B 8 5.94 16.42 -1.80
C PHE B 8 5.92 14.99 -1.27
N SER B 9 5.91 14.84 0.04
CA SER B 9 5.89 13.53 0.67
C SER B 9 5.79 13.65 2.19
N SER B 10 4.75 13.05 2.76
CA SER B 10 4.53 13.11 4.20
C SER B 10 3.49 12.08 4.63
N LEU B 11 3.95 11.03 5.31
CA LEU B 11 3.06 9.98 5.78
C LEU B 11 3.75 9.12 6.83
N SER B 12 3.40 9.35 8.10
CA SER B 12 3.98 8.60 9.21
C SER B 12 3.07 7.44 9.62
N TYR B 13 3.25 6.30 8.99
CA TYR B 13 2.46 5.12 9.28
C TYR B 13 2.91 4.46 10.58
N LYS B 14 1.96 3.90 11.33
CA LYS B 14 2.25 3.24 12.59
C LYS B 14 1.48 1.93 12.71
N SER B 15 2.20 0.87 13.04
CA SER B 15 1.60 -0.45 13.19
C SER B 15 1.17 -0.70 14.63
N ARG B 16 0.32 -1.69 14.83
CA ARG B 16 -0.17 -2.03 16.17
C ARG B 16 0.96 -2.59 17.03
N GLU B 17 2.08 -2.90 16.40
CA GLU B 17 3.23 -3.44 17.12
C GLU B 17 3.93 -2.34 17.93
N GLU B 18 3.98 -1.14 17.36
CA GLU B 18 4.62 -0.01 18.03
C GLU B 18 3.58 0.84 18.77
N ASP B 19 2.31 0.65 18.41
CA ASP B 19 1.23 1.40 19.03
C ASP B 19 -0.08 0.62 18.97
N PRO B 20 -0.23 -0.35 19.88
CA PRO B 20 -1.43 -1.20 19.95
C PRO B 20 -2.65 -0.43 20.43
N THR B 21 -2.43 0.82 20.84
CA THR B 21 -3.52 1.67 21.32
C THR B 21 -4.09 2.52 20.20
N LEU B 22 -3.98 2.03 18.96
CA LEU B 22 -4.48 2.76 17.81
C LEU B 22 -5.82 2.19 17.34
N THR B 23 -6.76 3.07 17.02
CA THR B 23 -8.07 2.64 16.56
C THR B 23 -8.21 2.79 15.05
N GLU B 24 -9.29 2.26 14.50
CA GLU B 24 -9.54 2.33 13.06
C GLU B 24 -9.38 3.76 12.56
N GLU B 25 -9.73 4.72 13.41
CA GLU B 25 -9.62 6.13 13.05
C GLU B 25 -8.17 6.53 12.80
N GLU B 26 -7.29 6.14 13.72
CA GLU B 26 -5.87 6.46 13.61
C GLU B 26 -5.26 5.76 12.40
N ILE B 27 -5.51 4.46 12.28
CA ILE B 27 -4.98 3.68 11.17
C ILE B 27 -5.50 4.19 9.84
N SER B 28 -6.83 4.30 9.72
CA SER B 28 -7.46 4.78 8.50
C SER B 28 -6.96 6.17 8.15
N ALA B 29 -6.48 6.90 9.15
CA ALA B 29 -5.97 8.25 8.95
C ALA B 29 -4.56 8.22 8.36
N MET B 30 -4.02 7.02 8.17
CA MET B 30 -2.69 6.86 7.62
C MET B 30 -2.74 6.18 6.26
N PTR B 31 -3.94 6.04 5.72
CA PTR B 31 -4.11 5.40 4.40
C PTR B 31 -4.61 6.41 3.37
O PTR B 31 -5.17 7.46 3.69
CB PTR B 31 -5.05 4.17 4.59
CG PTR B 31 -4.40 2.94 5.23
CD1 PTR B 31 -4.49 1.69 4.60
CD2 PTR B 31 -3.74 3.03 6.46
CE1 PTR B 31 -3.92 0.56 5.19
CE2 PTR B 31 -3.17 1.91 7.04
CZ PTR B 31 -3.27 0.67 6.42
OH PTR B 31 -2.67 -0.44 6.98
P PTR B 31 -3.70 -1.60 7.52
O1P PTR B 31 -2.90 -2.76 8.12
O2P PTR B 31 -4.57 -2.11 6.37
O3P PTR B 31 -4.59 -1.00 8.61
H PTR B 31 -4.85 6.34 6.08
HA PTR B 31 -3.13 5.04 4.04
HB2 PTR B 31 -5.52 3.90 3.63
HB3 PTR B 31 -5.91 4.47 5.23
HD1 PTR B 31 -5.02 1.58 3.66
HD2 PTR B 31 -3.67 3.99 6.97
HE1 PTR B 31 -4.01 -0.41 4.72
HE2 PTR B 31 -2.68 1.96 8.01
N SER B 32 -4.38 6.07 2.11
CA SER B 32 -4.78 6.92 1.01
C SER B 32 -6.10 6.46 0.41
N SER B 33 -6.33 5.15 0.43
CA SER B 33 -7.56 4.58 -0.11
C SER B 33 -7.65 4.81 -1.61
N VAL B 34 -8.34 3.91 -2.30
CA VAL B 34 -8.51 4.00 -3.74
C VAL B 34 -9.19 5.32 -4.13
N ASN B 35 -8.50 6.12 -4.94
CA ASN B 35 -9.04 7.40 -5.38
C ASN B 35 -8.97 7.52 -6.89
N LYS B 36 -9.88 6.81 -7.57
CA LYS B 36 -9.93 6.84 -9.03
C LYS B 36 -10.27 8.23 -9.53
N PRO B 37 -9.96 8.49 -10.82
CA PRO B 37 -10.24 9.79 -11.45
C PRO B 37 -11.72 10.04 -11.66
N GLY B 38 -12.27 11.01 -10.94
CA GLY B 38 -13.68 11.33 -11.06
C GLY B 38 -13.95 12.83 -11.01
N GLY A 1 10.71 -17.90 -4.13
CA GLY A 1 9.88 -16.91 -3.46
C GLY A 1 9.30 -17.42 -2.16
N PRO A 2 8.59 -16.52 -1.44
CA PRO A 2 7.97 -16.86 -0.16
C PRO A 2 6.79 -17.81 -0.32
N LEU A 3 5.95 -17.54 -1.30
CA LEU A 3 4.78 -18.37 -1.55
C LEU A 3 4.95 -19.17 -2.84
N GLY A 4 5.65 -18.58 -3.81
CA GLY A 4 5.87 -19.26 -5.08
C GLY A 4 6.47 -18.34 -6.12
N SER A 5 5.90 -17.14 -6.24
CA SER A 5 6.37 -16.17 -7.23
C SER A 5 5.79 -14.79 -6.93
N MET A 6 6.00 -14.31 -5.71
CA MET A 6 5.50 -13.00 -5.31
C MET A 6 6.61 -12.17 -4.69
N PRO A 7 7.54 -11.68 -5.52
CA PRO A 7 8.67 -10.85 -5.07
C PRO A 7 8.22 -9.47 -4.59
N TRP A 8 6.95 -9.16 -4.80
CA TRP A 8 6.40 -7.88 -4.39
C TRP A 8 5.64 -8.00 -3.08
N PHE A 9 5.12 -9.20 -2.81
CA PHE A 9 4.37 -9.45 -1.59
C PHE A 9 5.25 -10.12 -0.53
N HIS A 10 5.67 -9.32 0.45
CA HIS A 10 6.52 -9.83 1.53
C HIS A 10 5.68 -10.57 2.57
N GLY A 11 4.56 -9.97 2.96
CA GLY A 11 3.70 -10.59 3.95
C GLY A 11 4.39 -10.80 5.28
N LYS A 12 5.27 -9.85 5.64
CA LYS A 12 6.00 -9.94 6.90
C LYS A 12 6.97 -8.76 7.04
N ILE A 13 6.55 -7.61 6.54
CA ILE A 13 7.37 -6.41 6.62
C ILE A 13 6.79 -5.40 7.60
N THR A 14 7.67 -4.68 8.30
CA THR A 14 7.24 -3.69 9.27
C THR A 14 7.26 -2.29 8.66
N ARG A 15 6.84 -1.30 9.46
CA ARG A 15 6.80 0.08 9.00
C ARG A 15 8.22 0.60 8.74
N GLU A 16 9.15 0.24 9.61
CA GLU A 16 10.53 0.67 9.47
C GLU A 16 11.15 0.12 8.19
N GLN A 17 10.79 -1.11 7.86
CA GLN A 17 11.31 -1.76 6.65
C GLN A 17 10.62 -1.22 5.41
N ALA A 18 9.32 -0.95 5.52
CA ALA A 18 8.55 -0.43 4.41
C ALA A 18 8.97 0.99 4.06
N GLU A 19 9.29 1.77 5.10
CA GLU A 19 9.70 3.15 4.90
C GLU A 19 11.05 3.23 4.19
N ARG A 20 12.04 2.52 4.73
CA ARG A 20 13.39 2.51 4.16
C ARG A 20 13.36 1.87 2.77
N LEU A 21 12.51 0.87 2.59
CA LEU A 21 12.39 0.19 1.31
C LEU A 21 11.91 1.14 0.21
N LEU A 22 11.03 2.06 0.59
CA LEU A 22 10.50 3.03 -0.36
C LEU A 22 11.16 4.39 -0.16
N TYR A 23 12.47 4.39 0.01
CA TYR A 23 13.22 5.63 0.22
C TYR A 23 13.24 6.46 -1.07
N PRO A 24 13.81 5.87 -2.14
CA PRO A 24 13.92 6.54 -3.44
C PRO A 24 12.57 6.69 -4.13
N PRO A 25 12.21 7.94 -4.46
CA PRO A 25 10.95 8.25 -5.11
C PRO A 25 10.90 7.76 -6.56
N GLU A 26 9.97 6.86 -6.84
CA GLU A 26 9.82 6.30 -8.18
C GLU A 26 8.40 5.80 -8.42
N THR A 27 7.67 6.49 -9.29
CA THR A 27 6.30 6.13 -9.59
C THR A 27 6.23 4.75 -10.25
N GLY A 28 5.64 3.80 -9.52
CA GLY A 28 5.51 2.45 -10.04
C GLY A 28 6.01 1.41 -9.06
N LEU A 29 6.61 1.86 -7.97
CA LEU A 29 7.13 0.96 -6.96
C LEU A 29 6.07 0.64 -5.90
N PHE A 30 5.66 -0.61 -5.83
CA PHE A 30 4.65 -1.03 -4.87
C PHE A 30 5.15 -2.22 -4.05
N LEU A 31 4.47 -2.49 -2.93
CA LEU A 31 4.84 -3.59 -2.06
C LEU A 31 3.69 -3.98 -1.14
N VAL A 32 3.46 -5.27 -0.99
CA VAL A 32 2.39 -5.78 -0.14
C VAL A 32 2.95 -6.45 1.10
N ARG A 33 2.38 -6.10 2.25
CA ARG A 33 2.83 -6.68 3.52
C ARG A 33 1.64 -6.92 4.45
N GLU A 34 1.76 -7.93 5.31
CA GLU A 34 0.69 -8.27 6.24
C GLU A 34 0.32 -7.06 7.09
N SER A 35 -0.96 -6.70 7.07
CA SER A 35 -1.45 -5.55 7.84
C SER A 35 -1.20 -5.76 9.33
N THR A 36 -0.32 -4.95 9.89
CA THR A 36 0.01 -5.04 11.32
C THR A 36 -1.16 -4.60 12.18
N ASN A 37 -1.68 -3.40 11.91
CA ASN A 37 -2.81 -2.87 12.66
C ASN A 37 -4.06 -3.74 12.46
N TYR A 38 -4.14 -4.37 11.30
CA TYR A 38 -5.28 -5.22 10.98
C TYR A 38 -4.82 -6.63 10.62
N PRO A 39 -4.87 -7.54 11.60
CA PRO A 39 -4.47 -8.93 11.41
C PRO A 39 -5.44 -9.71 10.53
N GLY A 40 -4.91 -10.29 9.45
CA GLY A 40 -5.75 -11.04 8.53
C GLY A 40 -5.85 -10.39 7.16
N ASP A 41 -5.44 -9.13 7.08
CA ASP A 41 -5.49 -8.39 5.83
C ASP A 41 -4.09 -8.00 5.37
N TYR A 42 -4.02 -7.24 4.28
CA TYR A 42 -2.74 -6.79 3.75
C TYR A 42 -2.79 -5.32 3.36
N THR A 43 -1.62 -4.69 3.32
CA THR A 43 -1.53 -3.28 2.97
C THR A 43 -0.51 -3.06 1.85
N LEU A 44 -0.91 -2.31 0.83
CA LEU A 44 -0.03 -2.02 -0.30
C LEU A 44 0.60 -0.64 -0.16
N CYS A 45 1.92 -0.59 -0.19
CA CYS A 45 2.65 0.67 -0.08
C CYS A 45 3.26 1.07 -1.41
N VAL A 46 2.96 2.28 -1.87
CA VAL A 46 3.48 2.79 -3.13
C VAL A 46 4.20 4.11 -2.94
N SER A 47 5.17 4.38 -3.79
CA SER A 47 5.96 5.62 -3.71
C SER A 47 5.47 6.62 -4.76
N CYS A 48 4.86 7.70 -4.31
CA CYS A 48 4.36 8.74 -5.20
C CYS A 48 5.07 10.06 -4.95
N GLU A 49 6.18 10.26 -5.67
CA GLU A 49 6.96 11.49 -5.53
C GLU A 49 7.63 11.55 -4.16
N GLY A 50 7.98 10.39 -3.61
CA GLY A 50 8.62 10.35 -2.32
C GLY A 50 7.63 10.05 -1.19
N LYS A 51 6.34 10.17 -1.50
CA LYS A 51 5.30 9.91 -0.51
C LYS A 51 4.91 8.44 -0.51
N VAL A 52 4.68 7.88 0.68
CA VAL A 52 4.30 6.49 0.82
C VAL A 52 2.80 6.35 1.04
N GLU A 53 2.09 5.89 0.01
CA GLU A 53 0.65 5.71 0.10
C GLU A 53 0.29 4.27 0.46
N HIS A 54 -0.41 4.10 1.58
CA HIS A 54 -0.81 2.77 2.03
C HIS A 54 -2.27 2.49 1.66
N TYR A 55 -2.50 1.39 0.96
CA TYR A 55 -3.85 1.01 0.55
C TYR A 55 -4.29 -0.26 1.26
N ARG A 56 -5.38 -0.16 2.02
CA ARG A 56 -5.92 -1.30 2.75
C ARG A 56 -6.47 -2.35 1.79
N ILE A 57 -6.10 -3.61 2.04
CA ILE A 57 -6.56 -4.71 1.19
C ILE A 57 -7.41 -5.70 1.99
N MET A 58 -8.71 -5.69 1.74
CA MET A 58 -9.62 -6.58 2.43
C MET A 58 -9.64 -7.96 1.77
N TYR A 59 -9.36 -8.99 2.56
CA TYR A 59 -9.34 -10.35 2.04
C TYR A 59 -10.44 -11.19 2.68
N HIS A 60 -11.54 -11.38 1.95
CA HIS A 60 -12.66 -12.16 2.44
C HIS A 60 -13.18 -13.09 1.36
N ALA A 61 -13.59 -14.29 1.77
CA ALA A 61 -14.12 -15.28 0.83
C ALA A 61 -13.10 -15.60 -0.26
N SER A 62 -11.83 -15.63 0.12
CA SER A 62 -10.75 -15.92 -0.82
C SER A 62 -10.73 -14.90 -1.96
N LYS A 63 -11.16 -13.67 -1.65
CA LYS A 63 -11.19 -12.60 -2.64
C LYS A 63 -10.67 -11.30 -2.05
N LEU A 64 -9.91 -10.55 -2.84
CA LEU A 64 -9.35 -9.28 -2.39
C LEU A 64 -10.16 -8.10 -2.95
N SER A 65 -10.13 -6.99 -2.24
CA SER A 65 -10.85 -5.80 -2.66
C SER A 65 -10.44 -4.59 -1.83
N ILE A 66 -10.29 -3.44 -2.48
CA ILE A 66 -9.91 -2.21 -1.79
C ILE A 66 -11.02 -1.17 -1.86
N ASP A 67 -11.81 -1.23 -2.93
CA ASP A 67 -12.92 -0.30 -3.12
C ASP A 67 -14.24 -0.95 -2.74
N GLU A 68 -14.20 -2.23 -2.42
CA GLU A 68 -15.40 -2.97 -2.03
C GLU A 68 -16.40 -3.02 -3.20
N GLU A 69 -15.91 -2.69 -4.39
CA GLU A 69 -16.75 -2.70 -5.58
C GLU A 69 -16.23 -3.68 -6.62
N VAL A 70 -14.95 -4.04 -6.49
CA VAL A 70 -14.32 -4.97 -7.41
C VAL A 70 -13.52 -6.04 -6.67
N TYR A 71 -14.06 -7.25 -6.59
CA TYR A 71 -13.40 -8.34 -5.89
C TYR A 71 -12.58 -9.18 -6.86
N PHE A 72 -11.45 -9.68 -6.39
CA PHE A 72 -10.57 -10.50 -7.23
C PHE A 72 -10.53 -11.94 -6.71
N GLU A 73 -9.84 -12.81 -7.45
CA GLU A 73 -9.73 -14.21 -7.07
C GLU A 73 -8.42 -14.46 -6.30
N ASN A 74 -7.50 -13.52 -6.41
CA ASN A 74 -6.21 -13.65 -5.74
C ASN A 74 -5.39 -12.36 -5.89
N LEU A 75 -4.42 -12.17 -5.00
CA LEU A 75 -3.56 -10.99 -5.05
C LEU A 75 -2.96 -10.81 -6.43
N MET A 76 -2.63 -11.92 -7.08
CA MET A 76 -2.05 -11.88 -8.41
C MET A 76 -2.90 -11.04 -9.35
N GLN A 77 -4.19 -11.34 -9.40
CA GLN A 77 -5.11 -10.61 -10.26
C GLN A 77 -5.24 -9.16 -9.81
N LEU A 78 -5.29 -8.96 -8.50
CA LEU A 78 -5.41 -7.62 -7.93
C LEU A 78 -4.30 -6.70 -8.45
N VAL A 79 -3.06 -7.15 -8.29
CA VAL A 79 -1.91 -6.38 -8.73
C VAL A 79 -1.95 -6.16 -10.25
N GLU A 80 -2.42 -7.16 -10.97
CA GLU A 80 -2.50 -7.08 -12.43
C GLU A 80 -3.30 -5.85 -12.85
N HIS A 81 -4.39 -5.58 -12.13
CA HIS A 81 -5.25 -4.44 -12.43
C HIS A 81 -4.56 -3.13 -12.05
N TYR A 82 -4.09 -3.05 -10.81
CA TYR A 82 -3.41 -1.86 -10.33
C TYR A 82 -2.14 -1.59 -11.12
N THR A 83 -1.66 -2.61 -11.83
CA THR A 83 -0.45 -2.48 -12.64
C THR A 83 -0.77 -1.96 -14.04
N THR A 84 -1.94 -2.32 -14.54
CA THR A 84 -2.37 -1.90 -15.87
C THR A 84 -2.85 -0.45 -15.85
N ASP A 85 -3.23 0.02 -14.67
CA ASP A 85 -3.72 1.39 -14.51
C ASP A 85 -3.85 1.76 -13.04
N ALA A 86 -4.22 3.01 -12.77
CA ALA A 86 -4.38 3.49 -11.41
C ALA A 86 -5.28 2.55 -10.61
N ASP A 87 -6.49 2.36 -11.09
CA ASP A 87 -7.46 1.49 -10.42
C ASP A 87 -7.75 1.98 -9.00
N GLY A 88 -7.45 3.25 -8.75
CA GLY A 88 -7.67 3.82 -7.44
C GLY A 88 -6.38 4.26 -6.77
N LEU A 89 -5.25 3.91 -7.37
CA LEU A 89 -3.95 4.28 -6.83
C LEU A 89 -3.43 5.57 -7.45
N CYS A 90 -2.69 6.34 -6.66
CA CYS A 90 -2.13 7.60 -7.14
C CYS A 90 -1.34 7.40 -8.42
N THR A 91 -0.79 6.20 -8.60
CA THR A 91 -0.01 5.87 -9.78
C THR A 91 0.07 4.36 -9.99
N ARG A 92 -0.16 3.94 -11.23
CA ARG A 92 -0.11 2.51 -11.57
C ARG A 92 1.21 1.89 -11.13
N LEU A 93 1.31 0.58 -11.26
CA LEU A 93 2.51 -0.14 -10.87
C LEU A 93 3.45 -0.33 -12.07
N ILE A 94 4.74 -0.20 -11.83
CA ILE A 94 5.74 -0.37 -12.88
C ILE A 94 6.77 -1.41 -12.51
N LYS A 95 7.35 -1.27 -11.32
CA LYS A 95 8.36 -2.21 -10.85
C LYS A 95 8.02 -2.72 -9.44
N PRO A 96 7.89 -4.04 -9.31
CA PRO A 96 7.57 -4.68 -8.03
C PRO A 96 8.72 -4.58 -7.03
N LYS A 97 8.37 -4.30 -5.77
CA LYS A 97 9.37 -4.18 -4.72
C LYS A 97 9.99 -5.54 -4.41
N VAL A 98 11.00 -5.91 -5.18
CA VAL A 98 11.69 -7.19 -4.99
C VAL A 98 12.39 -7.23 -3.64
N MET A 99 12.25 -8.35 -2.93
CA MET A 99 12.87 -8.52 -1.63
C MET A 99 14.39 -8.53 -1.75
N GLY B 1 12.02 33.38 6.95
CA GLY B 1 11.12 32.37 6.40
C GLY B 1 11.86 31.34 5.56
N PRO B 2 11.13 30.32 5.09
CA PRO B 2 11.69 29.25 4.27
C PRO B 2 12.09 29.73 2.88
N LEU B 3 12.90 28.94 2.20
CA LEU B 3 13.36 29.29 0.85
C LEU B 3 12.18 29.62 -0.06
N GLY B 4 11.05 28.97 0.18
CA GLY B 4 9.87 29.21 -0.62
C GLY B 4 9.50 28.03 -1.50
N SER B 5 10.51 27.28 -1.94
CA SER B 5 10.30 26.12 -2.79
C SER B 5 10.07 24.88 -1.95
N LYS B 6 8.81 24.55 -1.71
CA LYS B 6 8.44 23.38 -0.91
C LYS B 6 7.05 22.88 -1.29
N ARG B 7 6.91 21.56 -1.36
CA ARG B 7 5.62 20.95 -1.70
C ARG B 7 5.73 19.43 -1.71
N PHE B 8 5.42 18.82 -0.56
CA PHE B 8 5.48 17.37 -0.44
C PHE B 8 5.10 16.94 0.98
N SER B 9 3.90 16.37 1.11
CA SER B 9 3.42 15.91 2.41
C SER B 9 3.80 14.45 2.65
N SER B 10 4.79 14.25 3.52
CA SER B 10 5.26 12.91 3.83
C SER B 10 4.14 12.07 4.44
N LEU B 11 4.49 10.87 4.92
CA LEU B 11 3.50 9.98 5.53
C LEU B 11 4.17 9.06 6.54
N SER B 12 3.96 9.35 7.82
CA SER B 12 4.53 8.55 8.89
C SER B 12 3.58 7.44 9.32
N TYR B 13 3.67 6.29 8.66
CA TYR B 13 2.82 5.15 8.97
C TYR B 13 3.30 4.43 10.22
N LYS B 14 2.39 4.25 11.16
CA LYS B 14 2.72 3.57 12.42
C LYS B 14 1.79 2.38 12.65
N SER B 15 2.38 1.23 12.91
CA SER B 15 1.62 0.01 13.16
C SER B 15 1.26 -0.13 14.64
N ARG B 16 0.32 -1.02 14.94
CA ARG B 16 -0.11 -1.24 16.31
C ARG B 16 1.06 -1.71 17.17
N GLU B 17 2.12 -2.20 16.52
CA GLU B 17 3.30 -2.68 17.23
C GLU B 17 3.94 -1.55 18.02
N GLU B 18 3.93 -0.34 17.46
CA GLU B 18 4.51 0.82 18.12
C GLU B 18 3.44 1.72 18.69
N ASP B 19 2.22 1.59 18.17
CA ASP B 19 1.09 2.39 18.63
C ASP B 19 -0.19 1.56 18.68
N PRO B 20 -0.31 0.73 19.71
CA PRO B 20 -1.48 -0.14 19.90
C PRO B 20 -2.73 0.65 20.26
N THR B 21 -2.55 1.95 20.50
CA THR B 21 -3.67 2.81 20.85
C THR B 21 -4.26 3.50 19.62
N LEU B 22 -4.13 2.83 18.47
CA LEU B 22 -4.65 3.37 17.22
C LEU B 22 -5.97 2.71 16.85
N THR B 23 -6.93 3.52 16.40
CA THR B 23 -8.23 3.01 16.01
C THR B 23 -8.42 3.06 14.50
N GLU B 24 -9.54 2.52 14.02
CA GLU B 24 -9.83 2.51 12.59
C GLU B 24 -9.67 3.90 11.99
N GLU B 25 -10.03 4.92 12.78
CA GLU B 25 -9.93 6.29 12.33
C GLU B 25 -8.48 6.68 12.05
N GLU B 26 -7.60 6.34 12.98
CA GLU B 26 -6.18 6.65 12.83
C GLU B 26 -5.56 5.83 11.71
N ILE B 27 -5.83 4.53 11.71
CA ILE B 27 -5.30 3.63 10.69
C ILE B 27 -5.68 4.11 9.29
N SER B 28 -6.95 4.48 9.12
CA SER B 28 -7.44 4.95 7.82
C SER B 28 -6.98 6.39 7.57
N ALA B 29 -6.53 7.06 8.63
CA ALA B 29 -6.08 8.44 8.52
C ALA B 29 -4.70 8.50 7.85
N MET B 30 -4.01 7.37 7.83
CA MET B 30 -2.68 7.30 7.22
C MET B 30 -2.72 6.49 5.92
N PTR B 31 -3.91 6.28 5.40
CA PTR B 31 -4.07 5.51 4.15
C PTR B 31 -4.51 6.44 3.02
O PTR B 31 -5.14 7.47 3.22
CB PTR B 31 -5.04 4.34 4.44
CG PTR B 31 -4.40 3.07 5.00
CD1 PTR B 31 -3.44 3.16 6.03
CD2 PTR B 31 -4.73 1.81 4.49
CE1 PTR B 31 -2.84 2.00 6.53
CE2 PTR B 31 -4.13 0.66 4.99
CZ PTR B 31 -3.17 0.75 6.00
OH PTR B 31 -2.61 -0.39 6.53
P PTR B 31 -3.07 -0.78 8.05
O1P PTR B 31 -2.37 -2.07 8.50
O2P PTR B 31 -4.59 -0.97 8.10
O3P PTR B 31 -2.68 0.36 8.98
H PTR B 31 -4.83 6.58 5.75
HA PTR B 31 -3.08 5.11 3.86
HB2 PTR B 31 -5.62 4.09 3.52
HB3 PTR B 31 -5.82 4.67 5.15
HD1 PTR B 31 -3.14 4.11 6.42
HD2 PTR B 31 -5.45 1.71 3.69
HE1 PTR B 31 -2.09 2.05 7.30
HE2 PTR B 31 -4.36 -0.31 4.59
N SER B 32 -4.14 6.03 1.81
CA SER B 32 -4.48 6.79 0.62
C SER B 32 -5.93 6.58 0.22
N SER B 33 -6.40 5.34 0.35
CA SER B 33 -7.78 5.00 0.01
C SER B 33 -8.01 5.12 -1.49
N VAL B 34 -8.61 4.09 -2.08
CA VAL B 34 -8.88 4.08 -3.51
C VAL B 34 -9.55 5.38 -3.95
N ASN B 35 -9.02 5.98 -5.02
CA ASN B 35 -9.57 7.23 -5.53
C ASN B 35 -9.43 7.29 -7.06
N LYS B 36 -10.26 6.53 -7.76
CA LYS B 36 -10.23 6.50 -9.22
C LYS B 36 -10.47 7.89 -9.79
N PRO B 37 -10.08 8.08 -11.06
CA PRO B 37 -10.24 9.36 -11.75
C PRO B 37 -11.70 9.68 -12.05
N GLY B 38 -12.23 10.70 -11.40
CA GLY B 38 -13.62 11.08 -11.61
C GLY B 38 -14.50 10.77 -10.42
N GLY A 1 8.98 -16.59 -4.96
CA GLY A 1 10.17 -16.67 -4.12
C GLY A 1 9.88 -17.30 -2.76
N PRO A 2 9.20 -16.54 -1.88
CA PRO A 2 8.86 -17.01 -0.54
C PRO A 2 7.79 -18.10 -0.56
N LEU A 3 6.74 -17.87 -1.35
CA LEU A 3 5.64 -18.82 -1.46
C LEU A 3 5.66 -19.51 -2.83
N GLY A 4 6.13 -18.78 -3.84
CA GLY A 4 6.19 -19.34 -5.18
C GLY A 4 6.76 -18.35 -6.18
N SER A 5 6.11 -17.21 -6.33
CA SER A 5 6.55 -16.18 -7.27
C SER A 5 5.93 -14.84 -6.94
N MET A 6 6.25 -14.31 -5.76
CA MET A 6 5.72 -13.03 -5.32
C MET A 6 6.83 -12.16 -4.73
N PRO A 7 7.69 -11.62 -5.61
CA PRO A 7 8.81 -10.76 -5.20
C PRO A 7 8.34 -9.41 -4.68
N TRP A 8 7.04 -9.14 -4.83
CA TRP A 8 6.47 -7.88 -4.38
C TRP A 8 5.73 -8.06 -3.05
N PHE A 9 5.26 -9.28 -2.81
CA PHE A 9 4.53 -9.59 -1.59
C PHE A 9 5.45 -10.19 -0.54
N HIS A 10 5.88 -9.36 0.40
CA HIS A 10 6.78 -9.82 1.47
C HIS A 10 6.01 -10.62 2.51
N GLY A 11 4.78 -10.21 2.78
CA GLY A 11 3.96 -10.91 3.76
C GLY A 11 4.62 -10.96 5.13
N LYS A 12 5.46 -9.97 5.41
CA LYS A 12 6.15 -9.91 6.70
C LYS A 12 7.09 -8.71 6.75
N ILE A 13 6.51 -7.51 6.68
CA ILE A 13 7.29 -6.28 6.72
C ILE A 13 6.77 -5.34 7.80
N THR A 14 7.68 -4.62 8.44
CA THR A 14 7.31 -3.69 9.50
C THR A 14 7.15 -2.28 8.94
N ARG A 15 6.65 -1.37 9.78
CA ARG A 15 6.43 0.01 9.37
C ARG A 15 7.77 0.68 9.02
N GLU A 16 8.80 0.36 9.78
CA GLU A 16 10.12 0.94 9.55
C GLU A 16 10.81 0.27 8.36
N GLN A 17 10.50 -1.00 8.15
CA GLN A 17 11.08 -1.76 7.04
C GLN A 17 10.53 -1.28 5.70
N ALA A 18 9.21 -1.05 5.65
CA ALA A 18 8.56 -0.59 4.44
C ALA A 18 8.89 0.88 4.16
N GLU A 19 8.97 1.67 5.22
CA GLU A 19 9.28 3.08 5.10
C GLU A 19 10.61 3.29 4.38
N ARG A 20 11.66 2.65 4.89
CA ARG A 20 12.99 2.75 4.30
C ARG A 20 13.03 2.08 2.93
N LEU A 21 12.27 1.00 2.78
CA LEU A 21 12.23 0.27 1.53
C LEU A 21 11.88 1.19 0.36
N LEU A 22 10.97 2.12 0.62
CA LEU A 22 10.54 3.08 -0.40
C LEU A 22 11.24 4.41 -0.23
N TYR A 23 12.54 4.37 0.04
CA TYR A 23 13.33 5.59 0.24
C TYR A 23 13.37 6.42 -1.04
N PRO A 24 13.91 5.81 -2.12
CA PRO A 24 14.03 6.48 -3.42
C PRO A 24 12.67 6.68 -4.09
N PRO A 25 12.36 7.94 -4.42
CA PRO A 25 11.09 8.29 -5.07
C PRO A 25 11.02 7.80 -6.51
N GLU A 26 10.08 6.90 -6.78
CA GLU A 26 9.91 6.35 -8.12
C GLU A 26 8.47 5.87 -8.33
N THR A 27 7.73 6.60 -9.16
CA THR A 27 6.34 6.24 -9.43
C THR A 27 6.24 4.87 -10.10
N GLY A 28 5.68 3.91 -9.38
CA GLY A 28 5.55 2.56 -9.92
C GLY A 28 6.06 1.50 -8.96
N LEU A 29 6.69 1.94 -7.88
CA LEU A 29 7.23 1.03 -6.89
C LEU A 29 6.19 0.69 -5.82
N PHE A 30 5.74 -0.56 -5.81
CA PHE A 30 4.74 -1.00 -4.83
C PHE A 30 5.26 -2.21 -4.05
N LEU A 31 4.55 -2.54 -2.97
CA LEU A 31 4.93 -3.68 -2.14
C LEU A 31 3.78 -4.08 -1.22
N VAL A 32 3.54 -5.39 -1.12
CA VAL A 32 2.47 -5.91 -0.28
C VAL A 32 3.04 -6.65 0.93
N ARG A 33 2.43 -6.44 2.09
CA ARG A 33 2.88 -7.08 3.31
C ARG A 33 1.70 -7.28 4.28
N GLU A 34 1.83 -8.28 5.15
CA GLU A 34 0.79 -8.56 6.12
C GLU A 34 0.39 -7.32 6.90
N SER A 35 -0.90 -6.98 6.87
CA SER A 35 -1.40 -5.80 7.56
C SER A 35 -1.21 -5.95 9.07
N THR A 36 -0.34 -5.10 9.64
CA THR A 36 -0.07 -5.13 11.06
C THR A 36 -1.28 -4.66 11.87
N ASN A 37 -1.75 -3.45 11.56
CA ASN A 37 -2.90 -2.88 12.26
C ASN A 37 -4.18 -3.64 11.90
N TYR A 38 -4.17 -4.29 10.75
CA TYR A 38 -5.33 -5.05 10.28
C TYR A 38 -4.99 -6.54 10.20
N PRO A 39 -5.32 -7.28 11.26
CA PRO A 39 -5.06 -8.72 11.33
C PRO A 39 -5.98 -9.51 10.39
N GLY A 40 -5.38 -10.06 9.34
CA GLY A 40 -6.15 -10.84 8.38
C GLY A 40 -6.21 -10.17 7.01
N ASP A 41 -5.52 -9.05 6.88
CA ASP A 41 -5.49 -8.32 5.62
C ASP A 41 -4.06 -8.02 5.19
N TYR A 42 -3.92 -7.28 4.09
CA TYR A 42 -2.60 -6.92 3.58
C TYR A 42 -2.56 -5.45 3.16
N THR A 43 -1.41 -4.82 3.38
CA THR A 43 -1.23 -3.41 3.04
C THR A 43 -0.32 -3.25 1.82
N LEU A 44 -0.65 -2.30 0.96
CA LEU A 44 0.13 -2.04 -0.24
C LEU A 44 0.77 -0.66 -0.19
N CYS A 45 2.09 -0.63 0.01
CA CYS A 45 2.81 0.63 0.08
C CYS A 45 3.37 1.01 -1.29
N VAL A 46 3.20 2.28 -1.65
CA VAL A 46 3.68 2.78 -2.93
C VAL A 46 4.33 4.16 -2.78
N SER A 47 5.33 4.43 -3.62
CA SER A 47 6.02 5.70 -3.58
C SER A 47 5.53 6.65 -4.67
N CYS A 48 4.85 7.71 -4.26
CA CYS A 48 4.31 8.69 -5.21
C CYS A 48 5.01 10.03 -5.06
N GLU A 49 6.08 10.22 -5.83
CA GLU A 49 6.83 11.48 -5.78
C GLU A 49 7.53 11.63 -4.43
N GLY A 50 7.91 10.51 -3.82
CA GLY A 50 8.58 10.55 -2.54
C GLY A 50 7.63 10.30 -1.38
N LYS A 51 6.34 10.35 -1.67
CA LYS A 51 5.32 10.13 -0.64
C LYS A 51 4.98 8.65 -0.53
N VAL A 52 4.79 8.17 0.70
CA VAL A 52 4.46 6.78 0.95
C VAL A 52 2.97 6.60 1.16
N GLU A 53 2.30 6.01 0.18
CA GLU A 53 0.86 5.77 0.27
C GLU A 53 0.56 4.32 0.64
N HIS A 54 -0.26 4.13 1.67
CA HIS A 54 -0.63 2.79 2.11
C HIS A 54 -2.05 2.44 1.69
N TYR A 55 -2.20 1.32 0.99
CA TYR A 55 -3.51 0.88 0.52
C TYR A 55 -3.94 -0.39 1.23
N ARG A 56 -5.02 -0.31 1.99
CA ARG A 56 -5.54 -1.46 2.72
C ARG A 56 -6.19 -2.46 1.77
N ILE A 57 -5.93 -3.74 1.99
CA ILE A 57 -6.48 -4.79 1.16
C ILE A 57 -7.37 -5.73 1.98
N MET A 58 -8.68 -5.66 1.75
CA MET A 58 -9.63 -6.51 2.45
C MET A 58 -9.69 -7.90 1.84
N TYR A 59 -9.44 -8.92 2.65
CA TYR A 59 -9.48 -10.30 2.18
C TYR A 59 -10.63 -11.07 2.81
N HIS A 60 -11.73 -11.18 2.07
CA HIS A 60 -12.91 -11.90 2.55
C HIS A 60 -13.42 -12.87 1.50
N ALA A 61 -13.89 -14.03 1.96
CA ALA A 61 -14.40 -15.06 1.06
C ALA A 61 -13.36 -15.45 0.02
N SER A 62 -12.10 -15.46 0.42
CA SER A 62 -11.00 -15.80 -0.48
C SER A 62 -10.94 -14.83 -1.65
N LYS A 63 -11.35 -13.59 -1.41
CA LYS A 63 -11.33 -12.55 -2.44
C LYS A 63 -10.75 -11.25 -1.88
N LEU A 64 -9.97 -10.57 -2.71
CA LEU A 64 -9.36 -9.31 -2.31
C LEU A 64 -10.10 -8.12 -2.91
N SER A 65 -10.09 -6.99 -2.20
CA SER A 65 -10.76 -5.79 -2.67
C SER A 65 -10.34 -4.58 -1.85
N ILE A 66 -10.11 -3.46 -2.53
CA ILE A 66 -9.70 -2.24 -1.87
C ILE A 66 -10.76 -1.14 -2.02
N ASP A 67 -11.45 -1.16 -3.15
CA ASP A 67 -12.50 -0.18 -3.42
C ASP A 67 -13.88 -0.73 -3.08
N GLU A 68 -13.89 -1.88 -2.40
CA GLU A 68 -15.14 -2.52 -2.01
C GLU A 68 -16.13 -2.54 -3.18
N GLU A 69 -15.59 -2.60 -4.40
CA GLU A 69 -16.43 -2.62 -5.59
C GLU A 69 -15.97 -3.71 -6.56
N VAL A 70 -14.66 -3.87 -6.68
CA VAL A 70 -14.09 -4.88 -7.56
C VAL A 70 -13.31 -5.93 -6.77
N TYR A 71 -13.91 -7.11 -6.61
CA TYR A 71 -13.27 -8.19 -5.87
C TYR A 71 -12.49 -9.11 -6.82
N PHE A 72 -11.44 -9.72 -6.30
CA PHE A 72 -10.61 -10.62 -7.09
C PHE A 72 -10.57 -12.02 -6.46
N GLU A 73 -9.88 -12.93 -7.12
CA GLU A 73 -9.77 -14.30 -6.64
C GLU A 73 -8.43 -14.53 -5.93
N ASN A 74 -7.49 -13.61 -6.16
CA ASN A 74 -6.16 -13.71 -5.56
C ASN A 74 -5.42 -12.38 -5.68
N LEU A 75 -4.26 -12.31 -5.03
CA LEU A 75 -3.45 -11.10 -5.05
C LEU A 75 -2.75 -10.94 -6.40
N MET A 76 -2.48 -12.07 -7.05
CA MET A 76 -1.83 -12.06 -8.35
C MET A 76 -2.61 -11.24 -9.36
N GLN A 77 -3.87 -11.62 -9.57
CA GLN A 77 -4.73 -10.92 -10.51
C GLN A 77 -5.02 -9.50 -10.03
N LEU A 78 -5.16 -9.34 -8.73
CA LEU A 78 -5.44 -8.03 -8.15
C LEU A 78 -4.38 -7.02 -8.56
N VAL A 79 -3.11 -7.39 -8.41
CA VAL A 79 -2.01 -6.50 -8.77
C VAL A 79 -2.01 -6.22 -10.27
N GLU A 80 -2.34 -7.23 -11.06
CA GLU A 80 -2.37 -7.08 -12.51
C GLU A 80 -3.28 -5.93 -12.92
N HIS A 81 -4.41 -5.80 -12.22
CA HIS A 81 -5.36 -4.74 -12.52
C HIS A 81 -4.82 -3.38 -12.09
N TYR A 82 -4.23 -3.33 -10.89
CA TYR A 82 -3.68 -2.09 -10.37
C TYR A 82 -2.45 -1.66 -11.17
N THR A 83 -1.85 -2.62 -11.87
CA THR A 83 -0.66 -2.34 -12.68
C THR A 83 -1.05 -1.83 -14.06
N THR A 84 -2.21 -2.26 -14.55
CA THR A 84 -2.69 -1.84 -15.86
C THR A 84 -3.32 -0.46 -15.79
N ASP A 85 -3.81 -0.09 -14.61
CA ASP A 85 -4.44 1.22 -14.40
C ASP A 85 -4.49 1.56 -12.92
N ALA A 86 -4.56 2.85 -12.62
CA ALA A 86 -4.64 3.32 -11.24
C ALA A 86 -5.74 2.61 -10.48
N ASP A 87 -6.97 2.73 -10.97
CA ASP A 87 -8.13 2.10 -10.34
C ASP A 87 -8.18 2.45 -8.85
N GLY A 88 -7.68 3.63 -8.51
CA GLY A 88 -7.68 4.06 -7.12
C GLY A 88 -6.29 4.33 -6.59
N LEU A 89 -5.28 3.86 -7.32
CA LEU A 89 -3.90 4.06 -6.92
C LEU A 89 -3.34 5.38 -7.46
N CYS A 90 -2.62 6.11 -6.61
CA CYS A 90 -2.04 7.38 -7.00
C CYS A 90 -1.21 7.24 -8.28
N THR A 91 -0.68 6.04 -8.50
CA THR A 91 0.12 5.76 -9.68
C THR A 91 0.13 4.28 -10.01
N ARG A 92 -0.19 3.94 -11.26
CA ARG A 92 -0.21 2.56 -11.70
C ARG A 92 1.13 1.87 -11.42
N LEU A 93 1.06 0.62 -10.99
CA LEU A 93 2.26 -0.15 -10.69
C LEU A 93 3.14 -0.28 -11.93
N ILE A 94 4.46 -0.21 -11.72
CA ILE A 94 5.42 -0.32 -12.83
C ILE A 94 6.46 -1.38 -12.52
N LYS A 95 7.08 -1.29 -11.35
CA LYS A 95 8.11 -2.24 -10.95
C LYS A 95 7.86 -2.74 -9.53
N PRO A 96 7.75 -4.08 -9.39
CA PRO A 96 7.51 -4.71 -8.08
C PRO A 96 8.71 -4.59 -7.15
N LYS A 97 8.44 -4.28 -5.89
CA LYS A 97 9.50 -4.14 -4.90
C LYS A 97 10.13 -5.49 -4.58
N VAL A 98 11.11 -5.88 -5.40
CA VAL A 98 11.80 -7.16 -5.21
C VAL A 98 12.57 -7.17 -3.90
N MET A 99 12.42 -8.25 -3.14
CA MET A 99 13.10 -8.40 -1.86
C MET A 99 14.61 -8.45 -2.06
N GLY B 1 9.46 35.74 5.52
CA GLY B 1 8.75 34.55 5.08
C GLY B 1 9.56 33.29 5.23
N PRO B 2 9.01 32.17 4.76
CA PRO B 2 9.68 30.86 4.83
C PRO B 2 10.88 30.77 3.91
N LEU B 3 11.71 29.76 4.12
CA LEU B 3 12.90 29.56 3.30
C LEU B 3 12.54 29.41 1.82
N GLY B 4 11.38 28.80 1.57
CA GLY B 4 10.93 28.61 0.20
C GLY B 4 11.37 27.28 -0.38
N SER B 5 11.50 26.28 0.48
CA SER B 5 11.92 24.95 0.06
C SER B 5 10.77 24.19 -0.58
N LYS B 6 11.10 23.22 -1.42
CA LYS B 6 10.09 22.42 -2.10
C LYS B 6 9.94 21.06 -1.43
N ARG B 7 8.81 20.40 -1.69
CA ARG B 7 8.55 19.09 -1.11
C ARG B 7 7.28 18.48 -1.70
N PHE B 8 7.11 17.17 -1.52
CA PHE B 8 5.95 16.47 -2.04
C PHE B 8 5.84 15.07 -1.44
N SER B 9 5.66 15.00 -0.12
CA SER B 9 5.56 13.73 0.57
C SER B 9 5.34 13.94 2.06
N SER B 10 4.48 13.13 2.66
CA SER B 10 4.19 13.23 4.09
C SER B 10 3.18 12.16 4.51
N LEU B 11 3.68 11.13 5.21
CA LEU B 11 2.82 10.05 5.67
C LEU B 11 3.53 9.23 6.75
N SER B 12 3.17 9.49 8.00
CA SER B 12 3.78 8.77 9.13
C SER B 12 2.94 7.56 9.50
N TYR B 13 3.23 6.43 8.87
CA TYR B 13 2.50 5.20 9.14
C TYR B 13 2.98 4.55 10.45
N LYS B 14 2.07 3.88 11.14
CA LYS B 14 2.40 3.23 12.40
C LYS B 14 1.62 1.91 12.54
N SER B 15 2.35 0.84 12.85
CA SER B 15 1.75 -0.47 13.00
C SER B 15 1.38 -0.73 14.47
N ARG B 16 0.48 -1.68 14.68
CA ARG B 16 0.04 -2.02 16.04
C ARG B 16 1.22 -2.54 16.87
N GLU B 17 2.28 -2.94 16.19
CA GLU B 17 3.47 -3.45 16.86
C GLU B 17 4.14 -2.37 17.69
N GLU B 18 4.14 -1.14 17.17
CA GLU B 18 4.75 -0.01 17.86
C GLU B 18 3.69 0.80 18.62
N ASP B 19 2.43 0.63 18.23
CA ASP B 19 1.34 1.35 18.86
C ASP B 19 0.05 0.53 18.79
N PRO B 20 -0.08 -0.45 19.69
CA PRO B 20 -1.27 -1.31 19.76
C PRO B 20 -2.50 -0.57 20.24
N THR B 21 -2.32 0.68 20.64
CA THR B 21 -3.42 1.50 21.13
C THR B 21 -4.01 2.36 20.01
N LEU B 22 -3.88 1.87 18.78
CA LEU B 22 -4.39 2.59 17.61
C LEU B 22 -5.72 2.00 17.15
N THR B 23 -6.67 2.87 16.82
CA THR B 23 -7.98 2.43 16.37
C THR B 23 -8.14 2.64 14.87
N GLU B 24 -9.22 2.10 14.31
CA GLU B 24 -9.48 2.24 12.88
C GLU B 24 -9.34 3.68 12.43
N GLU B 25 -9.74 4.61 13.30
CA GLU B 25 -9.66 6.03 12.98
C GLU B 25 -8.21 6.45 12.73
N GLU B 26 -7.32 6.04 13.62
CA GLU B 26 -5.91 6.39 13.51
C GLU B 26 -5.28 5.67 12.31
N ILE B 27 -5.47 4.36 12.25
CA ILE B 27 -4.92 3.57 11.15
C ILE B 27 -5.40 4.08 9.80
N SER B 28 -6.72 4.20 9.66
CA SER B 28 -7.31 4.67 8.41
C SER B 28 -6.77 6.06 8.06
N ALA B 29 -6.41 6.83 9.07
CA ALA B 29 -5.89 8.17 8.86
C ALA B 29 -4.49 8.12 8.26
N MET B 30 -3.90 6.93 8.21
CA MET B 30 -2.57 6.74 7.64
C MET B 30 -2.65 6.08 6.27
N PTR B 31 -3.87 5.94 5.75
CA PTR B 31 -4.06 5.31 4.44
C PTR B 31 -4.61 6.33 3.45
O PTR B 31 -5.24 7.32 3.80
CB PTR B 31 -4.96 4.06 4.64
CG PTR B 31 -4.25 2.82 5.23
CD1 PTR B 31 -3.56 2.92 6.45
CD2 PTR B 31 -4.26 1.60 4.55
CE1 PTR B 31 -2.90 1.81 6.97
CE2 PTR B 31 -3.61 0.50 5.07
CZ PTR B 31 -2.91 0.60 6.27
OH PTR B 31 -2.30 -0.51 6.82
P PTR B 31 -3.30 -1.65 7.41
O1P PTR B 31 -2.49 -2.82 7.97
O2P PTR B 31 -4.24 -2.16 6.31
O3P PTR B 31 -4.14 -1.04 8.54
H PTR B 31 -4.78 6.20 6.15
HA PTR B 31 -3.08 4.99 4.04
HB2 PTR B 31 -5.45 3.79 3.69
HB3 PTR B 31 -5.79 4.32 5.31
HD1 PTR B 31 -3.52 3.86 6.99
HD2 PTR B 31 -4.77 1.51 3.59
HE1 PTR B 31 -2.35 1.88 7.89
HE2 PTR B 31 -3.59 -0.44 4.54
N SER B 32 -4.36 6.04 2.17
CA SER B 32 -4.81 6.91 1.09
C SER B 32 -6.14 6.42 0.53
N SER B 33 -6.32 5.10 0.52
CA SER B 33 -7.55 4.51 0.00
C SER B 33 -7.67 4.75 -1.50
N VAL B 34 -8.36 3.84 -2.19
CA VAL B 34 -8.55 3.95 -3.62
C VAL B 34 -9.21 5.28 -3.99
N ASN B 35 -8.55 6.05 -4.84
CA ASN B 35 -9.07 7.35 -5.26
C ASN B 35 -9.01 7.48 -6.78
N LYS B 36 -9.91 6.80 -7.47
CA LYS B 36 -9.96 6.85 -8.93
C LYS B 36 -10.31 8.25 -9.41
N PRO B 37 -10.00 8.53 -10.68
CA PRO B 37 -10.27 9.84 -11.30
C PRO B 37 -11.77 10.07 -11.51
N GLY B 38 -12.32 11.01 -10.76
CA GLY B 38 -13.74 11.32 -10.88
C GLY B 38 -14.61 10.09 -10.76
N GLY A 1 11.11 -17.20 -4.40
CA GLY A 1 9.92 -17.88 -4.88
C GLY A 1 9.18 -18.58 -3.75
N PRO A 2 8.60 -17.78 -2.84
CA PRO A 2 7.85 -18.30 -1.69
C PRO A 2 6.53 -18.94 -2.11
N LEU A 3 5.82 -18.28 -3.02
CA LEU A 3 4.54 -18.78 -3.51
C LEU A 3 4.66 -19.31 -4.93
N GLY A 4 5.59 -18.72 -5.69
CA GLY A 4 5.80 -19.15 -7.06
C GLY A 4 6.49 -18.08 -7.90
N SER A 5 5.87 -16.91 -7.99
CA SER A 5 6.44 -15.81 -8.76
C SER A 5 5.85 -14.47 -8.30
N MET A 6 5.75 -14.29 -6.99
CA MET A 6 5.21 -13.06 -6.43
C MET A 6 6.08 -12.55 -5.29
N PRO A 7 7.29 -12.07 -5.64
CA PRO A 7 8.24 -11.54 -4.66
C PRO A 7 7.77 -10.23 -4.05
N TRP A 8 7.02 -9.45 -4.82
CA TRP A 8 6.52 -8.16 -4.35
C TRP A 8 5.75 -8.33 -3.05
N PHE A 9 5.18 -9.52 -2.85
CA PHE A 9 4.41 -9.80 -1.64
C PHE A 9 5.32 -10.31 -0.52
N HIS A 10 5.65 -9.42 0.41
CA HIS A 10 6.51 -9.78 1.53
C HIS A 10 5.74 -10.59 2.56
N GLY A 11 4.48 -10.22 2.78
CA GLY A 11 3.66 -10.92 3.75
C GLY A 11 4.25 -10.90 5.14
N LYS A 12 5.17 -9.97 5.37
CA LYS A 12 5.81 -9.84 6.67
C LYS A 12 6.83 -8.70 6.67
N ILE A 13 6.33 -7.47 6.84
CA ILE A 13 7.19 -6.31 6.86
C ILE A 13 6.64 -5.23 7.79
N THR A 14 7.54 -4.51 8.45
CA THR A 14 7.15 -3.45 9.38
C THR A 14 7.21 -2.09 8.71
N ARG A 15 6.82 -1.06 9.45
CA ARG A 15 6.82 0.31 8.93
C ARG A 15 8.23 0.78 8.65
N GLU A 16 9.16 0.41 9.54
CA GLU A 16 10.56 0.79 9.38
C GLU A 16 11.16 0.17 8.13
N GLN A 17 10.78 -1.07 7.85
CA GLN A 17 11.29 -1.78 6.68
C GLN A 17 10.62 -1.27 5.40
N ALA A 18 9.33 -0.96 5.51
CA ALA A 18 8.58 -0.46 4.36
C ALA A 18 8.97 0.97 4.02
N GLU A 19 9.29 1.75 5.05
CA GLU A 19 9.68 3.14 4.87
C GLU A 19 11.02 3.24 4.14
N ARG A 20 12.02 2.54 4.68
CA ARG A 20 13.36 2.56 4.09
C ARG A 20 13.34 1.95 2.69
N LEU A 21 12.55 0.90 2.51
CA LEU A 21 12.44 0.23 1.22
C LEU A 21 11.95 1.19 0.15
N LEU A 22 11.03 2.07 0.53
CA LEU A 22 10.48 3.05 -0.39
C LEU A 22 11.13 4.42 -0.20
N TYR A 23 12.45 4.43 -0.03
CA TYR A 23 13.18 5.67 0.17
C TYR A 23 13.21 6.49 -1.11
N PRO A 24 13.78 5.91 -2.17
CA PRO A 24 13.89 6.58 -3.47
C PRO A 24 12.53 6.74 -4.15
N PRO A 25 12.18 7.98 -4.50
CA PRO A 25 10.91 8.29 -5.17
C PRO A 25 10.86 7.78 -6.60
N GLU A 26 9.94 6.86 -6.87
CA GLU A 26 9.79 6.29 -8.20
C GLU A 26 8.38 5.77 -8.43
N THR A 27 7.58 6.55 -9.16
CA THR A 27 6.20 6.17 -9.45
C THR A 27 6.13 4.79 -10.10
N GLY A 28 5.58 3.82 -9.37
CA GLY A 28 5.46 2.49 -9.90
C GLY A 28 5.97 1.44 -8.93
N LEU A 29 6.63 1.88 -7.87
CA LEU A 29 7.18 0.97 -6.86
C LEU A 29 6.13 0.65 -5.80
N PHE A 30 5.67 -0.61 -5.79
CA PHE A 30 4.67 -1.05 -4.83
C PHE A 30 5.17 -2.25 -4.03
N LEU A 31 4.53 -2.51 -2.90
CA LEU A 31 4.91 -3.64 -2.04
C LEU A 31 3.76 -4.03 -1.13
N VAL A 32 3.52 -5.33 -1.02
CA VAL A 32 2.45 -5.85 -0.17
C VAL A 32 3.01 -6.56 1.06
N ARG A 33 2.44 -6.27 2.22
CA ARG A 33 2.88 -6.87 3.47
C ARG A 33 1.72 -7.03 4.44
N GLU A 34 1.71 -8.14 5.16
CA GLU A 34 0.65 -8.43 6.13
C GLU A 34 0.45 -7.25 7.07
N SER A 35 -0.79 -6.80 7.20
CA SER A 35 -1.12 -5.67 8.07
C SER A 35 -0.70 -5.95 9.50
N THR A 36 0.23 -5.15 10.00
CA THR A 36 0.73 -5.30 11.37
C THR A 36 -0.33 -4.91 12.38
N ASN A 37 -1.24 -4.04 11.98
CA ASN A 37 -2.31 -3.58 12.86
C ASN A 37 -3.64 -4.19 12.45
N TYR A 38 -3.63 -4.98 11.39
CA TYR A 38 -4.84 -5.64 10.90
C TYR A 38 -4.56 -7.07 10.47
N PRO A 39 -4.70 -8.01 11.41
CA PRO A 39 -4.47 -9.43 11.16
C PRO A 39 -5.53 -10.05 10.25
N GLY A 40 -5.10 -10.54 9.09
CA GLY A 40 -6.03 -11.13 8.15
C GLY A 40 -6.15 -10.33 6.87
N ASP A 41 -5.66 -9.10 6.88
CA ASP A 41 -5.72 -8.24 5.71
C ASP A 41 -4.31 -7.82 5.28
N TYR A 42 -4.19 -7.41 4.03
CA TYR A 42 -2.90 -6.99 3.48
C TYR A 42 -2.91 -5.50 3.14
N THR A 43 -1.76 -4.87 3.26
CA THR A 43 -1.63 -3.44 2.95
C THR A 43 -0.54 -3.19 1.93
N LEU A 44 -0.90 -2.53 0.84
CA LEU A 44 0.05 -2.21 -0.22
C LEU A 44 0.61 -0.80 -0.06
N CYS A 45 1.92 -0.67 -0.20
CA CYS A 45 2.58 0.62 -0.08
C CYS A 45 3.24 1.03 -1.38
N VAL A 46 2.93 2.23 -1.85
CA VAL A 46 3.49 2.75 -3.10
C VAL A 46 4.19 4.08 -2.87
N SER A 47 5.18 4.37 -3.72
CA SER A 47 5.93 5.61 -3.61
C SER A 47 5.51 6.60 -4.70
N CYS A 48 4.88 7.69 -4.28
CA CYS A 48 4.41 8.71 -5.21
C CYS A 48 5.10 10.04 -4.94
N GLU A 49 6.17 10.31 -5.67
CA GLU A 49 6.92 11.55 -5.51
C GLU A 49 7.63 11.59 -4.16
N GLY A 50 7.95 10.41 -3.64
CA GLY A 50 8.63 10.34 -2.35
C GLY A 50 7.67 10.04 -1.21
N LYS A 51 6.38 10.19 -1.48
CA LYS A 51 5.35 9.94 -0.47
C LYS A 51 4.93 8.48 -0.48
N VAL A 52 4.67 7.94 0.71
CA VAL A 52 4.25 6.55 0.84
C VAL A 52 2.75 6.45 1.04
N GLU A 53 2.07 5.85 0.06
CA GLU A 53 0.63 5.69 0.13
C GLU A 53 0.25 4.24 0.46
N HIS A 54 -0.51 4.06 1.53
CA HIS A 54 -0.93 2.73 1.95
C HIS A 54 -2.36 2.45 1.51
N TYR A 55 -2.57 1.31 0.86
CA TYR A 55 -3.90 0.93 0.38
C TYR A 55 -4.36 -0.36 1.05
N ARG A 56 -5.27 -0.23 2.01
CA ARG A 56 -5.80 -1.38 2.72
C ARG A 56 -6.45 -2.37 1.75
N ILE A 57 -6.23 -3.66 2.00
CA ILE A 57 -6.78 -4.71 1.15
C ILE A 57 -7.61 -5.69 1.97
N MET A 58 -8.92 -5.66 1.79
CA MET A 58 -9.82 -6.56 2.51
C MET A 58 -9.84 -7.94 1.85
N TYR A 59 -9.69 -8.98 2.68
CA TYR A 59 -9.70 -10.34 2.18
C TYR A 59 -10.86 -11.13 2.77
N HIS A 60 -11.90 -11.32 1.97
CA HIS A 60 -13.07 -12.06 2.41
C HIS A 60 -13.59 -12.98 1.30
N ALA A 61 -14.06 -14.16 1.68
CA ALA A 61 -14.57 -15.13 0.71
C ALA A 61 -13.50 -15.51 -0.30
N SER A 62 -12.25 -15.59 0.15
CA SER A 62 -11.14 -15.93 -0.73
C SER A 62 -11.01 -14.92 -1.87
N LYS A 63 -11.39 -13.68 -1.60
CA LYS A 63 -11.31 -12.62 -2.59
C LYS A 63 -10.77 -11.33 -1.98
N LEU A 64 -9.98 -10.60 -2.75
CA LEU A 64 -9.39 -9.35 -2.29
C LEU A 64 -10.09 -8.15 -2.93
N SER A 65 -10.09 -7.03 -2.23
CA SER A 65 -10.73 -5.81 -2.73
C SER A 65 -10.37 -4.62 -1.85
N ILE A 66 -10.17 -3.47 -2.49
CA ILE A 66 -9.82 -2.25 -1.77
C ILE A 66 -10.93 -1.21 -1.89
N ASP A 67 -11.58 -1.16 -3.04
CA ASP A 67 -12.67 -0.22 -3.27
C ASP A 67 -14.01 -0.82 -2.83
N GLU A 68 -13.97 -2.06 -2.36
CA GLU A 68 -15.18 -2.74 -1.91
C GLU A 68 -16.19 -2.87 -3.04
N GLU A 69 -15.70 -2.72 -4.28
CA GLU A 69 -16.56 -2.83 -5.44
C GLU A 69 -16.00 -3.83 -6.44
N VAL A 70 -14.66 -3.93 -6.49
CA VAL A 70 -14.01 -4.85 -7.40
C VAL A 70 -13.27 -5.95 -6.63
N TYR A 71 -13.85 -7.15 -6.62
CA TYR A 71 -13.25 -8.27 -5.92
C TYR A 71 -12.46 -9.16 -6.89
N PHE A 72 -11.35 -9.70 -6.40
CA PHE A 72 -10.50 -10.56 -7.21
C PHE A 72 -10.44 -11.97 -6.63
N GLU A 73 -9.84 -12.89 -7.39
CA GLU A 73 -9.71 -14.28 -6.94
C GLU A 73 -8.42 -14.48 -6.16
N ASN A 74 -7.50 -13.53 -6.28
CA ASN A 74 -6.22 -13.60 -5.59
C ASN A 74 -5.42 -12.33 -5.80
N LEU A 75 -4.47 -12.09 -4.90
CA LEU A 75 -3.61 -10.90 -4.99
C LEU A 75 -2.99 -10.78 -6.38
N MET A 76 -2.64 -11.92 -6.96
CA MET A 76 -2.04 -11.94 -8.29
C MET A 76 -2.88 -11.15 -9.28
N GLN A 77 -4.18 -11.44 -9.32
CA GLN A 77 -5.10 -10.76 -10.22
C GLN A 77 -5.26 -9.29 -9.83
N LEU A 78 -5.36 -9.04 -8.52
CA LEU A 78 -5.52 -7.68 -8.01
C LEU A 78 -4.39 -6.79 -8.50
N VAL A 79 -3.16 -7.27 -8.37
CA VAL A 79 -1.99 -6.51 -8.79
C VAL A 79 -2.01 -6.28 -10.31
N GLU A 80 -2.47 -7.28 -11.05
CA GLU A 80 -2.53 -7.18 -12.51
C GLU A 80 -3.40 -6.00 -12.93
N HIS A 81 -4.48 -5.77 -12.19
CA HIS A 81 -5.39 -4.66 -12.49
C HIS A 81 -4.75 -3.32 -12.14
N TYR A 82 -4.18 -3.24 -10.94
CA TYR A 82 -3.55 -2.02 -10.48
C TYR A 82 -2.29 -1.71 -11.30
N THR A 83 -1.77 -2.74 -11.95
CA THR A 83 -0.57 -2.59 -12.77
C THR A 83 -0.91 -2.11 -14.17
N THR A 84 -2.10 -2.48 -14.65
CA THR A 84 -2.56 -2.08 -15.97
C THR A 84 -3.08 -0.65 -15.97
N ASP A 85 -3.54 -0.20 -14.81
CA ASP A 85 -4.06 1.16 -14.68
C ASP A 85 -4.09 1.59 -13.21
N ALA A 86 -4.30 2.88 -12.97
CA ALA A 86 -4.35 3.42 -11.63
C ALA A 86 -5.30 2.62 -10.75
N ASP A 87 -6.56 2.54 -11.17
CA ASP A 87 -7.58 1.81 -10.42
C ASP A 87 -7.78 2.42 -9.04
N GLY A 88 -7.31 3.66 -8.87
CA GLY A 88 -7.46 4.33 -7.59
C GLY A 88 -6.12 4.54 -6.89
N LEU A 89 -5.03 4.39 -7.64
CA LEU A 89 -3.70 4.56 -7.10
C LEU A 89 -3.02 5.80 -7.67
N CYS A 90 -2.35 6.56 -6.82
CA CYS A 90 -1.66 7.77 -7.24
C CYS A 90 -0.75 7.49 -8.43
N THR A 91 -0.23 6.26 -8.50
CA THR A 91 0.65 5.87 -9.59
C THR A 91 0.54 4.37 -9.86
N ARG A 92 0.16 4.02 -11.09
CA ARG A 92 0.02 2.63 -11.49
C ARG A 92 1.30 1.85 -11.18
N LEU A 93 1.14 0.55 -10.93
CA LEU A 93 2.29 -0.30 -10.63
C LEU A 93 3.19 -0.46 -11.85
N ILE A 94 4.50 -0.32 -11.63
CA ILE A 94 5.47 -0.44 -12.72
C ILE A 94 6.55 -1.45 -12.36
N LYS A 95 7.15 -1.28 -11.19
CA LYS A 95 8.21 -2.18 -10.73
C LYS A 95 7.89 -2.73 -9.34
N PRO A 96 7.79 -4.05 -9.24
CA PRO A 96 7.49 -4.74 -7.97
C PRO A 96 8.65 -4.65 -6.99
N LYS A 97 8.32 -4.34 -5.73
CA LYS A 97 9.34 -4.23 -4.69
C LYS A 97 9.93 -5.58 -4.36
N VAL A 98 10.94 -6.00 -5.13
CA VAL A 98 11.59 -7.29 -4.92
C VAL A 98 12.31 -7.31 -3.57
N MET A 99 12.23 -8.46 -2.89
CA MET A 99 12.88 -8.63 -1.60
C MET A 99 14.03 -9.61 -1.69
N GLY B 1 -2.76 35.83 -5.97
CA GLY B 1 -2.39 34.48 -6.36
C GLY B 1 -2.06 33.61 -5.16
N PRO B 2 -1.54 32.40 -5.43
CA PRO B 2 -1.18 31.44 -4.38
C PRO B 2 0.03 31.89 -3.58
N LEU B 3 0.20 31.30 -2.39
CA LEU B 3 1.33 31.65 -1.53
C LEU B 3 2.65 31.52 -2.27
N GLY B 4 2.74 30.52 -3.15
CA GLY B 4 3.95 30.31 -3.92
C GLY B 4 4.69 29.06 -3.50
N SER B 5 4.40 28.57 -2.30
CA SER B 5 5.05 27.37 -1.79
C SER B 5 4.30 26.12 -2.22
N LYS B 6 5.04 25.05 -2.50
CA LYS B 6 4.44 23.79 -2.93
C LYS B 6 5.20 22.61 -2.35
N ARG B 7 4.53 21.48 -2.24
CA ARG B 7 5.14 20.26 -1.70
C ARG B 7 4.16 19.09 -1.73
N PHE B 8 4.70 17.88 -1.75
CA PHE B 8 3.87 16.68 -1.79
C PHE B 8 4.64 15.47 -1.26
N SER B 9 4.74 15.38 0.07
CA SER B 9 5.46 14.28 0.70
C SER B 9 5.32 14.35 2.22
N SER B 10 4.28 13.71 2.74
CA SER B 10 4.04 13.70 4.17
C SER B 10 3.13 12.53 4.57
N LEU B 11 3.68 11.59 5.33
CA LEU B 11 2.93 10.42 5.77
C LEU B 11 3.64 9.73 6.93
N SER B 12 2.99 9.73 8.10
CA SER B 12 3.56 9.10 9.27
C SER B 12 2.74 7.88 9.70
N TYR B 13 3.08 6.73 9.13
CA TYR B 13 2.36 5.49 9.44
C TYR B 13 2.93 4.83 10.69
N LYS B 14 2.08 4.13 11.43
CA LYS B 14 2.50 3.46 12.65
C LYS B 14 1.73 2.15 12.83
N SER B 15 2.46 1.07 13.06
CA SER B 15 1.86 -0.24 13.25
C SER B 15 1.51 -0.48 14.72
N ARG B 16 0.59 -1.40 14.97
CA ARG B 16 0.18 -1.71 16.33
C ARG B 16 1.35 -2.17 17.18
N GLU B 17 2.42 -2.60 16.50
CA GLU B 17 3.62 -3.07 17.19
C GLU B 17 4.24 -1.93 18.02
N GLU B 18 4.18 -0.72 17.50
CA GLU B 18 4.74 0.44 18.18
C GLU B 18 3.64 1.22 18.90
N ASP B 19 2.41 1.09 18.43
CA ASP B 19 1.27 1.78 19.02
C ASP B 19 0.02 0.91 18.98
N PRO B 20 -0.07 -0.05 19.92
CA PRO B 20 -1.21 -0.97 20.00
C PRO B 20 -2.48 -0.27 20.46
N THR B 21 -2.35 1.01 20.82
CA THR B 21 -3.49 1.79 21.27
C THR B 21 -4.15 2.53 20.12
N LEU B 22 -4.02 1.98 18.91
CA LEU B 22 -4.59 2.60 17.72
C LEU B 22 -5.88 1.87 17.30
N THR B 23 -6.90 2.64 16.95
CA THR B 23 -8.17 2.07 16.53
C THR B 23 -8.35 2.19 15.02
N GLU B 24 -9.42 1.59 14.50
CA GLU B 24 -9.71 1.63 13.08
C GLU B 24 -9.64 3.06 12.55
N GLU B 25 -10.11 4.00 13.36
CA GLU B 25 -10.11 5.41 12.98
C GLU B 25 -8.69 5.91 12.73
N GLU B 26 -7.81 5.67 13.70
CA GLU B 26 -6.42 6.10 13.57
C GLU B 26 -5.71 5.35 12.44
N ILE B 27 -5.81 4.03 12.48
CA ILE B 27 -5.18 3.19 11.45
C ILE B 27 -5.65 3.59 10.05
N SER B 28 -6.97 3.61 9.86
CA SER B 28 -7.54 3.96 8.57
C SER B 28 -7.19 5.41 8.21
N ALA B 29 -6.80 6.19 9.21
CA ALA B 29 -6.44 7.59 9.00
C ALA B 29 -5.02 7.71 8.44
N MET B 30 -4.37 6.57 8.24
CA MET B 30 -3.01 6.55 7.72
C MET B 30 -2.96 5.89 6.34
N PTR B 31 -4.13 5.73 5.73
CA PTR B 31 -4.20 5.10 4.40
C PTR B 31 -4.46 6.15 3.33
O PTR B 31 -4.63 7.34 3.60
CB PTR B 31 -5.28 3.98 4.47
CG PTR B 31 -4.80 2.64 5.06
CD1 PTR B 31 -4.31 1.63 4.23
CD2 PTR B 31 -4.88 2.42 6.44
CE1 PTR B 31 -3.91 0.41 4.76
CE2 PTR B 31 -4.47 1.20 6.98
CZ PTR B 31 -4.00 0.19 6.14
OH PTR B 31 -3.56 -1.00 6.68
P PTR B 31 -2.30 -0.89 7.71
O1P PTR B 31 -1.92 -2.28 8.23
O2P PTR B 31 -2.66 0.02 8.88
O3P PTR B 31 -1.11 -0.29 6.96
H PTR B 31 -5.06 5.98 6.05
HA PTR B 31 -3.22 4.65 4.16
HB2 PTR B 31 -5.72 3.81 3.46
HB3 PTR B 31 -6.13 4.33 5.06
HD1 PTR B 31 -4.27 1.76 3.16
HD2 PTR B 31 -5.27 3.18 7.10
HE1 PTR B 31 -3.56 -0.39 4.13
HE2 PTR B 31 -4.55 1.00 8.04
N SER B 32 -4.51 5.68 2.09
CA SER B 32 -4.74 6.55 0.95
C SER B 32 -6.11 6.27 0.32
N SER B 33 -6.52 5.01 0.36
CA SER B 33 -7.80 4.60 -0.21
C SER B 33 -7.81 4.81 -1.73
N VAL B 34 -8.57 3.98 -2.42
CA VAL B 34 -8.67 4.06 -3.88
C VAL B 34 -9.27 5.40 -4.30
N ASN B 35 -8.56 6.11 -5.18
CA ASN B 35 -9.03 7.40 -5.67
C ASN B 35 -8.73 7.56 -7.15
N LYS B 36 -9.62 7.01 -7.99
CA LYS B 36 -9.45 7.10 -9.43
C LYS B 36 -9.34 8.54 -9.88
N PRO B 37 -8.80 8.75 -11.10
CA PRO B 37 -8.63 10.09 -11.68
C PRO B 37 -9.96 10.72 -12.07
N GLY B 38 -10.31 11.79 -11.37
CA GLY B 38 -11.56 12.48 -11.65
C GLY B 38 -11.62 13.00 -13.08
N GLY A 1 7.87 -18.58 3.04
CA GLY A 1 7.89 -17.55 2.01
C GLY A 1 6.54 -17.40 1.32
N PRO A 2 6.54 -16.65 0.20
CA PRO A 2 5.32 -16.42 -0.57
C PRO A 2 4.82 -17.67 -1.29
N LEU A 3 3.83 -17.50 -2.14
CA LEU A 3 3.27 -18.63 -2.89
C LEU A 3 4.35 -19.33 -3.71
N GLY A 4 5.14 -18.54 -4.44
CA GLY A 4 6.19 -19.10 -5.26
C GLY A 4 6.81 -18.08 -6.20
N SER A 5 5.97 -17.18 -6.71
CA SER A 5 6.43 -16.16 -7.63
C SER A 5 5.85 -14.80 -7.26
N MET A 6 6.12 -14.37 -6.04
CA MET A 6 5.62 -13.08 -5.56
C MET A 6 6.75 -12.25 -4.93
N PRO A 7 7.63 -11.72 -5.78
CA PRO A 7 8.77 -10.91 -5.35
C PRO A 7 8.33 -9.56 -4.78
N TRP A 8 7.05 -9.25 -4.92
CA TRP A 8 6.51 -7.99 -4.44
C TRP A 8 5.75 -8.19 -3.12
N PHE A 9 5.16 -9.37 -2.97
CA PHE A 9 4.41 -9.69 -1.76
C PHE A 9 5.33 -10.20 -0.66
N HIS A 10 5.66 -9.32 0.28
CA HIS A 10 6.53 -9.68 1.40
C HIS A 10 5.79 -10.54 2.42
N GLY A 11 4.52 -10.21 2.64
CA GLY A 11 3.72 -10.96 3.60
C GLY A 11 4.32 -10.93 4.99
N LYS A 12 5.21 -9.97 5.24
CA LYS A 12 5.85 -9.84 6.54
C LYS A 12 6.84 -8.68 6.55
N ILE A 13 6.31 -7.47 6.69
CA ILE A 13 7.15 -6.27 6.72
C ILE A 13 6.64 -5.27 7.75
N THR A 14 7.58 -4.57 8.39
CA THR A 14 7.23 -3.57 9.39
C THR A 14 7.26 -2.16 8.81
N ARG A 15 6.58 -1.24 9.48
CA ARG A 15 6.53 0.15 9.02
C ARG A 15 7.93 0.69 8.76
N GLU A 16 8.86 0.35 9.64
CA GLU A 16 10.24 0.80 9.49
C GLU A 16 10.92 0.12 8.31
N GLN A 17 10.58 -1.15 8.09
CA GLN A 17 11.16 -1.91 6.99
C GLN A 17 10.65 -1.40 5.64
N ALA A 18 9.35 -1.11 5.59
CA ALA A 18 8.72 -0.62 4.36
C ALA A 18 9.08 0.85 4.12
N GLU A 19 9.21 1.61 5.21
CA GLU A 19 9.54 3.02 5.12
C GLU A 19 10.87 3.23 4.39
N ARG A 20 11.90 2.53 4.85
CA ARG A 20 13.22 2.63 4.25
C ARG A 20 13.23 2.02 2.86
N LEU A 21 12.49 0.93 2.69
CA LEU A 21 12.42 0.25 1.40
C LEU A 21 11.98 1.21 0.30
N LEU A 22 11.05 2.10 0.63
CA LEU A 22 10.54 3.08 -0.32
C LEU A 22 11.20 4.44 -0.11
N TYR A 23 12.52 4.43 0.09
CA TYR A 23 13.26 5.66 0.30
C TYR A 23 13.31 6.50 -0.97
N PRO A 24 13.88 5.92 -2.04
CA PRO A 24 14.00 6.59 -3.33
C PRO A 24 12.65 6.77 -4.03
N PRO A 25 12.31 8.01 -4.35
CA PRO A 25 11.04 8.35 -5.02
C PRO A 25 11.01 7.86 -6.46
N GLU A 26 10.08 6.95 -6.75
CA GLU A 26 9.94 6.40 -8.10
C GLU A 26 8.52 5.92 -8.35
N THR A 27 7.76 6.69 -9.13
CA THR A 27 6.38 6.34 -9.44
C THR A 27 6.30 4.97 -10.11
N GLY A 28 5.72 4.01 -9.41
CA GLY A 28 5.59 2.67 -9.95
C GLY A 28 6.09 1.59 -9.01
N LEU A 29 6.69 2.03 -7.89
CA LEU A 29 7.22 1.11 -6.90
C LEU A 29 6.17 0.77 -5.85
N PHE A 30 5.71 -0.48 -5.84
CA PHE A 30 4.71 -0.92 -4.88
C PHE A 30 5.21 -2.12 -4.08
N LEU A 31 4.51 -2.44 -3.00
CA LEU A 31 4.88 -3.56 -2.15
C LEU A 31 3.71 -3.99 -1.27
N VAL A 32 3.50 -5.30 -1.16
CA VAL A 32 2.42 -5.85 -0.35
C VAL A 32 2.96 -6.54 0.89
N ARG A 33 2.28 -6.36 2.01
CA ARG A 33 2.69 -6.97 3.27
C ARG A 33 1.49 -7.16 4.20
N GLU A 34 1.53 -8.24 4.98
CA GLU A 34 0.44 -8.54 5.92
C GLU A 34 0.10 -7.32 6.77
N SER A 35 -1.16 -6.92 6.74
CA SER A 35 -1.61 -5.77 7.50
C SER A 35 -1.38 -5.98 8.99
N THR A 36 -0.49 -5.18 9.57
CA THR A 36 -0.17 -5.28 10.99
C THR A 36 -1.35 -4.83 11.84
N ASN A 37 -1.81 -3.61 11.61
CA ASN A 37 -2.94 -3.07 12.36
C ASN A 37 -4.21 -3.87 12.11
N TYR A 38 -4.30 -4.46 10.92
CA TYR A 38 -5.46 -5.26 10.56
C TYR A 38 -5.06 -6.70 10.25
N PRO A 39 -5.22 -7.58 11.24
CA PRO A 39 -4.88 -9.00 11.12
C PRO A 39 -5.83 -9.74 10.18
N GLY A 40 -5.29 -10.27 9.08
CA GLY A 40 -6.10 -10.99 8.12
C GLY A 40 -6.20 -10.28 6.78
N ASP A 41 -5.58 -9.10 6.70
CA ASP A 41 -5.60 -8.31 5.48
C ASP A 41 -4.18 -8.02 4.99
N TYR A 42 -4.08 -7.25 3.93
CA TYR A 42 -2.77 -6.89 3.36
C TYR A 42 -2.71 -5.41 3.02
N THR A 43 -1.54 -4.81 3.25
CA THR A 43 -1.35 -3.39 2.97
C THR A 43 -0.42 -3.19 1.78
N LEU A 44 -0.78 -2.25 0.92
CA LEU A 44 0.02 -1.96 -0.27
C LEU A 44 0.68 -0.59 -0.16
N CYS A 45 2.00 -0.58 -0.09
CA CYS A 45 2.76 0.66 0.03
C CYS A 45 3.34 1.07 -1.33
N VAL A 46 3.12 2.32 -1.71
CA VAL A 46 3.62 2.84 -2.98
C VAL A 46 4.32 4.17 -2.79
N SER A 47 5.31 4.44 -3.65
CA SER A 47 6.06 5.69 -3.57
C SER A 47 5.60 6.67 -4.65
N CYS A 48 4.97 7.76 -4.22
CA CYS A 48 4.48 8.77 -5.14
C CYS A 48 5.18 10.11 -4.89
N GLU A 49 6.27 10.34 -5.62
CA GLU A 49 7.03 11.57 -5.49
C GLU A 49 7.68 11.66 -4.11
N GLY A 50 8.03 10.51 -3.55
CA GLY A 50 8.66 10.47 -2.24
C GLY A 50 7.68 10.18 -1.14
N LYS A 51 6.39 10.27 -1.44
CA LYS A 51 5.34 10.00 -0.46
C LYS A 51 4.99 8.52 -0.44
N VAL A 52 4.76 7.99 0.77
CA VAL A 52 4.41 6.59 0.93
C VAL A 52 2.90 6.42 1.16
N GLU A 53 2.20 5.96 0.13
CA GLU A 53 0.76 5.75 0.23
C GLU A 53 0.44 4.30 0.55
N HIS A 54 -0.40 4.10 1.56
CA HIS A 54 -0.79 2.75 1.98
C HIS A 54 -2.22 2.46 1.56
N TYR A 55 -2.41 1.37 0.81
CA TYR A 55 -3.73 0.98 0.35
C TYR A 55 -4.18 -0.32 1.02
N ARG A 56 -5.07 -0.18 2.01
CA ARG A 56 -5.58 -1.34 2.73
C ARG A 56 -6.28 -2.31 1.79
N ILE A 57 -6.07 -3.61 2.01
CA ILE A 57 -6.68 -4.64 1.18
C ILE A 57 -7.56 -5.57 2.01
N MET A 58 -8.87 -5.45 1.82
CA MET A 58 -9.83 -6.28 2.54
C MET A 58 -9.79 -7.72 2.04
N TYR A 59 -9.69 -8.66 2.96
CA TYR A 59 -9.65 -10.07 2.60
C TYR A 59 -10.86 -10.82 3.18
N HIS A 60 -11.73 -11.29 2.30
CA HIS A 60 -12.91 -12.02 2.70
C HIS A 60 -13.27 -13.10 1.69
N ALA A 61 -13.63 -14.29 2.19
CA ALA A 61 -13.98 -15.41 1.33
C ALA A 61 -12.88 -15.70 0.32
N SER A 62 -11.64 -15.52 0.74
CA SER A 62 -10.49 -15.77 -0.13
C SER A 62 -10.50 -14.80 -1.31
N LYS A 63 -11.04 -13.60 -1.09
CA LYS A 63 -11.11 -12.59 -2.13
C LYS A 63 -10.59 -11.25 -1.63
N LEU A 64 -9.82 -10.56 -2.47
CA LEU A 64 -9.26 -9.27 -2.10
C LEU A 64 -10.05 -8.13 -2.73
N SER A 65 -10.07 -6.98 -2.06
CA SER A 65 -10.80 -5.82 -2.56
C SER A 65 -10.43 -4.57 -1.77
N ILE A 66 -10.19 -3.48 -2.48
CA ILE A 66 -9.83 -2.22 -1.83
C ILE A 66 -10.92 -1.17 -2.03
N ASP A 67 -11.49 -1.13 -3.23
CA ASP A 67 -12.55 -0.18 -3.54
C ASP A 67 -13.92 -0.72 -3.09
N GLU A 68 -13.92 -1.96 -2.63
CA GLU A 68 -15.16 -2.60 -2.16
C GLU A 68 -16.17 -2.69 -3.31
N GLU A 69 -15.68 -2.53 -4.53
CA GLU A 69 -16.55 -2.60 -5.71
C GLU A 69 -16.02 -3.64 -6.70
N VAL A 70 -14.83 -4.15 -6.44
CA VAL A 70 -14.21 -5.14 -7.31
C VAL A 70 -13.42 -6.17 -6.51
N TYR A 71 -13.98 -7.36 -6.36
CA TYR A 71 -13.32 -8.43 -5.61
C TYR A 71 -12.54 -9.34 -6.54
N PHE A 72 -11.42 -9.86 -6.04
CA PHE A 72 -10.57 -10.76 -6.81
C PHE A 72 -10.50 -12.14 -6.19
N GLU A 73 -9.82 -13.06 -6.85
CA GLU A 73 -9.68 -14.43 -6.37
C GLU A 73 -8.32 -14.63 -5.70
N ASN A 74 -7.41 -13.69 -5.95
CA ASN A 74 -6.07 -13.77 -5.37
C ASN A 74 -5.34 -12.44 -5.53
N LEU A 75 -4.17 -12.34 -4.91
CA LEU A 75 -3.36 -11.13 -4.98
C LEU A 75 -2.69 -11.00 -6.34
N MET A 76 -2.53 -12.13 -7.02
CA MET A 76 -1.89 -12.15 -8.33
C MET A 76 -2.69 -11.32 -9.33
N GLN A 77 -3.97 -11.67 -9.49
CA GLN A 77 -4.84 -10.95 -10.42
C GLN A 77 -5.10 -9.52 -9.94
N LEU A 78 -5.20 -9.36 -8.62
CA LEU A 78 -5.45 -8.05 -8.04
C LEU A 78 -4.39 -7.05 -8.50
N VAL A 79 -3.12 -7.40 -8.30
CA VAL A 79 -2.02 -6.54 -8.70
C VAL A 79 -2.02 -6.29 -10.20
N GLU A 80 -2.38 -7.32 -10.96
CA GLU A 80 -2.42 -7.21 -12.41
C GLU A 80 -3.30 -6.04 -12.85
N HIS A 81 -4.41 -5.86 -12.16
CA HIS A 81 -5.34 -4.78 -12.48
C HIS A 81 -4.75 -3.43 -12.08
N TYR A 82 -4.25 -3.35 -10.84
CA TYR A 82 -3.67 -2.11 -10.34
C TYR A 82 -2.43 -1.72 -11.15
N THR A 83 -1.83 -2.71 -11.80
CA THR A 83 -0.63 -2.47 -12.61
C THR A 83 -1.01 -2.00 -14.01
N THR A 84 -2.17 -2.44 -14.48
CA THR A 84 -2.65 -2.07 -15.81
C THR A 84 -3.22 -0.65 -15.82
N ASP A 85 -3.65 -0.19 -14.65
CA ASP A 85 -4.21 1.15 -14.52
C ASP A 85 -4.28 1.57 -13.05
N ALA A 86 -4.37 2.87 -12.82
CA ALA A 86 -4.44 3.41 -11.47
C ALA A 86 -5.52 2.69 -10.65
N ASP A 87 -6.76 2.74 -11.15
CA ASP A 87 -7.88 2.10 -10.46
C ASP A 87 -8.00 2.60 -9.03
N GLY A 88 -7.51 3.82 -8.78
CA GLY A 88 -7.56 4.39 -7.45
C GLY A 88 -6.19 4.67 -6.88
N LEU A 89 -5.16 4.16 -7.54
CA LEU A 89 -3.78 4.36 -7.09
C LEU A 89 -3.21 5.65 -7.64
N CYS A 90 -2.48 6.38 -6.80
CA CYS A 90 -1.87 7.64 -7.20
C CYS A 90 -1.01 7.45 -8.45
N THR A 91 -0.50 6.23 -8.63
CA THR A 91 0.34 5.92 -9.79
C THR A 91 0.33 4.42 -10.08
N ARG A 92 -0.01 4.07 -11.32
CA ARG A 92 -0.06 2.68 -11.73
C ARG A 92 1.25 1.97 -11.41
N LEU A 93 1.16 0.68 -11.10
CA LEU A 93 2.35 -0.11 -10.77
C LEU A 93 3.26 -0.25 -11.98
N ILE A 94 4.56 -0.14 -11.75
CA ILE A 94 5.54 -0.25 -12.82
C ILE A 94 6.61 -1.28 -12.48
N LYS A 95 7.20 -1.15 -11.30
CA LYS A 95 8.23 -2.08 -10.85
C LYS A 95 7.93 -2.59 -9.44
N PRO A 96 7.83 -3.92 -9.32
CA PRO A 96 7.54 -4.57 -8.03
C PRO A 96 8.71 -4.47 -7.06
N LYS A 97 8.40 -4.21 -5.79
CA LYS A 97 9.42 -4.08 -4.76
C LYS A 97 10.07 -5.44 -4.47
N VAL A 98 11.06 -5.80 -5.27
CA VAL A 98 11.76 -7.07 -5.11
C VAL A 98 12.52 -7.10 -3.78
N MET A 99 12.33 -8.19 -3.03
CA MET A 99 12.99 -8.35 -1.74
C MET A 99 14.03 -9.47 -1.80
N GLY B 1 13.27 31.82 9.83
CA GLY B 1 12.56 32.40 8.71
C GLY B 1 12.55 31.48 7.50
N PRO B 2 11.75 30.41 7.55
CA PRO B 2 11.64 29.45 6.46
C PRO B 2 10.94 30.03 5.24
N LEU B 3 10.98 29.29 4.13
CA LEU B 3 10.35 29.74 2.90
C LEU B 3 8.89 30.11 3.14
N GLY B 4 8.15 29.22 3.79
CA GLY B 4 6.76 29.48 4.07
C GLY B 4 5.82 28.71 3.15
N SER B 5 6.19 28.64 1.88
CA SER B 5 5.38 27.94 0.89
C SER B 5 6.00 26.59 0.54
N LYS B 6 5.17 25.54 0.56
CA LYS B 6 5.63 24.20 0.24
C LYS B 6 4.47 23.31 -0.18
N ARG B 7 4.78 22.09 -0.61
CA ARG B 7 3.78 21.14 -1.03
C ARG B 7 4.29 19.71 -0.95
N PHE B 8 3.73 18.93 -0.02
CA PHE B 8 4.15 17.55 0.16
C PHE B 8 3.30 16.87 1.24
N SER B 9 2.47 15.92 0.81
CA SER B 9 1.60 15.19 1.74
C SER B 9 2.31 13.96 2.29
N SER B 10 3.01 14.13 3.39
CA SER B 10 3.74 13.04 4.02
C SER B 10 2.78 11.92 4.45
N LEU B 11 3.31 10.94 5.17
CA LEU B 11 2.50 9.82 5.64
C LEU B 11 3.21 9.06 6.75
N SER B 12 2.73 9.26 7.98
CA SER B 12 3.33 8.59 9.14
C SER B 12 2.50 7.38 9.55
N TYR B 13 2.81 6.23 8.97
CA TYR B 13 2.09 4.99 9.28
C TYR B 13 2.66 4.34 10.53
N LYS B 14 1.79 3.68 11.28
CA LYS B 14 2.19 3.00 12.50
C LYS B 14 1.46 1.66 12.66
N SER B 15 2.23 0.61 12.90
CA SER B 15 1.65 -0.73 13.06
C SER B 15 1.26 -0.98 14.52
N ARG B 16 0.32 -1.89 14.73
CA ARG B 16 -0.14 -2.22 16.07
C ARG B 16 1.01 -2.76 16.92
N GLU B 17 2.08 -3.19 16.25
CA GLU B 17 3.23 -3.74 16.94
C GLU B 17 3.94 -2.66 17.76
N GLU B 18 4.02 -1.46 17.19
CA GLU B 18 4.68 -0.34 17.85
C GLU B 18 3.67 0.48 18.66
N ASP B 19 2.39 0.34 18.31
CA ASP B 19 1.33 1.07 19.00
C ASP B 19 0.04 0.26 19.00
N PRO B 20 -0.07 -0.69 19.94
CA PRO B 20 -1.25 -1.55 20.06
C PRO B 20 -2.47 -0.78 20.57
N THR B 21 -2.26 0.47 20.94
CA THR B 21 -3.34 1.32 21.44
C THR B 21 -3.96 2.14 20.32
N LEU B 22 -3.87 1.63 19.10
CA LEU B 22 -4.42 2.33 17.94
C LEU B 22 -5.77 1.74 17.54
N THR B 23 -6.72 2.62 17.23
CA THR B 23 -8.06 2.19 16.83
C THR B 23 -8.17 2.08 15.32
N GLU B 24 -9.07 1.21 14.85
CA GLU B 24 -9.28 1.03 13.42
C GLU B 24 -9.45 2.37 12.71
N GLU B 25 -10.02 3.34 13.42
CA GLU B 25 -10.25 4.66 12.85
C GLU B 25 -8.93 5.30 12.44
N GLU B 26 -7.99 5.38 13.37
CA GLU B 26 -6.68 5.97 13.10
C GLU B 26 -5.99 5.26 11.95
N ILE B 27 -6.24 3.96 11.83
CA ILE B 27 -5.64 3.16 10.77
C ILE B 27 -6.11 3.63 9.39
N SER B 28 -7.43 3.72 9.21
CA SER B 28 -7.99 4.16 7.94
C SER B 28 -7.55 5.59 7.61
N ALA B 29 -7.14 6.32 8.65
CA ALA B 29 -6.69 7.70 8.46
C ALA B 29 -5.28 7.75 7.88
N MET B 30 -4.68 6.57 7.70
CA MET B 30 -3.34 6.48 7.16
C MET B 30 -3.35 5.85 5.76
N PTR B 31 -4.55 5.63 5.24
CA PTR B 31 -4.69 5.03 3.90
C PTR B 31 -5.23 6.06 2.92
O PTR B 31 -6.14 6.84 3.19
CB PTR B 31 -5.58 3.76 4.05
CG PTR B 31 -5.08 2.70 5.04
CD1 PTR B 31 -3.70 2.41 5.12
CD2 PTR B 31 -5.97 2.00 5.85
CE1 PTR B 31 -3.25 1.43 5.99
CE2 PTR B 31 -5.51 1.03 6.74
CZ PTR B 31 -4.15 0.73 6.79
OH PTR B 31 -3.69 -0.21 7.70
P PTR B 31 -4.20 -1.74 7.44
O1P PTR B 31 -3.62 -2.67 8.51
O2P PTR B 31 -3.76 -2.22 6.05
O3P PTR B 31 -5.72 -1.78 7.52
H PTR B 31 -5.48 5.81 5.64
HA PTR B 31 -3.70 4.72 3.54
HB2 PTR B 31 -5.75 3.30 3.06
HB3 PTR B 31 -6.60 4.07 4.37
HD1 PTR B 31 -3.00 2.92 4.48
HD2 PTR B 31 -7.03 2.20 5.80
HE1 PTR B 31 -2.19 1.18 6.04
HE2 PTR B 31 -6.20 0.47 7.35
N SER B 32 -4.62 6.04 1.74
CA SER B 32 -5.00 6.96 0.67
C SER B 32 -6.34 6.57 0.06
N SER B 33 -6.62 5.28 0.07
CA SER B 33 -7.87 4.77 -0.50
C SER B 33 -7.91 4.98 -2.00
N VAL B 34 -8.54 4.04 -2.71
CA VAL B 34 -8.66 4.14 -4.16
C VAL B 34 -9.34 5.43 -4.58
N ASN B 35 -8.61 6.28 -5.29
CA ASN B 35 -9.14 7.55 -5.75
C ASN B 35 -8.99 7.69 -7.27
N LYS B 36 -9.83 6.98 -8.00
CA LYS B 36 -9.80 7.02 -9.46
C LYS B 36 -9.92 8.46 -9.97
N PRO B 37 -9.49 8.68 -11.23
CA PRO B 37 -9.54 10.01 -11.85
C PRO B 37 -10.97 10.45 -12.14
N GLY B 38 -11.41 11.50 -11.45
CA GLY B 38 -12.76 12.01 -11.65
C GLY B 38 -12.99 12.46 -13.07
N GLY A 1 11.35 -16.96 -5.30
CA GLY A 1 10.28 -16.39 -4.51
C GLY A 1 10.16 -17.02 -3.14
N PRO A 2 9.35 -16.40 -2.27
CA PRO A 2 9.14 -16.88 -0.90
C PRO A 2 8.36 -18.20 -0.86
N LEU A 3 7.34 -18.28 -1.69
CA LEU A 3 6.50 -19.48 -1.75
C LEU A 3 5.82 -19.61 -3.12
N GLY A 4 6.51 -19.15 -4.16
CA GLY A 4 5.96 -19.22 -5.49
C GLY A 4 6.57 -18.21 -6.43
N SER A 5 5.82 -17.14 -6.73
CA SER A 5 6.30 -16.09 -7.61
C SER A 5 5.69 -14.75 -7.23
N MET A 6 6.04 -14.27 -6.04
CA MET A 6 5.54 -12.99 -5.56
C MET A 6 6.66 -12.16 -4.93
N PRO A 7 7.53 -11.61 -5.79
CA PRO A 7 8.66 -10.79 -5.34
C PRO A 7 8.21 -9.45 -4.76
N TRP A 8 6.93 -9.15 -4.90
CA TRP A 8 6.37 -7.90 -4.39
C TRP A 8 5.65 -8.12 -3.07
N PHE A 9 5.07 -9.30 -2.91
CA PHE A 9 4.34 -9.64 -1.70
C PHE A 9 5.28 -10.21 -0.63
N HIS A 10 5.68 -9.35 0.31
CA HIS A 10 6.58 -9.76 1.38
C HIS A 10 5.84 -10.60 2.42
N GLY A 11 4.56 -10.28 2.64
CA GLY A 11 3.77 -11.00 3.61
C GLY A 11 4.37 -10.96 5.00
N LYS A 12 5.25 -9.99 5.24
CA LYS A 12 5.90 -9.85 6.53
C LYS A 12 6.87 -8.67 6.53
N ILE A 13 6.35 -7.47 6.72
CA ILE A 13 7.17 -6.27 6.74
C ILE A 13 6.61 -5.24 7.70
N THR A 14 7.51 -4.49 8.35
CA THR A 14 7.11 -3.47 9.30
C THR A 14 7.19 -2.08 8.68
N ARG A 15 6.78 -1.07 9.46
CA ARG A 15 6.81 0.31 8.98
C ARG A 15 8.24 0.75 8.70
N GLU A 16 9.16 0.38 9.59
CA GLU A 16 10.57 0.75 9.44
C GLU A 16 11.15 0.15 8.16
N GLN A 17 10.75 -1.08 7.86
CA GLN A 17 11.24 -1.77 6.67
C GLN A 17 10.57 -1.22 5.41
N ALA A 18 9.29 -0.88 5.52
CA ALA A 18 8.54 -0.33 4.40
C ALA A 18 8.98 1.09 4.07
N GLU A 19 9.35 1.84 5.11
CA GLU A 19 9.79 3.22 4.93
C GLU A 19 11.14 3.27 4.20
N ARG A 20 12.11 2.53 4.73
CA ARG A 20 13.44 2.50 4.14
C ARG A 20 13.39 1.91 2.73
N LEU A 21 12.59 0.86 2.56
CA LEU A 21 12.45 0.21 1.26
C LEU A 21 11.98 1.19 0.20
N LEU A 22 11.08 2.09 0.59
CA LEU A 22 10.55 3.09 -0.33
C LEU A 22 11.22 4.43 -0.11
N TYR A 23 12.54 4.42 0.06
CA TYR A 23 13.29 5.65 0.27
C TYR A 23 13.33 6.50 -0.99
N PRO A 24 13.89 5.93 -2.07
CA PRO A 24 13.99 6.61 -3.35
C PRO A 24 12.63 6.80 -4.03
N PRO A 25 12.30 8.06 -4.36
CA PRO A 25 11.03 8.41 -5.00
C PRO A 25 10.97 7.91 -6.45
N GLU A 26 10.03 7.01 -6.72
CA GLU A 26 9.87 6.47 -8.07
C GLU A 26 8.45 5.98 -8.29
N THR A 27 7.71 6.68 -9.14
CA THR A 27 6.33 6.32 -9.43
C THR A 27 6.25 4.95 -10.08
N GLY A 28 5.68 3.99 -9.36
CA GLY A 28 5.55 2.65 -9.89
C GLY A 28 6.07 1.59 -8.93
N LEU A 29 6.68 2.04 -7.84
CA LEU A 29 7.22 1.13 -6.83
C LEU A 29 6.18 0.81 -5.77
N PHE A 30 5.73 -0.45 -5.76
CA PHE A 30 4.72 -0.89 -4.80
C PHE A 30 5.23 -2.08 -4.00
N LEU A 31 4.52 -2.41 -2.92
CA LEU A 31 4.90 -3.53 -2.06
C LEU A 31 3.72 -3.97 -1.19
N VAL A 32 3.50 -5.28 -1.13
CA VAL A 32 2.41 -5.83 -0.32
C VAL A 32 2.95 -6.57 0.89
N ARG A 33 2.28 -6.40 2.03
CA ARG A 33 2.69 -7.06 3.26
C ARG A 33 1.50 -7.24 4.20
N GLU A 34 1.57 -8.28 5.04
CA GLU A 34 0.50 -8.56 5.98
C GLU A 34 0.14 -7.32 6.80
N SER A 35 -1.13 -6.94 6.76
CA SER A 35 -1.60 -5.77 7.49
C SER A 35 -1.33 -5.92 8.98
N THR A 36 -0.42 -5.09 9.50
CA THR A 36 -0.08 -5.13 10.92
C THR A 36 -1.24 -4.63 11.78
N ASN A 37 -1.69 -3.42 11.51
CA ASN A 37 -2.79 -2.83 12.26
C ASN A 37 -4.09 -3.58 11.99
N TYR A 38 -4.17 -4.22 10.84
CA TYR A 38 -5.36 -4.97 10.45
C TYR A 38 -5.04 -6.46 10.31
N PRO A 39 -5.30 -7.22 11.39
CA PRO A 39 -5.05 -8.66 11.41
C PRO A 39 -6.01 -9.43 10.53
N GLY A 40 -5.50 -9.98 9.43
CA GLY A 40 -6.33 -10.74 8.51
C GLY A 40 -6.46 -10.07 7.17
N ASP A 41 -5.72 -8.98 6.97
CA ASP A 41 -5.76 -8.24 5.71
C ASP A 41 -4.35 -7.95 5.22
N TYR A 42 -4.27 -7.24 4.09
CA TYR A 42 -2.97 -6.89 3.50
C TYR A 42 -2.89 -5.39 3.22
N THR A 43 -1.67 -4.87 3.17
CA THR A 43 -1.45 -3.46 2.90
C THR A 43 -0.50 -3.26 1.72
N LEU A 44 -0.81 -2.28 0.88
CA LEU A 44 0.02 -1.99 -0.29
C LEU A 44 0.67 -0.61 -0.16
N CYS A 45 1.99 -0.59 -0.07
CA CYS A 45 2.73 0.67 0.05
C CYS A 45 3.33 1.07 -1.29
N VAL A 46 3.05 2.30 -1.71
CA VAL A 46 3.57 2.81 -2.97
C VAL A 46 4.27 4.16 -2.78
N SER A 47 5.21 4.46 -3.66
CA SER A 47 5.96 5.70 -3.59
C SER A 47 5.48 6.69 -4.65
N CYS A 48 4.85 7.77 -4.20
CA CYS A 48 4.34 8.78 -5.11
C CYS A 48 5.04 10.12 -4.88
N GLU A 49 6.12 10.36 -5.62
CA GLU A 49 6.87 11.59 -5.51
C GLU A 49 7.57 11.67 -4.15
N GLY A 50 7.94 10.52 -3.61
CA GLY A 50 8.61 10.48 -2.32
C GLY A 50 7.65 10.18 -1.18
N LYS A 51 6.35 10.28 -1.46
CA LYS A 51 5.34 10.01 -0.44
C LYS A 51 4.96 8.54 -0.43
N VAL A 52 4.70 8.02 0.77
CA VAL A 52 4.33 6.61 0.93
C VAL A 52 2.84 6.47 1.17
N GLU A 53 2.13 5.87 0.21
CA GLU A 53 0.69 5.68 0.33
C GLU A 53 0.37 4.21 0.62
N HIS A 54 -0.40 3.99 1.68
CA HIS A 54 -0.78 2.63 2.08
C HIS A 54 -2.22 2.34 1.68
N TYR A 55 -2.42 1.25 0.95
CA TYR A 55 -3.75 0.86 0.49
C TYR A 55 -4.22 -0.40 1.21
N ARG A 56 -5.29 -0.26 1.99
CA ARG A 56 -5.84 -1.39 2.73
C ARG A 56 -6.50 -2.40 1.79
N ILE A 57 -6.24 -3.69 2.04
CA ILE A 57 -6.80 -4.74 1.22
C ILE A 57 -7.71 -5.65 2.03
N MET A 58 -9.02 -5.57 1.79
CA MET A 58 -9.99 -6.39 2.50
C MET A 58 -9.96 -7.83 2.00
N TYR A 59 -9.87 -8.78 2.92
CA TYR A 59 -9.83 -10.19 2.56
C TYR A 59 -11.08 -10.91 3.06
N HIS A 60 -11.88 -11.43 2.12
CA HIS A 60 -13.10 -12.15 2.47
C HIS A 60 -13.42 -13.21 1.42
N ALA A 61 -13.80 -14.39 1.89
CA ALA A 61 -14.14 -15.49 0.99
C ALA A 61 -13.01 -15.76 0.01
N SER A 62 -11.77 -15.62 0.48
CA SER A 62 -10.60 -15.84 -0.36
C SER A 62 -10.55 -14.85 -1.51
N LYS A 63 -11.09 -13.65 -1.28
CA LYS A 63 -11.11 -12.61 -2.29
C LYS A 63 -10.57 -11.30 -1.73
N LEU A 64 -9.83 -10.57 -2.57
CA LEU A 64 -9.26 -9.29 -2.16
C LEU A 64 -10.00 -8.13 -2.80
N SER A 65 -10.06 -7.00 -2.09
CA SER A 65 -10.74 -5.82 -2.59
C SER A 65 -10.40 -4.60 -1.75
N ILE A 66 -10.03 -3.51 -2.42
CA ILE A 66 -9.67 -2.27 -1.75
C ILE A 66 -10.76 -1.22 -1.91
N ASP A 67 -11.44 -1.25 -3.06
CA ASP A 67 -12.50 -0.29 -3.33
C ASP A 67 -13.84 -0.79 -2.78
N GLU A 68 -13.82 -1.97 -2.17
CA GLU A 68 -15.02 -2.56 -1.60
C GLU A 68 -16.08 -2.78 -2.68
N GLU A 69 -15.65 -2.77 -3.93
CA GLU A 69 -16.57 -2.96 -5.06
C GLU A 69 -16.00 -4.00 -6.03
N VAL A 70 -14.70 -3.94 -6.25
CA VAL A 70 -14.04 -4.87 -7.16
C VAL A 70 -13.28 -5.95 -6.40
N TYR A 71 -13.84 -7.16 -6.37
CA TYR A 71 -13.22 -8.27 -5.67
C TYR A 71 -12.47 -9.18 -6.65
N PHE A 72 -11.36 -9.75 -6.19
CA PHE A 72 -10.55 -10.63 -7.01
C PHE A 72 -10.53 -12.04 -6.44
N GLU A 73 -9.84 -12.94 -7.14
CA GLU A 73 -9.74 -14.33 -6.70
C GLU A 73 -8.39 -14.59 -6.02
N ASN A 74 -7.45 -13.67 -6.21
CA ASN A 74 -6.12 -13.80 -5.62
C ASN A 74 -5.36 -12.48 -5.71
N LEU A 75 -4.21 -12.43 -5.04
CA LEU A 75 -3.38 -11.23 -5.04
C LEU A 75 -2.66 -11.07 -6.36
N MET A 76 -2.50 -12.18 -7.09
CA MET A 76 -1.82 -12.15 -8.38
C MET A 76 -2.61 -11.31 -9.39
N GLN A 77 -3.86 -11.66 -9.60
CA GLN A 77 -4.72 -10.93 -10.53
C GLN A 77 -4.98 -9.52 -10.05
N LEU A 78 -5.09 -9.36 -8.73
CA LEU A 78 -5.34 -8.05 -8.13
C LEU A 78 -4.28 -7.05 -8.57
N VAL A 79 -3.02 -7.40 -8.40
CA VAL A 79 -1.91 -6.53 -8.77
C VAL A 79 -1.91 -6.28 -10.27
N GLU A 80 -2.27 -7.30 -11.04
CA GLU A 80 -2.30 -7.19 -12.50
C GLU A 80 -3.18 -6.02 -12.93
N HIS A 81 -4.30 -5.84 -12.24
CA HIS A 81 -5.22 -4.75 -12.55
C HIS A 81 -4.64 -3.41 -12.15
N TYR A 82 -4.09 -3.35 -10.94
CA TYR A 82 -3.50 -2.11 -10.43
C TYR A 82 -2.27 -1.72 -11.25
N THR A 83 -1.66 -2.70 -11.90
CA THR A 83 -0.48 -2.46 -12.71
C THR A 83 -0.86 -1.99 -14.12
N THR A 84 -2.03 -2.43 -14.58
CA THR A 84 -2.51 -2.06 -15.90
C THR A 84 -3.07 -0.64 -15.91
N ASP A 85 -3.53 -0.19 -14.75
CA ASP A 85 -4.09 1.16 -14.62
C ASP A 85 -4.20 1.56 -13.16
N ALA A 86 -4.36 2.86 -12.91
CA ALA A 86 -4.48 3.37 -11.55
C ALA A 86 -5.55 2.61 -10.77
N ASP A 87 -6.77 2.63 -11.28
CA ASP A 87 -7.88 1.94 -10.64
C ASP A 87 -8.08 2.45 -9.21
N GLY A 88 -7.58 3.66 -8.95
CA GLY A 88 -7.71 4.25 -7.63
C GLY A 88 -6.39 4.40 -6.92
N LEU A 89 -5.30 4.13 -7.65
CA LEU A 89 -3.96 4.24 -7.09
C LEU A 89 -3.30 5.55 -7.52
N CYS A 90 -2.60 6.18 -6.57
CA CYS A 90 -1.91 7.43 -6.85
C CYS A 90 -1.03 7.31 -8.10
N THR A 91 -0.52 6.11 -8.33
CA THR A 91 0.34 5.86 -9.49
C THR A 91 0.37 4.37 -9.84
N ARG A 92 0.06 4.07 -11.10
CA ARG A 92 0.05 2.69 -11.56
C ARG A 92 1.36 1.99 -11.21
N LEU A 93 1.28 0.67 -11.05
CA LEU A 93 2.47 -0.12 -10.71
C LEU A 93 3.38 -0.28 -11.92
N ILE A 94 4.69 -0.16 -11.69
CA ILE A 94 5.66 -0.30 -12.76
C ILE A 94 6.73 -1.33 -12.41
N LYS A 95 7.32 -1.20 -11.22
CA LYS A 95 8.34 -2.11 -10.77
C LYS A 95 8.04 -2.62 -9.36
N PRO A 96 7.88 -3.94 -9.23
CA PRO A 96 7.58 -4.57 -7.93
C PRO A 96 8.76 -4.53 -6.98
N LYS A 97 8.49 -4.29 -5.70
CA LYS A 97 9.53 -4.23 -4.68
C LYS A 97 10.13 -5.61 -4.44
N VAL A 98 11.09 -5.98 -5.28
CA VAL A 98 11.76 -7.27 -5.15
C VAL A 98 12.54 -7.37 -3.84
N MET A 99 12.27 -8.40 -3.07
CA MET A 99 12.95 -8.61 -1.79
C MET A 99 14.42 -8.89 -2.00
N GLY B 1 9.51 32.04 -3.53
CA GLY B 1 8.92 30.75 -3.25
C GLY B 1 9.73 29.62 -3.85
N PRO B 2 9.22 28.38 -3.71
CA PRO B 2 9.88 27.19 -4.24
C PRO B 2 9.84 27.13 -5.77
N LEU B 3 10.61 26.20 -6.33
CA LEU B 3 10.66 26.05 -7.79
C LEU B 3 9.27 25.81 -8.36
N GLY B 4 8.43 25.09 -7.60
CA GLY B 4 7.08 24.81 -8.05
C GLY B 4 6.96 23.44 -8.71
N SER B 5 7.80 22.52 -8.28
CA SER B 5 7.79 21.16 -8.84
C SER B 5 6.71 20.31 -8.18
N LYS B 6 6.06 19.47 -8.97
CA LYS B 6 5.00 18.61 -8.47
C LYS B 6 5.59 17.40 -7.73
N ARG B 7 5.52 17.42 -6.40
CA ARG B 7 6.05 16.34 -5.59
C ARG B 7 5.81 16.61 -4.11
N PHE B 8 5.16 15.67 -3.44
CA PHE B 8 4.88 15.80 -2.01
C PHE B 8 5.63 14.75 -1.20
N SER B 9 5.38 14.74 0.11
CA SER B 9 6.04 13.78 0.99
C SER B 9 5.61 14.00 2.44
N SER B 10 4.59 13.27 2.86
CA SER B 10 4.07 13.38 4.22
C SER B 10 3.11 12.24 4.53
N LEU B 11 3.62 11.20 5.19
CA LEU B 11 2.80 10.05 5.55
C LEU B 11 3.51 9.19 6.59
N SER B 12 3.28 9.52 7.87
CA SER B 12 3.89 8.78 8.96
C SER B 12 3.04 7.57 9.34
N TYR B 13 3.33 6.44 8.73
CA TYR B 13 2.59 5.21 9.00
C TYR B 13 3.08 4.55 10.29
N LYS B 14 2.18 3.86 10.98
CA LYS B 14 2.52 3.17 12.22
C LYS B 14 1.76 1.86 12.35
N SER B 15 2.49 0.78 12.63
CA SER B 15 1.88 -0.52 12.78
C SER B 15 1.58 -0.82 14.25
N ARG B 16 0.65 -1.75 14.48
CA ARG B 16 0.27 -2.13 15.83
C ARG B 16 1.45 -2.74 16.58
N GLU B 17 2.47 -3.13 15.84
CA GLU B 17 3.66 -3.74 16.43
C GLU B 17 4.41 -2.72 17.29
N GLU B 18 4.48 -1.48 16.81
CA GLU B 18 5.16 -0.42 17.54
C GLU B 18 4.20 0.31 18.48
N ASP B 19 2.92 0.27 18.15
CA ASP B 19 1.90 0.92 18.96
C ASP B 19 0.59 0.15 18.91
N PRO B 20 0.46 -0.86 19.78
CA PRO B 20 -0.73 -1.71 19.86
C PRO B 20 -1.93 -0.95 20.43
N THR B 21 -1.69 0.27 20.88
CA THR B 21 -2.76 1.10 21.44
C THR B 21 -3.35 2.02 20.40
N LEU B 22 -3.29 1.60 19.14
CA LEU B 22 -3.82 2.39 18.04
C LEU B 22 -5.18 1.86 17.60
N THR B 23 -6.13 2.77 17.35
CA THR B 23 -7.46 2.38 16.92
C THR B 23 -7.57 2.36 15.41
N GLU B 24 -8.48 1.54 14.90
CA GLU B 24 -8.68 1.42 13.46
C GLU B 24 -8.83 2.80 12.81
N GLU B 25 -9.39 3.74 13.56
CA GLU B 25 -9.60 5.09 13.07
C GLU B 25 -8.27 5.73 12.68
N GLU B 26 -7.32 5.73 13.62
CA GLU B 26 -6.02 6.33 13.39
C GLU B 26 -5.32 5.64 12.21
N ILE B 27 -5.58 4.35 12.04
CA ILE B 27 -4.98 3.59 10.95
C ILE B 27 -5.40 4.13 9.60
N SER B 28 -6.71 4.26 9.39
CA SER B 28 -7.24 4.77 8.13
C SER B 28 -6.68 6.15 7.83
N ALA B 29 -6.39 6.91 8.88
CA ALA B 29 -5.85 8.26 8.73
C ALA B 29 -4.46 8.22 8.07
N MET B 30 -3.86 7.03 8.04
CA MET B 30 -2.55 6.87 7.44
C MET B 30 -2.65 6.18 6.08
N PTR B 31 -3.87 6.00 5.61
CA PTR B 31 -4.09 5.35 4.30
C PTR B 31 -4.67 6.35 3.31
O PTR B 31 -5.29 7.36 3.65
CB PTR B 31 -4.98 4.11 4.54
CG PTR B 31 -4.25 2.88 5.13
CD1 PTR B 31 -4.35 1.64 4.50
CD2 PTR B 31 -3.52 2.99 6.31
CE1 PTR B 31 -3.72 0.53 5.04
CE2 PTR B 31 -2.89 1.88 6.86
CZ PTR B 31 -3.00 0.63 6.23
OH PTR B 31 -2.33 -0.46 6.75
P PTR B 31 -3.28 -1.66 7.31
O1P PTR B 31 -2.42 -2.80 7.85
O2P PTR B 31 -4.19 -2.18 6.20
O3P PTR B 31 -4.14 -1.10 8.45
H PTR B 31 -4.77 6.27 6.02
HA PTR B 31 -3.12 5.03 3.89
HB2 PTR B 31 -5.50 3.82 3.62
HB3 PTR B 31 -5.81 4.37 5.24
HD1 PTR B 31 -4.94 1.52 3.60
HD2 PTR B 31 -3.44 3.94 6.83
HE1 PTR B 31 -3.81 -0.45 4.58
HE2 PTR B 31 -2.33 1.94 7.78
N SER B 32 -4.43 6.04 2.04
CA SER B 32 -4.90 6.89 0.95
C SER B 32 -6.23 6.37 0.39
N SER B 33 -6.38 5.05 0.37
CA SER B 33 -7.60 4.43 -0.14
C SER B 33 -7.78 4.72 -1.62
N VAL B 34 -8.51 3.85 -2.31
CA VAL B 34 -8.77 4.02 -3.74
C VAL B 34 -9.29 5.42 -4.05
N ASN B 35 -8.67 6.06 -5.03
CA ASN B 35 -9.07 7.41 -5.42
C ASN B 35 -8.89 7.61 -6.93
N LYS B 36 -9.80 7.03 -7.71
CA LYS B 36 -9.75 7.15 -9.16
C LYS B 36 -9.65 8.61 -9.58
N PRO B 37 -9.19 8.83 -10.82
CA PRO B 37 -9.04 10.18 -11.37
C PRO B 37 -10.38 10.85 -11.65
N GLY B 38 -10.68 11.89 -10.87
CA GLY B 38 -11.93 12.60 -11.04
C GLY B 38 -13.14 11.70 -10.88
N GLY A 1 4.26 -14.26 1.02
CA GLY A 1 3.72 -15.25 0.10
C GLY A 1 4.60 -16.47 -0.03
N PRO A 2 4.23 -17.38 -0.94
CA PRO A 2 4.99 -18.62 -1.18
C PRO A 2 6.33 -18.36 -1.86
N LEU A 3 6.54 -17.11 -2.27
CA LEU A 3 7.78 -16.73 -2.93
C LEU A 3 7.94 -17.47 -4.26
N GLY A 4 6.83 -17.92 -4.82
CA GLY A 4 6.87 -18.63 -6.08
C GLY A 4 7.20 -17.73 -7.25
N SER A 5 6.29 -16.82 -7.56
CA SER A 5 6.49 -15.89 -8.68
C SER A 5 5.93 -14.51 -8.34
N MET A 6 5.96 -14.17 -7.06
CA MET A 6 5.46 -12.88 -6.60
C MET A 6 6.23 -12.40 -5.37
N PRO A 7 7.47 -11.92 -5.60
CA PRO A 7 8.34 -11.43 -4.53
C PRO A 7 7.83 -10.11 -3.94
N TRP A 8 7.09 -9.36 -4.74
CA TRP A 8 6.54 -8.08 -4.29
C TRP A 8 5.73 -8.25 -3.01
N PHE A 9 5.21 -9.45 -2.80
CA PHE A 9 4.43 -9.74 -1.60
C PHE A 9 5.31 -10.26 -0.48
N HIS A 10 5.66 -9.38 0.45
CA HIS A 10 6.50 -9.75 1.58
C HIS A 10 5.71 -10.53 2.62
N GLY A 11 4.49 -10.08 2.88
CA GLY A 11 3.64 -10.76 3.85
C GLY A 11 4.29 -10.83 5.23
N LYS A 12 5.19 -9.89 5.51
CA LYS A 12 5.89 -9.86 6.79
C LYS A 12 6.87 -8.71 6.84
N ILE A 13 6.35 -7.49 6.80
CA ILE A 13 7.19 -6.29 6.84
C ILE A 13 6.60 -5.25 7.78
N THR A 14 7.48 -4.52 8.46
CA THR A 14 7.06 -3.48 9.40
C THR A 14 7.08 -2.10 8.74
N ARG A 15 6.65 -1.09 9.49
CA ARG A 15 6.63 0.28 8.98
C ARG A 15 8.04 0.79 8.73
N GLU A 16 8.96 0.45 9.63
CA GLU A 16 10.35 0.87 9.50
C GLU A 16 11.00 0.27 8.25
N GLN A 17 10.63 -0.97 7.94
CA GLN A 17 11.17 -1.66 6.78
C GLN A 17 10.52 -1.15 5.50
N ALA A 18 9.22 -0.87 5.57
CA ALA A 18 8.48 -0.38 4.42
C ALA A 18 8.85 1.07 4.11
N GLU A 19 9.14 1.84 5.16
CA GLU A 19 9.50 3.24 5.00
C GLU A 19 10.84 3.38 4.29
N ARG A 20 11.85 2.70 4.82
CA ARG A 20 13.19 2.74 4.25
C ARG A 20 13.20 2.13 2.85
N LEU A 21 12.46 1.04 2.68
CA LEU A 21 12.40 0.36 1.40
C LEU A 21 11.93 1.31 0.30
N LEU A 22 10.97 2.17 0.64
CA LEU A 22 10.43 3.14 -0.31
C LEU A 22 11.08 4.51 -0.12
N TYR A 23 12.39 4.52 0.08
CA TYR A 23 13.13 5.76 0.28
C TYR A 23 13.16 6.59 -1.01
N PRO A 24 13.74 6.01 -2.07
CA PRO A 24 13.85 6.66 -3.36
C PRO A 24 12.50 6.81 -4.06
N PRO A 25 12.14 8.05 -4.41
CA PRO A 25 10.88 8.36 -5.09
C PRO A 25 10.85 7.83 -6.52
N GLU A 26 9.93 6.92 -6.80
CA GLU A 26 9.79 6.34 -8.13
C GLU A 26 8.38 5.83 -8.36
N THR A 27 7.60 6.59 -9.13
CA THR A 27 6.23 6.21 -9.43
C THR A 27 6.16 4.84 -10.09
N GLY A 28 5.60 3.87 -9.37
CA GLY A 28 5.49 2.52 -9.89
C GLY A 28 6.00 1.47 -8.92
N LEU A 29 6.63 1.93 -7.85
CA LEU A 29 7.17 1.01 -6.84
C LEU A 29 6.12 0.68 -5.79
N PHE A 30 5.68 -0.57 -5.77
CA PHE A 30 4.68 -1.01 -4.82
C PHE A 30 5.19 -2.20 -4.01
N LEU A 31 4.49 -2.51 -2.91
CA LEU A 31 4.89 -3.61 -2.05
C LEU A 31 3.72 -4.03 -1.14
N VAL A 32 3.53 -5.33 -1.01
CA VAL A 32 2.46 -5.87 -0.17
C VAL A 32 3.01 -6.52 1.09
N ARG A 33 2.47 -6.14 2.24
CA ARG A 33 2.90 -6.69 3.52
C ARG A 33 1.72 -6.88 4.46
N GLU A 34 1.71 -8.00 5.17
CA GLU A 34 0.64 -8.30 6.10
C GLU A 34 0.41 -7.14 7.07
N SER A 35 -0.83 -6.69 7.16
CA SER A 35 -1.18 -5.58 8.04
C SER A 35 -0.76 -5.88 9.47
N THR A 36 0.20 -5.10 9.97
CA THR A 36 0.70 -5.27 11.33
C THR A 36 -0.35 -4.85 12.36
N ASN A 37 -0.92 -3.66 12.16
CA ASN A 37 -1.94 -3.14 13.07
C ASN A 37 -3.30 -3.76 12.77
N TYR A 38 -3.35 -4.59 11.73
CA TYR A 38 -4.60 -5.24 11.34
C TYR A 38 -4.34 -6.69 10.93
N PRO A 39 -4.39 -7.59 11.90
CA PRO A 39 -4.18 -9.03 11.68
C PRO A 39 -5.33 -9.66 10.89
N GLY A 40 -4.99 -10.26 9.75
CA GLY A 40 -6.00 -10.90 8.92
C GLY A 40 -6.19 -10.20 7.59
N ASP A 41 -5.55 -9.04 7.44
CA ASP A 41 -5.65 -8.28 6.21
C ASP A 41 -4.28 -7.92 5.67
N TYR A 42 -4.25 -7.21 4.54
CA TYR A 42 -2.98 -6.81 3.93
C TYR A 42 -2.99 -5.32 3.59
N THR A 43 -1.82 -4.78 3.33
CA THR A 43 -1.68 -3.36 2.99
C THR A 43 -0.59 -3.14 1.95
N LEU A 44 -0.93 -2.44 0.88
CA LEU A 44 0.02 -2.16 -0.19
C LEU A 44 0.63 -0.77 -0.02
N CYS A 45 1.95 -0.69 -0.14
CA CYS A 45 2.66 0.58 0.00
C CYS A 45 3.29 1.00 -1.33
N VAL A 46 2.97 2.22 -1.76
CA VAL A 46 3.51 2.75 -3.01
C VAL A 46 4.19 4.09 -2.79
N SER A 47 5.16 4.39 -3.66
CA SER A 47 5.89 5.65 -3.55
C SER A 47 5.44 6.63 -4.63
N CYS A 48 4.79 7.70 -4.21
CA CYS A 48 4.31 8.72 -5.15
C CYS A 48 5.02 10.05 -4.91
N GLU A 49 6.10 10.27 -5.66
CA GLU A 49 6.87 11.51 -5.53
C GLU A 49 7.54 11.59 -4.17
N GLY A 50 7.90 10.43 -3.62
CA GLY A 50 8.55 10.40 -2.32
C GLY A 50 7.58 10.13 -1.19
N LYS A 51 6.30 10.23 -1.48
CA LYS A 51 5.25 9.99 -0.48
C LYS A 51 4.87 8.51 -0.44
N VAL A 52 4.66 8.00 0.78
CA VAL A 52 4.29 6.61 0.96
C VAL A 52 2.79 6.47 1.18
N GLU A 53 2.11 5.87 0.20
CA GLU A 53 0.66 5.68 0.30
C GLU A 53 0.34 4.22 0.64
N HIS A 54 -0.51 4.04 1.65
CA HIS A 54 -0.91 2.71 2.08
C HIS A 54 -2.33 2.39 1.63
N TYR A 55 -2.50 1.26 0.96
CA TYR A 55 -3.81 0.85 0.46
C TYR A 55 -4.28 -0.42 1.18
N ARG A 56 -5.32 -0.27 2.00
CA ARG A 56 -5.86 -1.39 2.75
C ARG A 56 -6.43 -2.44 1.80
N ILE A 57 -6.16 -3.72 2.10
CA ILE A 57 -6.65 -4.82 1.28
C ILE A 57 -7.54 -5.76 2.08
N MET A 58 -8.84 -5.73 1.78
CA MET A 58 -9.80 -6.58 2.48
C MET A 58 -9.85 -7.96 1.84
N TYR A 59 -9.57 -8.99 2.64
CA TYR A 59 -9.59 -10.36 2.16
C TYR A 59 -10.76 -11.14 2.76
N HIS A 60 -11.84 -11.24 2.00
CA HIS A 60 -13.03 -11.96 2.45
C HIS A 60 -13.52 -12.92 1.38
N ALA A 61 -14.01 -14.09 1.82
CA ALA A 61 -14.51 -15.09 0.89
C ALA A 61 -13.45 -15.47 -0.13
N SER A 62 -12.20 -15.51 0.30
CA SER A 62 -11.09 -15.86 -0.59
C SER A 62 -10.99 -14.86 -1.74
N LYS A 63 -11.38 -13.63 -1.48
CA LYS A 63 -11.34 -12.58 -2.50
C LYS A 63 -10.78 -11.29 -1.92
N LEU A 64 -10.00 -10.56 -2.72
CA LEU A 64 -9.41 -9.30 -2.29
C LEU A 64 -10.11 -8.11 -2.93
N SER A 65 -10.14 -6.99 -2.23
CA SER A 65 -10.78 -5.78 -2.72
C SER A 65 -10.35 -4.56 -1.91
N ILE A 66 -10.15 -3.45 -2.60
CA ILE A 66 -9.75 -2.21 -1.94
C ILE A 66 -10.82 -1.14 -2.08
N ASP A 67 -11.49 -1.13 -3.22
CA ASP A 67 -12.55 -0.16 -3.48
C ASP A 67 -13.92 -0.75 -3.16
N GLU A 68 -13.93 -1.89 -2.50
CA GLU A 68 -15.18 -2.56 -2.14
C GLU A 68 -16.15 -2.58 -3.31
N GLU A 69 -15.59 -2.63 -4.52
CA GLU A 69 -16.41 -2.65 -5.74
C GLU A 69 -15.94 -3.75 -6.69
N VAL A 70 -14.63 -3.92 -6.79
CA VAL A 70 -14.05 -4.93 -7.66
C VAL A 70 -13.28 -5.98 -6.86
N TYR A 71 -13.87 -7.15 -6.69
CA TYR A 71 -13.24 -8.22 -5.95
C TYR A 71 -12.45 -9.14 -6.88
N PHE A 72 -11.38 -9.72 -6.35
CA PHE A 72 -10.54 -10.62 -7.13
C PHE A 72 -10.50 -12.02 -6.50
N GLU A 73 -9.80 -12.94 -7.16
CA GLU A 73 -9.69 -14.30 -6.66
C GLU A 73 -8.35 -14.52 -5.96
N ASN A 74 -7.42 -13.61 -6.18
CA ASN A 74 -6.10 -13.69 -5.57
C ASN A 74 -5.35 -12.37 -5.69
N LEU A 75 -4.20 -12.28 -5.02
CA LEU A 75 -3.39 -11.07 -5.06
C LEU A 75 -2.67 -10.93 -6.40
N MET A 76 -2.50 -12.05 -7.09
CA MET A 76 -1.84 -12.06 -8.39
C MET A 76 -2.62 -11.23 -9.40
N GLN A 77 -3.88 -11.60 -9.61
CA GLN A 77 -4.73 -10.88 -10.55
C GLN A 77 -5.00 -9.46 -10.08
N LEU A 78 -5.12 -9.29 -8.77
CA LEU A 78 -5.37 -7.97 -8.19
C LEU A 78 -4.31 -6.97 -8.64
N VAL A 79 -3.05 -7.34 -8.50
CA VAL A 79 -1.94 -6.48 -8.89
C VAL A 79 -1.95 -6.22 -10.39
N GLU A 80 -2.29 -7.24 -11.16
CA GLU A 80 -2.34 -7.13 -12.61
C GLU A 80 -3.24 -5.98 -13.04
N HIS A 81 -4.34 -5.80 -12.32
CA HIS A 81 -5.29 -4.73 -12.62
C HIS A 81 -4.72 -3.37 -12.23
N TYR A 82 -4.15 -3.30 -11.03
CA TYR A 82 -3.57 -2.05 -10.54
C TYR A 82 -2.28 -1.72 -11.30
N THR A 83 -1.80 -2.68 -12.08
CA THR A 83 -0.57 -2.48 -12.85
C THR A 83 -0.90 -1.96 -14.25
N THR A 84 -2.04 -2.39 -14.79
CA THR A 84 -2.45 -1.97 -16.12
C THR A 84 -3.08 -0.58 -16.10
N ASP A 85 -3.61 -0.20 -14.94
CA ASP A 85 -4.24 1.10 -14.78
C ASP A 85 -4.28 1.51 -13.32
N ALA A 86 -4.41 2.81 -13.07
CA ALA A 86 -4.46 3.33 -11.71
C ALA A 86 -5.50 2.60 -10.87
N ASP A 87 -6.74 2.60 -11.35
CA ASP A 87 -7.83 1.94 -10.66
C ASP A 87 -8.00 2.49 -9.25
N GLY A 88 -7.51 3.72 -9.04
CA GLY A 88 -7.61 4.33 -7.73
C GLY A 88 -6.26 4.49 -7.05
N LEU A 89 -5.19 4.26 -7.81
CA LEU A 89 -3.84 4.36 -7.28
C LEU A 89 -3.16 5.63 -7.78
N CYS A 90 -2.51 6.35 -6.86
CA CYS A 90 -1.81 7.59 -7.21
C CYS A 90 -0.87 7.37 -8.39
N THR A 91 -0.35 6.15 -8.51
CA THR A 91 0.55 5.81 -9.59
C THR A 91 0.48 4.32 -9.93
N ARG A 92 0.14 4.01 -11.17
CA ARG A 92 0.03 2.63 -11.62
C ARG A 92 1.33 1.86 -11.32
N LEU A 93 1.18 0.60 -10.94
CA LEU A 93 2.34 -0.24 -10.63
C LEU A 93 3.24 -0.40 -11.85
N ILE A 94 4.54 -0.27 -11.65
CA ILE A 94 5.51 -0.40 -12.73
C ILE A 94 6.60 -1.41 -12.37
N LYS A 95 7.20 -1.25 -11.20
CA LYS A 95 8.25 -2.16 -10.75
C LYS A 95 7.94 -2.69 -9.35
N PRO A 96 7.81 -4.02 -9.24
CA PRO A 96 7.51 -4.69 -7.97
C PRO A 96 8.69 -4.61 -6.99
N LYS A 97 8.39 -4.27 -5.74
CA LYS A 97 9.42 -4.17 -4.71
C LYS A 97 9.95 -5.54 -4.34
N VAL A 98 10.91 -6.03 -5.12
CA VAL A 98 11.51 -7.33 -4.87
C VAL A 98 12.26 -7.35 -3.55
N MET A 99 12.23 -8.49 -2.87
CA MET A 99 12.91 -8.63 -1.58
C MET A 99 14.09 -9.60 -1.69
N GLY B 1 13.96 34.49 2.87
CA GLY B 1 13.60 33.14 3.30
C GLY B 1 12.84 32.38 2.22
N PRO B 2 12.63 31.08 2.47
CA PRO B 2 11.91 30.21 1.53
C PRO B 2 10.43 30.55 1.43
N LEU B 3 9.75 29.95 0.46
CA LEU B 3 8.33 30.19 0.26
C LEU B 3 7.55 29.94 1.54
N GLY B 4 7.84 28.80 2.19
CA GLY B 4 7.16 28.46 3.42
C GLY B 4 6.18 27.32 3.25
N SER B 5 5.75 27.10 2.01
CA SER B 5 4.79 26.03 1.71
C SER B 5 5.04 25.46 0.32
N LYS B 6 5.90 24.44 0.25
CA LYS B 6 6.22 23.80 -1.01
C LYS B 6 6.77 22.39 -0.78
N ARG B 7 5.91 21.39 -0.98
CA ARG B 7 6.31 19.99 -0.79
C ARG B 7 5.21 19.05 -1.27
N PHE B 8 5.53 17.76 -1.32
CA PHE B 8 4.57 16.75 -1.75
C PHE B 8 4.98 15.37 -1.26
N SER B 9 4.97 15.18 0.05
CA SER B 9 5.35 13.90 0.65
C SER B 9 5.17 13.94 2.16
N SER B 10 3.93 13.78 2.62
CA SER B 10 3.63 13.80 4.04
C SER B 10 2.78 12.59 4.44
N LEU B 11 3.38 11.66 5.16
CA LEU B 11 2.68 10.46 5.60
C LEU B 11 3.44 9.76 6.71
N SER B 12 2.88 9.80 7.92
CA SER B 12 3.52 9.16 9.08
C SER B 12 2.74 7.94 9.52
N TYR B 13 3.06 6.79 8.94
CA TYR B 13 2.38 5.55 9.27
C TYR B 13 2.99 4.91 10.52
N LYS B 14 2.16 4.19 11.28
CA LYS B 14 2.62 3.54 12.50
C LYS B 14 1.76 2.32 12.81
N SER B 15 2.40 1.18 13.05
CA SER B 15 1.69 -0.05 13.37
C SER B 15 1.52 -0.21 14.88
N ARG B 16 0.73 -1.20 15.27
CA ARG B 16 0.49 -1.46 16.68
C ARG B 16 1.77 -1.88 17.39
N GLU B 17 2.78 -2.24 16.60
CA GLU B 17 4.07 -2.66 17.15
C GLU B 17 4.74 -1.51 17.90
N GLU B 18 4.61 -0.30 17.35
CA GLU B 18 5.21 0.88 17.95
C GLU B 18 4.15 1.73 18.65
N ASP B 19 2.92 1.62 18.18
CA ASP B 19 1.81 2.38 18.76
C ASP B 19 0.56 1.51 18.88
N PRO B 20 0.54 0.65 19.91
CA PRO B 20 -0.59 -0.25 20.16
C PRO B 20 -1.83 0.49 20.63
N THR B 21 -1.68 1.79 20.86
CA THR B 21 -2.80 2.61 21.33
C THR B 21 -3.51 3.28 20.15
N LEU B 22 -3.44 2.64 18.98
CA LEU B 22 -4.08 3.18 17.79
C LEU B 22 -5.37 2.43 17.48
N THR B 23 -6.40 3.17 17.12
CA THR B 23 -7.70 2.58 16.80
C THR B 23 -7.97 2.63 15.30
N GLU B 24 -9.06 2.00 14.88
CA GLU B 24 -9.44 1.97 13.47
C GLU B 24 -9.39 3.37 12.87
N GLU B 25 -9.81 4.36 13.66
CA GLU B 25 -9.83 5.75 13.21
C GLU B 25 -8.41 6.22 12.86
N GLU B 26 -7.49 6.03 13.79
CA GLU B 26 -6.10 6.44 13.58
C GLU B 26 -5.48 5.67 12.43
N ILE B 27 -5.57 4.34 12.49
CA ILE B 27 -5.01 3.49 11.45
C ILE B 27 -5.57 3.84 10.08
N SER B 28 -6.90 3.86 9.98
CA SER B 28 -7.56 4.19 8.72
C SER B 28 -7.19 5.59 8.26
N ALA B 29 -6.72 6.41 9.20
CA ALA B 29 -6.33 7.79 8.89
C ALA B 29 -4.93 7.83 8.31
N MET B 30 -4.32 6.66 8.11
CA MET B 30 -2.98 6.57 7.56
C MET B 30 -2.99 5.87 6.20
N PTR B 31 -4.18 5.73 5.63
CA PTR B 31 -4.33 5.07 4.31
C PTR B 31 -4.58 6.10 3.22
O PTR B 31 -4.80 7.29 3.48
CB PTR B 31 -5.43 3.99 4.45
CG PTR B 31 -4.98 2.65 5.06
CD1 PTR B 31 -4.98 2.47 6.45
CD2 PTR B 31 -4.54 1.61 4.24
CE1 PTR B 31 -4.56 1.27 7.00
CE2 PTR B 31 -4.11 0.41 4.79
CZ PTR B 31 -4.11 0.24 6.17
OH PTR B 31 -3.72 -0.97 6.72
P PTR B 31 -2.42 -0.92 7.71
O1P PTR B 31 -2.10 -2.32 8.23
O2P PTR B 31 -2.68 0.03 8.87
O3P PTR B 31 -1.22 -0.41 6.91
H PTR B 31 -5.11 6.04 5.97
HA PTR B 31 -3.37 4.57 4.06
HB2 PTR B 31 -5.92 3.81 3.47
HB3 PTR B 31 -6.25 4.38 5.08
HD1 PTR B 31 -5.29 3.27 7.10
HD2 PTR B 31 -4.51 1.73 3.16
HE1 PTR B 31 -4.53 1.13 8.07
HE2 PTR B 31 -3.75 -0.40 4.17
N SER B 32 -4.56 5.61 2.00
CA SER B 32 -4.79 6.46 0.82
C SER B 32 -6.18 6.22 0.24
N SER B 33 -6.59 4.96 0.22
CA SER B 33 -7.90 4.59 -0.31
C SER B 33 -7.96 4.84 -1.81
N VAL B 34 -8.58 3.92 -2.54
CA VAL B 34 -8.71 4.04 -3.99
C VAL B 34 -9.26 5.41 -4.39
N ASN B 35 -8.51 6.13 -5.19
CA ASN B 35 -8.92 7.46 -5.65
C ASN B 35 -8.76 7.59 -7.16
N LYS B 36 -9.73 7.07 -7.90
CA LYS B 36 -9.70 7.13 -9.36
C LYS B 36 -9.63 8.58 -9.84
N PRO B 37 -9.19 8.77 -11.09
CA PRO B 37 -9.08 10.10 -11.70
C PRO B 37 -10.43 10.73 -11.98
N GLY B 38 -10.75 11.79 -11.23
CA GLY B 38 -12.03 12.47 -11.41
C GLY B 38 -11.92 13.97 -11.21
N GLY A 1 5.67 -21.88 -4.21
CA GLY A 1 5.18 -21.30 -2.96
C GLY A 1 4.39 -20.03 -3.19
N PRO A 2 4.10 -19.31 -2.08
CA PRO A 2 3.35 -18.06 -2.14
C PRO A 2 4.15 -16.93 -2.77
N LEU A 3 5.46 -16.96 -2.58
CA LEU A 3 6.35 -15.94 -3.13
C LEU A 3 7.20 -16.51 -4.26
N GLY A 4 6.71 -17.56 -4.89
CA GLY A 4 7.45 -18.18 -5.98
C GLY A 4 7.63 -17.25 -7.17
N SER A 5 6.51 -16.74 -7.68
CA SER A 5 6.55 -15.83 -8.83
C SER A 5 5.98 -14.47 -8.46
N MET A 6 6.12 -14.10 -7.18
CA MET A 6 5.62 -12.82 -6.70
C MET A 6 6.38 -12.37 -5.46
N PRO A 7 7.63 -11.91 -5.67
CA PRO A 7 8.49 -11.44 -4.58
C PRO A 7 7.99 -10.13 -3.98
N TRP A 8 7.28 -9.36 -4.78
CA TRP A 8 6.75 -8.07 -4.32
C TRP A 8 5.94 -8.24 -3.04
N PHE A 9 5.37 -9.42 -2.86
CA PHE A 9 4.56 -9.70 -1.68
C PHE A 9 5.44 -10.21 -0.53
N HIS A 10 5.75 -9.32 0.39
CA HIS A 10 6.59 -9.67 1.54
C HIS A 10 5.78 -10.46 2.56
N GLY A 11 4.53 -10.07 2.77
CA GLY A 11 3.69 -10.75 3.72
C GLY A 11 4.30 -10.81 5.11
N LYS A 12 5.19 -9.87 5.39
CA LYS A 12 5.86 -9.82 6.70
C LYS A 12 6.84 -8.65 6.75
N ILE A 13 6.33 -7.43 6.78
CA ILE A 13 7.16 -6.24 6.84
C ILE A 13 6.58 -5.20 7.80
N THR A 14 7.46 -4.48 8.48
CA THR A 14 7.03 -3.45 9.43
C THR A 14 7.05 -2.07 8.79
N ARG A 15 6.63 -1.07 9.55
CA ARG A 15 6.60 0.30 9.06
C ARG A 15 8.01 0.82 8.81
N GLU A 16 8.94 0.46 9.70
CA GLU A 16 10.33 0.89 9.58
C GLU A 16 10.96 0.31 8.32
N GLN A 17 10.61 -0.93 8.00
CA GLN A 17 11.14 -1.60 6.82
C GLN A 17 10.48 -1.08 5.55
N ALA A 18 9.18 -0.82 5.62
CA ALA A 18 8.43 -0.31 4.48
C ALA A 18 8.86 1.10 4.14
N GLU A 19 9.15 1.90 5.15
CA GLU A 19 9.57 3.28 4.95
C GLU A 19 10.93 3.34 4.27
N ARG A 20 11.91 2.65 4.85
CA ARG A 20 13.26 2.62 4.31
C ARG A 20 13.28 1.97 2.93
N LEU A 21 12.42 0.97 2.74
CA LEU A 21 12.34 0.26 1.47
C LEU A 21 11.90 1.20 0.34
N LEU A 22 11.00 2.14 0.69
CA LEU A 22 10.51 3.10 -0.29
C LEU A 22 11.14 4.47 -0.08
N TYR A 23 12.45 4.48 0.15
CA TYR A 23 13.17 5.73 0.37
C TYR A 23 13.23 6.56 -0.91
N PRO A 24 13.82 5.99 -1.97
CA PRO A 24 13.95 6.65 -3.26
C PRO A 24 12.60 6.81 -3.98
N PRO A 25 12.24 8.05 -4.30
CA PRO A 25 10.97 8.35 -4.99
C PRO A 25 10.98 7.87 -6.44
N GLU A 26 10.08 6.95 -6.74
CA GLU A 26 9.96 6.41 -8.10
C GLU A 26 8.56 5.88 -8.37
N THR A 27 7.78 6.65 -9.12
CA THR A 27 6.42 6.27 -9.46
C THR A 27 6.38 4.90 -10.13
N GLY A 28 5.82 3.91 -9.43
CA GLY A 28 5.73 2.57 -9.98
C GLY A 28 6.23 1.52 -9.01
N LEU A 29 6.86 1.96 -7.93
CA LEU A 29 7.39 1.04 -6.92
C LEU A 29 6.33 0.73 -5.86
N PHE A 30 5.87 -0.52 -5.86
CA PHE A 30 4.86 -0.96 -4.91
C PHE A 30 5.35 -2.15 -4.11
N LEU A 31 4.70 -2.42 -2.98
CA LEU A 31 5.07 -3.53 -2.12
C LEU A 31 3.90 -3.95 -1.23
N VAL A 32 3.70 -5.25 -1.11
CA VAL A 32 2.60 -5.79 -0.29
C VAL A 32 3.15 -6.47 0.96
N ARG A 33 2.47 -6.25 2.09
CA ARG A 33 2.88 -6.84 3.35
C ARG A 33 1.67 -7.05 4.28
N GLU A 34 1.71 -8.13 5.04
CA GLU A 34 0.63 -8.44 5.97
C GLU A 34 0.29 -7.24 6.83
N SER A 35 -0.98 -6.83 6.80
CA SER A 35 -1.43 -5.68 7.59
C SER A 35 -1.20 -5.92 9.08
N THR A 36 -0.38 -5.06 9.69
CA THR A 36 -0.08 -5.18 11.11
C THR A 36 -1.29 -4.86 11.96
N ASN A 37 -1.86 -3.67 11.77
CA ASN A 37 -3.04 -3.24 12.52
C ASN A 37 -4.27 -4.03 12.09
N TYR A 38 -4.28 -4.47 10.83
CA TYR A 38 -5.41 -5.23 10.30
C TYR A 38 -5.02 -6.69 10.11
N PRO A 39 -5.30 -7.51 11.13
CA PRO A 39 -4.99 -8.94 11.10
C PRO A 39 -5.88 -9.70 10.12
N GLY A 40 -5.29 -10.22 9.06
CA GLY A 40 -6.04 -10.96 8.06
C GLY A 40 -6.10 -10.26 6.73
N ASP A 41 -5.55 -9.05 6.68
CA ASP A 41 -5.55 -8.26 5.45
C ASP A 41 -4.12 -7.92 5.03
N TYR A 42 -3.98 -7.19 3.93
CA TYR A 42 -2.68 -6.80 3.42
C TYR A 42 -2.59 -5.28 3.25
N THR A 43 -1.38 -4.80 2.95
CA THR A 43 -1.16 -3.38 2.76
C THR A 43 -0.21 -3.12 1.60
N LEU A 44 -0.68 -2.35 0.62
CA LEU A 44 0.13 -2.03 -0.55
C LEU A 44 0.72 -0.63 -0.43
N CYS A 45 2.04 -0.55 -0.29
CA CYS A 45 2.73 0.73 -0.18
C CYS A 45 3.38 1.12 -1.49
N VAL A 46 3.03 2.31 -2.00
CA VAL A 46 3.57 2.81 -3.25
C VAL A 46 4.29 4.14 -3.05
N SER A 47 5.30 4.39 -3.88
CA SER A 47 6.07 5.63 -3.79
C SER A 47 5.58 6.64 -4.82
N CYS A 48 4.95 7.71 -4.34
CA CYS A 48 4.44 8.75 -5.22
C CYS A 48 5.12 10.09 -4.93
N GLU A 49 6.22 10.34 -5.63
CA GLU A 49 6.96 11.59 -5.45
C GLU A 49 7.57 11.65 -4.06
N GLY A 50 7.96 10.49 -3.53
CA GLY A 50 8.56 10.44 -2.21
C GLY A 50 7.55 10.09 -1.13
N LYS A 51 6.27 10.16 -1.47
CA LYS A 51 5.20 9.84 -0.52
C LYS A 51 4.88 8.36 -0.54
N VAL A 52 4.52 7.81 0.61
CA VAL A 52 4.17 6.40 0.72
C VAL A 52 2.67 6.21 0.89
N GLU A 53 2.02 5.78 -0.20
CA GLU A 53 0.58 5.56 -0.17
C GLU A 53 0.26 4.13 0.24
N HIS A 54 -0.35 3.98 1.42
CA HIS A 54 -0.72 2.67 1.95
C HIS A 54 -2.14 2.30 1.55
N TYR A 55 -2.30 1.15 0.90
CA TYR A 55 -3.60 0.69 0.46
C TYR A 55 -3.96 -0.63 1.14
N ARG A 56 -4.89 -0.57 2.08
CA ARG A 56 -5.33 -1.75 2.80
C ARG A 56 -6.14 -2.68 1.90
N ILE A 57 -5.87 -3.97 1.98
CA ILE A 57 -6.58 -4.95 1.17
C ILE A 57 -7.50 -5.83 2.02
N MET A 58 -8.80 -5.62 1.88
CA MET A 58 -9.78 -6.38 2.65
C MET A 58 -9.90 -7.80 2.10
N TYR A 59 -9.71 -8.79 2.98
CA TYR A 59 -9.79 -10.19 2.59
C TYR A 59 -11.04 -10.84 3.17
N HIS A 60 -12.04 -11.05 2.32
CA HIS A 60 -13.29 -11.68 2.75
C HIS A 60 -13.85 -12.57 1.65
N ALA A 61 -14.45 -13.69 2.06
CA ALA A 61 -15.03 -14.64 1.11
C ALA A 61 -13.97 -15.16 0.14
N SER A 62 -12.78 -15.44 0.68
CA SER A 62 -11.68 -15.95 -0.14
C SER A 62 -11.38 -15.01 -1.29
N LYS A 63 -11.73 -13.74 -1.13
CA LYS A 63 -11.50 -12.73 -2.15
C LYS A 63 -10.85 -11.48 -1.56
N LEU A 64 -10.27 -10.66 -2.42
CA LEU A 64 -9.61 -9.43 -1.97
C LEU A 64 -10.19 -8.22 -2.69
N SER A 65 -10.20 -7.08 -2.01
CA SER A 65 -10.72 -5.84 -2.58
C SER A 65 -10.32 -4.64 -1.73
N ILE A 66 -10.08 -3.51 -2.39
CA ILE A 66 -9.69 -2.29 -1.70
C ILE A 66 -10.75 -1.20 -1.86
N ASP A 67 -11.49 -1.26 -2.97
CA ASP A 67 -12.53 -0.28 -3.24
C ASP A 67 -13.91 -0.86 -2.93
N GLU A 68 -13.92 -2.00 -2.25
CA GLU A 68 -15.17 -2.66 -1.88
C GLU A 68 -16.11 -2.74 -3.08
N GLU A 69 -15.53 -2.76 -4.28
CA GLU A 69 -16.31 -2.83 -5.51
C GLU A 69 -15.76 -3.90 -6.45
N VAL A 70 -14.43 -4.01 -6.49
CA VAL A 70 -13.78 -4.99 -7.35
C VAL A 70 -13.12 -6.09 -6.53
N TYR A 71 -13.75 -7.26 -6.52
CA TYR A 71 -13.23 -8.40 -5.76
C TYR A 71 -12.45 -9.33 -6.66
N PHE A 72 -11.32 -9.82 -6.16
CA PHE A 72 -10.46 -10.73 -6.93
C PHE A 72 -10.43 -12.11 -6.28
N GLU A 73 -9.74 -13.05 -6.93
CA GLU A 73 -9.62 -14.41 -6.42
C GLU A 73 -8.27 -14.61 -5.73
N ASN A 74 -7.35 -13.69 -5.97
CA ASN A 74 -6.02 -13.77 -5.38
C ASN A 74 -5.28 -12.45 -5.51
N LEU A 75 -4.12 -12.35 -4.86
CA LEU A 75 -3.32 -11.14 -4.91
C LEU A 75 -2.62 -10.99 -6.25
N MET A 76 -2.45 -12.11 -6.95
CA MET A 76 -1.81 -12.11 -8.26
C MET A 76 -2.60 -11.28 -9.26
N GLN A 77 -3.87 -11.65 -9.45
CA GLN A 77 -4.74 -10.93 -10.38
C GLN A 77 -4.99 -9.51 -9.91
N LEU A 78 -5.11 -9.33 -8.59
CA LEU A 78 -5.35 -8.02 -8.02
C LEU A 78 -4.30 -7.02 -8.47
N VAL A 79 -3.03 -7.37 -8.27
CA VAL A 79 -1.92 -6.51 -8.67
C VAL A 79 -1.93 -6.25 -10.17
N GLU A 80 -2.29 -7.27 -10.94
CA GLU A 80 -2.34 -7.15 -12.39
C GLU A 80 -3.24 -5.98 -12.81
N HIS A 81 -4.35 -5.81 -12.09
CA HIS A 81 -5.29 -4.73 -12.38
C HIS A 81 -4.72 -3.38 -11.99
N TYR A 82 -4.15 -3.31 -10.79
CA TYR A 82 -3.56 -2.08 -10.29
C TYR A 82 -2.33 -1.69 -11.11
N THR A 83 -1.75 -2.66 -11.80
CA THR A 83 -0.57 -2.43 -12.62
C THR A 83 -0.97 -1.92 -14.00
N THR A 84 -2.12 -2.35 -14.48
CA THR A 84 -2.61 -1.94 -15.79
C THR A 84 -3.21 -0.53 -15.74
N ASP A 85 -3.65 -0.13 -14.56
CA ASP A 85 -4.24 1.19 -14.37
C ASP A 85 -4.34 1.54 -12.89
N ALA A 86 -4.42 2.83 -12.60
CA ALA A 86 -4.52 3.30 -11.22
C ALA A 86 -5.64 2.58 -10.47
N ASP A 87 -6.85 2.69 -11.00
CA ASP A 87 -8.02 2.05 -10.38
C ASP A 87 -8.14 2.45 -8.91
N GLY A 88 -7.63 3.63 -8.59
CA GLY A 88 -7.70 4.11 -7.21
C GLY A 88 -6.33 4.34 -6.61
N LEU A 89 -5.29 4.16 -7.43
CA LEU A 89 -3.91 4.36 -6.98
C LEU A 89 -3.33 5.65 -7.54
N CYS A 90 -2.56 6.35 -6.71
CA CYS A 90 -1.94 7.60 -7.14
C CYS A 90 -1.12 7.40 -8.41
N THR A 91 -0.65 6.17 -8.62
CA THR A 91 0.14 5.85 -9.80
C THR A 91 0.20 4.35 -10.03
N ARG A 92 -0.10 3.93 -11.26
CA ARG A 92 -0.09 2.52 -11.61
C ARG A 92 1.24 1.87 -11.24
N LEU A 93 1.25 0.54 -11.15
CA LEU A 93 2.47 -0.18 -10.80
C LEU A 93 3.38 -0.31 -12.01
N ILE A 94 4.68 -0.21 -11.77
CA ILE A 94 5.68 -0.31 -12.85
C ILE A 94 6.73 -1.34 -12.49
N LYS A 95 7.32 -1.21 -11.31
CA LYS A 95 8.37 -2.13 -10.86
C LYS A 95 8.07 -2.64 -9.45
N PRO A 96 7.97 -3.97 -9.31
CA PRO A 96 7.69 -4.61 -8.03
C PRO A 96 8.86 -4.48 -7.04
N LYS A 97 8.54 -4.21 -5.79
CA LYS A 97 9.55 -4.06 -4.75
C LYS A 97 10.19 -5.40 -4.42
N VAL A 98 11.19 -5.78 -5.22
CA VAL A 98 11.89 -7.04 -5.02
C VAL A 98 12.64 -7.05 -3.68
N MET A 99 12.55 -8.16 -2.97
CA MET A 99 13.22 -8.29 -1.68
C MET A 99 14.34 -9.32 -1.75
N GLY B 1 9.27 37.35 3.01
CA GLY B 1 8.56 36.71 1.92
C GLY B 1 7.46 35.79 2.39
N PRO B 2 6.88 35.03 1.46
CA PRO B 2 5.79 34.09 1.77
C PRO B 2 6.29 32.89 2.58
N LEU B 3 5.35 32.14 3.15
CA LEU B 3 5.69 30.97 3.95
C LEU B 3 6.48 29.96 3.12
N GLY B 4 6.23 29.95 1.82
CA GLY B 4 6.94 29.03 0.94
C GLY B 4 6.59 27.58 1.22
N SER B 5 5.42 27.35 1.80
CA SER B 5 4.97 26.00 2.12
C SER B 5 4.70 25.20 0.86
N LYS B 6 5.63 24.31 0.51
CA LYS B 6 5.48 23.48 -0.68
C LYS B 6 6.12 22.11 -0.45
N ARG B 7 5.30 21.06 -0.56
CA ARG B 7 5.77 19.70 -0.37
C ARG B 7 4.68 18.69 -0.70
N PHE B 8 5.07 17.58 -1.31
CA PHE B 8 4.12 16.54 -1.67
C PHE B 8 4.57 15.18 -1.16
N SER B 9 4.57 15.01 0.15
CA SER B 9 5.00 13.76 0.78
C SER B 9 4.75 13.79 2.28
N SER B 10 3.55 13.42 2.69
CA SER B 10 3.19 13.41 4.10
C SER B 10 2.34 12.18 4.44
N LEU B 11 2.92 11.26 5.19
CA LEU B 11 2.22 10.04 5.59
C LEU B 11 2.93 9.36 6.74
N SER B 12 2.36 9.50 7.94
CA SER B 12 2.94 8.89 9.14
C SER B 12 2.18 7.63 9.54
N TYR B 13 2.59 6.50 8.99
CA TYR B 13 1.94 5.22 9.27
C TYR B 13 2.49 4.62 10.56
N LYS B 14 1.63 3.90 11.28
CA LYS B 14 2.04 3.26 12.53
C LYS B 14 1.31 1.93 12.72
N SER B 15 2.08 0.88 13.01
CA SER B 15 1.51 -0.44 13.21
C SER B 15 1.11 -0.65 14.67
N ARG B 16 0.28 -1.65 14.91
CA ARG B 16 -0.18 -1.95 16.26
C ARG B 16 0.99 -2.36 17.15
N GLU B 17 2.11 -2.70 16.53
CA GLU B 17 3.30 -3.11 17.27
C GLU B 17 3.86 -1.94 18.08
N GLU B 18 3.78 -0.74 17.51
CA GLU B 18 4.28 0.45 18.18
C GLU B 18 3.15 1.21 18.86
N ASP B 19 1.92 0.95 18.42
CA ASP B 19 0.75 1.60 18.98
C ASP B 19 -0.47 0.69 18.92
N PRO B 20 -0.56 -0.26 19.86
CA PRO B 20 -1.67 -1.21 19.92
C PRO B 20 -2.98 -0.55 20.33
N THR B 21 -2.90 0.74 20.69
CA THR B 21 -4.09 1.49 21.10
C THR B 21 -4.69 2.25 19.92
N LEU B 22 -4.48 1.72 18.72
CA LEU B 22 -5.01 2.36 17.51
C LEU B 22 -6.28 1.66 17.05
N THR B 23 -7.27 2.45 16.66
CA THR B 23 -8.54 1.91 16.18
C THR B 23 -8.69 2.09 14.68
N GLU B 24 -9.76 1.53 14.12
CA GLU B 24 -10.01 1.63 12.69
C GLU B 24 -9.91 3.07 12.21
N GLU B 25 -10.38 4.00 13.04
CA GLU B 25 -10.34 5.41 12.71
C GLU B 25 -8.90 5.88 12.51
N GLU B 26 -8.04 5.57 13.48
CA GLU B 26 -6.64 5.96 13.41
C GLU B 26 -5.92 5.24 12.26
N ILE B 27 -6.06 3.93 12.23
CA ILE B 27 -5.42 3.12 11.18
C ILE B 27 -5.86 3.59 9.80
N SER B 28 -7.16 3.66 9.58
CA SER B 28 -7.70 4.09 8.29
C SER B 28 -7.24 5.51 7.96
N ALA B 29 -6.93 6.28 9.00
CA ALA B 29 -6.47 7.66 8.81
C ALA B 29 -5.01 7.69 8.38
N MET B 30 -4.40 6.52 8.29
CA MET B 30 -2.99 6.43 7.89
C MET B 30 -2.88 5.91 6.46
N PTR B 31 -4.01 5.58 5.86
CA PTR B 31 -4.02 5.07 4.47
C PTR B 31 -4.60 6.12 3.53
O PTR B 31 -5.18 7.13 3.94
CB PTR B 31 -4.78 3.72 4.48
CG PTR B 31 -4.00 2.52 5.05
CD1 PTR B 31 -3.68 1.44 4.24
CD2 PTR B 31 -3.64 2.50 6.40
CE1 PTR B 31 -2.99 0.34 4.76
CE2 PTR B 31 -2.95 1.41 6.93
CZ PTR B 31 -2.64 0.32 6.12
OH PTR B 31 -1.93 -0.74 6.63
P PTR B 31 -2.73 -1.67 7.70
O1P PTR B 31 -1.82 -2.81 8.19
O2P PTR B 31 -3.99 -2.25 7.06
O3P PTR B 31 -3.13 -0.81 8.89
H PTR B 31 -4.97 5.62 6.22
HA PTR B 31 -2.98 4.90 4.14
HB2 PTR B 31 -5.13 3.47 3.45
HB3 PTR B 31 -5.72 3.82 5.05
HD1 PTR B 31 -3.97 1.41 3.20
HD2 PTR B 31 -3.89 3.32 7.05
HE1 PTR B 31 -2.76 -0.51 4.15
HE2 PTR B 31 -2.68 1.37 7.98
N SER B 32 -4.44 5.84 2.24
CA SER B 32 -4.93 6.74 1.21
C SER B 32 -6.25 6.23 0.62
N SER B 33 -6.40 4.91 0.59
CA SER B 33 -7.61 4.30 0.06
C SER B 33 -7.76 4.59 -1.43
N VAL B 34 -8.49 3.73 -2.12
CA VAL B 34 -8.72 3.90 -3.56
C VAL B 34 -9.24 5.31 -3.87
N ASN B 35 -8.50 6.03 -4.70
CA ASN B 35 -8.88 7.38 -5.08
C ASN B 35 -8.70 7.60 -6.58
N LYS B 36 -9.63 7.04 -7.36
CA LYS B 36 -9.58 7.17 -8.81
C LYS B 36 -9.54 8.64 -9.23
N PRO B 37 -9.09 8.89 -10.46
CA PRO B 37 -9.00 10.25 -11.01
C PRO B 37 -10.38 10.86 -11.26
N GLY B 38 -10.70 11.90 -10.50
CA GLY B 38 -12.00 12.56 -10.66
C GLY B 38 -13.16 11.60 -10.54
N GLY A 1 3.93 -14.81 1.99
CA GLY A 1 3.25 -15.72 1.09
C GLY A 1 3.99 -17.04 0.92
N PRO A 2 3.46 -17.91 0.05
CA PRO A 2 4.06 -19.22 -0.22
C PRO A 2 5.39 -19.10 -0.98
N LEU A 3 5.71 -17.90 -1.41
CA LEU A 3 6.95 -17.66 -2.14
C LEU A 3 6.95 -18.41 -3.47
N GLY A 4 5.76 -18.69 -3.99
CA GLY A 4 5.65 -19.40 -5.25
C GLY A 4 6.00 -18.53 -6.44
N SER A 5 5.45 -17.33 -6.48
CA SER A 5 5.69 -16.41 -7.58
C SER A 5 5.23 -15.00 -7.23
N MET A 6 5.63 -14.53 -6.05
CA MET A 6 5.24 -13.20 -5.59
C MET A 6 6.42 -12.49 -4.93
N PRO A 7 7.37 -12.02 -5.75
CA PRO A 7 8.56 -11.32 -5.27
C PRO A 7 8.23 -9.94 -4.71
N TRP A 8 6.99 -9.52 -4.89
CA TRP A 8 6.55 -8.21 -4.39
C TRP A 8 5.78 -8.36 -3.09
N PHE A 9 5.14 -9.51 -2.91
CA PHE A 9 4.37 -9.77 -1.70
C PHE A 9 5.27 -10.26 -0.57
N HIS A 10 5.59 -9.37 0.36
CA HIS A 10 6.45 -9.72 1.49
C HIS A 10 5.68 -10.55 2.52
N GLY A 11 4.42 -10.20 2.73
CA GLY A 11 3.60 -10.92 3.69
C GLY A 11 4.18 -10.89 5.09
N LYS A 12 5.08 -9.95 5.33
CA LYS A 12 5.72 -9.81 6.64
C LYS A 12 6.71 -8.65 6.64
N ILE A 13 6.20 -7.44 6.79
CA ILE A 13 7.05 -6.25 6.81
C ILE A 13 6.49 -5.19 7.76
N THR A 14 7.37 -4.46 8.41
CA THR A 14 6.97 -3.42 9.34
C THR A 14 7.05 -2.03 8.70
N ARG A 15 6.64 -1.01 9.44
CA ARG A 15 6.67 0.36 8.94
C ARG A 15 8.11 0.80 8.66
N GLU A 16 9.02 0.48 9.58
CA GLU A 16 10.42 0.85 9.43
C GLU A 16 11.01 0.25 8.16
N GLN A 17 10.59 -0.98 7.84
CA GLN A 17 11.08 -1.65 6.65
C GLN A 17 10.41 -1.11 5.39
N ALA A 18 9.12 -0.80 5.50
CA ALA A 18 8.37 -0.27 4.38
C ALA A 18 8.86 1.13 4.00
N GLU A 19 9.19 1.93 5.01
CA GLU A 19 9.67 3.29 4.78
C GLU A 19 11.02 3.28 4.07
N ARG A 20 11.97 2.52 4.62
CA ARG A 20 13.30 2.42 4.04
C ARG A 20 13.25 1.74 2.67
N LEU A 21 12.33 0.79 2.52
CA LEU A 21 12.18 0.06 1.27
C LEU A 21 11.83 1.01 0.13
N LEU A 22 11.00 2.01 0.43
CA LEU A 22 10.59 2.98 -0.57
C LEU A 22 11.30 4.31 -0.36
N TYR A 23 12.59 4.26 -0.07
CA TYR A 23 13.37 5.46 0.17
C TYR A 23 13.38 6.36 -1.07
N PRO A 24 13.89 5.81 -2.19
CA PRO A 24 13.97 6.54 -3.46
C PRO A 24 12.60 6.77 -4.08
N PRO A 25 12.28 8.04 -4.35
CA PRO A 25 11.00 8.43 -4.95
C PRO A 25 10.89 7.98 -6.41
N GLU A 26 10.00 7.02 -6.66
CA GLU A 26 9.80 6.50 -8.01
C GLU A 26 8.36 6.04 -8.20
N THR A 27 7.69 6.60 -9.20
CA THR A 27 6.31 6.25 -9.49
C THR A 27 6.22 4.86 -10.13
N GLY A 28 5.64 3.92 -9.38
CA GLY A 28 5.50 2.57 -9.89
C GLY A 28 6.02 1.52 -8.91
N LEU A 29 6.64 1.98 -7.84
CA LEU A 29 7.19 1.08 -6.82
C LEU A 29 6.13 0.76 -5.77
N PHE A 30 5.68 -0.50 -5.75
CA PHE A 30 4.68 -0.95 -4.80
C PHE A 30 5.17 -2.15 -4.01
N LEU A 31 4.55 -2.40 -2.87
CA LEU A 31 4.93 -3.53 -2.02
C LEU A 31 3.77 -3.95 -1.12
N VAL A 32 3.53 -5.25 -1.04
CA VAL A 32 2.45 -5.77 -0.22
C VAL A 32 3.00 -6.51 1.00
N ARG A 33 2.33 -6.34 2.14
CA ARG A 33 2.75 -6.99 3.38
C ARG A 33 1.56 -7.18 4.32
N GLU A 34 1.63 -8.23 5.13
CA GLU A 34 0.56 -8.55 6.07
C GLU A 34 0.19 -7.32 6.90
N SER A 35 -1.08 -6.96 6.86
CA SER A 35 -1.57 -5.80 7.60
C SER A 35 -1.27 -5.93 9.09
N THR A 36 -0.27 -5.20 9.56
CA THR A 36 0.12 -5.24 10.96
C THR A 36 -0.95 -4.63 11.85
N ASN A 37 -1.69 -3.67 11.31
CA ASN A 37 -2.75 -3.00 12.05
C ASN A 37 -3.97 -3.89 12.17
N TYR A 38 -4.18 -4.75 11.18
CA TYR A 38 -5.31 -5.66 11.18
C TYR A 38 -4.90 -7.04 10.66
N PRO A 39 -5.00 -8.05 11.54
CA PRO A 39 -4.64 -9.43 11.19
C PRO A 39 -5.63 -10.06 10.22
N GLY A 40 -5.13 -10.50 9.06
CA GLY A 40 -5.99 -11.12 8.07
C GLY A 40 -6.09 -10.28 6.81
N ASP A 41 -5.57 -9.06 6.86
CA ASP A 41 -5.61 -8.16 5.71
C ASP A 41 -4.20 -7.88 5.20
N TYR A 42 -4.12 -7.14 4.08
CA TYR A 42 -2.82 -6.81 3.50
C TYR A 42 -2.77 -5.32 3.16
N THR A 43 -1.57 -4.75 3.27
CA THR A 43 -1.36 -3.34 2.98
C THR A 43 -0.41 -3.15 1.80
N LEU A 44 -0.74 -2.21 0.93
CA LEU A 44 0.09 -1.92 -0.24
C LEU A 44 0.72 -0.54 -0.13
N CYS A 45 2.05 -0.52 -0.06
CA CYS A 45 2.79 0.74 0.04
C CYS A 45 3.35 1.15 -1.32
N VAL A 46 2.94 2.33 -1.79
CA VAL A 46 3.40 2.83 -3.07
C VAL A 46 4.07 4.19 -2.92
N SER A 47 5.07 4.44 -3.76
CA SER A 47 5.81 5.70 -3.71
C SER A 47 5.34 6.65 -4.81
N CYS A 48 4.66 7.72 -4.42
CA CYS A 48 4.15 8.70 -5.37
C CYS A 48 4.78 10.07 -5.12
N GLU A 49 5.81 10.39 -5.90
CA GLU A 49 6.50 11.67 -5.76
C GLU A 49 7.21 11.77 -4.43
N GLY A 50 7.61 10.61 -3.89
CA GLY A 50 8.30 10.59 -2.61
C GLY A 50 7.37 10.28 -1.45
N LYS A 51 6.08 10.39 -1.70
CA LYS A 51 5.07 10.13 -0.67
C LYS A 51 4.71 8.64 -0.64
N VAL A 52 4.56 8.10 0.57
CA VAL A 52 4.20 6.70 0.73
C VAL A 52 2.71 6.53 1.01
N GLU A 53 1.99 5.99 0.05
CA GLU A 53 0.55 5.78 0.19
C GLU A 53 0.24 4.32 0.52
N HIS A 54 -0.58 4.12 1.55
CA HIS A 54 -0.95 2.78 1.97
C HIS A 54 -2.38 2.46 1.57
N TYR A 55 -2.57 1.30 0.95
CA TYR A 55 -3.90 0.87 0.52
C TYR A 55 -4.35 -0.37 1.26
N ARG A 56 -5.42 -0.24 2.05
CA ARG A 56 -5.95 -1.35 2.81
C ARG A 56 -6.61 -2.38 1.90
N ILE A 57 -6.17 -3.63 2.01
CA ILE A 57 -6.71 -4.71 1.20
C ILE A 57 -7.60 -5.63 2.02
N MET A 58 -8.91 -5.56 1.78
CA MET A 58 -9.86 -6.39 2.51
C MET A 58 -9.84 -7.82 1.98
N TYR A 59 -9.71 -8.78 2.89
CA TYR A 59 -9.67 -10.19 2.53
C TYR A 59 -10.92 -10.92 3.01
N HIS A 60 -11.71 -11.42 2.07
CA HIS A 60 -12.93 -12.14 2.40
C HIS A 60 -13.26 -13.19 1.32
N ALA A 61 -13.64 -14.37 1.77
CA ALA A 61 -13.98 -15.46 0.85
C ALA A 61 -12.85 -15.72 -0.14
N SER A 62 -11.62 -15.57 0.33
CA SER A 62 -10.45 -15.79 -0.51
C SER A 62 -10.40 -14.77 -1.65
N LYS A 63 -11.00 -13.60 -1.42
CA LYS A 63 -11.03 -12.54 -2.42
C LYS A 63 -10.52 -11.22 -1.84
N LEU A 64 -9.69 -10.54 -2.60
CA LEU A 64 -9.13 -9.26 -2.16
C LEU A 64 -9.86 -8.09 -2.81
N SER A 65 -9.92 -6.96 -2.11
CA SER A 65 -10.59 -5.78 -2.62
C SER A 65 -10.26 -4.55 -1.76
N ILE A 66 -9.89 -3.46 -2.43
CA ILE A 66 -9.54 -2.23 -1.74
C ILE A 66 -10.65 -1.19 -1.88
N ASP A 67 -11.32 -1.20 -3.03
CA ASP A 67 -12.40 -0.27 -3.30
C ASP A 67 -13.73 -0.78 -2.74
N GLU A 68 -13.67 -1.97 -2.12
CA GLU A 68 -14.87 -2.57 -1.55
C GLU A 68 -15.93 -2.81 -2.62
N GLU A 69 -15.51 -2.79 -3.88
CA GLU A 69 -16.42 -3.01 -5.00
C GLU A 69 -15.84 -4.02 -5.99
N VAL A 70 -14.53 -3.95 -6.19
CA VAL A 70 -13.87 -4.86 -7.12
C VAL A 70 -13.13 -5.96 -6.36
N TYR A 71 -13.70 -7.15 -6.38
CA TYR A 71 -13.09 -8.30 -5.68
C TYR A 71 -12.35 -9.19 -6.67
N PHE A 72 -11.23 -9.75 -6.22
CA PHE A 72 -10.42 -10.62 -7.06
C PHE A 72 -10.38 -12.03 -6.49
N GLU A 73 -9.76 -12.94 -7.23
CA GLU A 73 -9.65 -14.33 -6.80
C GLU A 73 -8.27 -14.62 -6.21
N ASN A 74 -7.39 -13.62 -6.27
CA ASN A 74 -6.05 -13.76 -5.75
C ASN A 74 -5.28 -12.44 -5.85
N LEU A 75 -4.24 -12.31 -5.03
CA LEU A 75 -3.43 -11.09 -5.02
C LEU A 75 -2.81 -10.85 -6.40
N MET A 76 -2.28 -11.91 -7.00
CA MET A 76 -1.66 -11.81 -8.31
C MET A 76 -2.59 -11.11 -9.30
N GLN A 77 -3.89 -11.35 -9.17
CA GLN A 77 -4.87 -10.74 -10.05
C GLN A 77 -5.09 -9.28 -9.69
N LEU A 78 -5.24 -9.01 -8.40
CA LEU A 78 -5.45 -7.65 -7.92
C LEU A 78 -4.33 -6.72 -8.40
N VAL A 79 -3.10 -7.20 -8.33
CA VAL A 79 -1.95 -6.42 -8.75
C VAL A 79 -1.98 -6.18 -10.27
N GLU A 80 -2.30 -7.22 -11.02
CA GLU A 80 -2.36 -7.12 -12.47
C GLU A 80 -3.26 -5.97 -12.90
N HIS A 81 -4.35 -5.75 -12.16
CA HIS A 81 -5.29 -4.69 -12.46
C HIS A 81 -4.69 -3.33 -12.12
N TYR A 82 -4.12 -3.23 -10.92
CA TYR A 82 -3.51 -1.97 -10.47
C TYR A 82 -2.25 -1.65 -11.28
N THR A 83 -1.75 -2.66 -12.00
CA THR A 83 -0.55 -2.48 -12.81
C THR A 83 -0.90 -1.96 -14.20
N THR A 84 -2.06 -2.38 -14.71
CA THR A 84 -2.51 -1.96 -16.03
C THR A 84 -3.09 -0.56 -15.98
N ASP A 85 -3.58 -0.15 -14.81
CA ASP A 85 -4.16 1.18 -14.63
C ASP A 85 -4.12 1.59 -13.17
N ALA A 86 -4.26 2.89 -12.93
CA ALA A 86 -4.24 3.42 -11.57
C ALA A 86 -5.21 2.66 -10.67
N ASP A 87 -6.47 2.58 -11.09
CA ASP A 87 -7.49 1.88 -10.33
C ASP A 87 -7.65 2.50 -8.94
N GLY A 88 -7.21 3.75 -8.80
CA GLY A 88 -7.31 4.43 -7.52
C GLY A 88 -5.96 4.61 -6.85
N LEU A 89 -4.89 4.37 -7.60
CA LEU A 89 -3.55 4.50 -7.08
C LEU A 89 -2.87 5.75 -7.62
N CYS A 90 -2.19 6.48 -6.74
CA CYS A 90 -1.49 7.71 -7.13
C CYS A 90 -0.60 7.46 -8.34
N THR A 91 -0.10 6.23 -8.46
CA THR A 91 0.78 5.87 -9.57
C THR A 91 0.67 4.38 -9.89
N ARG A 92 0.27 4.07 -11.11
CA ARG A 92 0.13 2.68 -11.53
C ARG A 92 1.40 1.88 -11.23
N LEU A 93 1.23 0.61 -10.90
CA LEU A 93 2.36 -0.25 -10.58
C LEU A 93 3.27 -0.43 -11.80
N ILE A 94 4.57 -0.26 -11.58
CA ILE A 94 5.54 -0.40 -12.65
C ILE A 94 6.64 -1.38 -12.27
N LYS A 95 7.24 -1.17 -11.11
CA LYS A 95 8.31 -2.04 -10.62
C LYS A 95 7.96 -2.62 -9.25
N PRO A 96 7.88 -3.96 -9.17
CA PRO A 96 7.55 -4.65 -7.91
C PRO A 96 8.68 -4.57 -6.90
N LYS A 97 8.33 -4.28 -5.65
CA LYS A 97 9.31 -4.17 -4.57
C LYS A 97 9.91 -5.54 -4.25
N VAL A 98 10.93 -5.92 -5.00
CA VAL A 98 11.59 -7.20 -4.79
C VAL A 98 12.28 -7.25 -3.43
N MET A 99 12.02 -8.30 -2.68
CA MET A 99 12.62 -8.47 -1.36
C MET A 99 14.13 -8.61 -1.45
N GLY B 1 13.33 35.43 0.19
CA GLY B 1 13.97 34.47 1.07
C GLY B 1 13.54 33.05 0.79
N PRO B 2 12.28 32.72 1.15
CA PRO B 2 11.72 31.38 0.93
C PRO B 2 11.50 31.07 -0.55
N LEU B 3 11.24 29.81 -0.85
CA LEU B 3 11.00 29.39 -2.23
C LEU B 3 9.74 30.05 -2.79
N GLY B 4 8.81 30.39 -1.91
CA GLY B 4 7.57 31.03 -2.34
C GLY B 4 6.41 30.07 -2.41
N SER B 5 6.68 28.85 -2.89
CA SER B 5 5.64 27.84 -3.01
C SER B 5 6.19 26.46 -2.66
N LYS B 6 5.33 25.61 -2.11
CA LYS B 6 5.72 24.26 -1.72
C LYS B 6 4.51 23.34 -1.64
N ARG B 7 4.68 22.09 -2.05
CA ARG B 7 3.59 21.12 -2.02
C ARG B 7 4.14 19.71 -1.75
N PHE B 8 3.72 19.11 -0.65
CA PHE B 8 4.17 17.77 -0.28
C PHE B 8 3.36 17.23 0.88
N SER B 9 2.50 16.25 0.59
CA SER B 9 1.66 15.64 1.62
C SER B 9 2.29 14.36 2.16
N SER B 10 3.07 14.50 3.21
CA SER B 10 3.74 13.35 3.82
C SER B 10 2.73 12.32 4.29
N LEU B 11 3.21 11.27 4.95
CA LEU B 11 2.35 10.21 5.45
C LEU B 11 3.06 9.38 6.52
N SER B 12 2.89 9.77 7.77
CA SER B 12 3.52 9.07 8.89
C SER B 12 2.69 7.85 9.29
N TYR B 13 2.98 6.71 8.67
CA TYR B 13 2.27 5.48 8.96
C TYR B 13 2.81 4.82 10.22
N LYS B 14 1.94 4.13 10.95
CA LYS B 14 2.32 3.46 12.18
C LYS B 14 1.49 2.19 12.39
N SER B 15 2.17 1.08 12.64
CA SER B 15 1.50 -0.19 12.85
C SER B 15 1.18 -0.39 14.33
N ARG B 16 0.26 -1.31 14.61
CA ARG B 16 -0.14 -1.60 15.98
C ARG B 16 1.06 -2.06 16.81
N GLU B 17 2.10 -2.51 16.13
CA GLU B 17 3.31 -2.98 16.81
C GLU B 17 3.96 -1.85 17.62
N GLU B 18 3.90 -0.63 17.07
CA GLU B 18 4.48 0.52 17.74
C GLU B 18 3.39 1.37 18.40
N ASP B 19 2.14 1.07 18.08
CA ASP B 19 1.01 1.79 18.65
C ASP B 19 -0.26 0.95 18.59
N PRO B 20 -0.39 0.01 19.54
CA PRO B 20 -1.55 -0.88 19.63
C PRO B 20 -2.81 -0.14 20.05
N THR B 21 -2.66 1.13 20.41
CA THR B 21 -3.78 1.95 20.84
C THR B 21 -4.38 2.73 19.68
N LEU B 22 -4.22 2.20 18.47
CA LEU B 22 -4.74 2.85 17.27
C LEU B 22 -6.04 2.19 16.81
N THR B 23 -7.00 3.01 16.40
CA THR B 23 -8.30 2.51 15.95
C THR B 23 -8.43 2.65 14.43
N GLU B 24 -9.50 2.11 13.89
CA GLU B 24 -9.75 2.18 12.46
C GLU B 24 -9.62 3.61 11.95
N GLU B 25 -9.97 4.57 12.80
CA GLU B 25 -9.91 5.98 12.45
C GLU B 25 -8.45 6.41 12.25
N GLU B 26 -7.59 6.02 13.18
CA GLU B 26 -6.18 6.37 13.11
C GLU B 26 -5.49 5.62 11.97
N ILE B 27 -5.66 4.30 11.95
CA ILE B 27 -5.05 3.47 10.92
C ILE B 27 -5.46 3.95 9.53
N SER B 28 -6.77 4.07 9.30
CA SER B 28 -7.27 4.52 8.01
C SER B 28 -6.84 5.94 7.71
N ALA B 29 -6.56 6.71 8.76
CA ALA B 29 -6.13 8.10 8.61
C ALA B 29 -4.71 8.16 8.07
N MET B 30 -4.04 7.02 8.01
CA MET B 30 -2.68 6.96 7.50
C MET B 30 -2.64 6.31 6.12
N PTR B 31 -3.81 6.20 5.49
CA PTR B 31 -3.89 5.60 4.14
C PTR B 31 -4.30 6.65 3.13
O PTR B 31 -4.56 7.82 3.43
CB PTR B 31 -4.84 4.38 4.24
CG PTR B 31 -4.24 3.10 4.84
CD1 PTR B 31 -4.31 1.89 4.14
CD2 PTR B 31 -3.62 3.14 6.10
CE1 PTR B 31 -3.78 0.72 4.70
CE2 PTR B 31 -3.09 1.98 6.64
CZ PTR B 31 -3.17 0.77 5.96
OH PTR B 31 -2.61 -0.38 6.49
P PTR B 31 -3.66 -1.53 6.95
O1P PTR B 31 -2.90 -2.73 7.52
O2P PTR B 31 -4.51 -1.97 5.75
O3P PTR B 31 -4.58 -0.97 8.02
H PTR B 31 -4.74 6.49 5.81
HA PTR B 31 -2.88 5.25 3.84
HB2 PTR B 31 -5.28 4.16 3.25
HB3 PTR B 31 -5.73 4.65 4.85
HD1 PTR B 31 -4.80 1.83 3.19
HD2 PTR B 31 -3.56 4.06 6.65
HE1 PTR B 31 -3.86 -0.22 4.19
HE2 PTR B 31 -2.63 1.99 7.62
N SER B 32 -4.39 6.20 1.88
CA SER B 32 -4.77 7.07 0.78
C SER B 32 -6.12 6.65 0.19
N SER B 33 -6.38 5.34 0.21
CA SER B 33 -7.63 4.81 -0.31
C SER B 33 -7.73 5.01 -1.82
N VAL B 34 -8.37 4.08 -2.51
CA VAL B 34 -8.53 4.17 -3.95
C VAL B 34 -9.08 5.53 -4.37
N ASN B 35 -8.28 6.26 -5.14
CA ASN B 35 -8.70 7.59 -5.60
C ASN B 35 -8.59 7.68 -7.12
N LYS B 36 -9.53 7.06 -7.81
CA LYS B 36 -9.56 7.07 -9.27
C LYS B 36 -9.53 8.50 -9.80
N PRO B 37 -9.14 8.66 -11.08
CA PRO B 37 -9.06 9.96 -11.73
C PRO B 37 -10.44 10.57 -11.97
N GLY B 38 -10.75 11.65 -11.26
CA GLY B 38 -12.04 12.30 -11.41
C GLY B 38 -13.19 11.35 -11.25
#